data_8YQZ
#
_entry.id   8YQZ
#
_cell.length_a   1.00
_cell.length_b   1.00
_cell.length_c   1.00
_cell.angle_alpha   90.00
_cell.angle_beta   90.00
_cell.angle_gamma   90.00
#
_symmetry.space_group_name_H-M   'P 1'
#
loop_
_entity.id
_entity.type
_entity.pdbx_description
1 polymer 'DNA-directed RNA polymerase subunit'
2 polymer 'DNA-directed RNA polymerase subunit beta'
3 polymer 'DNA-directed RNA polymerase RPB3-11 homolog'
4 polymer 'DNA-directed RNA polymerase RPB5 homolog'
5 polymer C147L
6 polymer D339L
7 polymer C122R
8 polymer 'DNA-directed RNA polymerase RPB10 homolog'
9 polymer "DNA (5'-D(P*GP*CP*CP*GP*AP*GP*CP*A)-3')"
10 polymer "DNA (5'-D(P*TP*CP*GP*GP*CP*TP*C)-3')"
11 non-polymer 'MAGNESIUM ION'
12 non-polymer 'ZINC ION'
#
loop_
_entity_poly.entity_id
_entity_poly.type
_entity_poly.pdbx_seq_one_letter_code
_entity_poly.pdbx_strand_id
1 'polypeptide(L)'
;MEAGYAEIAAVQFNIAGDNDHKRQGVMEVTISNLFEGTLPAEGGIYDARMGTTDHHYKCITCSHQRKQCMGHPGILQMHA
PVLQPLFIAEIRRWLRVICLNCGAPIVDLKRYEHLIRPKRLIEAASSQTEGKQCYVCKAVHPKIVKDSEDYFTFWADQQG
KIDKLYPQIIREIFSRVTYDTVVKLGRSKNSHPEKLVLKAIQIPPISIRPGIRLGIGSGPQSFHDINNVIQYLVRKNLLI
PKDLQIVRGQKIPLNIDRNLQTIQQLYYNFLLDSVSTTATQGGTGKRGIVMGARPAPSIMRRLPRKEGRIRKSLLGSQVW
SISRSTICGNSDLHLDEVGYPISFARTLQVAETVQHYNINRLMPYFLNGKRQYPGCSRVYKQITQSVHDIEGLKQDFRLE
VGDILYRDVVTGDVAFFNRQPSLERSSIGVHRIVVLENPKISTFQMNVSACAWYNADFDGDQMNLWVPWSVMSRVEAELL
CSVRNWFISTKSSGPVNGQVQDSTVGSFLLTRTNTPMGKNVMNKLHAMGLFQTTQTDPPCFANYSPTDLLDGKSVVSMLL
RQTPINYQRAPTWYSEVYAPYMHYNKQDISTQIRNGELIEGVLDKKAVGAGSSGGIYHLISRRYGPQQALKMIFATQQLA
LNYVRNAGFTVSTADMLLTPEAHQEVQEIINELLLESEEINNRLLHGDIMPPIGLTTHDFYEKLQLNALKFPDRILKPIM
NSINPETNGLFQMVATGAKGSNPNMIHIMAGIGQIEINTQRIQPQFSFGRTLVYYPRFALEAQAYGFICNSYIAGLTSPE
FIFGEMNGRFDLINKALSTSSTGYANRKAIFGLQSCIVDYYRRVSIDTRLVQQLYGEDGLDARQLETVRFETIMLSDQEL
EDKFKYTGIQSPLFEEEFSRLKKDRDKYRQIFLNVENFNFSQLLTDVRQVPVNVASIVKNILLSSTSGVLPFDEKSILQK
YAMVKTFCKNLPYVFINNIQERLQTPIPVYLKRAASLMRMLIRIELATVKTLNITCEQMSAILDLIRLQYTQSLINYGEA
VGILAAQSVSEPLTQYMLDSHHRSVAGGTNKSGIVRPQEIFSAKPVEAEQSSEMLLRLKNPEVETNKTYAQEIANSIELI
TFERLILQWHLLYETYSSTKKNVMYPDFASDVEWMTDFLENHPLLQPPEDIANWCIRLELNKTTMILKSISLESIINSLR
AKHPNTYIMHSVENTASGIPIIIRIYLRESAFRRSTNTRMATDEKIAVNVVDKLLNSTIRGIPGIKNANVVKLMRHRVDA
QGKLVRLDNIYAIKTNGTNIFGAMLDDNIDPYTIVSSSIGDTMELYGIEAARQKIISEIRTVMGDKGPNHRHLLMYADLM
TRTGQVTSLEKAGLNAREPSNVLLRMALSSPVQVLTDAAVDSAVNPIYGIAAPTLMGSVPRIGTMYSDIIMDEKYITENY
KSVDSLIDML
;
A
2 'polypeptide(L)'
;MEPLRPQITYGPIETVDNEELTEADMLSFISAAVNSTGLIGYNIKSFDDLMDNGIPQIVKQMFNVDITYKDQRDHTEIDK
LRESVQIQFNFTDVNIERPQHRNYSQGNKINLLPNKARLCGLSYSGPVNLAAEVILTAHYSNGRQEVKRASIPPFQVSTF
PIMRGSNRCHTHHLSKTAKKEIGEDPNEPGGYFIARGGEWVVDLLENIRFNTLHIHYHTMQQGNNEIIRGEFISQPGGAF
ENSSQIIIRYMTTGAITIEINSTKFSKLRIPWYLIFRMFGMTGDDSIIEQVVFDLESNSLVNTFMIEILEKSIHVLDPIF
QPVQHELNREKIIQFLSEKVSKFVSNPSAYKSDENAVQYLNERQLTILDKILLPHMGQTADTRVRKLRFLGLLIHKILLV
IMNVFPPTDRDSYRTKRVHGSGVSLAKAFKAIFNTSVIAPIINGFKELLKQTAFEELTQRNIIEAFSAALSKNTASDLNR
SMEQSIISGNKTIMVRQRPIVNRVSTQSLERKNLLNTISALRTVNTHNTTNASKQTERADMMRRVHASYPGYICVAQSAD
TGEKVGMSKQLAITANVCTAGEVLSLKQRLLSDPAIQQLADVSNKDIVRKGLARVFINGEWIGCCTNAFELAQRYRMLRR
EGKVVHPHTTIYWDSMVDEVEFWLDVGRLTRPLLIVDNNIEKYNQACYKAAEARKKGDKDWEKHKIPFIQNTRFTPQMAK
DILAGTLTLEDLVAQGICEFITPEEAENCLVAFSIIELRKHKHDVTRRFTHVDVPQAILGLAALVSPYANCTQPARVTYE
TNQGRQTGGWYCFSWPYRVDMNRFFQFYNEMPLVKTIAHNYVIPNGLNTIVAYMIYGGYNQEDSVIVSQSFIDRGGFAGT
FYREEKVELESDIESFGKPDPLITKNLKPGANYEKLVDGFVPVGTVVKKGDIIIGKVAKIRGEKDELNKYIDRSVMYGFD
EPAVVDAVMRPHGPNDEIFGLMRLRYERNLNIGDKMSSRSGNKGIAALALPTSDMPFTEDGLQPDLIVNPHSHPSRMTNG
QMIETTVGLANALQGVVTDGTAFLPINVQLLSERLAQEGLRFNGCQKMFNGQTGEYFDAAIFIGPTYHQRLQKFVLDDRY
AVASYGPTDALTGQPLDGKRSHGGLRLGEMEHWVLTAQGAMQTIIEKSHDDSDGCISYICRNCGEPAIYNASHPIYKCMN
CDVQADIGMVDSRRSSIVFQHEMRAANVNITSVLSPRVFQPA
;
B
3 'polypeptide(L)'
;MEKIFQNVEIKPFLIDFSNLFIKNAAKKLFQLEEQLPLVPVNVVMDFKGISRAAVHGLSRVLQDEIPNYMLDIKPGGYKI
EDSTDLFMTEQFIRNRINFIPIYAKNETLVFALRSLNNSCEVKTIYSRDLIQVAGPKLKYPIFNPTFEIGFLQPGKSLII
EDIYIKKGIGRKHAAFNLAVKTHFSHLDIEQYPTDKKEYMALSGYKQSSMTSDPRHHRLGLCFPAVPLPHINQAVRTYLK
NACRIIIGRIQSIQKIYENFEEPQPELVLFSMDEEKTKAIITIKDETHTIGNLLKTYIYEMIPDISFVGYQCVPHKQEMV
LTIIHKASQEDLITLLEKSIQNIIQTFQILEKNVDELIA
;
C
4 'polypeptide(L)'
;MAMQKLFTYIYEFIEYRKMVLLEEKVPYDKFVQMVLNTGFFRINAETLNHGIVSVFIFGANGKYVHHGGDMRTLLTNTLN
EKKHYEELILIVDKPVLSKKNILDIIVEQRAANPTIVINIYPYHLFCINIPKVSAIPKHKLITQEEAQEFLGREYLQPQD
LMQISASDPPVVWLGGRPGDFVQIERPSETAMHAVVIRFITKSKI
;
D
5 'polypeptide(L)'
;MADNDNEDLIMDDLVEEYVETEEENLVDSEEESEDKDEIVESPSICEGFVQASSQTLVIIPDNERITSNVLTTFEATRLV
AVRAQQLAINGSTMLKKKYSSPIDIAKQELFNRKIPLLVMRCIKVTPEGQKIVEIWNPREMGIPLLD
;
E
6 'polypeptide(L)'
;MIDQKIFETTLNIDDPTNFCTNVEAHLLKELENIYVGKCFKNSFILNITGVIQRSPCFIMRTNNSGRGYMHVRFSAVVSY
LNAFDLIAAVKIIKNDSNIILGESLLTEPVTIVIPSSESQNNVAEVGQIVPVQLANSSVYYIPGRQQASATGSIFIPKHT
FSVYHVQEELTQEQALNLTKLVNIIEMLLESRSKKDFKQICFFEKLYYTYSISSDEILDLKIWKGPKGKEMSRLKPCNVL
SFLYDALKNKNSSLGFWARPPNLLKSSPLAYQQDQNSFNATELPIICSAEVMFVTLLKEIINYLQFINDLCDTFNNEQLI
KRHENIWMLIEQRKIGHDF
;
F
7 'polypeptide(L)'
;MKICKACSSCMVRTYVDGNIIFRCSCGESVQGDSQNLLVSSKVYHTGEMEDKYKIFIKNAPFDPTNCQIKKDCPNCHLDY
LTQICIGSQKIIILVCRCGYMSNRG
;
G
8 'polypeptide(L)' MLIPVVCFTCGFPIGTYAAIFDKARTEYIKTKMGGTLPQNIPLDASLQIELKDLITALGIPMRVCCRTHLITTLDYRKYY H
9 'polydeoxyribonucleotide' (DG)(DC)(DC)(DG)(DA)(DG)(DC)(DA) X
10 'polydeoxyribonucleotide' (DT)(DC)(DG)(DG)(DC)(DT)(DC) Y
#
loop_
_chem_comp.id
_chem_comp.type
_chem_comp.name
_chem_comp.formula
DA DNA linking 2'-DEOXYADENOSINE-5'-MONOPHOSPHATE 'C10 H14 N5 O6 P'
DC DNA linking 2'-DEOXYCYTIDINE-5'-MONOPHOSPHATE 'C9 H14 N3 O7 P'
DG DNA linking 2'-DEOXYGUANOSINE-5'-MONOPHOSPHATE 'C10 H14 N5 O7 P'
DT DNA linking THYMIDINE-5'-MONOPHOSPHATE 'C10 H15 N2 O8 P'
MG non-polymer 'MAGNESIUM ION' 'Mg 2'
ZN non-polymer 'ZINC ION' 'Zn 2'
#
# COMPACT_ATOMS: atom_id res chain seq x y z
N GLU A 2 1.61 -40.97 -19.31
CA GLU A 2 0.72 -41.99 -18.80
C GLU A 2 -0.25 -41.40 -17.78
N ALA A 3 0.06 -40.20 -17.29
CA ALA A 3 -0.85 -39.45 -16.44
C ALA A 3 -1.53 -38.37 -17.27
N GLY A 4 -2.84 -38.47 -17.42
CA GLY A 4 -3.57 -37.54 -18.24
C GLY A 4 -3.83 -36.21 -17.56
N TYR A 5 -4.14 -35.21 -18.38
CA TYR A 5 -4.37 -33.86 -17.92
C TYR A 5 -5.66 -33.77 -17.12
N ALA A 6 -5.62 -33.09 -15.98
CA ALA A 6 -6.79 -32.97 -15.12
C ALA A 6 -6.83 -31.59 -14.48
N GLU A 7 -8.01 -31.23 -13.96
CA GLU A 7 -8.20 -30.01 -13.20
C GLU A 7 -8.94 -30.32 -11.91
N ILE A 8 -8.64 -29.56 -10.86
CA ILE A 8 -9.31 -29.73 -9.58
C ILE A 8 -10.64 -28.99 -9.61
N ALA A 9 -11.72 -29.70 -9.35
CA ALA A 9 -13.06 -29.11 -9.34
C ALA A 9 -13.54 -28.74 -7.95
N ALA A 10 -13.14 -29.47 -6.91
CA ALA A 10 -13.54 -29.14 -5.56
C ALA A 10 -12.45 -29.56 -4.59
N VAL A 11 -12.54 -29.04 -3.37
CA VAL A 11 -11.65 -29.42 -2.28
C VAL A 11 -12.53 -29.73 -1.07
N GLN A 12 -12.26 -30.85 -0.40
CA GLN A 12 -12.98 -31.24 0.79
C GLN A 12 -12.07 -31.17 2.01
N PHE A 13 -12.56 -30.59 3.08
CA PHE A 13 -11.81 -30.46 4.33
C PHE A 13 -12.36 -31.44 5.35
N ASN A 14 -11.47 -32.06 6.13
CA ASN A 14 -11.85 -33.10 7.06
C ASN A 14 -10.88 -33.13 8.21
N ILE A 15 -11.21 -33.91 9.24
CA ILE A 15 -10.34 -34.13 10.38
C ILE A 15 -9.62 -35.45 10.18
N ALA A 16 -8.30 -35.44 10.33
CA ALA A 16 -7.48 -36.62 10.12
C ALA A 16 -7.39 -37.45 11.40
N GLY A 17 -7.64 -38.75 11.26
CA GLY A 17 -7.51 -39.68 12.35
C GLY A 17 -6.18 -40.40 12.34
N ASP A 18 -6.12 -41.49 13.10
CA ASP A 18 -4.91 -42.30 13.13
C ASP A 18 -4.76 -43.13 11.86
N ASN A 19 -5.87 -43.68 11.37
CA ASN A 19 -5.80 -44.55 10.21
C ASN A 19 -5.40 -43.80 8.96
N ASP A 20 -5.84 -42.54 8.82
CA ASP A 20 -5.39 -41.72 7.71
C ASP A 20 -3.89 -41.54 7.72
N HIS A 21 -3.33 -41.20 8.89
CA HIS A 21 -1.89 -41.03 9.01
C HIS A 21 -1.15 -42.31 8.70
N LYS A 22 -1.67 -43.44 9.19
CA LYS A 22 -1.02 -44.71 8.97
C LYS A 22 -1.07 -45.15 7.52
N ARG A 23 -2.16 -44.85 6.81
CA ARG A 23 -2.26 -45.19 5.40
C ARG A 23 -1.47 -44.26 4.49
N GLN A 24 -1.39 -42.98 4.81
CA GLN A 24 -0.68 -42.04 3.97
C GLN A 24 0.83 -42.13 4.15
N GLY A 25 1.30 -42.53 5.32
CA GLY A 25 2.73 -42.49 5.60
C GLY A 25 3.51 -43.48 4.76
N VAL A 26 4.78 -43.13 4.51
CA VAL A 26 5.69 -43.99 3.74
C VAL A 26 6.77 -44.63 4.59
N MET A 27 6.92 -44.21 5.84
CA MET A 27 7.96 -44.70 6.73
C MET A 27 7.52 -44.43 8.15
N GLU A 28 8.16 -45.13 9.10
CA GLU A 28 7.91 -44.93 10.52
C GLU A 28 9.20 -44.50 11.20
N VAL A 29 9.14 -43.39 11.91
CA VAL A 29 10.32 -42.86 12.59
C VAL A 29 10.51 -43.62 13.89
N THR A 30 11.71 -44.17 14.08
CA THR A 30 12.01 -44.93 15.29
C THR A 30 13.16 -44.37 16.09
N ILE A 31 14.26 -44.00 15.45
CA ILE A 31 15.46 -43.56 16.14
C ILE A 31 15.54 -42.04 16.12
N SER A 32 16.39 -41.49 16.98
CA SER A 32 16.58 -40.05 17.11
C SER A 32 17.85 -39.56 16.43
N ASN A 33 18.60 -40.45 15.79
CA ASN A 33 19.85 -40.04 15.15
C ASN A 33 19.54 -39.31 13.84
N LEU A 34 20.16 -38.15 13.65
CA LEU A 34 19.91 -37.32 12.48
C LEU A 34 20.70 -37.80 11.27
N PHE A 35 22.03 -37.76 11.35
CA PHE A 35 22.88 -38.12 10.22
C PHE A 35 23.83 -39.23 10.63
N GLU A 36 23.92 -40.25 9.79
CA GLU A 36 24.89 -41.32 10.03
C GLU A 36 26.22 -41.02 9.35
N GLY A 37 26.17 -40.40 8.18
CA GLY A 37 27.35 -40.01 7.43
C GLY A 37 27.03 -38.80 6.58
N THR A 38 27.35 -38.86 5.28
CA THR A 38 26.80 -37.87 4.35
C THR A 38 25.30 -38.06 4.18
N LEU A 39 24.85 -39.31 4.08
CA LEU A 39 23.44 -39.62 3.90
C LEU A 39 22.70 -39.52 5.22
N PRO A 40 21.39 -39.27 5.18
CA PRO A 40 20.63 -39.17 6.42
C PRO A 40 20.48 -40.53 7.12
N ALA A 41 20.29 -40.47 8.43
CA ALA A 41 20.14 -41.69 9.21
C ALA A 41 18.78 -42.32 8.94
N GLU A 42 18.79 -43.53 8.38
CA GLU A 42 17.56 -44.22 8.04
C GLU A 42 16.76 -44.53 9.31
N GLY A 43 15.46 -44.25 9.27
CA GLY A 43 14.60 -44.37 10.42
C GLY A 43 14.49 -43.11 11.26
N GLY A 44 15.23 -42.06 10.92
CA GLY A 44 15.15 -40.81 11.65
C GLY A 44 14.26 -39.79 10.93
N ILE A 45 14.26 -38.57 11.48
CA ILE A 45 13.41 -37.52 10.95
C ILE A 45 13.99 -36.84 9.71
N TYR A 46 15.13 -37.30 9.22
CA TYR A 46 15.69 -36.82 7.97
C TYR A 46 15.68 -37.90 6.90
N ASP A 47 14.98 -39.01 7.12
CA ASP A 47 15.06 -40.14 6.22
C ASP A 47 14.67 -39.76 4.81
N ALA A 48 15.45 -40.23 3.84
CA ALA A 48 15.26 -39.86 2.45
C ALA A 48 14.08 -40.55 1.80
N ARG A 49 13.39 -41.45 2.50
CA ARG A 49 12.12 -41.94 1.98
C ARG A 49 11.04 -40.88 2.02
N MET A 50 11.28 -39.79 2.74
CA MET A 50 10.34 -38.69 2.87
C MET A 50 10.75 -37.48 2.03
N GLY A 51 11.53 -37.68 0.98
CA GLY A 51 11.98 -36.60 0.13
C GLY A 51 13.43 -36.24 0.37
N THR A 52 13.91 -35.31 -0.45
CA THR A 52 15.29 -34.84 -0.40
C THR A 52 15.32 -33.33 -0.47
N THR A 53 16.06 -32.71 0.44
CA THR A 53 16.37 -31.29 0.35
C THR A 53 17.84 -31.04 0.01
N ASP A 54 18.54 -32.06 -0.46
CA ASP A 54 19.92 -31.93 -0.88
C ASP A 54 20.06 -32.35 -2.33
N HIS A 55 21.01 -31.73 -3.02
CA HIS A 55 21.18 -31.87 -4.46
C HIS A 55 22.15 -32.98 -4.84
N HIS A 56 22.39 -33.95 -3.97
CA HIS A 56 23.27 -35.06 -4.30
C HIS A 56 22.54 -36.39 -4.41
N TYR A 57 21.61 -36.67 -3.51
CA TYR A 57 20.89 -37.94 -3.52
C TYR A 57 19.44 -37.73 -3.95
N LYS A 58 18.86 -38.78 -4.54
CA LYS A 58 17.47 -38.77 -4.94
C LYS A 58 16.55 -39.09 -3.76
N CYS A 59 15.26 -38.88 -3.98
CA CYS A 59 14.25 -39.37 -3.06
C CYS A 59 14.07 -40.87 -3.27
N ILE A 60 14.03 -41.62 -2.17
CA ILE A 60 13.89 -43.06 -2.28
C ILE A 60 12.49 -43.41 -2.78
N THR A 61 11.49 -42.64 -2.35
CA THR A 61 10.10 -42.96 -2.66
C THR A 61 9.78 -42.75 -4.14
N CYS A 62 10.10 -41.60 -4.69
CA CYS A 62 9.70 -41.28 -6.06
C CYS A 62 10.87 -41.21 -7.04
N SER A 63 12.11 -41.27 -6.55
CA SER A 63 13.30 -41.26 -7.40
C SER A 63 13.36 -40.00 -8.25
N HIS A 64 13.13 -38.85 -7.62
CA HIS A 64 13.23 -37.56 -8.26
C HIS A 64 14.32 -36.74 -7.59
N GLN A 65 14.72 -35.65 -8.25
CA GLN A 65 15.67 -34.72 -7.67
C GLN A 65 14.93 -33.74 -6.76
N ARG A 66 15.61 -32.70 -6.29
CA ARG A 66 14.97 -31.77 -5.37
C ARG A 66 13.78 -31.09 -6.03
N LYS A 67 13.92 -30.69 -7.29
CA LYS A 67 12.91 -29.84 -7.92
C LYS A 67 11.61 -30.59 -8.20
N GLN A 68 11.70 -31.86 -8.57
CA GLN A 68 10.50 -32.61 -8.93
C GLN A 68 9.94 -33.44 -7.80
N CYS A 69 10.55 -33.41 -6.61
CA CYS A 69 10.06 -34.15 -5.48
C CYS A 69 9.32 -33.21 -4.54
N MET A 70 8.04 -33.50 -4.29
CA MET A 70 7.23 -32.64 -3.45
C MET A 70 7.23 -33.05 -1.98
N GLY A 71 7.71 -34.25 -1.66
CA GLY A 71 7.81 -34.68 -0.29
C GLY A 71 6.68 -35.61 0.12
N HIS A 72 7.02 -36.53 1.01
CA HIS A 72 6.09 -37.56 1.47
C HIS A 72 6.16 -37.63 2.99
N PRO A 73 5.03 -37.87 3.65
CA PRO A 73 5.01 -37.82 5.11
C PRO A 73 5.40 -39.15 5.76
N GLY A 74 5.75 -39.06 7.04
CA GLY A 74 6.08 -40.23 7.82
C GLY A 74 5.28 -40.28 9.10
N ILE A 75 5.33 -41.44 9.75
CA ILE A 75 4.50 -41.73 10.91
C ILE A 75 5.39 -41.87 12.14
N LEU A 76 4.99 -41.24 13.23
CA LEU A 76 5.56 -41.49 14.55
C LEU A 76 4.48 -42.16 15.39
N GLN A 77 4.77 -43.37 15.89
CA GLN A 77 3.83 -44.07 16.75
C GLN A 77 4.05 -43.61 18.19
N MET A 78 3.06 -42.92 18.74
CA MET A 78 3.19 -42.36 20.07
C MET A 78 3.03 -43.44 21.12
N HIS A 79 3.77 -43.32 22.23
CA HIS A 79 3.62 -44.27 23.31
C HIS A 79 2.34 -44.04 24.10
N ALA A 80 1.95 -42.77 24.29
CA ALA A 80 0.71 -42.41 24.94
C ALA A 80 -0.12 -41.50 24.04
N PRO A 81 -1.43 -41.68 23.97
CA PRO A 81 -2.25 -40.83 23.09
C PRO A 81 -2.19 -39.36 23.48
N VAL A 82 -2.42 -38.50 22.48
CA VAL A 82 -2.47 -37.06 22.66
C VAL A 82 -3.78 -36.54 22.11
N LEU A 83 -4.17 -35.34 22.54
CA LEU A 83 -5.32 -34.67 21.96
C LEU A 83 -4.91 -33.89 20.72
N GLN A 84 -5.86 -33.64 19.84
CA GLN A 84 -5.58 -32.82 18.66
C GLN A 84 -5.55 -31.35 19.04
N PRO A 85 -4.42 -30.66 18.85
CA PRO A 85 -4.34 -29.27 19.29
C PRO A 85 -5.33 -28.32 18.63
N LEU A 86 -5.74 -28.57 17.39
CA LEU A 86 -6.63 -27.64 16.71
C LEU A 86 -8.07 -27.75 17.21
N PHE A 87 -8.47 -28.92 17.70
CA PHE A 87 -9.86 -29.21 18.01
C PHE A 87 -10.09 -29.40 19.51
N ILE A 88 -9.39 -28.63 20.33
CA ILE A 88 -9.58 -28.72 21.78
C ILE A 88 -11.00 -28.29 22.16
N ALA A 89 -11.50 -27.22 21.54
CA ALA A 89 -12.85 -26.76 21.86
C ALA A 89 -13.89 -27.79 21.42
N GLU A 90 -13.63 -28.46 20.31
CA GLU A 90 -14.53 -29.53 19.86
C GLU A 90 -14.55 -30.67 20.85
N ILE A 91 -13.38 -31.02 21.39
CA ILE A 91 -13.29 -32.04 22.43
C ILE A 91 -14.07 -31.62 23.66
N ARG A 92 -13.88 -30.36 24.07
CA ARG A 92 -14.54 -29.84 25.27
C ARG A 92 -16.05 -29.90 25.12
N ARG A 93 -16.55 -29.47 23.98
CA ARG A 93 -17.97 -29.41 23.75
C ARG A 93 -18.56 -30.78 23.40
N TRP A 94 -17.74 -31.78 23.11
CA TRP A 94 -18.23 -33.14 22.97
C TRP A 94 -18.40 -33.86 24.30
N LEU A 95 -17.61 -33.51 25.31
CA LEU A 95 -17.73 -34.16 26.61
C LEU A 95 -19.01 -33.78 27.34
N ARG A 96 -19.56 -32.60 27.09
CA ARG A 96 -20.71 -32.13 27.85
C ARG A 96 -22.03 -32.69 27.36
N VAL A 97 -22.04 -33.45 26.27
CA VAL A 97 -23.30 -33.90 25.67
C VAL A 97 -23.42 -35.42 25.62
N ILE A 98 -22.43 -36.17 26.08
CA ILE A 98 -22.51 -37.63 26.09
C ILE A 98 -22.09 -38.15 27.46
N CYS A 99 -22.50 -39.39 27.74
CA CYS A 99 -22.28 -40.00 29.04
C CYS A 99 -20.86 -40.53 29.16
N LEU A 100 -20.22 -40.25 30.29
CA LEU A 100 -18.83 -40.68 30.50
C LEU A 100 -18.70 -42.17 30.74
N ASN A 101 -19.81 -42.89 30.95
CA ASN A 101 -19.74 -44.32 31.22
C ASN A 101 -20.33 -45.21 30.14
N CYS A 102 -21.34 -44.75 29.40
CA CYS A 102 -21.96 -45.64 28.42
C CYS A 102 -21.91 -45.07 27.00
N GLY A 103 -21.78 -43.75 26.86
CA GLY A 103 -21.64 -43.13 25.57
C GLY A 103 -22.95 -42.69 24.94
N ALA A 104 -24.09 -43.02 25.53
CA ALA A 104 -25.34 -42.48 25.08
C ALA A 104 -25.43 -41.00 25.44
N PRO A 105 -26.19 -40.20 24.70
CA PRO A 105 -26.28 -38.78 25.02
C PRO A 105 -27.18 -38.53 26.22
N ILE A 106 -26.87 -37.48 26.96
CA ILE A 106 -27.69 -37.12 28.11
C ILE A 106 -28.70 -36.04 27.76
N VAL A 107 -28.43 -35.28 26.71
CA VAL A 107 -29.36 -34.24 26.26
C VAL A 107 -30.49 -34.88 25.47
N ASP A 108 -31.54 -34.11 25.22
CA ASP A 108 -32.65 -34.59 24.40
C ASP A 108 -32.28 -34.41 22.93
N LEU A 109 -32.17 -35.53 22.22
CA LEU A 109 -31.77 -35.45 20.82
C LEU A 109 -32.85 -34.83 19.96
N LYS A 110 -34.12 -35.03 20.31
CA LYS A 110 -35.24 -34.51 19.53
C LYS A 110 -35.63 -33.12 19.97
N ARG A 111 -34.69 -32.37 20.53
CA ARG A 111 -34.89 -30.98 20.90
C ARG A 111 -34.08 -30.03 20.04
N TYR A 112 -32.98 -30.50 19.46
CA TYR A 112 -32.12 -29.66 18.62
C TYR A 112 -32.18 -30.04 17.16
N GLU A 113 -32.94 -31.05 16.79
CA GLU A 113 -32.97 -31.49 15.39
C GLU A 113 -33.59 -30.46 14.46
N HIS A 114 -34.33 -29.49 14.99
CA HIS A 114 -35.01 -28.52 14.15
C HIS A 114 -34.08 -27.43 13.63
N LEU A 115 -32.89 -27.26 14.21
CA LEU A 115 -31.96 -26.26 13.73
C LEU A 115 -31.04 -26.85 12.68
N ILE A 116 -30.29 -25.96 12.02
CA ILE A 116 -29.35 -26.39 11.00
C ILE A 116 -28.23 -27.17 11.65
N ARG A 117 -27.68 -28.13 10.90
CA ARG A 117 -26.76 -29.10 11.47
C ARG A 117 -25.51 -28.47 12.10
N PRO A 118 -24.84 -27.49 11.47
CA PRO A 118 -23.63 -26.95 12.09
C PRO A 118 -23.83 -26.03 13.29
N LYS A 119 -25.02 -26.00 13.89
CA LYS A 119 -25.22 -25.24 15.12
C LYS A 119 -25.85 -26.03 16.25
N ARG A 120 -26.45 -27.19 15.98
CA ARG A 120 -27.21 -27.87 17.04
C ARG A 120 -26.28 -28.50 18.09
N LEU A 121 -25.13 -29.03 17.69
CA LEU A 121 -24.17 -29.52 18.68
C LEU A 121 -23.64 -28.40 19.57
N ILE A 122 -23.36 -27.24 18.97
CA ILE A 122 -22.89 -26.10 19.76
C ILE A 122 -23.93 -25.67 20.77
N GLU A 123 -25.19 -25.54 20.32
CA GLU A 123 -26.25 -25.11 21.23
C GLU A 123 -26.50 -26.14 22.31
N ALA A 124 -26.48 -27.43 21.95
CA ALA A 124 -26.67 -28.47 22.95
C ALA A 124 -25.61 -28.39 24.03
N ALA A 125 -24.35 -28.25 23.64
CA ALA A 125 -23.30 -28.13 24.64
C ALA A 125 -23.41 -26.86 25.45
N SER A 126 -23.98 -25.79 24.88
CA SER A 126 -24.08 -24.53 25.61
C SER A 126 -24.95 -24.66 26.84
N SER A 127 -26.04 -25.44 26.76
CA SER A 127 -26.93 -25.62 27.90
C SER A 127 -26.22 -26.37 29.02
N GLN A 128 -26.49 -25.95 30.26
CA GLN A 128 -25.86 -26.54 31.42
C GLN A 128 -26.29 -28.00 31.58
N THR A 129 -25.33 -28.87 31.91
CA THR A 129 -25.57 -30.30 31.99
C THR A 129 -25.00 -30.95 33.24
N GLU A 130 -24.12 -30.27 33.98
CA GLU A 130 -23.49 -30.89 35.13
C GLU A 130 -24.53 -31.12 36.22
N GLY A 131 -24.51 -32.31 36.81
CA GLY A 131 -25.50 -32.72 37.77
C GLY A 131 -26.60 -33.57 37.19
N LYS A 132 -26.79 -33.57 35.87
CA LYS A 132 -27.78 -34.42 35.26
C LYS A 132 -27.39 -35.88 35.45
N GLN A 133 -28.37 -36.77 35.33
CA GLN A 133 -28.14 -38.19 35.49
C GLN A 133 -28.52 -38.92 34.21
N CYS A 134 -27.74 -39.96 33.89
CA CYS A 134 -27.95 -40.70 32.66
C CYS A 134 -29.22 -41.53 32.74
N TYR A 135 -29.75 -41.88 31.57
CA TYR A 135 -31.02 -42.57 31.45
C TYR A 135 -30.90 -44.05 31.17
N VAL A 136 -29.78 -44.49 30.58
CA VAL A 136 -29.61 -45.91 30.28
C VAL A 136 -28.72 -46.61 31.30
N CYS A 137 -27.74 -45.92 31.86
CA CYS A 137 -26.88 -46.49 32.88
C CYS A 137 -27.06 -45.84 34.24
N LYS A 138 -27.81 -44.74 34.31
CA LYS A 138 -28.09 -44.05 35.56
C LYS A 138 -26.82 -43.57 36.25
N ALA A 139 -26.02 -42.78 35.53
CA ALA A 139 -24.83 -42.15 36.08
C ALA A 139 -25.02 -40.63 36.05
N VAL A 140 -24.52 -39.96 37.08
CA VAL A 140 -24.61 -38.50 37.12
C VAL A 140 -23.48 -37.89 36.28
N HIS A 141 -23.84 -36.97 35.41
CA HIS A 141 -22.85 -36.31 34.55
C HIS A 141 -22.06 -35.29 35.36
N PRO A 142 -20.74 -35.42 35.46
CA PRO A 142 -19.95 -34.48 36.27
C PRO A 142 -19.76 -33.15 35.58
N LYS A 143 -19.24 -32.20 36.36
CA LYS A 143 -18.82 -30.92 35.82
C LYS A 143 -17.49 -31.08 35.09
N ILE A 144 -17.43 -30.55 33.87
CA ILE A 144 -16.22 -30.55 33.07
C ILE A 144 -15.61 -29.16 33.19
N VAL A 145 -14.41 -29.08 33.75
CA VAL A 145 -13.75 -27.81 33.97
C VAL A 145 -12.42 -27.80 33.22
N LYS A 146 -12.25 -26.80 32.37
CA LYS A 146 -11.01 -26.63 31.63
C LYS A 146 -10.00 -25.86 32.48
N ASP A 147 -8.77 -26.35 32.51
CA ASP A 147 -7.71 -25.69 33.26
C ASP A 147 -7.45 -24.30 32.69
N SER A 148 -6.95 -23.41 33.56
CA SER A 148 -6.48 -22.10 33.14
C SER A 148 -4.98 -22.04 32.99
N GLU A 149 -4.27 -23.11 33.34
CA GLU A 149 -2.82 -23.13 33.34
C GLU A 149 -2.21 -23.53 32.01
N ASP A 150 -3.01 -24.08 31.10
CA ASP A 150 -2.55 -24.51 29.79
C ASP A 150 -3.75 -24.53 28.85
N TYR A 151 -3.61 -25.20 27.71
CA TYR A 151 -4.61 -25.12 26.65
C TYR A 151 -5.31 -26.43 26.31
N PHE A 152 -4.98 -27.54 26.98
CA PHE A 152 -5.54 -28.81 26.52
C PHE A 152 -6.15 -29.69 27.60
N THR A 153 -5.74 -29.52 28.86
CA THR A 153 -6.16 -30.42 29.93
C THR A 153 -7.62 -30.18 30.33
N PHE A 154 -8.30 -31.25 30.73
CA PHE A 154 -9.65 -31.19 31.26
C PHE A 154 -9.74 -31.90 32.61
N TRP A 155 -10.51 -31.31 33.52
CA TRP A 155 -10.77 -31.89 34.83
C TRP A 155 -12.24 -32.26 34.93
N ALA A 156 -12.52 -33.46 35.46
CA ALA A 156 -13.89 -33.90 35.66
C ALA A 156 -14.26 -33.77 37.14
N ASP A 157 -15.16 -32.84 37.45
CA ASP A 157 -15.54 -32.51 38.82
C ASP A 157 -16.84 -33.22 39.16
N GLN A 158 -16.75 -34.26 39.98
CA GLN A 158 -17.90 -35.07 40.38
C GLN A 158 -18.28 -34.74 41.83
N GLN A 159 -19.05 -33.66 41.99
CA GLN A 159 -19.50 -33.21 43.32
C GLN A 159 -18.34 -33.16 44.31
N GLY A 160 -17.25 -32.53 43.90
CA GLY A 160 -16.05 -32.42 44.71
C GLY A 160 -14.99 -33.44 44.37
N LYS A 161 -15.33 -34.49 43.64
CA LYS A 161 -14.34 -35.44 43.16
C LYS A 161 -13.70 -34.89 41.89
N ILE A 162 -12.41 -34.59 41.96
CA ILE A 162 -11.69 -33.92 40.88
C ILE A 162 -10.77 -34.93 40.22
N ASP A 163 -10.96 -35.14 38.92
CA ASP A 163 -10.16 -36.07 38.14
C ASP A 163 -9.53 -35.34 36.98
N LYS A 164 -8.33 -35.77 36.60
CA LYS A 164 -7.66 -35.29 35.40
C LYS A 164 -7.93 -36.27 34.28
N LEU A 165 -8.47 -35.78 33.17
CA LEU A 165 -8.92 -36.63 32.08
C LEU A 165 -7.76 -36.85 31.11
N TYR A 166 -7.06 -37.96 31.30
CA TYR A 166 -5.98 -38.33 30.42
C TYR A 166 -6.51 -38.70 29.03
N PRO A 167 -5.73 -38.45 27.98
CA PRO A 167 -6.22 -38.74 26.62
C PRO A 167 -6.61 -40.19 26.40
N GLN A 168 -6.02 -41.12 27.13
CA GLN A 168 -6.49 -42.50 27.08
C GLN A 168 -7.93 -42.58 27.58
N ILE A 169 -8.23 -41.87 28.67
CA ILE A 169 -9.58 -41.86 29.21
C ILE A 169 -10.55 -41.20 28.24
N ILE A 170 -10.14 -40.08 27.64
CA ILE A 170 -11.02 -39.37 26.71
C ILE A 170 -11.27 -40.22 25.47
N ARG A 171 -10.25 -40.88 24.95
CA ARG A 171 -10.42 -41.77 23.81
C ARG A 171 -11.35 -42.93 24.15
N GLU A 172 -11.18 -43.53 25.32
CA GLU A 172 -12.04 -44.64 25.73
C GLU A 172 -13.48 -44.17 25.90
N ILE A 173 -13.68 -42.96 26.42
CA ILE A 173 -15.02 -42.40 26.54
C ILE A 173 -15.64 -42.23 25.17
N PHE A 174 -14.89 -41.64 24.22
CA PHE A 174 -15.44 -41.30 22.92
C PHE A 174 -15.64 -42.51 22.04
N SER A 175 -14.93 -43.61 22.31
CA SER A 175 -15.06 -44.79 21.47
C SER A 175 -16.39 -45.49 21.65
N ARG A 176 -17.13 -45.16 22.70
CA ARG A 176 -18.40 -45.82 22.98
C ARG A 176 -19.59 -45.12 22.35
N VAL A 177 -19.37 -44.03 21.63
CA VAL A 177 -20.44 -43.23 21.04
C VAL A 177 -20.80 -43.83 19.69
N THR A 178 -22.09 -44.05 19.45
CA THR A 178 -22.56 -44.65 18.21
C THR A 178 -22.68 -43.60 17.11
N TYR A 179 -22.73 -44.09 15.87
CA TYR A 179 -22.79 -43.18 14.72
C TYR A 179 -24.13 -42.45 14.65
N ASP A 180 -25.18 -43.04 15.22
CA ASP A 180 -26.49 -42.38 15.21
C ASP A 180 -26.46 -41.07 16.00
N THR A 181 -25.82 -41.08 17.17
CA THR A 181 -25.68 -39.85 17.95
C THR A 181 -24.91 -38.79 17.18
N VAL A 182 -23.81 -39.19 16.54
CA VAL A 182 -22.99 -38.24 15.79
C VAL A 182 -23.78 -37.65 14.63
N VAL A 183 -24.48 -38.50 13.87
CA VAL A 183 -25.19 -38.02 12.70
C VAL A 183 -26.33 -37.09 13.10
N LYS A 184 -27.14 -37.49 14.08
CA LYS A 184 -28.31 -36.72 14.44
C LYS A 184 -28.01 -35.58 15.39
N LEU A 185 -26.77 -35.45 15.84
CA LEU A 185 -26.44 -34.36 16.76
C LEU A 185 -25.77 -33.20 16.02
N GLY A 186 -25.72 -33.27 14.69
CA GLY A 186 -25.23 -32.15 13.91
C GLY A 186 -24.10 -32.46 12.96
N ARG A 187 -23.18 -33.31 13.38
CA ARG A 187 -21.99 -33.61 12.62
C ARG A 187 -22.26 -34.67 11.56
N SER A 188 -21.24 -34.95 10.76
CA SER A 188 -21.31 -35.98 9.73
C SER A 188 -20.61 -37.23 10.21
N LYS A 189 -20.64 -38.26 9.38
CA LYS A 189 -20.00 -39.52 9.71
C LYS A 189 -18.49 -39.39 9.87
N ASN A 190 -17.85 -38.54 9.08
CA ASN A 190 -16.40 -38.37 9.13
C ASN A 190 -15.94 -37.48 10.26
N SER A 191 -16.86 -36.87 11.01
CA SER A 191 -16.50 -36.01 12.13
C SER A 191 -16.71 -36.70 13.47
N HIS A 192 -16.53 -38.02 13.50
CA HIS A 192 -16.72 -38.78 14.73
C HIS A 192 -15.73 -38.30 15.79
N PRO A 193 -16.18 -38.15 17.05
CA PRO A 193 -15.27 -37.60 18.08
C PRO A 193 -14.08 -38.48 18.37
N GLU A 194 -14.12 -39.76 18.01
CA GLU A 194 -13.02 -40.65 18.35
C GLU A 194 -11.74 -40.33 17.58
N LYS A 195 -11.83 -39.56 16.49
CA LYS A 195 -10.64 -39.16 15.76
C LYS A 195 -9.95 -37.97 16.41
N LEU A 196 -10.51 -37.44 17.49
CA LEU A 196 -9.93 -36.29 18.18
C LEU A 196 -8.84 -36.67 19.15
N VAL A 197 -8.53 -37.96 19.27
CA VAL A 197 -7.42 -38.46 20.09
C VAL A 197 -6.47 -39.22 19.17
N LEU A 198 -5.19 -38.88 19.23
CA LEU A 198 -4.21 -39.37 18.28
C LEU A 198 -3.21 -40.29 18.97
N LYS A 199 -3.02 -41.49 18.43
CA LYS A 199 -1.96 -42.38 18.90
C LYS A 199 -0.83 -42.54 17.89
N ALA A 200 -1.00 -42.03 16.67
CA ALA A 200 0.05 -42.00 15.66
C ALA A 200 0.00 -40.64 14.97
N ILE A 201 0.99 -39.81 15.21
CA ILE A 201 1.03 -38.50 14.57
C ILE A 201 1.78 -38.60 13.25
N GLN A 202 1.66 -37.54 12.45
CA GLN A 202 2.26 -37.47 11.12
C GLN A 202 3.53 -36.63 11.18
N ILE A 203 4.60 -37.13 10.56
CA ILE A 203 5.83 -36.36 10.43
C ILE A 203 5.82 -35.67 9.08
N PRO A 204 5.80 -34.35 9.02
CA PRO A 204 5.67 -33.65 7.74
C PRO A 204 6.87 -33.89 6.86
N PRO A 205 6.69 -33.89 5.54
CA PRO A 205 7.82 -34.13 4.63
C PRO A 205 8.89 -33.06 4.77
N ILE A 206 10.12 -33.44 4.40
CA ILE A 206 11.25 -32.54 4.58
C ILE A 206 11.14 -31.31 3.69
N SER A 207 10.41 -31.41 2.57
CA SER A 207 10.22 -30.25 1.70
C SER A 207 9.55 -29.09 2.41
N ILE A 208 8.84 -29.36 3.49
CA ILE A 208 8.22 -28.31 4.31
C ILE A 208 9.15 -27.82 5.41
N ARG A 209 10.21 -28.57 5.72
CA ARG A 209 11.22 -28.16 6.69
C ARG A 209 12.62 -28.37 6.12
N PRO A 210 12.96 -27.68 5.05
CA PRO A 210 14.34 -27.80 4.55
C PRO A 210 15.29 -27.06 5.45
N GLY A 211 16.55 -26.95 5.06
CA GLY A 211 17.48 -26.23 5.90
C GLY A 211 17.92 -27.07 7.07
N ILE A 212 18.33 -28.29 6.76
CA ILE A 212 18.90 -29.19 7.75
C ILE A 212 20.21 -28.62 8.30
N HIS A 224 15.79 -25.19 9.39
CA HIS A 224 14.71 -24.54 10.14
C HIS A 224 14.74 -24.95 11.61
N ASP A 225 14.05 -24.19 12.45
CA ASP A 225 13.96 -24.50 13.86
C ASP A 225 12.78 -25.41 14.20
N ILE A 226 11.89 -25.68 13.23
CA ILE A 226 10.82 -26.64 13.45
C ILE A 226 11.39 -28.05 13.51
N ASN A 227 12.61 -28.23 13.02
CA ASN A 227 13.28 -29.53 13.15
C ASN A 227 13.70 -29.80 14.59
N ASN A 228 14.07 -28.77 15.34
CA ASN A 228 14.40 -28.98 16.75
C ASN A 228 13.20 -29.50 17.52
N VAL A 229 12.03 -28.93 17.28
CA VAL A 229 10.84 -29.30 18.04
C VAL A 229 10.47 -30.75 17.79
N ILE A 230 10.63 -31.22 16.55
CA ILE A 230 10.33 -32.61 16.23
C ILE A 230 11.30 -33.53 16.96
N GLN A 231 12.59 -33.17 16.96
CA GLN A 231 13.61 -34.04 17.54
C GLN A 231 13.43 -34.18 19.04
N TYR A 232 13.11 -33.08 19.73
CA TYR A 232 12.77 -33.17 21.15
C TYR A 232 11.57 -34.08 21.35
N LEU A 233 10.51 -33.88 20.56
CA LEU A 233 9.28 -34.64 20.72
C LEU A 233 9.52 -36.12 20.53
N VAL A 234 10.42 -36.49 19.61
CA VAL A 234 10.72 -37.90 19.39
C VAL A 234 11.52 -38.47 20.56
N ARG A 235 12.46 -37.69 21.09
CA ARG A 235 13.30 -38.18 22.19
C ARG A 235 12.48 -38.43 23.45
N LYS A 236 11.69 -37.45 23.87
CA LYS A 236 10.91 -37.60 25.09
C LYS A 236 9.77 -38.60 24.92
N ASN A 237 9.45 -38.97 23.68
CA ASN A 237 8.47 -40.03 23.47
C ASN A 237 9.02 -41.37 23.93
N LEU A 238 10.32 -41.59 23.75
CA LEU A 238 10.92 -42.87 24.11
C LEU A 238 11.01 -43.07 25.62
N LEU A 239 10.90 -42.00 26.41
CA LEU A 239 10.97 -42.15 27.85
C LEU A 239 9.68 -42.75 28.41
N ILE A 240 8.57 -42.61 27.71
CA ILE A 240 7.30 -43.19 28.19
C ILE A 240 7.35 -44.71 28.02
N PRO A 241 6.86 -45.48 28.98
CA PRO A 241 6.82 -46.94 28.82
C PRO A 241 5.99 -47.35 27.61
N LYS A 242 6.43 -48.41 26.93
CA LYS A 242 5.79 -48.84 25.69
C LYS A 242 4.34 -49.25 25.92
N ASP A 243 4.03 -49.77 27.11
CA ASP A 243 2.65 -50.18 27.40
C ASP A 243 2.11 -49.54 28.66
N LEU A 244 2.32 -48.25 28.84
CA LEU A 244 1.64 -47.54 29.93
C LEU A 244 0.16 -47.50 29.63
N GLN A 245 -0.65 -47.91 30.61
CA GLN A 245 -2.10 -47.89 30.51
C GLN A 245 -2.65 -47.09 31.68
N ILE A 246 -3.63 -46.23 31.40
CA ILE A 246 -4.22 -45.35 32.41
C ILE A 246 -5.70 -45.69 32.56
N VAL A 247 -6.18 -45.68 33.80
CA VAL A 247 -7.57 -45.91 34.12
C VAL A 247 -8.11 -44.64 34.79
N ARG A 248 -9.43 -44.53 34.85
CA ARG A 248 -10.06 -43.42 35.53
C ARG A 248 -9.70 -43.43 37.01
N GLY A 249 -9.19 -42.30 37.51
CA GLY A 249 -8.84 -42.18 38.92
C GLY A 249 -7.56 -42.86 39.33
N GLN A 250 -6.62 -43.08 38.42
CA GLN A 250 -5.44 -43.89 38.72
C GLN A 250 -4.22 -43.02 39.03
N LYS A 251 -3.55 -43.33 40.13
CA LYS A 251 -2.40 -42.54 40.57
C LYS A 251 -1.16 -42.90 39.76
N ILE A 252 -0.45 -41.88 39.31
CA ILE A 252 0.76 -42.10 38.51
C ILE A 252 1.91 -41.28 39.07
N PRO A 253 3.13 -41.79 38.95
CA PRO A 253 4.28 -41.09 39.54
C PRO A 253 4.51 -39.74 38.87
N LEU A 254 4.99 -38.78 39.66
CA LEU A 254 5.06 -37.40 39.20
C LEU A 254 6.06 -37.20 38.06
N ASN A 255 7.01 -38.12 37.86
CA ASN A 255 7.84 -38.01 36.68
C ASN A 255 7.05 -38.28 35.40
N ILE A 256 6.18 -39.30 35.44
CA ILE A 256 5.35 -39.61 34.29
C ILE A 256 4.38 -38.48 34.00
N ASP A 257 3.75 -37.93 35.04
CA ASP A 257 2.85 -36.80 34.83
C ASP A 257 3.60 -35.61 34.25
N ARG A 258 4.86 -35.39 34.67
CA ARG A 258 5.67 -34.36 34.02
C ARG A 258 6.05 -34.75 32.60
N ASN A 259 6.35 -36.03 32.37
CA ASN A 259 6.71 -36.47 31.03
C ASN A 259 5.54 -36.35 30.08
N LEU A 260 4.36 -36.85 30.47
CA LEU A 260 3.21 -36.82 29.57
C LEU A 260 2.83 -35.40 29.21
N GLN A 261 2.84 -34.49 30.18
CA GLN A 261 2.56 -33.10 29.88
C GLN A 261 3.58 -32.50 28.92
N THR A 262 4.86 -32.85 29.07
CA THR A 262 5.89 -32.30 28.20
C THR A 262 5.64 -32.67 26.74
N ILE A 263 5.25 -33.92 26.47
CA ILE A 263 5.01 -34.33 25.11
C ILE A 263 3.78 -33.63 24.53
N GLN A 264 2.70 -33.55 25.30
CA GLN A 264 1.51 -32.88 24.81
C GLN A 264 1.76 -31.39 24.63
N GLN A 265 2.53 -30.78 25.54
CA GLN A 265 2.87 -29.38 25.36
C GLN A 265 3.78 -29.18 24.16
N LEU A 266 4.63 -30.16 23.85
CA LEU A 266 5.47 -30.06 22.66
C LEU A 266 4.65 -30.19 21.39
N TYR A 267 3.72 -31.14 21.34
CA TYR A 267 2.86 -31.28 20.18
C TYR A 267 1.96 -30.06 20.00
N TYR A 268 1.50 -29.47 21.10
CA TYR A 268 0.68 -28.26 20.99
C TYR A 268 1.48 -27.10 20.42
N ASN A 269 2.74 -26.95 20.86
CA ASN A 269 3.55 -25.85 20.37
C ASN A 269 4.15 -26.12 19.00
N PHE A 270 4.18 -27.39 18.57
CA PHE A 270 4.59 -27.72 17.22
C PHE A 270 3.62 -27.17 16.20
N LEU A 271 2.37 -26.93 16.60
CA LEU A 271 1.32 -26.48 15.69
C LEU A 271 0.84 -25.07 15.98
N LEU A 272 0.57 -24.72 17.24
CA LEU A 272 -0.04 -23.44 17.56
C LEU A 272 0.78 -22.58 18.52
N ASP A 273 2.08 -22.48 18.34
CA ASP A 273 2.88 -21.66 19.24
C ASP A 273 2.78 -20.19 18.84
N SER A 274 1.99 -19.44 19.60
CA SER A 274 1.82 -18.00 19.41
C SER A 274 1.31 -17.68 18.01
N VAL A 275 0.12 -18.19 17.70
CA VAL A 275 -0.49 -17.95 16.40
C VAL A 275 -1.06 -16.54 16.32
N PRO A 297 8.61 -21.25 16.73
CA PRO A 297 8.29 -21.86 15.44
C PRO A 297 7.05 -22.74 15.50
N SER A 298 6.07 -22.42 14.68
CA SER A 298 4.85 -23.21 14.56
C SER A 298 4.59 -23.56 13.11
N ILE A 299 3.79 -24.62 12.92
CA ILE A 299 3.27 -24.90 11.59
C ILE A 299 2.23 -23.87 11.19
N MET A 300 1.38 -23.45 12.14
CA MET A 300 0.25 -22.59 11.82
C MET A 300 0.56 -21.11 11.93
N ARG A 301 1.73 -20.72 12.43
CA ARG A 301 2.08 -19.31 12.40
C ARG A 301 2.61 -18.89 11.03
N ARG A 302 2.87 -19.85 10.15
CA ARG A 302 3.33 -19.54 8.80
C ARG A 302 2.23 -18.96 7.92
N LEU A 303 0.97 -19.23 8.23
CA LEU A 303 -0.18 -18.90 7.41
C LEU A 303 -0.67 -17.44 7.49
N PRO A 304 -0.83 -16.84 8.68
CA PRO A 304 -1.75 -15.70 8.81
C PRO A 304 -1.41 -14.36 8.18
N ARG A 305 -0.25 -13.78 8.47
CA ARG A 305 -0.09 -12.34 8.30
C ARG A 305 0.10 -11.95 6.84
N LYS A 306 0.45 -10.68 6.61
CA LYS A 306 0.75 -10.22 5.26
C LYS A 306 2.04 -10.84 4.75
N GLU A 307 2.93 -11.24 5.64
CA GLU A 307 4.14 -11.97 5.29
C GLU A 307 3.97 -13.47 5.41
N GLY A 308 2.74 -13.96 5.51
CA GLY A 308 2.49 -15.37 5.67
C GLY A 308 2.48 -16.12 4.36
N ARG A 309 2.15 -17.41 4.45
CA ARG A 309 2.14 -18.26 3.26
C ARG A 309 1.11 -17.77 2.25
N ILE A 310 -0.08 -17.41 2.73
CA ILE A 310 -1.18 -17.12 1.83
C ILE A 310 -0.96 -15.81 1.08
N ARG A 311 -0.67 -14.74 1.81
CA ARG A 311 -0.64 -13.42 1.18
C ARG A 311 0.69 -13.12 0.53
N LYS A 312 1.77 -13.72 1.00
CA LYS A 312 3.08 -13.48 0.40
C LYS A 312 3.44 -14.50 -0.66
N SER A 313 3.30 -15.78 -0.36
CA SER A 313 3.78 -16.81 -1.26
C SER A 313 2.76 -17.23 -2.30
N LEU A 314 1.47 -17.14 -1.97
CA LEU A 314 0.41 -17.65 -2.82
C LEU A 314 -0.31 -16.54 -3.60
N LEU A 315 -0.65 -15.45 -2.95
CA LEU A 315 -1.36 -14.37 -3.63
C LEU A 315 -0.41 -13.43 -4.36
N GLY A 316 0.89 -13.51 -4.09
CA GLY A 316 1.89 -12.76 -4.81
C GLY A 316 2.96 -13.67 -5.39
N SER A 317 4.02 -13.09 -5.96
CA SER A 317 5.05 -13.88 -6.61
C SER A 317 6.36 -13.13 -6.60
N GLN A 318 7.45 -13.88 -6.67
CA GLN A 318 8.73 -13.39 -7.13
C GLN A 318 8.97 -13.98 -8.51
N VAL A 319 9.36 -13.15 -9.47
CA VAL A 319 9.41 -13.59 -10.85
C VAL A 319 10.79 -13.32 -11.43
N TRP A 320 11.11 -14.07 -12.47
CA TRP A 320 12.31 -13.86 -13.26
C TRP A 320 11.97 -12.99 -14.48
N SER A 321 12.99 -12.66 -15.25
CA SER A 321 12.85 -11.97 -16.54
C SER A 321 12.12 -10.64 -16.41
N ILE A 322 12.53 -9.84 -15.44
CA ILE A 322 11.90 -8.55 -15.18
C ILE A 322 12.99 -7.52 -14.91
N SER A 323 12.67 -6.25 -15.13
CA SER A 323 13.61 -5.16 -14.94
C SER A 323 12.92 -3.98 -14.27
N ARG A 324 13.74 -3.08 -13.73
CA ARG A 324 13.25 -1.92 -13.00
C ARG A 324 14.25 -0.78 -13.21
N SER A 325 13.75 0.43 -13.36
CA SER A 325 14.62 1.59 -13.56
C SER A 325 13.81 2.86 -13.34
N THR A 326 14.54 3.98 -13.31
CA THR A 326 13.94 5.31 -13.20
C THR A 326 13.38 5.75 -14.55
N ILE A 327 12.28 6.47 -14.52
CA ILE A 327 11.61 6.91 -15.73
C ILE A 327 11.93 8.37 -16.01
N CYS A 328 11.93 8.72 -17.29
CA CYS A 328 12.28 10.05 -17.75
C CYS A 328 11.49 10.31 -19.01
N GLY A 329 11.37 11.58 -19.38
CA GLY A 329 10.57 11.96 -20.51
C GLY A 329 11.32 11.97 -21.83
N ASN A 330 10.57 11.72 -22.91
CA ASN A 330 11.13 11.70 -24.26
C ASN A 330 9.99 12.03 -25.21
N SER A 331 10.02 13.23 -25.78
CA SER A 331 8.90 13.70 -26.58
C SER A 331 8.96 13.19 -28.01
N ASP A 332 9.98 12.46 -28.39
CA ASP A 332 10.05 11.81 -29.69
C ASP A 332 9.50 10.40 -29.69
N LEU A 333 8.97 9.95 -28.56
CA LEU A 333 8.33 8.65 -28.46
C LEU A 333 6.82 8.81 -28.63
N HIS A 334 6.21 7.84 -29.30
CA HIS A 334 4.76 7.79 -29.34
C HIS A 334 4.20 7.42 -27.98
N LEU A 335 2.90 7.61 -27.82
CA LEU A 335 2.28 7.38 -26.51
C LEU A 335 2.28 5.91 -26.13
N ASP A 336 2.31 5.01 -27.10
CA ASP A 336 2.36 3.58 -26.84
C ASP A 336 3.74 3.00 -27.06
N GLU A 337 4.78 3.77 -26.85
CA GLU A 337 6.15 3.31 -26.98
C GLU A 337 6.88 3.56 -25.67
N VAL A 338 7.88 2.75 -25.40
CA VAL A 338 8.75 2.94 -24.26
C VAL A 338 10.18 2.76 -24.73
N GLY A 339 11.07 3.65 -24.32
CA GLY A 339 12.47 3.54 -24.64
C GLY A 339 13.16 2.61 -23.67
N TYR A 340 13.95 1.68 -24.23
CA TYR A 340 14.56 0.61 -23.47
C TYR A 340 16.08 0.69 -23.60
N PRO A 341 16.82 0.74 -22.49
CA PRO A 341 18.29 0.72 -22.60
C PRO A 341 18.79 -0.56 -23.26
N ILE A 342 19.87 -0.43 -24.02
CA ILE A 342 20.37 -1.57 -24.79
C ILE A 342 20.93 -2.67 -23.88
N SER A 343 21.51 -2.30 -22.75
CA SER A 343 22.03 -3.32 -21.83
C SER A 343 20.92 -4.20 -21.29
N PHE A 344 19.76 -3.61 -21.02
CA PHE A 344 18.61 -4.38 -20.57
C PHE A 344 18.05 -5.26 -21.68
N ALA A 345 18.20 -4.85 -22.93
CA ALA A 345 17.66 -5.61 -24.05
C ALA A 345 18.50 -6.83 -24.36
N ARG A 346 19.75 -6.85 -23.93
CA ARG A 346 20.59 -8.04 -24.07
C ARG A 346 20.56 -8.92 -22.84
N THR A 347 19.85 -8.53 -21.80
CA THR A 347 19.66 -9.35 -20.60
C THR A 347 18.35 -10.10 -20.66
N LEU A 348 17.27 -9.42 -21.05
CA LEU A 348 15.99 -10.05 -21.25
C LEU A 348 15.91 -10.59 -22.67
N GLN A 349 15.23 -11.71 -22.83
CA GLN A 349 15.23 -12.45 -24.08
C GLN A 349 13.80 -12.76 -24.52
N VAL A 350 13.67 -13.13 -25.79
CA VAL A 350 12.42 -13.62 -26.35
C VAL A 350 12.69 -14.99 -26.94
N ALA A 351 11.83 -15.96 -26.65
CA ALA A 351 12.03 -17.32 -27.11
C ALA A 351 11.34 -17.55 -28.45
N GLU A 352 12.12 -17.98 -29.45
CA GLU A 352 11.61 -18.19 -30.80
C GLU A 352 11.85 -19.63 -31.21
N THR A 353 10.79 -20.30 -31.65
CA THR A 353 10.90 -21.69 -32.08
C THR A 353 11.22 -21.75 -33.56
N VAL A 354 12.24 -22.55 -33.90
CA VAL A 354 12.73 -22.58 -35.28
C VAL A 354 11.78 -23.42 -36.13
N GLN A 355 11.29 -22.82 -37.20
CA GLN A 355 10.42 -23.48 -38.15
C GLN A 355 10.92 -23.11 -39.55
N HIS A 356 10.22 -23.61 -40.57
CA HIS A 356 10.62 -23.31 -41.94
C HIS A 356 10.32 -21.87 -42.31
N TYR A 357 9.34 -21.23 -41.68
CA TYR A 357 8.93 -19.91 -42.10
C TYR A 357 9.73 -18.79 -41.46
N ASN A 358 10.57 -19.08 -40.47
CA ASN A 358 11.30 -18.05 -39.74
C ASN A 358 12.79 -18.34 -39.65
N ILE A 359 13.28 -19.32 -40.41
CA ILE A 359 14.68 -19.73 -40.28
C ILE A 359 15.62 -18.64 -40.82
N ASN A 360 15.27 -18.02 -41.94
CA ASN A 360 16.13 -17.00 -42.52
C ASN A 360 16.16 -15.75 -41.65
N ARG A 361 15.05 -15.46 -40.97
CA ARG A 361 14.98 -14.28 -40.12
C ARG A 361 15.73 -14.49 -38.82
N LEU A 362 15.77 -15.71 -38.31
CA LEU A 362 16.46 -16.01 -37.05
C LEU A 362 17.95 -16.27 -37.24
N MET A 363 18.40 -16.50 -38.47
CA MET A 363 19.82 -16.75 -38.71
C MET A 363 20.72 -15.57 -38.34
N PRO A 364 20.40 -14.33 -38.66
CA PRO A 364 21.26 -13.22 -38.22
C PRO A 364 21.47 -13.14 -36.71
N TYR A 365 20.45 -13.43 -35.91
CA TYR A 365 20.61 -13.41 -34.46
C TYR A 365 21.59 -14.47 -34.01
N PHE A 366 21.49 -15.67 -34.57
CA PHE A 366 22.33 -16.79 -34.19
C PHE A 366 23.80 -16.54 -34.50
N LEU A 367 24.07 -15.93 -35.66
CA LEU A 367 25.45 -15.65 -36.05
C LEU A 367 26.08 -14.58 -35.17
N ASN A 368 25.31 -13.59 -34.72
CA ASN A 368 25.87 -12.55 -33.88
C ASN A 368 26.28 -13.09 -32.51
N GLY A 369 25.51 -14.02 -31.96
CA GLY A 369 25.84 -14.58 -30.67
C GLY A 369 25.73 -13.53 -29.59
N LYS A 370 26.70 -13.52 -28.68
CA LYS A 370 26.74 -12.56 -27.59
C LYS A 370 27.74 -11.44 -27.83
N ARG A 371 28.24 -11.28 -29.05
CA ARG A 371 29.27 -10.29 -29.31
C ARG A 371 28.81 -9.13 -30.17
N GLN A 372 27.76 -9.29 -30.96
CA GLN A 372 27.16 -8.19 -31.68
C GLN A 372 25.67 -8.14 -31.39
N TYR A 373 25.09 -6.95 -31.46
CA TYR A 373 23.68 -6.72 -31.25
C TYR A 373 22.99 -6.50 -32.59
N PRO A 374 21.80 -7.06 -32.81
CA PRO A 374 21.04 -7.95 -31.91
C PRO A 374 21.45 -9.41 -32.04
N GLY A 375 21.60 -10.11 -30.92
CA GLY A 375 22.12 -11.46 -30.91
C GLY A 375 21.28 -12.42 -30.10
N CYS A 376 21.93 -13.34 -29.40
CA CYS A 376 21.22 -14.41 -28.71
C CYS A 376 22.07 -14.93 -27.58
N SER A 377 21.48 -15.74 -26.74
CA SER A 377 22.20 -16.25 -25.58
C SER A 377 22.17 -17.76 -25.46
N ARG A 378 21.06 -18.40 -25.80
CA ARG A 378 20.92 -19.84 -25.58
C ARG A 378 20.15 -20.45 -26.72
N VAL A 379 20.35 -21.75 -26.91
CA VAL A 379 19.55 -22.56 -27.81
C VAL A 379 19.12 -23.80 -27.05
N TYR A 380 17.85 -24.16 -27.17
CA TYR A 380 17.34 -25.40 -26.64
C TYR A 380 17.24 -26.39 -27.80
N LYS A 381 17.88 -27.54 -27.66
CA LYS A 381 17.84 -28.56 -28.70
C LYS A 381 16.78 -29.60 -28.37
N GLN A 382 15.81 -29.78 -29.27
CA GLN A 382 14.70 -30.67 -28.98
C GLN A 382 15.05 -32.13 -29.20
N ILE A 383 16.18 -32.42 -29.85
CA ILE A 383 16.61 -33.80 -29.99
C ILE A 383 17.39 -34.27 -28.76
N THR A 384 17.80 -33.36 -27.90
CA THR A 384 18.57 -33.70 -26.71
C THR A 384 17.92 -33.20 -25.42
N GLN A 385 16.99 -32.25 -25.51
CA GLN A 385 16.30 -31.66 -24.36
C GLN A 385 17.29 -30.95 -23.44
N SER A 386 18.23 -30.25 -24.05
CA SER A 386 19.28 -29.58 -23.29
C SER A 386 19.46 -28.18 -23.83
N VAL A 387 19.92 -27.29 -22.95
CA VAL A 387 20.14 -25.89 -23.27
C VAL A 387 21.63 -25.64 -23.30
N HIS A 388 22.11 -25.03 -24.37
CA HIS A 388 23.53 -24.72 -24.54
C HIS A 388 23.70 -23.22 -24.71
N ASP A 389 24.69 -22.65 -24.02
CA ASP A 389 25.05 -21.26 -24.23
C ASP A 389 25.64 -21.08 -25.62
N ILE A 390 25.50 -19.87 -26.15
CA ILE A 390 25.89 -19.62 -27.54
C ILE A 390 27.40 -19.48 -27.69
N GLU A 391 28.11 -19.06 -26.65
CA GLU A 391 29.55 -18.90 -26.76
C GLU A 391 30.27 -20.21 -26.48
N GLY A 392 29.97 -20.85 -25.36
CA GLY A 392 30.44 -22.19 -25.11
C GLY A 392 29.61 -23.20 -25.87
N LEU A 393 29.75 -23.22 -27.20
CA LEU A 393 28.94 -24.07 -28.06
C LEU A 393 29.79 -24.72 -29.12
N LYS A 394 29.35 -25.91 -29.55
CA LYS A 394 30.05 -26.68 -30.57
C LYS A 394 30.22 -25.84 -31.85
N GLN A 395 31.18 -26.26 -32.67
CA GLN A 395 31.36 -25.63 -33.97
C GLN A 395 30.59 -26.32 -35.09
N ASP A 396 30.17 -27.57 -34.87
CA ASP A 396 29.36 -28.32 -35.83
C ASP A 396 27.87 -28.24 -35.48
N PHE A 397 27.46 -27.16 -34.82
CA PHE A 397 26.11 -26.97 -34.35
C PHE A 397 25.26 -26.33 -35.45
N ARG A 398 23.98 -26.68 -35.47
CA ARG A 398 23.05 -26.15 -36.45
C ARG A 398 21.69 -25.92 -35.80
N LEU A 399 20.93 -25.00 -36.40
CA LEU A 399 19.56 -24.74 -35.97
C LEU A 399 18.65 -25.72 -36.68
N GLU A 400 18.04 -26.62 -35.91
CA GLU A 400 17.10 -27.59 -36.46
C GLU A 400 15.68 -27.17 -36.16
N VAL A 401 14.76 -27.57 -37.03
CA VAL A 401 13.36 -27.27 -36.84
C VAL A 401 12.89 -27.90 -35.54
N GLY A 402 12.33 -27.09 -34.65
CA GLY A 402 11.96 -27.51 -33.32
C GLY A 402 12.89 -27.04 -32.22
N ASP A 403 14.07 -26.53 -32.56
CA ASP A 403 14.90 -25.89 -31.56
C ASP A 403 14.31 -24.54 -31.18
N ILE A 404 14.66 -24.06 -29.99
CA ILE A 404 14.16 -22.81 -29.48
C ILE A 404 15.36 -21.88 -29.28
N LEU A 405 15.34 -20.75 -29.95
CA LEU A 405 16.40 -19.75 -29.84
C LEU A 405 15.94 -18.64 -28.92
N TYR A 406 16.81 -18.23 -27.99
CA TYR A 406 16.53 -17.14 -27.08
C TYR A 406 17.34 -15.93 -27.56
N ARG A 407 16.67 -15.02 -28.25
CA ARG A 407 17.31 -13.88 -28.89
C ARG A 407 17.14 -12.62 -28.03
N ASP A 408 17.73 -11.53 -28.49
CA ASP A 408 17.67 -10.26 -27.80
C ASP A 408 16.36 -9.54 -28.09
N VAL A 409 16.09 -8.49 -27.32
CA VAL A 409 14.91 -7.67 -27.48
C VAL A 409 15.20 -6.58 -28.49
N VAL A 410 14.31 -6.41 -29.47
CA VAL A 410 14.54 -5.48 -30.56
C VAL A 410 13.41 -4.47 -30.60
N THR A 411 13.52 -3.50 -31.49
CA THR A 411 12.47 -2.51 -31.65
C THR A 411 11.24 -3.16 -32.25
N GLY A 412 10.09 -2.90 -31.63
CA GLY A 412 8.84 -3.49 -32.05
C GLY A 412 8.32 -4.59 -31.15
N ASP A 413 9.13 -5.09 -30.22
CA ASP A 413 8.65 -6.03 -29.25
C ASP A 413 7.68 -5.36 -28.29
N VAL A 414 6.74 -6.12 -27.78
CA VAL A 414 5.79 -5.61 -26.82
C VAL A 414 6.29 -5.87 -25.40
N ALA A 415 5.97 -4.97 -24.49
CA ALA A 415 6.41 -5.10 -23.11
C ALA A 415 5.36 -4.58 -22.14
N PHE A 416 5.24 -5.23 -21.00
CA PHE A 416 4.37 -4.77 -19.93
C PHE A 416 5.06 -3.72 -19.08
N PHE A 417 4.40 -2.58 -18.89
CA PHE A 417 4.92 -1.43 -18.16
C PHE A 417 4.07 -1.20 -16.92
N ASN A 418 4.68 -1.19 -15.75
CA ASN A 418 3.96 -1.22 -14.49
C ASN A 418 4.48 -0.15 -13.55
N ARG A 419 3.57 0.60 -12.94
CA ARG A 419 3.93 1.50 -11.84
C ARG A 419 3.07 1.19 -10.63
N GLN A 420 3.70 1.15 -9.47
CA GLN A 420 3.10 0.80 -8.20
C GLN A 420 2.90 2.04 -7.33
N PRO A 421 1.83 2.09 -6.53
CA PRO A 421 0.79 1.05 -6.35
C PRO A 421 -0.15 0.90 -7.54
N SER A 422 -0.57 -0.32 -7.83
CA SER A 422 -1.40 -0.65 -8.99
C SER A 422 -2.87 -0.59 -8.59
N LEU A 423 -3.46 0.59 -8.75
CA LEU A 423 -4.79 0.87 -8.22
C LEU A 423 -5.91 0.75 -9.25
N GLU A 424 -5.63 0.99 -10.53
CA GLU A 424 -6.63 0.91 -11.59
C GLU A 424 -6.11 -0.04 -12.65
N ARG A 425 -6.91 -0.32 -13.66
CA ARG A 425 -6.49 -1.34 -14.61
C ARG A 425 -5.68 -0.79 -15.78
N SER A 426 -5.38 0.50 -15.79
CA SER A 426 -4.36 1.04 -16.67
C SER A 426 -3.01 1.13 -16.01
N SER A 427 -2.88 0.64 -14.76
CA SER A 427 -1.61 0.61 -14.05
C SER A 427 -0.61 -0.36 -14.65
N ILE A 428 -1.08 -1.31 -15.46
CA ILE A 428 -0.21 -2.14 -16.27
C ILE A 428 -0.69 -1.98 -17.70
N GLY A 429 0.20 -1.57 -18.58
CA GLY A 429 -0.13 -1.43 -19.98
C GLY A 429 0.97 -2.00 -20.84
N VAL A 430 0.66 -2.20 -22.10
CA VAL A 430 1.60 -2.80 -23.04
C VAL A 430 2.03 -1.74 -24.04
N HIS A 431 3.35 -1.59 -24.19
CA HIS A 431 3.97 -0.61 -25.05
C HIS A 431 4.82 -1.31 -26.09
N ARG A 432 5.05 -0.65 -27.22
CA ARG A 432 6.01 -1.13 -28.20
C ARG A 432 7.41 -0.64 -27.82
N ILE A 433 8.36 -1.56 -27.82
CA ILE A 433 9.71 -1.25 -27.33
C ILE A 433 10.48 -0.53 -28.42
N VAL A 434 11.15 0.56 -28.04
CA VAL A 434 12.17 1.24 -28.85
C VAL A 434 13.49 1.12 -28.09
N VAL A 435 14.46 0.43 -28.68
CA VAL A 435 15.72 0.19 -27.99
C VAL A 435 16.62 1.40 -28.14
N LEU A 436 17.15 1.89 -27.03
CA LEU A 436 18.04 3.04 -27.01
C LEU A 436 19.47 2.52 -27.09
N GLU A 437 20.14 2.82 -28.20
CA GLU A 437 21.45 2.23 -28.45
C GLU A 437 22.61 3.08 -27.93
N ASN A 438 22.33 4.24 -27.34
CA ASN A 438 23.35 5.00 -26.63
C ASN A 438 23.70 4.26 -25.35
N PRO A 439 24.96 3.85 -25.15
CA PRO A 439 25.28 3.00 -23.99
C PRO A 439 25.32 3.76 -22.68
N LYS A 440 25.15 5.07 -22.67
CA LYS A 440 25.23 5.86 -21.47
C LYS A 440 23.89 6.15 -20.83
N ILE A 441 22.82 5.54 -21.31
CA ILE A 441 21.46 5.82 -20.83
C ILE A 441 20.96 4.61 -20.07
N SER A 442 20.41 4.85 -18.88
CA SER A 442 19.95 3.78 -18.01
C SER A 442 18.49 3.92 -17.61
N THR A 443 17.76 4.82 -18.24
CA THR A 443 16.40 5.14 -17.83
C THR A 443 15.38 4.49 -18.75
N PHE A 444 14.19 4.25 -18.22
CA PHE A 444 13.02 3.93 -19.02
C PHE A 444 12.41 5.23 -19.49
N GLN A 445 12.29 5.42 -20.79
CA GLN A 445 11.81 6.69 -21.32
C GLN A 445 10.43 6.52 -21.94
N MET A 446 9.59 7.54 -21.78
CA MET A 446 8.24 7.51 -22.31
C MET A 446 7.77 8.92 -22.64
N ASN A 447 6.68 8.99 -23.37
CA ASN A 447 6.04 10.25 -23.68
C ASN A 447 5.30 10.80 -22.47
N VAL A 448 5.33 12.12 -22.33
CA VAL A 448 4.74 12.79 -21.17
C VAL A 448 3.23 12.61 -21.13
N SER A 449 2.60 12.40 -22.28
CA SER A 449 1.16 12.19 -22.30
C SER A 449 0.76 10.78 -21.91
N ALA A 450 1.70 9.87 -21.74
CA ALA A 450 1.43 8.54 -21.23
C ALA A 450 1.44 8.47 -19.72
N CYS A 451 1.85 9.53 -19.02
CA CYS A 451 1.95 9.50 -17.57
C CYS A 451 0.59 9.45 -16.88
N ALA A 452 -0.48 9.82 -17.57
CA ALA A 452 -1.81 9.78 -16.98
C ALA A 452 -2.29 8.35 -16.74
N TRP A 453 -1.77 7.39 -17.50
CA TRP A 453 -2.16 6.00 -17.30
C TRP A 453 -1.65 5.46 -15.98
N TYR A 454 -0.49 5.93 -15.55
CA TYR A 454 0.21 5.40 -14.40
C TYR A 454 0.25 6.35 -13.25
N ASN A 455 -0.27 7.57 -13.41
CA ASN A 455 -0.23 8.59 -12.38
C ASN A 455 1.20 8.88 -11.97
N ALA A 456 2.05 9.14 -12.95
CA ALA A 456 3.49 9.24 -12.75
C ALA A 456 4.00 10.61 -13.19
N ASP A 457 5.24 10.91 -12.79
CA ASP A 457 5.97 12.06 -13.29
C ASP A 457 7.46 11.76 -13.19
N PHE A 458 8.27 12.78 -13.40
CA PHE A 458 9.70 12.58 -13.61
C PHE A 458 10.55 13.24 -12.54
N ASP A 459 10.18 13.07 -11.28
CA ASP A 459 11.02 13.51 -10.18
C ASP A 459 11.66 12.36 -9.42
N GLY A 460 11.73 11.18 -10.01
CA GLY A 460 12.43 10.07 -9.39
C GLY A 460 11.62 8.81 -9.26
N ASP A 461 10.50 8.72 -9.99
CA ASP A 461 9.68 7.53 -9.95
C ASP A 461 10.36 6.38 -10.67
N GLN A 462 10.05 5.17 -10.24
CA GLN A 462 10.55 3.95 -10.85
C GLN A 462 9.38 3.09 -11.30
N MET A 463 9.55 2.45 -12.45
CA MET A 463 8.51 1.60 -13.01
C MET A 463 9.15 0.27 -13.36
N ASN A 464 8.34 -0.78 -13.34
CA ASN A 464 8.78 -2.12 -13.71
C ASN A 464 8.50 -2.38 -15.17
N LEU A 465 9.27 -3.29 -15.75
CA LEU A 465 9.09 -3.65 -17.15
C LEU A 465 9.51 -5.09 -17.35
N TRP A 466 8.62 -5.90 -17.91
CA TRP A 466 8.99 -7.24 -18.32
C TRP A 466 8.53 -7.46 -19.75
N VAL A 467 9.29 -8.24 -20.50
CA VAL A 467 9.04 -8.50 -21.91
C VAL A 467 8.49 -9.92 -22.03
N PRO A 468 7.29 -10.11 -22.56
CA PRO A 468 6.79 -11.47 -22.81
C PRO A 468 7.69 -12.23 -23.77
N TRP A 469 8.03 -13.46 -23.38
CA TRP A 469 8.84 -14.33 -24.23
C TRP A 469 8.03 -15.45 -24.85
N SER A 470 6.92 -15.82 -24.24
CA SER A 470 6.06 -16.87 -24.74
C SER A 470 5.16 -16.36 -25.85
N VAL A 471 4.80 -17.24 -26.79
CA VAL A 471 3.94 -16.86 -27.90
C VAL A 471 2.53 -16.53 -27.41
N MET A 472 2.02 -17.33 -26.47
CA MET A 472 0.67 -17.10 -25.95
C MET A 472 0.60 -15.81 -25.14
N SER A 473 1.64 -15.51 -24.37
CA SER A 473 1.64 -14.30 -23.58
C SER A 473 1.89 -13.07 -24.46
N ARG A 474 2.56 -13.27 -25.60
CA ARG A 474 2.84 -12.19 -26.54
C ARG A 474 1.62 -11.83 -27.37
N VAL A 475 0.80 -12.83 -27.72
CA VAL A 475 -0.41 -12.56 -28.49
C VAL A 475 -1.38 -11.72 -27.67
N GLU A 476 -1.60 -12.12 -26.42
CA GLU A 476 -2.59 -11.43 -25.62
C GLU A 476 -2.09 -10.10 -25.08
N ALA A 477 -0.78 -9.89 -25.02
CA ALA A 477 -0.26 -8.56 -24.70
C ALA A 477 -0.64 -7.57 -25.78
N GLU A 478 -0.51 -7.95 -27.04
CA GLU A 478 -0.78 -7.06 -28.15
C GLU A 478 -2.28 -6.89 -28.44
N LEU A 479 -3.08 -7.93 -28.28
CA LEU A 479 -4.49 -7.83 -28.64
C LEU A 479 -5.38 -7.37 -27.49
N LEU A 480 -5.00 -7.68 -26.26
CA LEU A 480 -5.81 -7.39 -25.09
C LEU A 480 -5.32 -6.22 -24.25
N CYS A 481 -4.02 -6.11 -24.04
CA CYS A 481 -3.51 -5.25 -22.97
C CYS A 481 -2.77 -4.03 -23.48
N SER A 482 -2.86 -3.72 -24.76
CA SER A 482 -2.26 -2.51 -25.29
C SER A 482 -2.88 -1.27 -24.64
N VAL A 483 -2.13 -0.17 -24.62
CA VAL A 483 -2.58 1.00 -23.88
C VAL A 483 -3.68 1.76 -24.61
N ARG A 484 -3.95 1.44 -25.87
CA ARG A 484 -5.10 2.03 -26.56
C ARG A 484 -6.42 1.55 -25.99
N ASN A 485 -6.40 0.46 -25.23
CA ASN A 485 -7.60 -0.04 -24.57
C ASN A 485 -7.91 0.71 -23.29
N TRP A 486 -6.96 1.49 -22.78
CA TRP A 486 -7.20 2.29 -21.59
C TRP A 486 -7.23 3.78 -21.90
N PHE A 487 -7.46 4.16 -23.15
CA PHE A 487 -7.61 5.57 -23.48
C PHE A 487 -8.89 6.14 -22.86
N ILE A 488 -9.97 5.37 -22.84
CA ILE A 488 -11.17 5.75 -22.12
C ILE A 488 -11.13 5.12 -20.73
N SER A 489 -11.39 5.92 -19.71
CA SER A 489 -11.37 5.42 -18.34
C SER A 489 -12.50 4.42 -18.11
N THR A 490 -12.17 3.33 -17.40
CA THR A 490 -13.20 2.42 -16.93
C THR A 490 -13.96 3.00 -15.77
N LYS A 491 -13.29 3.81 -14.94
CA LYS A 491 -13.90 4.40 -13.77
C LYS A 491 -14.95 5.45 -14.14
N SER A 492 -14.59 6.37 -15.03
CA SER A 492 -15.42 7.53 -15.28
C SER A 492 -16.05 7.57 -16.66
N SER A 493 -15.58 6.76 -17.60
CA SER A 493 -16.05 6.65 -18.97
C SER A 493 -15.63 7.81 -19.86
N GLY A 494 -14.70 8.65 -19.43
CA GLY A 494 -14.18 9.70 -20.26
C GLY A 494 -12.74 9.45 -20.64
N PRO A 495 -12.19 10.30 -21.52
CA PRO A 495 -10.82 10.11 -21.99
C PRO A 495 -9.79 10.38 -20.90
N VAL A 496 -8.61 9.81 -21.09
CA VAL A 496 -7.55 9.89 -20.11
C VAL A 496 -6.41 10.78 -20.59
N ASN A 497 -6.03 10.68 -21.85
CA ASN A 497 -4.83 11.33 -22.35
C ASN A 497 -5.17 12.57 -23.16
N GLY A 498 -4.13 13.35 -23.42
CA GLY A 498 -4.28 14.63 -24.09
C GLY A 498 -2.99 15.40 -23.95
N GLN A 499 -3.08 16.71 -24.12
CA GLN A 499 -1.91 17.57 -23.99
C GLN A 499 -1.70 17.98 -22.55
N VAL A 500 -0.44 18.18 -22.17
CA VAL A 500 -0.08 18.71 -20.86
C VAL A 500 1.04 19.71 -21.05
N GLN A 501 0.81 20.94 -20.59
CA GLN A 501 1.80 21.93 -20.17
C GLN A 501 2.62 22.60 -21.25
N ASP A 502 2.82 22.01 -22.40
CA ASP A 502 3.72 22.64 -23.36
C ASP A 502 3.01 22.61 -24.68
N SER A 503 2.22 21.57 -24.83
CA SER A 503 1.30 21.43 -25.92
C SER A 503 -0.05 22.04 -25.59
N THR A 504 -0.35 22.25 -24.32
CA THR A 504 -1.52 23.06 -23.98
C THR A 504 -1.26 24.53 -24.26
N VAL A 505 -0.12 25.05 -23.83
CA VAL A 505 0.20 26.45 -24.05
C VAL A 505 0.79 26.67 -25.44
N GLY A 506 1.36 25.63 -26.05
CA GLY A 506 1.85 25.75 -27.39
C GLY A 506 0.78 25.61 -28.45
N SER A 507 -0.32 24.93 -28.14
CA SER A 507 -1.46 24.92 -29.04
C SER A 507 -2.19 26.25 -29.01
N PHE A 508 -2.23 26.89 -27.85
CA PHE A 508 -2.80 28.22 -27.75
C PHE A 508 -1.99 29.23 -28.56
N LEU A 509 -0.66 29.19 -28.43
CA LEU A 509 0.18 30.14 -29.13
C LEU A 509 0.13 29.93 -30.63
N LEU A 510 -0.05 28.68 -31.07
CA LEU A 510 -0.10 28.38 -32.49
C LEU A 510 -1.39 28.88 -33.14
N THR A 511 -2.53 28.66 -32.48
CA THR A 511 -3.83 29.00 -33.05
C THR A 511 -4.31 30.37 -32.63
N ARG A 512 -3.53 31.07 -31.83
CA ARG A 512 -3.81 32.45 -31.47
C ARG A 512 -3.90 33.32 -32.72
N THR A 513 -4.87 34.23 -32.75
CA THR A 513 -5.10 35.01 -33.96
C THR A 513 -4.03 36.09 -34.16
N ASN A 514 -3.66 36.79 -33.11
CA ASN A 514 -2.70 37.88 -33.18
C ASN A 514 -1.56 37.61 -32.21
N THR A 515 -0.37 37.94 -32.63
CA THR A 515 0.92 37.92 -31.96
C THR A 515 1.35 39.37 -31.70
N PRO A 516 2.18 39.64 -30.69
CA PRO A 516 2.73 41.00 -30.54
C PRO A 516 3.42 41.54 -31.79
N MET A 517 3.70 40.71 -32.78
CA MET A 517 4.34 41.14 -34.02
C MET A 517 3.34 41.43 -35.13
N GLY A 518 2.04 41.32 -34.86
CA GLY A 518 1.04 41.42 -35.91
C GLY A 518 0.20 40.17 -36.02
N LYS A 519 -0.19 39.80 -37.24
CA LYS A 519 -0.91 38.56 -37.44
C LYS A 519 -0.02 37.36 -37.19
N ASN A 520 -0.62 36.28 -36.71
CA ASN A 520 0.07 35.05 -36.40
C ASN A 520 0.21 34.23 -37.67
N VAL A 521 1.22 34.54 -38.48
CA VAL A 521 1.46 33.87 -39.75
C VAL A 521 2.91 33.42 -39.83
N MET A 522 3.16 32.42 -40.68
CA MET A 522 4.51 31.98 -41.00
C MET A 522 4.60 31.77 -42.50
N ASN A 523 5.83 31.75 -43.02
CA ASN A 523 6.05 31.53 -44.43
C ASN A 523 6.08 30.03 -44.74
N LYS A 524 6.27 29.70 -46.01
CA LYS A 524 6.16 28.31 -46.44
C LYS A 524 7.24 27.44 -45.79
N LEU A 525 8.44 27.98 -45.62
CA LEU A 525 9.53 27.19 -45.04
C LEU A 525 9.24 26.80 -43.60
N HIS A 526 8.69 27.73 -42.81
CA HIS A 526 8.40 27.46 -41.42
C HIS A 526 7.13 26.64 -41.22
N ALA A 527 6.16 26.79 -42.13
CA ALA A 527 4.99 25.92 -42.09
C ALA A 527 5.37 24.48 -42.42
N MET A 528 6.26 24.29 -43.39
CA MET A 528 6.76 22.95 -43.69
C MET A 528 7.55 22.38 -42.52
N GLY A 529 8.25 23.23 -41.77
CA GLY A 529 9.07 22.78 -40.67
C GLY A 529 8.30 22.29 -39.47
N LEU A 530 7.05 22.73 -39.30
CA LEU A 530 6.22 22.23 -38.21
C LEU A 530 5.88 20.76 -38.36
N PHE A 531 5.93 20.23 -39.58
CA PHE A 531 5.56 18.86 -39.86
C PHE A 531 6.76 17.92 -40.00
N GLN A 532 7.98 18.41 -39.86
CA GLN A 532 9.11 17.55 -40.14
C GLN A 532 9.45 16.63 -38.99
N THR A 533 8.55 16.51 -38.03
CA THR A 533 8.74 15.66 -36.86
C THR A 533 7.50 14.85 -36.51
N THR A 534 6.35 15.16 -37.08
CA THR A 534 5.08 14.58 -36.67
C THR A 534 4.99 13.08 -36.94
N GLN A 535 5.90 12.53 -37.73
CA GLN A 535 5.94 11.11 -38.06
C GLN A 535 4.68 10.63 -38.76
N THR A 536 3.96 11.54 -39.40
CA THR A 536 2.85 11.22 -40.27
C THR A 536 3.32 11.38 -41.72
N ASP A 537 2.39 11.25 -42.65
CA ASP A 537 2.68 11.61 -44.03
C ASP A 537 2.65 13.12 -44.18
N PRO A 538 3.65 13.73 -44.80
CA PRO A 538 3.68 15.19 -44.93
C PRO A 538 2.55 15.68 -45.79
N PRO A 539 2.04 16.88 -45.51
CA PRO A 539 1.08 17.50 -46.43
C PRO A 539 1.74 18.01 -47.70
N CYS A 540 0.96 18.56 -48.62
CA CYS A 540 1.48 19.08 -49.87
C CYS A 540 1.47 20.60 -49.82
N PHE A 541 2.62 21.22 -50.08
CA PHE A 541 2.75 22.66 -50.11
C PHE A 541 3.06 23.17 -51.51
N ALA A 542 2.79 22.36 -52.53
CA ALA A 542 3.21 22.71 -53.88
C ALA A 542 2.44 23.89 -54.45
N ASN A 543 1.26 24.17 -53.92
CA ASN A 543 0.49 25.36 -54.31
C ASN A 543 0.79 26.54 -53.40
N TYR A 544 2.07 26.72 -53.07
CA TYR A 544 2.50 27.75 -52.14
C TYR A 544 3.86 28.26 -52.59
N SER A 545 4.05 29.55 -52.51
CA SER A 545 5.31 30.16 -52.88
C SER A 545 6.10 30.51 -51.63
N PRO A 546 7.41 30.74 -51.75
CA PRO A 546 8.22 31.01 -50.56
C PRO A 546 7.76 32.20 -49.74
N THR A 547 7.12 33.20 -50.36
CA THR A 547 6.69 34.40 -49.64
C THR A 547 5.22 34.35 -49.23
N ASP A 548 4.51 33.26 -49.52
CA ASP A 548 3.14 33.12 -49.09
C ASP A 548 3.08 32.93 -47.59
N LEU A 549 2.03 33.46 -46.96
CA LEU A 549 1.88 33.40 -45.51
C LEU A 549 0.71 32.50 -45.14
N LEU A 550 0.91 31.69 -44.09
CA LEU A 550 -0.07 30.74 -43.63
C LEU A 550 -0.40 31.02 -42.17
N ASP A 551 -1.67 31.07 -41.84
CA ASP A 551 -2.06 31.26 -40.46
C ASP A 551 -1.93 29.95 -39.70
N GLY A 552 -1.89 30.06 -38.37
CA GLY A 552 -1.71 28.89 -37.54
C GLY A 552 -2.89 27.93 -37.62
N LYS A 553 -4.09 28.47 -37.78
CA LYS A 553 -5.27 27.62 -37.95
C LYS A 553 -5.25 26.89 -39.29
N SER A 554 -4.61 27.47 -40.30
CA SER A 554 -4.43 26.77 -41.57
C SER A 554 -3.54 25.55 -41.41
N VAL A 555 -2.47 25.67 -40.62
CA VAL A 555 -1.52 24.58 -40.46
C VAL A 555 -2.13 23.45 -39.65
N VAL A 556 -2.93 23.78 -38.64
CA VAL A 556 -3.56 22.75 -37.83
C VAL A 556 -4.56 21.96 -38.64
N SER A 557 -5.27 22.62 -39.56
CA SER A 557 -6.25 21.94 -40.39
C SER A 557 -5.60 20.91 -41.31
N MET A 558 -4.35 21.13 -41.70
CA MET A 558 -3.66 20.15 -42.54
C MET A 558 -3.46 18.84 -41.82
N LEU A 559 -3.57 18.84 -40.50
CA LEU A 559 -3.40 17.64 -39.69
C LEU A 559 -4.73 17.02 -39.29
N LEU A 560 -5.74 17.84 -39.03
CA LEU A 560 -7.04 17.33 -38.62
C LEU A 560 -7.89 16.86 -39.80
N ARG A 561 -7.46 17.10 -41.03
CA ARG A 561 -8.17 16.57 -42.19
C ARG A 561 -8.14 15.05 -42.26
N GLN A 562 -7.11 14.42 -41.71
CA GLN A 562 -7.03 12.96 -41.79
C GLN A 562 -8.16 12.30 -41.01
N THR A 563 -8.51 12.86 -39.86
CA THR A 563 -9.59 12.35 -39.02
C THR A 563 -10.57 13.49 -38.76
N PRO A 564 -11.42 13.81 -39.74
CA PRO A 564 -12.32 14.96 -39.61
C PRO A 564 -13.38 14.76 -38.52
N ILE A 565 -13.53 15.76 -37.67
CA ILE A 565 -14.52 15.76 -36.60
C ILE A 565 -15.23 17.11 -36.60
N ASN A 566 -16.27 17.20 -35.78
CA ASN A 566 -17.03 18.42 -35.57
C ASN A 566 -16.92 18.80 -34.10
N TYR A 567 -16.61 20.07 -33.83
CA TYR A 567 -16.40 20.55 -32.48
C TYR A 567 -16.79 22.01 -32.38
N GLN A 568 -17.46 22.38 -31.29
CA GLN A 568 -17.85 23.78 -31.08
C GLN A 568 -18.08 24.02 -29.59
N ARG A 569 -17.12 24.67 -28.94
CA ARG A 569 -17.23 25.09 -27.55
C ARG A 569 -16.45 26.38 -27.37
N ALA A 570 -16.47 26.89 -26.22
CA ALA A 570 -15.63 28.04 -25.92
C ALA A 570 -14.36 27.59 -25.20
N PRO A 571 -13.23 28.24 -25.46
CA PRO A 571 -11.97 27.81 -24.86
C PRO A 571 -11.86 28.18 -23.39
N THR A 572 -10.87 27.56 -22.73
CA THR A 572 -10.50 27.98 -21.38
C THR A 572 -10.03 29.43 -21.35
N TRP A 573 -9.48 29.91 -22.47
CA TRP A 573 -8.94 31.26 -22.55
C TRP A 573 -9.99 32.31 -22.22
N TYR A 574 -11.21 32.13 -22.72
CA TYR A 574 -12.26 33.11 -22.49
C TYR A 574 -12.88 32.86 -21.13
N SER A 575 -12.71 33.81 -20.21
CA SER A 575 -13.21 33.71 -18.86
C SER A 575 -13.98 34.97 -18.52
N GLU A 576 -15.13 34.80 -17.87
CA GLU A 576 -15.90 35.94 -17.39
C GLU A 576 -15.16 36.70 -16.30
N VAL A 577 -14.26 36.03 -15.60
CA VAL A 577 -13.46 36.68 -14.56
C VAL A 577 -12.55 37.74 -15.17
N TYR A 578 -11.88 37.42 -16.28
CA TYR A 578 -10.94 38.34 -16.90
C TYR A 578 -11.60 39.32 -17.85
N ALA A 579 -12.84 39.08 -18.26
CA ALA A 579 -13.46 39.90 -19.29
C ALA A 579 -13.56 41.38 -18.95
N PRO A 580 -13.93 41.80 -17.74
CA PRO A 580 -14.02 43.24 -17.48
C PRO A 580 -12.73 44.01 -17.69
N TYR A 581 -11.58 43.39 -17.44
CA TYR A 581 -10.31 44.09 -17.41
C TYR A 581 -9.39 43.73 -18.56
N MET A 582 -9.93 43.17 -19.63
CA MET A 582 -9.07 42.62 -20.66
C MET A 582 -9.78 42.67 -22.00
N HIS A 583 -9.03 42.92 -23.07
CA HIS A 583 -9.57 42.89 -24.42
C HIS A 583 -9.45 41.48 -24.98
N TYR A 584 -10.55 40.97 -25.51
CA TYR A 584 -10.58 39.68 -26.17
C TYR A 584 -10.77 39.87 -27.66
N ASN A 585 -9.98 39.16 -28.46
CA ASN A 585 -10.22 39.09 -29.89
C ASN A 585 -11.42 38.20 -30.15
N LYS A 586 -12.34 38.67 -30.99
CA LYS A 586 -13.58 37.93 -31.19
C LYS A 586 -13.37 36.64 -31.95
N GLN A 587 -12.31 36.56 -32.76
CA GLN A 587 -11.99 35.34 -33.49
C GLN A 587 -11.15 34.38 -32.68
N ASP A 588 -11.07 34.58 -31.37
CA ASP A 588 -10.32 33.70 -30.49
C ASP A 588 -11.18 33.02 -29.44
N ILE A 589 -12.42 33.42 -29.27
CA ILE A 589 -13.19 33.06 -28.09
C ILE A 589 -14.32 32.08 -28.40
N SER A 590 -14.35 31.53 -29.61
CA SER A 590 -15.35 30.51 -29.91
C SER A 590 -14.70 29.50 -30.87
N THR A 591 -14.17 28.43 -30.30
CA THR A 591 -13.47 27.43 -31.11
C THR A 591 -14.48 26.61 -31.90
N GLN A 592 -14.23 26.45 -33.19
CA GLN A 592 -15.14 25.72 -34.06
C GLN A 592 -14.34 24.91 -35.06
N ILE A 593 -14.65 23.62 -35.16
CA ILE A 593 -14.01 22.72 -36.10
C ILE A 593 -15.10 22.06 -36.93
N ARG A 594 -14.96 22.14 -38.26
CA ARG A 594 -15.95 21.61 -39.20
C ARG A 594 -15.25 20.66 -40.17
N ASN A 595 -15.47 19.36 -40.00
CA ASN A 595 -14.83 18.35 -40.84
C ASN A 595 -13.31 18.44 -40.77
N GLY A 596 -12.79 18.74 -39.58
CA GLY A 596 -11.36 18.83 -39.39
C GLY A 596 -10.75 20.17 -39.75
N GLU A 597 -11.53 21.13 -40.21
CA GLU A 597 -11.02 22.46 -40.48
C GLU A 597 -11.28 23.34 -39.27
N LEU A 598 -10.21 23.88 -38.69
CA LEU A 598 -10.34 24.81 -37.56
C LEU A 598 -10.77 26.15 -38.12
N ILE A 599 -12.06 26.45 -38.02
CA ILE A 599 -12.60 27.68 -38.58
C ILE A 599 -12.13 28.88 -37.77
N GLU A 600 -12.18 28.78 -36.45
CA GLU A 600 -11.84 29.90 -35.59
C GLU A 600 -11.59 29.39 -34.18
N GLY A 601 -11.08 30.26 -33.33
CA GLY A 601 -10.87 29.98 -31.93
C GLY A 601 -9.51 29.37 -31.64
N VAL A 602 -9.19 29.32 -30.35
CA VAL A 602 -7.91 28.81 -29.92
C VAL A 602 -8.09 27.41 -29.34
N LEU A 603 -7.03 26.62 -29.43
CA LEU A 603 -6.98 25.29 -28.87
C LEU A 603 -6.24 25.35 -27.55
N ASP A 604 -6.90 24.97 -26.47
CA ASP A 604 -6.25 24.91 -25.16
C ASP A 604 -6.94 23.81 -24.36
N LYS A 605 -6.86 23.88 -23.04
CA LYS A 605 -7.23 22.77 -22.17
C LYS A 605 -8.62 22.24 -22.47
N LYS A 606 -9.56 23.09 -22.85
CA LYS A 606 -10.92 22.64 -23.08
C LYS A 606 -11.01 21.70 -24.28
N ALA A 607 -10.15 21.88 -25.27
CA ALA A 607 -10.20 21.09 -26.50
C ALA A 607 -9.15 19.99 -26.53
N VAL A 608 -7.91 20.30 -26.16
CA VAL A 608 -6.80 19.38 -26.32
C VAL A 608 -6.30 18.81 -25.01
N GLY A 609 -6.75 19.32 -23.88
CA GLY A 609 -6.19 18.92 -22.61
C GLY A 609 -6.49 17.48 -22.26
N ALA A 610 -5.69 16.95 -21.33
CA ALA A 610 -5.80 15.57 -20.89
C ALA A 610 -7.00 15.40 -19.96
N GLY A 611 -7.83 14.42 -20.25
CA GLY A 611 -9.02 14.21 -19.46
C GLY A 611 -10.19 15.11 -19.79
N SER A 612 -10.22 15.68 -20.98
CA SER A 612 -11.26 16.63 -21.38
C SER A 612 -12.37 15.85 -22.08
N SER A 613 -13.55 15.82 -21.46
CA SER A 613 -14.69 15.10 -22.02
C SER A 613 -15.30 15.90 -23.16
N GLY A 614 -15.55 15.22 -24.27
CA GLY A 614 -16.09 15.89 -25.43
C GLY A 614 -15.10 16.70 -26.21
N GLY A 615 -13.81 16.59 -25.92
CA GLY A 615 -12.77 17.30 -26.63
C GLY A 615 -12.37 16.60 -27.91
N ILE A 616 -11.28 17.10 -28.49
CA ILE A 616 -10.88 16.71 -29.84
C ILE A 616 -10.58 15.22 -29.93
N TYR A 617 -9.82 14.70 -28.98
CA TYR A 617 -9.36 13.32 -29.03
C TYR A 617 -10.42 12.34 -28.60
N HIS A 618 -11.32 12.76 -27.71
CA HIS A 618 -12.48 11.96 -27.39
C HIS A 618 -13.36 11.75 -28.61
N LEU A 619 -13.53 12.80 -29.41
CA LEU A 619 -14.32 12.68 -30.63
C LEU A 619 -13.63 11.85 -31.70
N ILE A 620 -12.31 11.95 -31.81
CA ILE A 620 -11.59 11.11 -32.77
C ILE A 620 -11.70 9.65 -32.38
N SER A 621 -11.64 9.37 -31.09
CA SER A 621 -11.75 7.99 -30.63
C SER A 621 -13.11 7.40 -30.94
N ARG A 622 -14.17 8.20 -30.84
CA ARG A 622 -15.50 7.68 -31.10
C ARG A 622 -15.74 7.37 -32.57
N ARG A 623 -15.15 8.11 -33.50
CA ARG A 623 -15.35 7.88 -34.91
C ARG A 623 -14.32 6.95 -35.54
N TYR A 624 -13.08 6.97 -35.07
CA TYR A 624 -12.02 6.24 -35.73
C TYR A 624 -11.27 5.25 -34.85
N GLY A 625 -11.54 5.19 -33.56
CA GLY A 625 -10.86 4.27 -32.69
C GLY A 625 -9.78 4.90 -31.84
N PRO A 626 -9.47 4.26 -30.72
CA PRO A 626 -8.50 4.85 -29.78
C PRO A 626 -7.06 4.85 -30.23
N GLN A 627 -6.64 3.96 -31.13
CA GLN A 627 -5.28 4.04 -31.65
C GLN A 627 -5.09 5.27 -32.52
N GLN A 628 -6.13 5.63 -33.26
CA GLN A 628 -6.09 6.83 -34.09
C GLN A 628 -6.05 8.10 -33.25
N ALA A 629 -6.65 8.08 -32.07
CA ALA A 629 -6.61 9.23 -31.19
C ALA A 629 -5.24 9.41 -30.55
N LEU A 630 -4.58 8.32 -30.19
CA LEU A 630 -3.24 8.39 -29.64
C LEU A 630 -2.25 8.90 -30.67
N LYS A 631 -2.44 8.54 -31.92
CA LYS A 631 -1.60 9.02 -33.00
C LYS A 631 -1.81 10.50 -33.26
N MET A 632 -3.00 11.01 -33.00
CA MET A 632 -3.29 12.43 -33.15
C MET A 632 -2.75 13.25 -32.00
N ILE A 633 -2.73 12.70 -30.79
CA ILE A 633 -2.15 13.41 -29.66
C ILE A 633 -0.67 13.65 -29.90
N PHE A 634 0.02 12.65 -30.43
CA PHE A 634 1.44 12.78 -30.74
C PHE A 634 1.67 13.81 -31.84
N ALA A 635 0.85 13.78 -32.89
CA ALA A 635 1.08 14.66 -34.03
C ALA A 635 0.79 16.11 -33.70
N THR A 636 -0.28 16.39 -32.96
CA THR A 636 -0.57 17.76 -32.58
C THR A 636 0.36 18.26 -31.50
N GLN A 637 1.03 17.36 -30.79
CA GLN A 637 2.02 17.74 -29.80
C GLN A 637 3.33 18.15 -30.44
N GLN A 638 3.66 17.56 -31.58
CA GLN A 638 4.86 17.95 -32.32
C GLN A 638 4.65 19.26 -33.07
N LEU A 639 3.45 19.51 -33.57
CA LEU A 639 3.13 20.81 -34.13
C LEU A 639 3.28 21.92 -33.10
N ALA A 640 2.79 21.68 -31.90
CA ALA A 640 2.83 22.71 -30.87
C ALA A 640 4.25 22.94 -30.38
N LEU A 641 5.04 21.88 -30.27
CA LEU A 641 6.41 22.03 -29.79
C LEU A 641 7.30 22.68 -30.83
N ASN A 642 7.11 22.36 -32.10
CA ASN A 642 7.92 22.98 -33.15
C ASN A 642 7.56 24.43 -33.37
N TYR A 643 6.34 24.83 -33.04
CA TYR A 643 5.98 26.24 -33.09
C TYR A 643 6.72 27.05 -32.04
N VAL A 644 6.82 26.51 -30.82
CA VAL A 644 7.45 27.23 -29.72
C VAL A 644 8.96 27.23 -29.85
N ARG A 645 9.50 26.37 -30.71
CA ARG A 645 10.94 26.46 -30.90
C ARG A 645 11.32 27.56 -31.86
N ASN A 646 10.35 28.35 -32.27
CA ASN A 646 10.59 29.60 -32.97
C ASN A 646 10.01 30.79 -32.25
N ALA A 647 9.06 30.58 -31.33
CA ALA A 647 8.35 31.65 -30.67
C ALA A 647 8.86 31.94 -29.27
N GLY A 648 9.27 30.92 -28.52
CA GLY A 648 9.77 31.13 -27.19
C GLY A 648 8.69 31.17 -26.14
N PHE A 649 9.04 30.82 -24.92
CA PHE A 649 8.13 30.95 -23.80
C PHE A 649 8.95 30.91 -22.53
N THR A 650 8.83 31.95 -21.70
CA THR A 650 9.64 32.06 -20.50
C THR A 650 8.75 32.60 -19.38
N VAL A 651 9.31 32.63 -18.18
CA VAL A 651 8.70 33.35 -17.06
C VAL A 651 9.82 34.01 -16.27
N SER A 652 9.59 35.24 -15.81
CA SER A 652 10.57 36.03 -15.10
C SER A 652 10.02 36.55 -13.78
N THR A 653 10.92 37.12 -12.98
CA THR A 653 10.51 37.75 -11.72
C THR A 653 9.67 38.99 -11.96
N ALA A 654 9.89 39.68 -13.07
CA ALA A 654 9.12 40.85 -13.43
C ALA A 654 7.71 40.52 -13.87
N ASP A 655 7.39 39.24 -14.12
CA ASP A 655 6.04 38.85 -14.46
C ASP A 655 5.10 38.85 -13.27
N MET A 656 5.62 38.86 -12.05
CA MET A 656 4.83 38.74 -10.84
C MET A 656 4.84 40.02 -10.03
N LEU A 657 5.16 41.14 -10.65
CA LEU A 657 5.41 42.40 -9.97
C LEU A 657 4.32 43.40 -10.30
N LEU A 658 3.64 43.90 -9.26
CA LEU A 658 2.60 44.90 -9.42
C LEU A 658 3.20 46.27 -9.69
N THR A 659 2.46 47.06 -10.44
CA THR A 659 2.86 48.43 -10.71
C THR A 659 2.71 49.26 -9.43
N PRO A 660 3.56 50.29 -9.24
CA PRO A 660 3.48 51.07 -7.99
C PRO A 660 2.10 51.64 -7.68
N GLU A 661 1.34 52.12 -8.67
CA GLU A 661 0.00 52.61 -8.37
C GLU A 661 -0.98 51.45 -8.14
N ALA A 662 -0.76 50.33 -8.83
CA ALA A 662 -1.60 49.15 -8.61
C ALA A 662 -1.33 48.48 -7.28
N HIS A 663 -0.16 48.72 -6.68
CA HIS A 663 0.12 48.24 -5.34
C HIS A 663 -0.72 48.97 -4.30
N GLN A 664 -0.90 50.28 -4.48
CA GLN A 664 -1.71 51.06 -3.54
C GLN A 664 -3.19 50.70 -3.62
N GLU A 665 -3.66 50.24 -4.76
CA GLU A 665 -5.04 49.78 -4.87
C GLU A 665 -5.28 48.49 -4.11
N VAL A 666 -4.29 47.60 -4.06
CA VAL A 666 -4.45 46.39 -3.28
C VAL A 666 -4.48 46.72 -1.79
N GLN A 667 -3.67 47.67 -1.36
CA GLN A 667 -3.67 48.06 0.04
C GLN A 667 -4.99 48.65 0.46
N GLU A 668 -5.61 49.47 -0.41
CA GLU A 668 -6.92 50.02 -0.11
C GLU A 668 -7.98 48.93 0.01
N ILE A 669 -7.93 47.91 -0.84
CA ILE A 669 -8.86 46.79 -0.71
C ILE A 669 -8.64 46.05 0.61
N ILE A 670 -7.38 45.91 1.02
CA ILE A 670 -7.07 45.19 2.25
C ILE A 670 -7.52 45.99 3.47
N ASN A 671 -7.34 47.30 3.45
CA ASN A 671 -7.78 48.12 4.58
C ASN A 671 -9.29 48.06 4.75
N GLU A 672 -10.04 47.97 3.66
CA GLU A 672 -11.49 47.85 3.76
C GLU A 672 -11.89 46.58 4.49
N LEU A 673 -11.17 45.48 4.26
CA LEU A 673 -11.43 44.25 4.97
C LEU A 673 -11.13 44.38 6.46
N LEU A 674 -10.03 45.05 6.80
CA LEU A 674 -9.67 45.21 8.20
C LEU A 674 -10.52 46.28 8.89
N LEU A 675 -11.17 47.14 8.10
CA LEU A 675 -12.12 48.09 8.67
C LEU A 675 -13.44 47.41 8.98
N GLU A 676 -13.90 46.53 8.09
CA GLU A 676 -15.11 45.77 8.35
C GLU A 676 -14.91 44.72 9.43
N SER A 677 -13.69 44.17 9.52
CA SER A 677 -13.38 43.25 10.61
C SER A 677 -13.40 43.94 11.96
N GLU A 678 -12.96 45.19 12.02
CA GLU A 678 -12.92 45.91 13.28
C GLU A 678 -14.27 46.47 13.67
N GLU A 679 -15.22 46.49 12.74
CA GLU A 679 -16.59 46.84 13.12
C GLU A 679 -17.27 45.70 13.86
N ILE A 680 -17.01 44.47 13.44
CA ILE A 680 -17.56 43.32 14.17
C ILE A 680 -16.96 43.26 15.57
N ASN A 681 -15.70 43.64 15.71
CA ASN A 681 -15.10 43.70 17.05
C ASN A 681 -15.76 44.79 17.89
N ASN A 682 -16.05 45.94 17.29
CA ASN A 682 -16.65 47.04 18.03
C ASN A 682 -18.04 46.68 18.52
N ARG A 683 -18.81 45.97 17.72
CA ARG A 683 -20.11 45.47 18.16
C ARG A 683 -19.97 44.52 19.33
N LEU A 684 -18.96 43.65 19.31
CA LEU A 684 -18.73 42.74 20.42
C LEU A 684 -18.42 43.49 21.72
N LEU A 685 -17.65 44.57 21.62
CA LEU A 685 -17.30 45.33 22.81
C LEU A 685 -18.52 45.96 23.45
N HIS A 686 -19.61 46.10 22.70
CA HIS A 686 -20.86 46.66 23.20
C HIS A 686 -21.92 45.60 23.44
N GLY A 687 -21.57 44.31 23.30
CA GLY A 687 -22.55 43.26 23.47
C GLY A 687 -23.69 43.30 22.47
N ASP A 688 -23.41 43.64 21.22
CA ASP A 688 -24.43 43.75 20.19
C ASP A 688 -24.48 42.53 19.28
N ILE A 689 -23.69 41.51 19.56
CA ILE A 689 -23.67 40.30 18.74
C ILE A 689 -24.74 39.37 19.29
N MET A 690 -25.81 39.18 18.53
CA MET A 690 -26.88 38.28 18.92
C MET A 690 -26.96 37.14 17.94
N PRO A 691 -26.58 35.93 18.34
CA PRO A 691 -26.57 34.80 17.40
C PRO A 691 -27.98 34.36 17.07
N PRO A 692 -28.15 33.69 15.92
CA PRO A 692 -29.44 33.04 15.64
C PRO A 692 -29.66 31.82 16.51
N ILE A 693 -30.80 31.15 16.34
CA ILE A 693 -31.15 30.00 17.17
C ILE A 693 -30.30 28.82 16.70
N GLY A 694 -29.49 28.27 17.61
CA GLY A 694 -28.66 27.14 17.27
C GLY A 694 -27.17 27.46 17.32
N LEU A 695 -26.84 28.72 17.51
CA LEU A 695 -25.45 29.17 17.52
C LEU A 695 -25.14 29.94 18.80
N THR A 696 -23.92 29.77 19.28
CA THR A 696 -23.44 30.53 20.43
C THR A 696 -22.83 31.84 19.96
N THR A 697 -22.52 32.71 20.92
CA THR A 697 -21.93 33.99 20.57
C THR A 697 -20.50 33.81 20.05
N HIS A 698 -19.79 32.79 20.53
CA HIS A 698 -18.46 32.53 20.00
C HIS A 698 -18.53 32.06 18.55
N ASP A 699 -19.34 31.03 18.28
CA ASP A 699 -19.40 30.49 16.93
C ASP A 699 -20.09 31.42 15.94
N PHE A 700 -20.95 32.32 16.41
CA PHE A 700 -21.51 33.31 15.51
C PHE A 700 -20.50 34.41 15.21
N TYR A 701 -19.68 34.78 16.18
CA TYR A 701 -18.67 35.81 15.97
C TYR A 701 -17.60 35.34 15.00
N GLU A 702 -17.17 34.08 15.12
CA GLU A 702 -16.15 33.56 14.22
C GLU A 702 -16.68 33.39 12.80
N LYS A 703 -17.96 33.08 12.64
CA LYS A 703 -18.55 33.04 11.31
C LYS A 703 -18.65 34.44 10.71
N LEU A 704 -18.98 35.44 11.53
CA LEU A 704 -19.05 36.80 11.02
C LEU A 704 -17.69 37.28 10.52
N GLN A 705 -16.63 37.00 11.28
CA GLN A 705 -15.28 37.43 10.89
C GLN A 705 -14.84 36.74 9.62
N LEU A 706 -15.11 35.44 9.48
CA LEU A 706 -14.63 34.69 8.33
C LEU A 706 -15.16 35.27 7.02
N ASN A 707 -16.43 35.66 6.99
CA ASN A 707 -16.99 36.25 5.79
C ASN A 707 -16.55 37.69 5.59
N ALA A 708 -16.12 38.37 6.65
CA ALA A 708 -15.69 39.75 6.53
C ALA A 708 -14.26 39.88 6.04
N LEU A 709 -13.51 38.80 6.02
CA LEU A 709 -12.11 38.80 5.63
C LEU A 709 -11.89 37.98 4.38
N LYS A 710 -12.83 38.04 3.45
CA LYS A 710 -12.71 37.40 2.15
C LYS A 710 -12.41 38.45 1.10
N PHE A 711 -11.50 38.12 0.19
CA PHE A 711 -11.13 39.04 -0.87
C PHE A 711 -12.31 39.26 -1.79
N PRO A 712 -12.59 40.49 -2.21
CA PRO A 712 -13.62 40.71 -3.22
C PRO A 712 -13.15 40.22 -4.58
N ASP A 713 -14.09 40.13 -5.51
CA ASP A 713 -13.73 39.72 -6.87
C ASP A 713 -12.94 40.79 -7.60
N ARG A 714 -12.91 42.02 -7.10
CA ARG A 714 -12.21 43.11 -7.76
C ARG A 714 -10.75 43.18 -7.39
N ILE A 715 -10.24 42.26 -6.57
CA ILE A 715 -8.81 42.20 -6.31
C ILE A 715 -8.06 41.89 -7.59
N LEU A 716 -8.74 41.34 -8.60
CA LEU A 716 -8.13 41.08 -9.89
C LEU A 716 -8.05 42.31 -10.78
N LYS A 717 -8.71 43.41 -10.43
CA LYS A 717 -8.51 44.62 -11.21
C LYS A 717 -7.09 45.16 -11.12
N PRO A 718 -6.49 45.33 -9.95
CA PRO A 718 -5.09 45.78 -9.92
C PRO A 718 -4.11 44.76 -10.47
N ILE A 719 -4.44 43.46 -10.42
CA ILE A 719 -3.57 42.45 -10.99
C ILE A 719 -3.56 42.55 -12.51
N MET A 720 -4.74 42.66 -13.12
CA MET A 720 -4.84 42.66 -14.58
C MET A 720 -4.44 43.99 -15.18
N ASN A 721 -4.32 45.04 -14.38
CA ASN A 721 -3.82 46.32 -14.87
C ASN A 721 -2.30 46.36 -14.89
N SER A 722 -1.65 45.39 -14.25
CA SER A 722 -0.20 45.37 -14.16
C SER A 722 0.44 44.46 -15.20
N ILE A 723 -0.33 43.57 -15.81
CA ILE A 723 0.22 42.58 -16.72
C ILE A 723 -0.25 42.88 -18.14
N ASN A 724 0.49 42.34 -19.10
CA ASN A 724 0.07 42.33 -20.49
C ASN A 724 -0.32 40.90 -20.84
N PRO A 725 -1.61 40.60 -21.03
CA PRO A 725 -2.01 39.21 -21.28
C PRO A 725 -1.41 38.62 -22.54
N GLU A 726 -0.92 39.45 -23.45
CA GLU A 726 -0.30 38.96 -24.67
C GLU A 726 1.10 38.41 -24.47
N THR A 727 1.86 38.93 -23.50
CA THR A 727 3.24 38.52 -23.31
C THR A 727 3.54 37.93 -21.93
N ASN A 728 2.62 37.98 -20.99
CA ASN A 728 2.88 37.50 -19.64
C ASN A 728 2.81 35.97 -19.61
N GLY A 729 3.93 35.33 -19.30
CA GLY A 729 3.98 33.89 -19.27
C GLY A 729 3.29 33.25 -18.09
N LEU A 730 3.38 33.87 -16.92
CA LEU A 730 2.66 33.35 -15.76
C LEU A 730 1.16 33.43 -15.97
N PHE A 731 0.68 34.51 -16.60
CA PHE A 731 -0.75 34.64 -16.86
C PHE A 731 -1.21 33.63 -17.91
N GLN A 732 -0.41 33.39 -18.94
CA GLN A 732 -0.82 32.51 -20.02
C GLN A 732 -0.86 31.04 -19.60
N MET A 733 0.04 30.60 -18.72
CA MET A 733 -0.08 29.25 -18.20
C MET A 733 -1.36 29.06 -17.40
N VAL A 734 -1.73 30.05 -16.59
CA VAL A 734 -2.96 29.95 -15.81
C VAL A 734 -4.18 30.06 -16.70
N ALA A 735 -4.19 31.03 -17.61
CA ALA A 735 -5.39 31.35 -18.37
C ALA A 735 -5.75 30.27 -19.39
N THR A 736 -4.77 29.52 -19.89
CA THR A 736 -5.05 28.45 -20.84
C THR A 736 -5.30 27.11 -20.19
N GLY A 737 -5.16 27.00 -18.88
CA GLY A 737 -5.30 25.73 -18.21
C GLY A 737 -4.06 24.87 -18.24
N ALA A 738 -2.90 25.42 -18.56
CA ALA A 738 -1.69 24.62 -18.60
C ALA A 738 -1.19 24.30 -17.20
N LYS A 739 -1.24 25.28 -16.29
CA LYS A 739 -0.77 25.09 -14.93
C LYS A 739 -1.19 26.28 -14.09
N GLY A 740 -1.65 26.01 -12.88
CA GLY A 740 -1.96 27.07 -11.93
C GLY A 740 -3.42 27.45 -11.94
N SER A 741 -3.77 28.30 -10.97
CA SER A 741 -5.13 28.78 -10.80
C SER A 741 -5.10 30.25 -10.44
N ASN A 742 -6.26 30.87 -10.42
CA ASN A 742 -6.35 32.28 -10.03
C ASN A 742 -5.97 32.52 -8.57
N PRO A 743 -6.42 31.71 -7.60
CA PRO A 743 -5.89 31.89 -6.24
C PRO A 743 -4.38 31.75 -6.13
N ASN A 744 -3.75 30.95 -6.98
CA ASN A 744 -2.29 30.93 -7.01
C ASN A 744 -1.73 32.29 -7.39
N MET A 745 -2.32 32.93 -8.39
CA MET A 745 -1.82 34.20 -8.90
C MET A 745 -2.10 35.34 -7.92
N ILE A 746 -3.23 35.29 -7.22
CA ILE A 746 -3.55 36.31 -6.23
C ILE A 746 -2.57 36.24 -5.06
N HIS A 747 -2.23 35.04 -4.63
CA HIS A 747 -1.31 34.87 -3.52
C HIS A 747 0.08 35.41 -3.84
N ILE A 748 0.55 35.15 -5.06
CA ILE A 748 1.88 35.61 -5.47
C ILE A 748 1.92 37.13 -5.56
N MET A 749 0.90 37.75 -6.14
CA MET A 749 0.97 39.13 -6.58
C MET A 749 0.31 40.12 -5.64
N ALA A 750 -0.79 39.77 -4.98
CA ALA A 750 -1.59 40.72 -4.23
C ALA A 750 -1.62 40.43 -2.73
N GLY A 751 -2.07 39.25 -2.31
CA GLY A 751 -2.11 38.93 -0.90
C GLY A 751 -2.63 37.52 -0.69
N ILE A 752 -2.28 36.98 0.47
CA ILE A 752 -2.66 35.61 0.81
C ILE A 752 -4.00 35.55 1.51
N GLY A 753 -4.28 36.50 2.41
CA GLY A 753 -5.58 36.55 3.06
C GLY A 753 -5.65 35.70 4.32
N GLN A 754 -6.82 35.11 4.55
CA GLN A 754 -7.09 34.40 5.78
C GLN A 754 -6.76 32.92 5.65
N ILE A 755 -6.05 32.40 6.65
CA ILE A 755 -5.72 30.97 6.71
C ILE A 755 -6.89 30.23 7.34
N GLU A 756 -7.41 29.25 6.63
CA GLU A 756 -8.51 28.42 7.11
C GLU A 756 -8.02 27.00 7.30
N ILE A 757 -8.15 26.48 8.52
CA ILE A 757 -7.89 25.08 8.82
C ILE A 757 -9.19 24.48 9.31
N ASN A 758 -9.65 23.43 8.64
CA ASN A 758 -10.97 22.85 8.87
C ASN A 758 -12.06 23.91 8.78
N THR A 759 -11.97 24.71 7.72
CA THR A 759 -12.82 25.87 7.43
C THR A 759 -13.04 26.72 8.69
N GLN A 760 -12.02 26.79 9.52
CA GLN A 760 -12.03 27.58 10.74
C GLN A 760 -10.74 28.37 10.84
N ARG A 761 -10.78 29.49 11.53
CA ARG A 761 -9.59 30.30 11.74
C ARG A 761 -8.62 29.57 12.65
N ILE A 762 -7.53 30.24 13.01
CA ILE A 762 -6.51 29.65 13.88
C ILE A 762 -7.06 29.66 15.30
N GLN A 763 -7.23 28.48 15.87
CA GLN A 763 -7.77 28.34 17.22
C GLN A 763 -6.67 28.63 18.25
N PRO A 764 -6.98 29.35 19.32
CA PRO A 764 -5.93 29.69 20.28
C PRO A 764 -5.52 28.49 21.12
N GLN A 765 -4.36 27.92 20.81
CA GLN A 765 -3.80 26.78 21.51
C GLN A 765 -2.48 27.11 22.21
N PHE A 766 -2.12 28.39 22.31
CA PHE A 766 -0.98 28.81 23.10
C PHE A 766 -1.48 29.46 24.39
N SER A 767 -1.77 28.63 25.38
CA SER A 767 -2.03 29.06 26.75
C SER A 767 -3.27 29.96 26.86
N PHE A 768 -4.43 29.36 26.61
CA PHE A 768 -5.72 29.91 27.04
C PHE A 768 -5.98 31.30 26.44
N GLY A 769 -6.22 31.32 25.15
CA GLY A 769 -6.67 32.53 24.50
C GLY A 769 -5.61 33.28 23.74
N ARG A 770 -4.41 32.74 23.62
CA ARG A 770 -3.39 33.24 22.71
C ARG A 770 -3.18 32.22 21.60
N THR A 771 -2.94 32.70 20.40
CA THR A 771 -2.54 31.82 19.31
C THR A 771 -1.04 31.62 19.24
N LEU A 772 -0.26 32.67 19.47
CA LEU A 772 1.19 32.60 19.44
C LEU A 772 1.72 33.47 20.56
N VAL A 773 3.02 33.34 20.83
CA VAL A 773 3.68 34.17 21.83
C VAL A 773 3.78 35.62 21.41
N TYR A 774 3.53 35.93 20.15
CA TYR A 774 3.62 37.30 19.66
C TYR A 774 2.35 38.09 19.86
N TYR A 775 1.27 37.44 20.20
CA TYR A 775 0.02 38.15 20.35
C TYR A 775 -0.47 38.08 21.78
N PRO A 776 -1.17 39.11 22.26
CA PRO A 776 -1.70 39.08 23.62
C PRO A 776 -2.87 38.12 23.75
N ARG A 777 -3.23 37.86 25.00
CA ARG A 777 -4.40 37.04 25.29
C ARG A 777 -5.68 37.80 24.98
N PHE A 778 -6.66 37.08 24.43
CA PHE A 778 -7.94 37.67 24.02
C PHE A 778 -7.73 38.83 23.04
N ALA A 779 -6.82 38.63 22.09
CA ALA A 779 -6.55 39.65 21.09
C ALA A 779 -7.72 39.72 20.12
N LEU A 780 -7.98 40.93 19.61
CA LEU A 780 -9.10 41.15 18.71
C LEU A 780 -8.70 41.32 17.26
N GLU A 781 -7.46 41.68 16.98
CA GLU A 781 -7.03 41.94 15.61
C GLU A 781 -7.12 40.68 14.76
N ALA A 782 -7.41 40.88 13.47
CA ALA A 782 -7.54 39.74 12.56
C ALA A 782 -6.20 39.08 12.28
N GLN A 783 -5.11 39.83 12.41
CA GLN A 783 -3.78 39.28 12.18
C GLN A 783 -3.46 38.18 13.18
N ALA A 784 -4.08 38.22 14.37
CA ALA A 784 -3.77 37.27 15.43
C ALA A 784 -4.34 35.89 15.19
N TYR A 785 -5.23 35.71 14.22
CA TYR A 785 -5.89 34.45 13.99
C TYR A 785 -5.65 33.90 12.59
N GLY A 786 -4.70 34.45 11.86
CA GLY A 786 -4.29 33.90 10.60
C GLY A 786 -4.58 34.71 9.36
N PHE A 787 -4.76 36.01 9.47
CA PHE A 787 -4.94 36.86 8.31
C PHE A 787 -3.59 37.40 7.87
N ILE A 788 -3.22 37.13 6.62
CA ILE A 788 -1.93 37.48 6.08
C ILE A 788 -2.11 38.60 5.08
N CYS A 789 -1.61 39.78 5.40
CA CYS A 789 -1.79 40.96 4.55
C CYS A 789 -0.75 41.06 3.45
N ASN A 790 0.25 40.19 3.44
CA ASN A 790 1.33 40.22 2.47
C ASN A 790 1.08 39.24 1.35
N SER A 791 1.72 39.50 0.20
CA SER A 791 1.83 38.53 -0.86
C SER A 791 3.13 37.75 -0.72
N TYR A 792 3.27 36.71 -1.54
CA TYR A 792 4.54 36.00 -1.58
C TYR A 792 5.64 36.86 -2.16
N ILE A 793 5.34 37.67 -3.18
CA ILE A 793 6.38 38.46 -3.81
C ILE A 793 6.88 39.57 -2.90
N ALA A 794 6.08 39.95 -1.90
CA ALA A 794 6.51 40.94 -0.92
C ALA A 794 7.32 40.35 0.21
N GLY A 795 7.01 39.12 0.62
CA GLY A 795 7.71 38.49 1.72
C GLY A 795 6.90 38.54 3.00
N LEU A 796 6.66 37.39 3.61
CA LEU A 796 5.88 37.32 4.83
C LEU A 796 6.72 37.71 6.04
N THR A 797 6.04 38.10 7.11
CA THR A 797 6.68 38.32 8.40
C THR A 797 6.69 37.01 9.16
N SER A 798 7.37 36.99 10.29
CA SER A 798 7.51 35.74 11.05
C SER A 798 6.19 35.16 11.53
N PRO A 799 5.27 35.93 12.13
CA PRO A 799 3.97 35.34 12.46
C PRO A 799 3.19 34.86 11.26
N GLU A 800 3.24 35.60 10.15
CA GLU A 800 2.57 35.19 8.92
C GLU A 800 3.15 33.89 8.39
N PHE A 801 4.47 33.75 8.45
CA PHE A 801 5.13 32.53 7.99
C PHE A 801 4.72 31.31 8.82
N ILE A 802 4.59 31.49 10.13
CA ILE A 802 4.21 30.39 11.02
C ILE A 802 2.79 29.93 10.73
N PHE A 803 1.87 30.87 10.52
CA PHE A 803 0.50 30.51 10.18
C PHE A 803 0.44 29.75 8.87
N GLY A 804 1.21 30.18 7.88
CA GLY A 804 1.27 29.45 6.62
C GLY A 804 1.93 28.09 6.74
N GLU A 805 2.87 27.95 7.67
CA GLU A 805 3.51 26.65 7.89
C GLU A 805 2.55 25.68 8.54
N MET A 806 1.69 26.16 9.45
CA MET A 806 0.67 25.30 10.03
C MET A 806 -0.30 24.81 8.96
N ASN A 807 -0.69 25.69 8.05
CA ASN A 807 -1.56 25.29 6.96
C ASN A 807 -0.90 24.24 6.09
N GLY A 808 0.37 24.44 5.76
CA GLY A 808 1.06 23.50 4.88
C GLY A 808 1.30 22.14 5.52
N ARG A 809 1.61 22.12 6.82
CA ARG A 809 1.83 20.85 7.51
C ARG A 809 0.57 20.01 7.54
N PHE A 810 -0.60 20.64 7.69
CA PHE A 810 -1.86 19.92 7.66
C PHE A 810 -2.02 19.15 6.35
N ASP A 811 -1.71 19.79 5.23
CA ASP A 811 -1.93 19.14 3.93
C ASP A 811 -0.98 17.96 3.73
N LEU A 812 0.28 18.09 4.15
CA LEU A 812 1.22 16.98 4.03
C LEU A 812 0.78 15.79 4.88
N ILE A 813 0.12 16.05 6.00
CA ILE A 813 -0.34 14.97 6.87
C ILE A 813 -1.54 14.27 6.26
N ASN A 814 -2.49 15.02 5.70
CA ASN A 814 -3.66 14.40 5.08
C ASN A 814 -3.25 13.54 3.89
N LYS A 815 -2.24 13.97 3.15
CA LYS A 815 -1.74 13.18 2.04
C LYS A 815 -1.24 11.81 2.48
N ALA A 816 -0.52 11.74 3.61
CA ALA A 816 0.02 10.46 4.06
C ALA A 816 -1.08 9.49 4.45
N LEU A 817 -2.20 9.98 4.96
CA LEU A 817 -3.30 9.12 5.36
C LEU A 817 -3.99 8.47 4.18
N SER A 818 -3.78 8.99 2.96
CA SER A 818 -4.37 8.39 1.77
C SER A 818 -3.86 6.98 1.56
N THR A 819 -2.57 6.75 1.83
CA THR A 819 -2.01 5.42 1.65
C THR A 819 -2.64 4.41 2.60
N SER A 820 -2.83 4.80 3.86
CA SER A 820 -3.23 3.84 4.88
C SER A 820 -4.74 3.68 4.96
N SER A 821 -5.48 4.78 4.83
CA SER A 821 -6.91 4.73 5.07
C SER A 821 -7.64 3.97 3.96
N THR A 822 -7.31 4.27 2.70
CA THR A 822 -8.05 3.66 1.59
C THR A 822 -7.46 2.33 1.15
N GLY A 823 -6.20 2.04 1.51
CA GLY A 823 -5.62 0.76 1.14
C GLY A 823 -6.26 -0.40 1.87
N TYR A 824 -6.61 -0.20 3.14
CA TYR A 824 -7.26 -1.25 3.91
C TYR A 824 -8.69 -1.46 3.46
N ALA A 825 -9.39 -0.37 3.14
CA ALA A 825 -10.75 -0.48 2.62
C ALA A 825 -10.76 -1.04 1.20
N ASN A 826 -9.66 -0.88 0.47
CA ASN A 826 -9.57 -1.43 -0.89
C ASN A 826 -9.50 -2.95 -0.88
N ARG A 827 -8.81 -3.53 0.10
CA ARG A 827 -8.65 -4.97 0.10
C ARG A 827 -9.91 -5.69 0.50
N LYS A 828 -10.72 -5.09 1.37
CA LYS A 828 -11.98 -5.68 1.77
C LYS A 828 -13.06 -5.52 0.70
N ALA A 829 -13.01 -4.43 -0.06
CA ALA A 829 -13.87 -4.31 -1.22
C ALA A 829 -13.52 -5.35 -2.27
N ILE A 830 -12.23 -5.60 -2.48
CA ILE A 830 -11.82 -6.51 -3.54
C ILE A 830 -12.22 -7.94 -3.21
N PHE A 831 -12.08 -8.35 -1.95
CA PHE A 831 -12.43 -9.72 -1.60
C PHE A 831 -13.92 -9.96 -1.54
N GLY A 832 -14.72 -8.93 -1.23
CA GLY A 832 -16.15 -9.08 -1.23
C GLY A 832 -16.78 -9.11 -2.60
N LEU A 833 -16.09 -8.58 -3.60
CA LEU A 833 -16.66 -8.38 -4.92
C LEU A 833 -16.01 -9.21 -6.02
N GLN A 834 -14.89 -9.86 -5.75
CA GLN A 834 -14.09 -10.47 -6.81
C GLN A 834 -14.73 -11.69 -7.44
N SER A 835 -15.71 -12.31 -6.80
CA SER A 835 -16.32 -13.49 -7.38
C SER A 835 -17.43 -13.18 -8.37
N CYS A 836 -17.76 -11.91 -8.58
CA CYS A 836 -18.79 -11.54 -9.54
C CYS A 836 -18.20 -11.50 -10.94
N ILE A 837 -18.79 -12.28 -11.84
CA ILE A 837 -18.26 -12.47 -13.19
C ILE A 837 -19.43 -12.53 -14.16
N VAL A 838 -19.24 -11.96 -15.35
CA VAL A 838 -20.28 -11.90 -16.36
C VAL A 838 -20.48 -13.26 -17.00
N ASP A 839 -21.74 -13.69 -17.12
CA ASP A 839 -22.14 -14.98 -17.66
C ASP A 839 -22.20 -14.96 -19.18
N TYR A 840 -22.77 -16.02 -19.75
CA TYR A 840 -23.13 -16.10 -21.16
C TYR A 840 -24.46 -15.46 -21.47
N TYR A 841 -25.19 -15.01 -20.45
CA TYR A 841 -26.42 -14.28 -20.64
C TYR A 841 -26.24 -12.80 -20.38
N ARG A 842 -25.02 -12.36 -20.07
CA ARG A 842 -24.68 -11.04 -19.57
C ARG A 842 -25.18 -10.78 -18.16
N ARG A 843 -25.60 -11.81 -17.44
CA ARG A 843 -25.91 -11.67 -16.03
C ARG A 843 -24.62 -11.66 -15.23
N VAL A 844 -24.72 -11.26 -13.98
CA VAL A 844 -23.62 -11.32 -13.03
C VAL A 844 -24.01 -12.30 -11.93
N SER A 845 -23.14 -13.27 -11.67
CA SER A 845 -23.45 -14.30 -10.68
C SER A 845 -22.22 -14.58 -9.84
N ILE A 846 -22.44 -15.20 -8.70
CA ILE A 846 -21.35 -15.78 -7.93
C ILE A 846 -21.47 -17.30 -7.98
N ASP A 847 -20.85 -17.86 -9.00
CA ASP A 847 -20.74 -19.27 -9.36
C ASP A 847 -22.01 -19.90 -9.92
N THR A 848 -23.17 -19.53 -9.41
CA THR A 848 -24.42 -19.84 -10.09
C THR A 848 -25.45 -18.82 -9.68
N ARG A 849 -25.22 -18.21 -8.53
CA ARG A 849 -26.20 -17.42 -7.83
C ARG A 849 -26.21 -16.00 -8.39
N LEU A 850 -27.35 -15.58 -8.91
CA LEU A 850 -27.46 -14.29 -9.58
C LEU A 850 -27.18 -13.15 -8.62
N VAL A 851 -26.35 -12.21 -9.07
CA VAL A 851 -26.19 -10.93 -8.39
C VAL A 851 -26.88 -9.82 -9.14
N GLN A 852 -26.80 -9.82 -10.47
CA GLN A 852 -27.53 -8.92 -11.34
C GLN A 852 -28.15 -9.72 -12.46
N GLN A 853 -29.35 -9.33 -12.88
CA GLN A 853 -29.98 -9.99 -14.02
C GLN A 853 -29.36 -9.55 -15.34
N LEU A 854 -28.82 -8.35 -15.40
CA LEU A 854 -28.08 -7.84 -16.55
C LEU A 854 -27.05 -6.86 -16.03
N TYR A 855 -25.82 -7.00 -16.46
CA TYR A 855 -24.75 -6.16 -15.94
C TYR A 855 -25.06 -4.69 -16.19
N GLY A 856 -25.03 -3.90 -15.12
CA GLY A 856 -25.31 -2.48 -15.21
C GLY A 856 -26.72 -2.15 -15.61
N GLU A 857 -27.61 -3.14 -15.65
CA GLU A 857 -29.00 -3.04 -16.09
C GLU A 857 -29.13 -2.70 -17.56
N ASP A 858 -28.01 -2.45 -18.24
CA ASP A 858 -28.04 -2.24 -19.67
C ASP A 858 -27.04 -3.11 -20.43
N GLY A 859 -26.16 -3.83 -19.75
CA GLY A 859 -25.28 -4.77 -20.40
C GLY A 859 -24.14 -4.17 -21.20
N LEU A 860 -23.64 -3.02 -20.81
CA LEU A 860 -22.66 -2.27 -21.59
C LEU A 860 -21.34 -2.16 -20.87
N ASP A 861 -20.28 -1.99 -21.67
CA ASP A 861 -18.96 -1.66 -21.18
C ASP A 861 -18.86 -0.16 -20.92
N ALA A 862 -18.28 0.22 -19.77
CA ALA A 862 -18.18 1.62 -19.40
C ALA A 862 -17.17 2.40 -20.25
N ARG A 863 -16.35 1.72 -21.03
CA ARG A 863 -15.46 2.40 -21.96
C ARG A 863 -16.14 2.73 -23.28
N GLN A 864 -17.42 2.39 -23.42
CA GLN A 864 -18.11 2.50 -24.70
C GLN A 864 -19.37 3.34 -24.60
N LEU A 865 -19.38 4.34 -23.73
CA LEU A 865 -20.53 5.20 -23.53
C LEU A 865 -20.23 6.62 -24.00
N GLU A 866 -21.26 7.26 -24.57
CA GLU A 866 -21.19 8.67 -24.93
C GLU A 866 -22.36 9.40 -24.30
N THR A 867 -22.12 10.62 -23.85
CA THR A 867 -23.15 11.48 -23.26
C THR A 867 -23.90 12.21 -24.37
N VAL A 868 -25.22 12.07 -24.36
CA VAL A 868 -26.10 12.58 -25.42
C VAL A 868 -27.30 13.24 -24.76
N ARG A 869 -27.91 14.19 -25.47
CA ARG A 869 -29.05 14.94 -24.95
C ARG A 869 -30.34 14.46 -25.59
N PHE A 870 -31.37 14.29 -24.76
CA PHE A 870 -32.71 13.93 -25.22
C PHE A 870 -33.54 15.21 -25.27
N GLU A 871 -33.85 15.66 -26.48
CA GLU A 871 -34.34 17.02 -26.67
C GLU A 871 -35.86 17.13 -26.61
N THR A 872 -36.55 16.07 -26.21
CA THR A 872 -38.00 16.10 -26.05
C THR A 872 -38.45 16.31 -24.61
N ILE A 873 -37.55 16.10 -23.64
CA ILE A 873 -37.96 16.00 -22.24
C ILE A 873 -38.55 17.32 -21.76
N MET A 874 -37.89 18.43 -22.07
CA MET A 874 -38.27 19.72 -21.48
C MET A 874 -39.33 20.47 -22.26
N LEU A 875 -39.70 20.00 -23.44
CA LEU A 875 -40.66 20.71 -24.27
C LEU A 875 -42.06 20.62 -23.67
N SER A 876 -42.90 21.58 -24.05
CA SER A 876 -44.33 21.53 -23.76
C SER A 876 -45.06 20.88 -24.93
N ASP A 877 -46.37 20.63 -24.78
CA ASP A 877 -47.07 19.90 -25.82
C ASP A 877 -47.31 20.75 -27.06
N GLN A 878 -47.16 22.07 -26.94
CA GLN A 878 -47.26 22.90 -28.14
C GLN A 878 -45.91 23.01 -28.84
N GLU A 879 -44.82 23.09 -28.09
CA GLU A 879 -43.50 23.01 -28.70
C GLU A 879 -43.27 21.62 -29.31
N LEU A 880 -43.68 20.58 -28.60
CA LEU A 880 -43.54 19.23 -29.13
C LEU A 880 -44.44 19.03 -30.34
N GLU A 881 -45.63 19.64 -30.33
CA GLU A 881 -46.53 19.53 -31.46
C GLU A 881 -45.90 20.10 -32.71
N ASP A 882 -45.18 21.22 -32.56
CA ASP A 882 -44.60 21.91 -33.70
C ASP A 882 -43.35 21.19 -34.21
N LYS A 883 -42.45 20.82 -33.31
CA LYS A 883 -41.13 20.35 -33.69
C LYS A 883 -41.15 18.96 -34.29
N PHE A 884 -41.94 18.05 -33.73
CA PHE A 884 -41.79 16.63 -34.05
C PHE A 884 -42.97 16.01 -34.76
N LYS A 885 -44.06 16.74 -34.95
CA LYS A 885 -45.21 16.17 -35.63
C LYS A 885 -45.22 16.59 -37.09
N TYR A 886 -45.32 15.61 -37.97
CA TYR A 886 -45.18 15.81 -39.40
C TYR A 886 -46.56 16.02 -40.01
N THR A 887 -46.68 17.05 -40.85
CA THR A 887 -47.94 17.38 -41.51
C THR A 887 -47.84 17.27 -43.03
N GLY A 888 -46.73 16.75 -43.55
CA GLY A 888 -46.57 16.68 -45.00
C GLY A 888 -47.54 15.71 -45.65
N ILE A 889 -47.72 14.54 -45.07
CA ILE A 889 -48.61 13.51 -45.61
C ILE A 889 -49.68 13.20 -44.57
N GLN A 890 -50.94 13.20 -45.03
CA GLN A 890 -52.08 12.95 -44.15
C GLN A 890 -52.40 11.46 -44.15
N SER A 891 -51.80 10.75 -43.20
CA SER A 891 -51.97 9.32 -43.02
C SER A 891 -51.98 9.01 -41.54
N PRO A 892 -52.68 7.95 -41.12
CA PRO A 892 -52.68 7.60 -39.70
C PRO A 892 -51.33 7.12 -39.17
N LEU A 893 -50.41 6.70 -40.03
CA LEU A 893 -49.11 6.24 -39.54
C LEU A 893 -48.31 7.38 -38.93
N PHE A 894 -48.49 8.59 -39.41
CA PHE A 894 -47.78 9.73 -38.82
C PHE A 894 -48.46 10.27 -37.58
N GLU A 895 -49.67 9.80 -37.26
CA GLU A 895 -50.25 10.10 -35.96
C GLU A 895 -49.74 9.13 -34.91
N GLU A 896 -49.56 7.87 -35.30
CA GLU A 896 -48.99 6.88 -34.40
C GLU A 896 -47.54 7.21 -34.05
N GLU A 897 -46.78 7.72 -35.01
CA GLU A 897 -45.38 8.06 -34.75
C GLU A 897 -45.28 9.16 -33.70
N PHE A 898 -46.13 10.17 -33.79
CA PHE A 898 -46.06 11.26 -32.83
C PHE A 898 -46.55 10.84 -31.44
N SER A 899 -47.50 9.91 -31.38
CA SER A 899 -48.00 9.46 -30.08
C SER A 899 -46.92 8.76 -29.28
N ARG A 900 -46.06 7.99 -29.94
CA ARG A 900 -44.94 7.36 -29.23
C ARG A 900 -43.95 8.39 -28.71
N LEU A 901 -43.70 9.46 -29.46
CA LEU A 901 -42.81 10.51 -28.98
C LEU A 901 -43.36 11.15 -27.71
N LYS A 902 -44.68 11.26 -27.61
CA LYS A 902 -45.29 11.74 -26.38
C LYS A 902 -45.20 10.71 -25.26
N LYS A 903 -45.47 9.45 -25.58
CA LYS A 903 -45.45 8.41 -24.55
C LYS A 903 -44.06 8.21 -23.99
N ASP A 904 -43.04 8.20 -24.85
CA ASP A 904 -41.67 8.10 -24.36
C ASP A 904 -41.31 9.27 -23.49
N ARG A 905 -41.76 10.47 -23.86
CA ARG A 905 -41.46 11.66 -23.07
C ARG A 905 -42.08 11.57 -21.68
N ASP A 906 -43.32 11.11 -21.61
CA ASP A 906 -44.02 11.06 -20.33
C ASP A 906 -43.46 9.95 -19.43
N LYS A 907 -43.14 8.80 -20.01
CA LYS A 907 -42.52 7.73 -19.23
C LYS A 907 -41.18 8.16 -18.66
N TYR A 908 -40.36 8.85 -19.46
CA TYR A 908 -39.11 9.42 -18.96
C TYR A 908 -39.36 10.39 -17.82
N ARG A 909 -40.34 11.29 -17.98
CA ARG A 909 -40.64 12.26 -16.94
C ARG A 909 -41.05 11.58 -15.65
N GLN A 910 -41.95 10.61 -15.76
CA GLN A 910 -42.50 9.93 -14.60
C GLN A 910 -41.43 9.19 -13.82
N ILE A 911 -40.52 8.51 -14.52
CA ILE A 911 -39.50 7.71 -13.86
C ILE A 911 -38.51 8.60 -13.12
N PHE A 912 -38.02 9.64 -13.77
CA PHE A 912 -36.95 10.45 -13.19
C PHE A 912 -37.46 11.55 -12.28
N LEU A 913 -38.76 11.84 -12.33
CA LEU A 913 -39.39 12.65 -11.28
C LEU A 913 -39.49 11.87 -9.99
N ASN A 914 -39.79 10.57 -10.08
CA ASN A 914 -39.82 9.70 -8.92
C ASN A 914 -38.44 9.59 -8.27
N VAL A 915 -37.39 9.48 -9.08
CA VAL A 915 -36.05 9.36 -8.55
C VAL A 915 -35.68 10.59 -7.73
N GLU A 916 -36.19 11.74 -8.11
CA GLU A 916 -36.01 12.97 -7.34
C GLU A 916 -36.69 12.89 -5.97
N ASN A 917 -37.71 12.05 -5.83
CA ASN A 917 -38.50 12.03 -4.62
C ASN A 917 -37.85 11.18 -3.53
N PHE A 918 -37.11 10.14 -3.89
CA PHE A 918 -36.42 9.37 -2.87
C PHE A 918 -34.96 9.74 -2.75
N ASN A 919 -34.57 10.90 -3.25
CA ASN A 919 -33.22 11.43 -3.07
C ASN A 919 -33.27 12.77 -2.35
N PHE A 920 -32.14 13.13 -1.75
CA PHE A 920 -32.02 14.44 -1.13
C PHE A 920 -32.00 15.54 -2.19
N SER A 921 -31.04 15.48 -3.10
CA SER A 921 -30.81 16.57 -4.04
C SER A 921 -30.40 16.05 -5.43
N GLN A 922 -31.14 15.08 -5.96
CA GLN A 922 -30.76 14.46 -7.24
C GLN A 922 -31.72 14.95 -8.32
N LEU A 923 -31.34 16.03 -8.98
CA LEU A 923 -32.18 16.77 -9.91
C LEU A 923 -32.29 16.04 -11.26
N LEU A 924 -33.46 16.16 -11.88
CA LEU A 924 -33.69 15.56 -13.18
C LEU A 924 -32.80 16.20 -14.24
N THR A 925 -32.38 15.39 -15.20
CA THR A 925 -31.54 15.84 -16.30
C THR A 925 -32.09 15.27 -17.59
N ASP A 926 -31.87 15.98 -18.70
CA ASP A 926 -32.23 15.49 -20.02
C ASP A 926 -31.05 14.89 -20.76
N VAL A 927 -29.96 14.62 -20.04
CA VAL A 927 -28.71 14.16 -20.62
C VAL A 927 -28.43 12.75 -20.09
N ARG A 928 -28.23 11.80 -20.99
CA ARG A 928 -28.03 10.39 -20.66
C ARG A 928 -26.79 9.85 -21.36
N GLN A 929 -26.21 8.80 -20.78
CA GLN A 929 -25.06 8.10 -21.36
C GLN A 929 -25.53 6.88 -22.14
N VAL A 930 -25.19 6.82 -23.41
CA VAL A 930 -25.79 5.84 -24.33
C VAL A 930 -24.67 5.14 -25.09
N PRO A 931 -24.92 3.94 -25.60
CA PRO A 931 -23.91 3.29 -26.45
C PRO A 931 -23.63 4.00 -27.75
N VAL A 932 -24.65 4.61 -28.37
CA VAL A 932 -24.54 5.15 -29.72
C VAL A 932 -25.10 6.57 -29.74
N ASN A 933 -24.38 7.49 -30.38
CA ASN A 933 -24.83 8.86 -30.59
C ASN A 933 -25.48 8.92 -31.97
N VAL A 934 -26.81 8.89 -32.02
CA VAL A 934 -27.51 8.80 -33.29
C VAL A 934 -27.56 10.14 -33.99
N ALA A 935 -27.52 11.24 -33.24
CA ALA A 935 -27.49 12.56 -33.87
C ALA A 935 -26.24 12.76 -34.71
N SER A 936 -25.08 12.31 -34.20
CA SER A 936 -23.84 12.45 -34.95
C SER A 936 -23.77 11.51 -36.14
N ILE A 937 -24.39 10.33 -36.05
CA ILE A 937 -24.34 9.41 -37.18
C ILE A 937 -25.11 9.99 -38.36
N VAL A 938 -26.24 10.63 -38.09
CA VAL A 938 -27.08 11.13 -39.16
C VAL A 938 -26.41 12.32 -39.86
N LYS A 939 -25.88 13.27 -39.08
CA LYS A 939 -25.32 14.45 -39.70
C LYS A 939 -24.04 14.15 -40.47
N ASN A 940 -23.21 13.23 -39.99
CA ASN A 940 -22.02 12.88 -40.74
C ASN A 940 -22.35 12.22 -42.07
N ILE A 941 -23.59 11.78 -42.26
CA ILE A 941 -24.03 11.28 -43.56
C ILE A 941 -24.68 12.37 -44.40
N LEU A 942 -25.31 13.36 -43.78
CA LEU A 942 -25.84 14.47 -44.55
C LEU A 942 -24.74 15.26 -45.25
N LEU A 943 -23.61 15.45 -44.57
CA LEU A 943 -22.49 16.20 -45.15
C LEU A 943 -21.77 15.43 -46.26
N SER A 944 -21.65 14.12 -46.14
CA SER A 944 -20.88 13.32 -47.07
C SER A 944 -21.74 12.65 -48.13
N SER A 945 -22.86 13.26 -48.50
CA SER A 945 -23.73 12.76 -49.54
C SER A 945 -23.58 13.58 -50.80
N THR A 946 -23.85 12.96 -51.94
CA THR A 946 -23.82 13.64 -53.22
C THR A 946 -25.14 14.31 -53.58
N SER A 947 -26.12 14.26 -52.70
CA SER A 947 -27.45 14.81 -52.97
C SER A 947 -27.70 16.04 -52.12
N GLY A 948 -28.65 16.86 -52.55
CA GLY A 948 -29.00 18.06 -51.80
C GLY A 948 -30.32 17.93 -51.06
N VAL A 949 -31.26 18.81 -51.37
CA VAL A 949 -32.60 18.72 -50.83
C VAL A 949 -33.42 17.80 -51.74
N LEU A 950 -33.73 16.60 -51.25
CA LEU A 950 -34.43 15.63 -52.07
C LEU A 950 -35.82 16.15 -52.46
N PRO A 951 -36.29 15.78 -53.65
CA PRO A 951 -37.69 16.09 -53.99
C PRO A 951 -38.64 15.25 -53.16
N PHE A 952 -39.84 15.77 -52.99
CA PHE A 952 -40.85 15.05 -52.21
C PHE A 952 -41.20 13.75 -52.90
N ASP A 953 -41.20 12.66 -52.11
CA ASP A 953 -41.67 11.36 -52.58
C ASP A 953 -42.31 10.67 -51.39
N GLU A 954 -43.63 10.53 -51.42
CA GLU A 954 -44.31 9.96 -50.26
C GLU A 954 -44.03 8.47 -50.12
N LYS A 955 -43.79 7.77 -51.22
CA LYS A 955 -43.43 6.35 -51.11
C LYS A 955 -42.10 6.21 -50.38
N SER A 956 -41.14 7.08 -50.68
CA SER A 956 -39.87 7.06 -49.98
C SER A 956 -40.05 7.32 -48.49
N ILE A 957 -40.88 8.30 -48.13
CA ILE A 957 -41.08 8.62 -46.73
C ILE A 957 -41.83 7.51 -46.01
N LEU A 958 -42.71 6.81 -46.72
CA LEU A 958 -43.42 5.70 -46.09
C LEU A 958 -42.50 4.50 -45.86
N GLN A 959 -41.57 4.25 -46.78
CA GLN A 959 -40.61 3.17 -46.56
C GLN A 959 -39.65 3.49 -45.43
N LYS A 960 -39.20 4.74 -45.34
CA LYS A 960 -38.28 5.09 -44.27
C LYS A 960 -38.94 4.98 -42.90
N TYR A 961 -40.24 5.26 -42.82
CA TYR A 961 -40.95 5.11 -41.56
C TYR A 961 -40.99 3.65 -41.13
N ALA A 962 -41.23 2.74 -42.08
CA ALA A 962 -41.38 1.33 -41.74
C ALA A 962 -40.05 0.71 -41.33
N MET A 963 -38.95 1.12 -41.94
CA MET A 963 -37.65 0.58 -41.58
C MET A 963 -37.25 1.01 -40.16
N VAL A 964 -37.52 2.25 -39.78
CA VAL A 964 -37.21 2.69 -38.43
C VAL A 964 -38.12 2.00 -37.42
N LYS A 965 -39.39 1.78 -37.78
CA LYS A 965 -40.31 1.08 -36.88
C LYS A 965 -39.91 -0.38 -36.70
N THR A 966 -39.47 -1.04 -37.77
CA THR A 966 -39.04 -2.43 -37.66
C THR A 966 -37.69 -2.53 -36.97
N PHE A 967 -36.84 -1.52 -37.10
CA PHE A 967 -35.55 -1.54 -36.43
C PHE A 967 -35.72 -1.45 -34.92
N CYS A 968 -36.63 -0.59 -34.45
CA CYS A 968 -36.87 -0.48 -33.03
C CYS A 968 -37.52 -1.74 -32.47
N LYS A 969 -38.35 -2.41 -33.26
CA LYS A 969 -39.04 -3.59 -32.77
C LYS A 969 -38.08 -4.75 -32.57
N ASN A 970 -37.02 -4.82 -33.38
CA ASN A 970 -36.05 -5.90 -33.32
C ASN A 970 -34.80 -5.53 -32.54
N LEU A 971 -34.75 -4.36 -31.94
CA LEU A 971 -33.54 -3.92 -31.25
C LEU A 971 -33.10 -4.85 -30.12
N PRO A 972 -33.97 -5.41 -29.27
CA PRO A 972 -33.47 -6.24 -28.17
C PRO A 972 -32.72 -7.48 -28.62
N TYR A 973 -32.79 -7.87 -29.89
CA TYR A 973 -32.03 -9.03 -30.36
C TYR A 973 -30.54 -8.76 -30.43
N VAL A 974 -30.11 -7.51 -30.24
CA VAL A 974 -28.69 -7.22 -30.09
C VAL A 974 -28.15 -7.92 -28.86
N PHE A 975 -29.02 -8.29 -27.94
CA PHE A 975 -28.66 -9.01 -26.74
C PHE A 975 -28.73 -10.52 -26.89
N ILE A 976 -29.20 -11.03 -28.04
CA ILE A 976 -29.24 -12.48 -28.18
C ILE A 976 -28.33 -12.94 -29.32
N ASN A 977 -28.79 -12.86 -30.56
CA ASN A 977 -28.01 -13.14 -31.76
C ASN A 977 -28.88 -13.02 -32.99
N ASN A 978 -28.29 -13.18 -34.18
CA ASN A 978 -29.02 -13.06 -35.42
C ASN A 978 -29.79 -14.32 -35.80
N ILE A 979 -29.51 -15.46 -35.15
CA ILE A 979 -30.28 -16.67 -35.40
C ILE A 979 -31.69 -16.52 -34.84
N GLN A 980 -31.81 -16.00 -33.62
CA GLN A 980 -33.11 -15.84 -33.01
C GLN A 980 -33.89 -14.68 -33.58
N GLU A 981 -33.20 -13.66 -34.10
CA GLU A 981 -33.89 -12.55 -34.73
C GLU A 981 -34.56 -12.97 -36.03
N ARG A 982 -33.90 -13.86 -36.78
CA ARG A 982 -34.48 -14.38 -38.01
C ARG A 982 -35.72 -15.21 -37.72
N LEU A 983 -35.69 -16.02 -36.66
CA LEU A 983 -36.81 -16.87 -36.31
C LEU A 983 -37.89 -16.14 -35.52
N GLN A 984 -37.62 -14.91 -35.08
CA GLN A 984 -38.58 -14.08 -34.36
C GLN A 984 -39.16 -14.81 -33.15
N THR A 985 -38.27 -15.39 -32.36
CA THR A 985 -38.64 -16.02 -31.12
C THR A 985 -38.95 -14.96 -30.05
N PRO A 986 -39.67 -15.32 -29.01
CA PRO A 986 -40.01 -14.34 -27.97
C PRO A 986 -38.80 -13.80 -27.23
N ILE A 987 -38.92 -12.56 -26.78
CA ILE A 987 -37.86 -11.84 -26.07
C ILE A 987 -38.21 -11.76 -24.60
N PRO A 988 -37.29 -12.04 -23.69
CA PRO A 988 -37.57 -11.85 -22.27
C PRO A 988 -37.86 -10.39 -21.94
N VAL A 989 -38.69 -10.18 -20.91
CA VAL A 989 -39.12 -8.84 -20.57
C VAL A 989 -37.95 -7.98 -20.10
N TYR A 990 -37.00 -8.58 -19.39
CA TYR A 990 -35.86 -7.82 -18.91
C TYR A 990 -34.94 -7.37 -20.03
N LEU A 991 -35.06 -7.96 -21.22
CA LEU A 991 -34.26 -7.51 -22.36
C LEU A 991 -35.02 -6.49 -23.20
N LYS A 992 -36.35 -6.49 -23.13
CA LYS A 992 -37.13 -5.39 -23.69
C LYS A 992 -36.89 -4.10 -22.93
N ARG A 993 -36.74 -4.18 -21.62
CA ARG A 993 -36.46 -2.99 -20.83
C ARG A 993 -35.07 -2.45 -21.10
N ALA A 994 -34.14 -3.31 -21.49
CA ALA A 994 -32.75 -2.87 -21.65
C ALA A 994 -32.57 -2.03 -22.90
N ALA A 995 -33.48 -2.14 -23.85
CA ALA A 995 -33.42 -1.40 -25.10
C ALA A 995 -34.27 -0.14 -25.08
N SER A 996 -34.70 0.29 -23.90
CA SER A 996 -35.67 1.38 -23.80
C SER A 996 -35.05 2.73 -24.13
N LEU A 997 -33.87 3.01 -23.60
CA LEU A 997 -33.24 4.31 -23.85
C LEU A 997 -32.83 4.45 -25.31
N MET A 998 -32.34 3.37 -25.92
CA MET A 998 -31.90 3.45 -27.30
C MET A 998 -33.07 3.50 -28.27
N ARG A 999 -34.17 2.81 -27.96
CA ARG A 999 -35.38 2.95 -28.77
C ARG A 999 -35.91 4.37 -28.71
N MET A 1000 -35.86 4.98 -27.52
CA MET A 1000 -36.30 6.35 -27.34
C MET A 1000 -35.46 7.32 -28.15
N LEU A 1001 -34.13 7.17 -28.07
CA LEU A 1001 -33.24 8.06 -28.81
C LEU A 1001 -33.38 7.88 -30.31
N ILE A 1002 -33.55 6.65 -30.78
CA ILE A 1002 -33.67 6.40 -32.22
C ILE A 1002 -34.95 7.03 -32.75
N ARG A 1003 -36.04 6.97 -31.99
CA ARG A 1003 -37.29 7.55 -32.46
C ARG A 1003 -37.26 9.07 -32.43
N ILE A 1004 -36.40 9.69 -31.61
CA ILE A 1004 -36.27 11.14 -31.60
C ILE A 1004 -35.41 11.60 -32.76
N GLU A 1005 -34.19 11.08 -32.84
CA GLU A 1005 -33.23 11.58 -33.81
C GLU A 1005 -33.46 11.04 -35.21
N LEU A 1006 -34.35 10.08 -35.39
CA LEU A 1006 -34.74 9.59 -36.70
C LEU A 1006 -36.21 9.84 -36.99
N ALA A 1007 -36.76 10.92 -36.44
CA ALA A 1007 -38.13 11.29 -36.75
C ALA A 1007 -38.22 11.77 -38.19
N THR A 1008 -39.44 11.75 -38.74
CA THR A 1008 -39.64 12.16 -40.12
C THR A 1008 -39.25 13.61 -40.35
N VAL A 1009 -39.46 14.48 -39.35
CA VAL A 1009 -39.08 15.87 -39.48
C VAL A 1009 -37.57 16.06 -39.57
N LYS A 1010 -36.79 15.03 -39.24
CA LYS A 1010 -35.34 15.11 -39.29
C LYS A 1010 -34.73 14.32 -40.44
N THR A 1011 -35.44 13.34 -40.98
CA THR A 1011 -34.89 12.43 -41.98
C THR A 1011 -35.55 12.67 -43.33
N LEU A 1012 -35.84 13.93 -43.64
CA LEU A 1012 -36.56 14.24 -44.87
C LEU A 1012 -35.67 14.16 -46.09
N ASN A 1013 -34.40 14.53 -45.96
CA ASN A 1013 -33.45 14.51 -47.07
C ASN A 1013 -32.64 13.22 -47.16
N ILE A 1014 -32.83 12.27 -46.26
CA ILE A 1014 -32.09 11.01 -46.27
C ILE A 1014 -32.79 10.04 -47.22
N THR A 1015 -32.02 9.38 -48.07
CA THR A 1015 -32.60 8.45 -49.03
C THR A 1015 -32.85 7.09 -48.37
N CYS A 1016 -33.52 6.22 -49.11
CA CYS A 1016 -33.81 4.88 -48.57
C CYS A 1016 -32.58 4.02 -48.45
N GLU A 1017 -31.67 4.06 -49.43
CA GLU A 1017 -30.46 3.26 -49.29
C GLU A 1017 -29.45 3.95 -48.38
N GLN A 1018 -29.63 5.25 -48.11
CA GLN A 1018 -28.85 5.90 -47.08
C GLN A 1018 -29.33 5.56 -45.68
N MET A 1019 -30.64 5.43 -45.48
CA MET A 1019 -31.15 5.13 -44.14
C MET A 1019 -30.81 3.71 -43.75
N SER A 1020 -30.73 2.80 -44.72
CA SER A 1020 -30.24 1.46 -44.42
C SER A 1020 -28.79 1.51 -43.95
N ALA A 1021 -27.99 2.41 -44.51
CA ALA A 1021 -26.62 2.58 -44.03
C ALA A 1021 -26.59 3.09 -42.60
N ILE A 1022 -27.49 4.02 -42.26
CA ILE A 1022 -27.54 4.55 -40.90
C ILE A 1022 -27.92 3.46 -39.91
N LEU A 1023 -28.91 2.63 -40.25
CA LEU A 1023 -29.37 1.61 -39.31
C LEU A 1023 -28.33 0.52 -39.12
N ASP A 1024 -27.63 0.14 -40.19
CA ASP A 1024 -26.61 -0.89 -40.06
C ASP A 1024 -25.40 -0.39 -39.29
N LEU A 1025 -25.23 0.93 -39.21
CA LEU A 1025 -24.19 1.49 -38.38
C LEU A 1025 -24.59 1.55 -36.91
N ILE A 1026 -25.87 1.80 -36.62
CA ILE A 1026 -26.30 1.85 -35.23
C ILE A 1026 -26.22 0.46 -34.61
N ARG A 1027 -26.59 -0.57 -35.36
CA ARG A 1027 -26.55 -1.91 -34.80
C ARG A 1027 -25.13 -2.42 -34.64
N LEU A 1028 -24.22 -2.00 -35.51
CA LEU A 1028 -22.82 -2.39 -35.37
C LEU A 1028 -22.19 -1.79 -34.13
N GLN A 1029 -22.46 -0.51 -33.87
CA GLN A 1029 -21.84 0.15 -32.72
C GLN A 1029 -22.44 -0.31 -31.41
N TYR A 1030 -23.70 -0.72 -31.42
CA TYR A 1030 -24.37 -1.26 -30.25
C TYR A 1030 -23.80 -2.62 -29.87
N THR A 1031 -23.47 -3.44 -30.86
CA THR A 1031 -22.82 -4.73 -30.60
C THR A 1031 -21.44 -4.53 -30.01
N GLN A 1032 -20.72 -3.51 -30.44
CA GLN A 1032 -19.35 -3.28 -30.00
C GLN A 1032 -19.26 -2.70 -28.60
N SER A 1033 -20.38 -2.33 -28.00
CA SER A 1033 -20.37 -1.73 -26.67
C SER A 1033 -20.90 -2.65 -25.58
N LEU A 1034 -21.21 -3.90 -25.90
CA LEU A 1034 -21.71 -4.84 -24.91
C LEU A 1034 -20.57 -5.44 -24.10
N ILE A 1035 -20.87 -5.83 -22.87
CA ILE A 1035 -19.84 -6.36 -21.98
C ILE A 1035 -19.50 -7.80 -22.37
N ASN A 1036 -18.23 -8.17 -22.21
CA ASN A 1036 -17.75 -9.47 -22.64
C ASN A 1036 -18.09 -10.55 -21.62
N TYR A 1037 -18.37 -11.75 -22.11
CA TYR A 1037 -18.56 -12.90 -21.24
C TYR A 1037 -17.28 -13.18 -20.48
N GLY A 1038 -17.40 -13.42 -19.18
CA GLY A 1038 -16.23 -13.79 -18.40
C GLY A 1038 -15.42 -12.65 -17.89
N GLU A 1039 -15.98 -11.45 -17.88
CA GLU A 1039 -15.31 -10.27 -17.36
C GLU A 1039 -15.47 -10.18 -15.84
N ALA A 1040 -14.38 -9.85 -15.17
CA ALA A 1040 -14.37 -9.68 -13.72
C ALA A 1040 -14.84 -8.28 -13.37
N VAL A 1041 -16.15 -8.08 -13.39
CA VAL A 1041 -16.73 -6.76 -13.20
C VAL A 1041 -16.86 -6.37 -11.74
N GLY A 1042 -16.73 -7.32 -10.82
CA GLY A 1042 -16.64 -6.98 -9.41
C GLY A 1042 -15.30 -6.40 -9.03
N ILE A 1043 -14.21 -6.86 -9.66
CA ILE A 1043 -12.92 -6.22 -9.45
C ILE A 1043 -12.90 -4.83 -10.06
N LEU A 1044 -13.50 -4.67 -11.23
CA LEU A 1044 -13.57 -3.36 -11.87
C LEU A 1044 -14.31 -2.35 -11.01
N ALA A 1045 -15.35 -2.79 -10.31
CA ALA A 1045 -16.12 -1.91 -9.45
C ALA A 1045 -15.36 -1.53 -8.19
N ALA A 1046 -14.66 -2.49 -7.59
CA ALA A 1046 -13.88 -2.21 -6.40
C ALA A 1046 -12.76 -1.22 -6.68
N GLN A 1047 -12.12 -1.35 -7.85
CA GLN A 1047 -11.09 -0.39 -8.23
C GLN A 1047 -11.67 0.99 -8.47
N SER A 1048 -12.84 1.08 -9.09
CA SER A 1048 -13.38 2.35 -9.53
C SER A 1048 -14.01 3.15 -8.41
N VAL A 1049 -14.35 2.51 -7.29
CA VAL A 1049 -14.98 3.20 -6.20
C VAL A 1049 -13.99 3.53 -5.09
N SER A 1050 -12.96 2.71 -4.92
CA SER A 1050 -11.92 3.01 -3.95
C SER A 1050 -11.02 4.16 -4.38
N GLU A 1051 -11.03 4.53 -5.65
CA GLU A 1051 -10.22 5.65 -6.09
C GLU A 1051 -10.82 6.99 -5.63
N PRO A 1052 -12.11 7.27 -5.84
CA PRO A 1052 -12.69 8.49 -5.27
C PRO A 1052 -12.71 8.54 -3.75
N LEU A 1053 -12.52 7.41 -3.05
CA LEU A 1053 -12.45 7.48 -1.59
C LEU A 1053 -11.15 8.09 -1.10
N THR A 1054 -10.12 8.16 -1.94
CA THR A 1054 -8.88 8.81 -1.52
C THR A 1054 -9.10 10.29 -1.28
N GLN A 1055 -9.81 10.95 -2.18
CA GLN A 1055 -10.10 12.37 -2.05
C GLN A 1055 -11.26 12.65 -1.11
N TYR A 1056 -11.49 11.76 -0.15
CA TYR A 1056 -12.57 11.94 0.82
C TYR A 1056 -12.08 11.62 2.23
N GLY A 1073 -11.41 8.01 3.88
CA GLY A 1073 -11.85 6.88 4.67
C GLY A 1073 -12.43 7.28 6.02
N ILE A 1074 -13.25 8.33 5.99
CA ILE A 1074 -13.87 8.87 7.21
C ILE A 1074 -14.98 7.93 7.68
N VAL A 1075 -15.58 8.26 8.82
CA VAL A 1075 -16.54 7.41 9.52
C VAL A 1075 -17.74 7.03 8.66
N ARG A 1076 -18.18 7.92 7.77
CA ARG A 1076 -19.37 7.62 6.97
C ARG A 1076 -19.19 6.46 6.00
N PRO A 1077 -18.13 6.40 5.17
CA PRO A 1077 -17.98 5.23 4.30
C PRO A 1077 -17.94 3.91 5.05
N GLN A 1078 -17.29 3.87 6.20
CA GLN A 1078 -17.22 2.65 6.99
C GLN A 1078 -18.57 2.25 7.57
N GLU A 1079 -19.49 3.19 7.70
CA GLU A 1079 -20.87 2.90 8.07
C GLU A 1079 -21.62 2.20 6.96
N ILE A 1080 -21.44 2.65 5.73
CA ILE A 1080 -22.12 2.06 4.59
C ILE A 1080 -21.59 0.67 4.30
N PHE A 1081 -20.26 0.53 4.26
CA PHE A 1081 -19.65 -0.72 3.81
C PHE A 1081 -19.59 -1.79 4.90
N SER A 1082 -19.76 -1.43 6.17
CA SER A 1082 -19.87 -2.41 7.24
C SER A 1082 -21.31 -2.74 7.58
N ALA A 1083 -22.27 -2.02 7.01
CA ALA A 1083 -23.70 -2.23 7.27
C ALA A 1083 -24.00 -2.15 8.76
N LYS A 1084 -23.67 -1.00 9.36
CA LYS A 1084 -23.86 -0.81 10.79
C LYS A 1084 -25.32 -0.47 11.10
N PRO A 1085 -25.83 -0.90 12.26
CA PRO A 1085 -27.24 -0.61 12.60
C PRO A 1085 -27.50 0.86 12.92
N VAL A 1086 -28.79 1.18 13.12
CA VAL A 1086 -29.21 2.58 13.18
C VAL A 1086 -28.65 3.28 14.41
N GLU A 1087 -28.53 2.55 15.52
CA GLU A 1087 -28.07 3.17 16.76
C GLU A 1087 -26.62 3.62 16.70
N ALA A 1088 -25.82 3.07 15.79
CA ALA A 1088 -24.42 3.44 15.67
C ALA A 1088 -24.17 4.54 14.65
N GLU A 1089 -25.21 5.12 14.07
CA GLU A 1089 -25.01 6.18 13.10
C GLU A 1089 -24.69 7.50 13.78
N GLN A 1090 -23.75 8.24 13.19
CA GLN A 1090 -23.26 9.48 13.75
C GLN A 1090 -23.78 10.73 13.06
N SER A 1091 -24.16 10.64 11.80
CA SER A 1091 -24.68 11.79 11.05
C SER A 1091 -26.00 11.43 10.38
N SER A 1092 -26.89 10.78 11.11
CA SER A 1092 -28.19 10.43 10.57
C SER A 1092 -29.02 11.67 10.31
N GLU A 1093 -29.79 11.64 9.23
CA GLU A 1093 -30.56 12.80 8.79
C GLU A 1093 -31.92 12.34 8.29
N MET A 1094 -32.74 13.31 7.89
CA MET A 1094 -34.02 13.07 7.26
C MET A 1094 -34.37 14.31 6.48
N LEU A 1095 -35.31 14.17 5.55
CA LEU A 1095 -35.73 15.29 4.69
C LEU A 1095 -37.22 15.14 4.46
N LEU A 1096 -37.99 16.03 5.09
CA LEU A 1096 -39.45 15.90 5.12
C LEU A 1096 -40.08 16.97 4.23
N ARG A 1097 -41.11 16.57 3.49
CA ARG A 1097 -41.84 17.52 2.66
C ARG A 1097 -43.13 17.94 3.35
N LEU A 1098 -43.64 19.09 2.96
CA LEU A 1098 -44.85 19.61 3.57
C LEU A 1098 -46.08 19.00 2.90
N LYS A 1099 -47.18 18.93 3.66
CA LYS A 1099 -48.33 18.14 3.27
C LYS A 1099 -49.03 18.64 2.02
N ASN A 1100 -48.72 19.84 1.55
CA ASN A 1100 -49.50 20.42 0.47
C ASN A 1100 -48.56 21.23 -0.42
N PRO A 1101 -48.65 21.12 -1.74
CA PRO A 1101 -47.84 21.99 -2.61
C PRO A 1101 -48.34 23.42 -2.68
N GLU A 1102 -49.32 23.79 -1.87
CA GLU A 1102 -49.77 25.18 -1.79
C GLU A 1102 -49.30 25.84 -0.50
N VAL A 1103 -48.81 25.06 0.46
CA VAL A 1103 -48.26 25.63 1.68
C VAL A 1103 -46.74 25.57 1.74
N GLU A 1104 -46.09 25.00 0.72
CA GLU A 1104 -44.63 24.94 0.71
C GLU A 1104 -44.00 26.31 0.51
N THR A 1105 -44.72 27.24 -0.10
CA THR A 1105 -44.11 28.49 -0.54
C THR A 1105 -43.93 29.47 0.61
N ASN A 1106 -44.54 29.20 1.78
CA ASN A 1106 -44.48 30.13 2.90
C ASN A 1106 -43.41 29.68 3.89
N LYS A 1107 -42.40 30.53 4.11
CA LYS A 1107 -41.31 30.15 4.99
C LYS A 1107 -41.74 30.15 6.45
N THR A 1108 -42.62 31.08 6.84
CA THR A 1108 -43.05 31.16 8.23
C THR A 1108 -43.80 29.90 8.63
N TYR A 1109 -44.63 29.36 7.73
CA TYR A 1109 -45.33 28.13 8.02
C TYR A 1109 -44.35 26.98 8.24
N ALA A 1110 -43.31 26.89 7.41
CA ALA A 1110 -42.34 25.82 7.56
C ALA A 1110 -41.59 25.93 8.88
N GLN A 1111 -41.26 27.16 9.30
CA GLN A 1111 -40.62 27.34 10.59
C GLN A 1111 -41.52 26.92 11.74
N GLU A 1112 -42.83 27.08 11.60
CA GLU A 1112 -43.75 26.64 12.64
C GLU A 1112 -43.67 25.13 12.82
N ILE A 1113 -43.82 24.38 11.72
CA ILE A 1113 -43.85 22.93 11.81
C ILE A 1113 -42.48 22.39 12.20
N ALA A 1114 -41.41 23.02 11.71
CA ALA A 1114 -40.07 22.64 12.12
C ALA A 1114 -39.90 22.69 13.63
N ASN A 1115 -40.64 23.55 14.32
CA ASN A 1115 -40.59 23.59 15.78
C ASN A 1115 -41.51 22.54 16.40
N SER A 1116 -42.56 22.14 15.68
CA SER A 1116 -43.56 21.23 16.22
C SER A 1116 -43.00 19.84 16.43
N ILE A 1117 -42.11 19.39 15.55
CA ILE A 1117 -41.70 17.98 15.55
C ILE A 1117 -40.40 17.73 16.32
N GLU A 1118 -39.67 18.77 16.70
CA GLU A 1118 -38.41 18.55 17.38
C GLU A 1118 -38.66 18.03 18.80
N LEU A 1119 -37.90 17.00 19.17
CA LEU A 1119 -38.08 16.31 20.44
C LEU A 1119 -37.70 17.24 21.58
N ILE A 1120 -38.71 17.65 22.35
CA ILE A 1120 -38.50 18.35 23.62
C ILE A 1120 -38.79 17.33 24.72
N THR A 1121 -37.72 16.85 25.35
CA THR A 1121 -37.84 15.91 26.45
C THR A 1121 -38.15 16.66 27.73
N PHE A 1122 -38.38 15.93 28.82
CA PHE A 1122 -38.68 16.57 30.09
C PHE A 1122 -37.46 17.15 30.80
N GLU A 1123 -36.27 16.60 30.55
CA GLU A 1123 -35.08 17.05 31.26
C GLU A 1123 -34.79 18.52 30.96
N ARG A 1124 -34.94 18.93 29.70
CA ARG A 1124 -34.47 20.26 29.33
C ARG A 1124 -35.43 21.37 29.74
N LEU A 1125 -36.67 21.03 30.11
CA LEU A 1125 -37.57 22.07 30.61
C LEU A 1125 -37.20 22.51 32.02
N ILE A 1126 -36.86 21.56 32.89
CA ILE A 1126 -36.55 21.88 34.29
C ILE A 1126 -35.14 22.44 34.37
N LEU A 1127 -34.94 23.45 35.21
CA LEU A 1127 -33.61 24.00 35.45
C LEU A 1127 -32.91 23.26 36.59
N GLN A 1128 -33.66 22.92 37.63
CA GLN A 1128 -33.16 22.22 38.79
C GLN A 1128 -34.15 21.13 39.16
N TRP A 1129 -33.66 20.06 39.79
CA TRP A 1129 -34.54 18.99 40.24
C TRP A 1129 -33.93 18.31 41.44
N HIS A 1130 -34.74 18.15 42.48
CA HIS A 1130 -34.31 17.54 43.74
C HIS A 1130 -35.05 16.21 43.90
N LEU A 1131 -34.30 15.14 44.08
CA LEU A 1131 -34.89 13.82 44.25
C LEU A 1131 -35.09 13.55 45.74
N LEU A 1132 -36.33 13.21 46.10
CA LEU A 1132 -36.67 12.87 47.48
C LEU A 1132 -37.76 11.81 47.49
N VAL A 1143 -43.76 18.28 59.21
CA VAL A 1143 -42.69 19.24 58.93
C VAL A 1143 -41.67 18.59 58.03
N MET A 1144 -41.66 19.03 56.76
CA MET A 1144 -40.80 18.46 55.74
C MET A 1144 -39.52 19.28 55.59
N TYR A 1145 -38.80 19.04 54.50
CA TYR A 1145 -37.50 19.60 54.17
C TYR A 1145 -37.54 21.12 54.16
N PRO A 1146 -36.39 21.80 54.25
CA PRO A 1146 -36.38 23.26 54.17
C PRO A 1146 -36.75 23.76 52.78
N ASP A 1147 -37.12 25.03 52.72
CA ASP A 1147 -37.57 25.70 51.49
C ASP A 1147 -38.84 25.05 50.94
N PHE A 1148 -39.61 24.37 51.78
CA PHE A 1148 -40.81 23.66 51.35
C PHE A 1148 -42.09 24.27 51.91
N ALA A 1149 -42.06 25.53 52.35
CA ALA A 1149 -43.28 26.17 52.81
C ALA A 1149 -44.25 26.44 51.66
N SER A 1150 -43.74 26.88 50.50
CA SER A 1150 -44.62 27.11 49.36
C SER A 1150 -45.15 25.78 48.82
N ASP A 1151 -44.45 24.68 49.07
CA ASP A 1151 -44.92 23.37 48.64
C ASP A 1151 -46.17 22.93 49.40
N VAL A 1152 -46.16 23.11 50.72
CA VAL A 1152 -47.39 22.89 51.47
C VAL A 1152 -48.40 23.99 51.16
N GLU A 1153 -47.92 25.19 50.83
CA GLU A 1153 -48.80 26.19 50.24
C GLU A 1153 -49.31 25.73 48.88
N TRP A 1154 -48.44 25.09 48.08
CA TRP A 1154 -48.91 24.46 46.86
C TRP A 1154 -49.90 23.35 47.16
N MET A 1155 -49.66 22.61 48.25
CA MET A 1155 -50.65 21.63 48.69
C MET A 1155 -51.95 22.29 49.15
N THR A 1156 -51.87 23.54 49.59
CA THR A 1156 -53.03 24.19 50.18
C THR A 1156 -53.94 24.78 49.10
N ASP A 1157 -53.36 25.55 48.18
CA ASP A 1157 -54.18 26.26 47.21
C ASP A 1157 -54.59 25.39 46.03
N PHE A 1158 -53.91 24.25 45.83
CA PHE A 1158 -54.25 23.40 44.69
C PHE A 1158 -55.50 22.59 44.99
N LEU A 1159 -55.64 22.08 46.22
CA LEU A 1159 -56.76 21.22 46.56
C LEU A 1159 -58.09 21.96 46.53
N GLU A 1160 -58.06 23.30 46.59
CA GLU A 1160 -59.28 24.07 46.40
C GLU A 1160 -59.57 24.38 44.95
N ASN A 1161 -58.58 24.23 44.05
CA ASN A 1161 -58.78 24.64 42.66
C ASN A 1161 -59.75 23.71 41.94
N HIS A 1162 -59.54 22.41 42.06
CA HIS A 1162 -60.52 21.46 41.54
C HIS A 1162 -60.57 20.23 42.44
N PRO A 1163 -61.72 19.95 43.05
CA PRO A 1163 -61.84 18.79 43.95
C PRO A 1163 -62.06 17.46 43.25
N LEU A 1164 -61.96 17.43 41.92
CA LEU A 1164 -62.11 16.17 41.19
C LEU A 1164 -61.03 15.18 41.61
N LEU A 1165 -59.79 15.66 41.75
CA LEU A 1165 -58.67 14.82 42.14
C LEU A 1165 -58.15 15.24 43.50
N GLN A 1166 -57.38 14.36 44.11
CA GLN A 1166 -56.67 14.63 45.34
C GLN A 1166 -55.55 13.60 45.46
N PRO A 1167 -54.59 13.77 46.36
CA PRO A 1167 -53.55 12.74 46.54
C PRO A 1167 -54.18 11.38 46.78
N PRO A 1168 -53.90 10.42 45.88
CA PRO A 1168 -54.70 9.19 45.86
C PRO A 1168 -54.39 8.26 47.01
N GLU A 1169 -54.99 7.07 46.97
CA GLU A 1169 -54.87 6.11 48.06
C GLU A 1169 -53.47 5.52 48.16
N ASP A 1170 -52.67 5.63 47.10
CA ASP A 1170 -51.38 4.97 47.00
C ASP A 1170 -50.31 6.04 46.83
N ILE A 1171 -49.79 6.54 47.95
CA ILE A 1171 -48.66 7.46 47.95
C ILE A 1171 -47.83 7.20 49.21
N ALA A 1172 -46.63 6.65 49.05
CA ALA A 1172 -45.95 6.10 50.22
C ALA A 1172 -44.90 7.00 50.85
N ASN A 1173 -43.80 7.29 50.14
CA ASN A 1173 -42.68 7.93 50.83
C ASN A 1173 -41.87 8.92 50.01
N TRP A 1174 -42.21 9.20 48.76
CA TRP A 1174 -41.31 9.95 47.88
C TRP A 1174 -41.94 11.30 47.52
N CYS A 1175 -41.07 12.32 47.40
CA CYS A 1175 -41.49 13.68 47.03
C CYS A 1175 -40.53 14.19 45.97
N ILE A 1176 -40.85 13.97 44.70
CA ILE A 1176 -39.97 14.34 43.59
C ILE A 1176 -40.43 15.72 43.12
N ARG A 1177 -39.99 16.76 43.82
CA ARG A 1177 -40.31 18.13 43.45
C ARG A 1177 -39.33 18.65 42.41
N LEU A 1178 -39.86 19.36 41.41
CA LEU A 1178 -39.08 19.97 40.36
C LEU A 1178 -39.58 21.39 40.13
N GLU A 1179 -38.77 22.20 39.43
CA GLU A 1179 -39.20 23.52 39.00
C GLU A 1179 -38.84 23.67 37.53
N LEU A 1180 -39.45 24.64 36.87
CA LEU A 1180 -39.28 24.82 35.43
C LEU A 1180 -38.57 26.14 35.17
N ASN A 1181 -37.64 26.13 34.21
CA ASN A 1181 -37.13 27.38 33.67
C ASN A 1181 -38.22 28.05 32.84
N LYS A 1182 -38.54 29.30 33.20
CA LYS A 1182 -39.64 29.98 32.53
C LYS A 1182 -39.25 30.55 31.18
N THR A 1183 -37.95 30.68 30.91
CA THR A 1183 -37.52 31.18 29.60
C THR A 1183 -37.78 30.16 28.52
N THR A 1184 -37.85 28.89 28.89
CA THR A 1184 -37.99 27.83 27.90
C THR A 1184 -39.34 27.88 27.19
N MET A 1185 -40.44 27.93 27.94
CA MET A 1185 -41.75 27.85 27.29
C MET A 1185 -42.03 29.07 26.42
N ILE A 1186 -41.67 30.26 26.89
CA ILE A 1186 -41.84 31.44 26.05
C ILE A 1186 -41.02 31.31 24.77
N LEU A 1187 -39.87 30.65 24.86
CA LEU A 1187 -39.02 30.45 23.68
C LEU A 1187 -39.66 29.47 22.71
N LYS A 1188 -40.33 28.43 23.23
CA LYS A 1188 -40.89 27.38 22.39
C LYS A 1188 -42.42 27.33 22.44
N SER A 1189 -43.06 28.37 22.97
CA SER A 1189 -44.52 28.49 22.97
C SER A 1189 -45.18 27.29 23.66
N ILE A 1190 -44.55 26.81 24.73
CA ILE A 1190 -45.13 25.73 25.50
C ILE A 1190 -46.15 26.29 26.49
N SER A 1191 -47.14 25.47 26.83
CA SER A 1191 -48.13 25.80 27.84
C SER A 1191 -48.08 24.77 28.97
N LEU A 1192 -48.25 25.24 30.21
CA LEU A 1192 -48.25 24.35 31.36
C LEU A 1192 -49.36 23.30 31.26
N GLU A 1193 -50.42 23.61 30.51
CA GLU A 1193 -51.44 22.60 30.21
C GLU A 1193 -50.85 21.45 29.42
N SER A 1194 -50.00 21.75 28.44
CA SER A 1194 -49.49 20.69 27.57
C SER A 1194 -48.67 19.68 28.36
N ILE A 1195 -47.84 20.17 29.28
CA ILE A 1195 -46.99 19.26 30.04
C ILE A 1195 -47.84 18.33 30.90
N ILE A 1196 -48.76 18.88 31.69
CA ILE A 1196 -49.50 18.06 32.65
C ILE A 1196 -50.34 17.03 31.93
N ASN A 1197 -50.95 17.41 30.81
CA ASN A 1197 -51.67 16.43 30.01
C ASN A 1197 -50.73 15.39 29.44
N SER A 1198 -49.48 15.78 29.14
CA SER A 1198 -48.54 14.84 28.56
C SER A 1198 -48.14 13.73 29.53
N LEU A 1199 -47.73 14.09 30.76
CA LEU A 1199 -47.13 13.09 31.64
C LEU A 1199 -48.15 12.04 32.07
N ARG A 1200 -49.40 12.43 32.32
CA ARG A 1200 -50.40 11.50 32.82
C ARG A 1200 -51.23 10.89 31.71
N ALA A 1201 -50.83 11.10 30.45
CA ALA A 1201 -51.34 10.31 29.34
C ALA A 1201 -50.40 9.18 28.97
N LYS A 1202 -49.28 9.05 29.68
CA LYS A 1202 -48.32 7.97 29.46
C LYS A 1202 -47.89 7.27 30.74
N HIS A 1203 -48.12 7.86 31.91
CA HIS A 1203 -47.60 7.34 33.19
C HIS A 1203 -48.75 7.30 34.19
N PRO A 1204 -49.60 6.25 34.14
CA PRO A 1204 -50.77 6.17 35.01
C PRO A 1204 -50.45 5.63 36.41
N ASN A 1205 -49.37 6.16 36.99
CA ASN A 1205 -48.93 5.76 38.33
C ASN A 1205 -48.53 6.96 39.17
N THR A 1206 -48.83 8.18 38.74
CA THR A 1206 -48.42 9.38 39.43
C THR A 1206 -49.58 10.35 39.55
N TYR A 1207 -49.55 11.16 40.61
CA TYR A 1207 -50.38 12.35 40.73
C TYR A 1207 -49.45 13.55 40.80
N ILE A 1208 -49.76 14.56 40.01
CA ILE A 1208 -48.70 15.47 39.55
C ILE A 1208 -48.52 16.67 40.47
N MET A 1209 -49.60 17.19 41.07
CA MET A 1209 -49.56 18.43 41.85
C MET A 1209 -49.05 19.60 41.00
N HIS A 1210 -49.84 19.97 39.99
CA HIS A 1210 -49.30 20.85 38.96
C HIS A 1210 -49.25 22.32 39.36
N SER A 1211 -49.85 22.69 40.49
CA SER A 1211 -49.69 24.04 41.04
C SER A 1211 -50.21 25.06 40.01
N VAL A 1212 -49.68 26.29 40.07
CA VAL A 1212 -50.04 27.32 39.11
C VAL A 1212 -48.82 28.08 38.62
N ILE A 1221 -43.09 28.85 38.69
CA ILE A 1221 -43.64 27.56 38.31
C ILE A 1221 -42.95 26.44 39.08
N ILE A 1222 -43.72 25.57 39.71
CA ILE A 1222 -43.18 24.48 40.51
C ILE A 1222 -44.03 23.24 40.27
N ILE A 1223 -43.42 22.07 40.47
CA ILE A 1223 -44.09 20.80 40.20
C ILE A 1223 -43.58 19.76 41.20
N ARG A 1224 -44.50 19.01 41.80
CA ARG A 1224 -44.16 18.02 42.82
C ARG A 1224 -44.86 16.71 42.46
N ILE A 1225 -44.15 15.87 41.71
CA ILE A 1225 -44.72 14.60 41.24
C ILE A 1225 -44.67 13.59 42.37
N TYR A 1226 -45.82 12.98 42.67
CA TYR A 1226 -45.94 11.92 43.65
C TYR A 1226 -46.26 10.61 42.95
N LEU A 1227 -45.77 9.52 43.54
CA LEU A 1227 -45.86 8.21 42.92
C LEU A 1227 -46.77 7.27 43.70
N ARG A 1228 -46.88 6.03 43.23
CA ARG A 1228 -47.69 5.00 43.87
C ARG A 1228 -46.80 3.82 44.23
N GLU A 1229 -47.26 3.04 45.21
CA GLU A 1229 -46.60 1.78 45.52
C GLU A 1229 -46.90 0.71 44.48
N SER A 1230 -47.96 0.89 43.67
CA SER A 1230 -48.37 -0.11 42.71
C SER A 1230 -47.35 -0.33 41.61
N ALA A 1231 -46.41 0.61 41.43
CA ALA A 1231 -45.35 0.44 40.45
C ALA A 1231 -44.09 -0.16 41.05
N PHE A 1232 -44.15 -0.61 42.31
CA PHE A 1232 -42.99 -1.19 42.98
C PHE A 1232 -43.03 -2.71 43.09
N ARG A 1233 -44.19 -3.34 42.86
CA ARG A 1233 -44.32 -4.76 43.14
C ARG A 1233 -44.29 -5.66 41.91
N ARG A 1234 -44.34 -5.10 40.70
CA ARG A 1234 -44.31 -5.91 39.48
C ARG A 1234 -42.87 -6.20 39.01
N SER A 1235 -41.88 -6.04 39.89
CA SER A 1235 -40.48 -6.25 39.54
C SER A 1235 -39.98 -7.62 39.96
N THR A 1236 -40.84 -8.65 39.87
CA THR A 1236 -40.47 -9.98 40.33
C THR A 1236 -39.27 -10.54 39.58
N ASN A 1237 -38.96 -10.01 38.40
CA ASN A 1237 -37.79 -10.42 37.62
C ASN A 1237 -36.49 -9.96 38.25
N THR A 1238 -36.54 -9.01 39.19
CA THR A 1238 -35.36 -8.52 39.89
C THR A 1238 -35.56 -8.76 41.38
N ARG A 1239 -34.60 -9.43 42.02
CA ARG A 1239 -34.71 -9.75 43.44
C ARG A 1239 -33.83 -8.87 44.31
N MET A 1240 -33.07 -7.94 43.72
CA MET A 1240 -32.25 -6.99 44.47
C MET A 1240 -32.81 -5.58 44.40
N ALA A 1241 -34.07 -5.42 44.01
CA ALA A 1241 -34.68 -4.10 43.82
C ALA A 1241 -34.90 -3.45 45.18
N THR A 1242 -34.15 -2.40 45.46
CA THR A 1242 -34.38 -1.58 46.64
C THR A 1242 -35.30 -0.42 46.26
N ASP A 1243 -35.40 0.58 47.13
CA ASP A 1243 -36.24 1.73 46.87
C ASP A 1243 -35.48 2.87 46.18
N GLU A 1244 -34.19 3.02 46.47
CA GLU A 1244 -33.42 4.10 45.86
C GLU A 1244 -33.27 3.91 44.35
N LYS A 1245 -32.81 2.74 43.93
CA LYS A 1245 -32.58 2.48 42.52
C LYS A 1245 -33.90 2.49 41.75
N ILE A 1246 -34.94 1.88 42.32
CA ILE A 1246 -36.23 1.83 41.65
C ILE A 1246 -36.83 3.23 41.55
N ALA A 1247 -36.48 4.11 42.49
CA ALA A 1247 -36.90 5.50 42.38
C ALA A 1247 -36.12 6.23 41.28
N VAL A 1248 -34.84 5.91 41.13
CA VAL A 1248 -34.08 6.50 40.03
C VAL A 1248 -34.61 6.02 38.69
N ASN A 1249 -34.96 4.73 38.61
CA ASN A 1249 -35.43 4.16 37.34
C ASN A 1249 -36.72 4.82 36.88
N VAL A 1250 -37.68 5.01 37.78
CA VAL A 1250 -38.94 5.61 37.36
C VAL A 1250 -38.76 7.09 37.03
N VAL A 1251 -37.91 7.80 37.78
CA VAL A 1251 -37.51 9.14 37.36
C VAL A 1251 -36.77 9.09 36.04
N ASP A 1252 -35.88 8.10 35.88
CA ASP A 1252 -35.26 7.85 34.60
C ASP A 1252 -36.29 7.49 33.54
N LYS A 1253 -37.25 6.63 33.89
CA LYS A 1253 -38.33 6.30 32.96
C LYS A 1253 -39.26 7.48 32.71
N LEU A 1254 -39.27 8.48 33.58
CA LEU A 1254 -40.21 9.59 33.47
C LEU A 1254 -39.59 10.81 32.79
N LEU A 1255 -38.32 11.11 33.07
CA LEU A 1255 -37.71 12.28 32.48
C LEU A 1255 -37.51 12.12 30.98
N ASN A 1256 -37.42 10.87 30.51
CA ASN A 1256 -37.28 10.61 29.08
C ASN A 1256 -38.59 10.71 28.33
N SER A 1257 -39.71 10.89 29.03
CA SER A 1257 -40.99 10.97 28.35
C SER A 1257 -41.06 12.25 27.53
N THR A 1258 -41.48 12.10 26.28
CA THR A 1258 -41.56 13.25 25.38
C THR A 1258 -42.63 14.22 25.87
N ILE A 1259 -42.42 15.50 25.62
CA ILE A 1259 -43.48 16.48 25.83
C ILE A 1259 -44.08 16.89 24.50
N ARG A 1260 -43.22 17.10 23.50
CA ARG A 1260 -43.70 17.46 22.17
C ARG A 1260 -42.63 17.09 21.15
N GLY A 1261 -43.05 16.57 20.00
CA GLY A 1261 -42.19 16.26 18.89
C GLY A 1261 -42.22 14.79 18.55
N ILE A 1262 -41.18 14.34 17.87
CA ILE A 1262 -41.01 12.94 17.47
C ILE A 1262 -39.71 12.44 18.07
N PRO A 1263 -39.71 11.29 18.75
CA PRO A 1263 -38.47 10.82 19.38
C PRO A 1263 -37.38 10.59 18.36
N GLY A 1264 -36.15 10.88 18.74
CA GLY A 1264 -35.01 10.72 17.87
C GLY A 1264 -34.72 11.91 16.97
N ILE A 1265 -35.57 12.93 16.99
CA ILE A 1265 -35.34 14.13 16.19
C ILE A 1265 -34.79 15.19 17.14
N LYS A 1266 -33.52 15.55 16.94
CA LYS A 1266 -32.86 16.45 17.87
C LYS A 1266 -32.95 17.90 17.40
N ASN A 1267 -32.79 18.14 16.11
CA ASN A 1267 -32.98 19.44 15.49
C ASN A 1267 -34.02 19.34 14.39
N ALA A 1268 -34.39 20.47 13.83
CA ALA A 1268 -35.16 20.48 12.58
C ALA A 1268 -35.09 21.85 11.91
N ASN A 1269 -34.26 22.00 10.90
CA ASN A 1269 -34.09 23.28 10.21
C ASN A 1269 -34.93 23.30 8.95
N VAL A 1270 -35.04 24.48 8.36
CA VAL A 1270 -35.84 24.70 7.16
C VAL A 1270 -34.89 24.94 6.00
N VAL A 1271 -35.09 24.20 4.92
CA VAL A 1271 -34.20 24.29 3.77
C VAL A 1271 -35.02 24.53 2.51
N LYS A 1272 -34.37 25.12 1.51
CA LYS A 1272 -35.00 25.44 0.24
C LYS A 1272 -34.62 24.39 -0.80
N LEU A 1273 -35.63 23.77 -1.41
CA LEU A 1273 -35.41 22.67 -2.33
C LEU A 1273 -35.62 23.11 -3.76
N MET A 1274 -35.02 22.37 -4.67
CA MET A 1274 -35.21 22.56 -6.11
C MET A 1274 -35.83 21.29 -6.67
N ARG A 1275 -37.03 21.41 -7.21
CA ARG A 1275 -37.75 20.25 -7.73
C ARG A 1275 -38.39 20.61 -9.06
N HIS A 1276 -38.62 19.61 -9.90
CA HIS A 1276 -39.32 19.82 -11.15
C HIS A 1276 -40.81 19.54 -10.99
N ARG A 1277 -41.60 20.11 -11.89
CA ARG A 1277 -43.03 19.91 -11.91
C ARG A 1277 -43.54 20.20 -13.31
N VAL A 1278 -44.62 19.53 -13.68
CA VAL A 1278 -45.21 19.69 -15.01
C VAL A 1278 -46.35 20.70 -14.92
N ASP A 1279 -46.34 21.68 -15.83
CA ASP A 1279 -47.31 22.76 -15.79
C ASP A 1279 -48.64 22.32 -16.39
N ALA A 1280 -49.57 23.27 -16.46
CA ALA A 1280 -50.84 23.04 -17.11
C ALA A 1280 -50.72 23.03 -18.62
N GLN A 1281 -49.68 23.67 -19.17
CA GLN A 1281 -49.40 23.66 -20.59
C GLN A 1281 -48.57 22.46 -21.00
N GLY A 1282 -48.13 21.64 -20.05
CA GLY A 1282 -47.34 20.46 -20.33
C GLY A 1282 -45.85 20.65 -20.34
N LYS A 1283 -45.35 21.78 -19.82
CA LYS A 1283 -43.92 22.01 -19.76
C LYS A 1283 -43.37 21.55 -18.42
N LEU A 1284 -42.11 21.14 -18.42
CA LEU A 1284 -41.42 20.71 -17.21
C LEU A 1284 -40.59 21.88 -16.71
N VAL A 1285 -40.96 22.43 -15.55
CA VAL A 1285 -40.33 23.62 -15.01
C VAL A 1285 -39.66 23.27 -13.69
N ARG A 1286 -38.68 24.08 -13.32
CA ARG A 1286 -37.91 23.88 -12.10
C ARG A 1286 -38.35 24.89 -11.06
N LEU A 1287 -38.89 24.40 -9.95
CA LEU A 1287 -39.40 25.29 -8.92
C LEU A 1287 -38.37 25.42 -7.80
N ASP A 1288 -37.94 26.65 -7.54
CA ASP A 1288 -36.90 26.91 -6.55
C ASP A 1288 -37.43 27.44 -5.23
N ASN A 1289 -38.72 27.75 -5.16
CA ASN A 1289 -39.32 28.28 -3.93
C ASN A 1289 -40.10 27.20 -3.18
N ILE A 1290 -39.39 26.17 -2.73
CA ILE A 1290 -39.98 25.07 -1.99
C ILE A 1290 -39.22 24.94 -0.68
N TYR A 1291 -39.96 24.93 0.42
CA TYR A 1291 -39.38 24.81 1.74
C TYR A 1291 -39.67 23.42 2.32
N ALA A 1292 -38.73 22.91 3.09
CA ALA A 1292 -38.84 21.58 3.64
C ALA A 1292 -38.02 21.52 4.92
N ILE A 1293 -38.22 20.46 5.69
CA ILE A 1293 -37.60 20.32 7.00
C ILE A 1293 -36.54 19.23 6.91
N LYS A 1294 -35.32 19.57 7.33
CA LYS A 1294 -34.20 18.62 7.33
C LYS A 1294 -33.84 18.35 8.78
N THR A 1295 -34.42 17.30 9.35
CA THR A 1295 -34.19 17.03 10.75
C THR A 1295 -32.77 16.51 10.96
N ASN A 1296 -32.46 16.21 12.21
CA ASN A 1296 -31.17 15.68 12.62
C ASN A 1296 -31.48 14.43 13.43
N GLY A 1297 -31.16 13.27 12.87
CA GLY A 1297 -31.62 12.01 13.43
C GLY A 1297 -32.72 11.43 12.58
N THR A 1298 -32.94 10.13 12.65
CA THR A 1298 -33.86 9.44 11.75
C THR A 1298 -34.96 8.77 12.56
N ASN A 1299 -36.21 9.05 12.19
CA ASN A 1299 -37.34 8.23 12.67
C ASN A 1299 -38.40 8.29 11.57
N ILE A 1300 -38.38 7.30 10.69
CA ILE A 1300 -39.31 7.29 9.57
C ILE A 1300 -40.72 7.01 10.06
N PHE A 1301 -40.87 6.05 10.98
CA PHE A 1301 -42.20 5.68 11.46
C PHE A 1301 -42.86 6.83 12.21
N GLY A 1302 -42.11 7.56 13.02
CA GLY A 1302 -42.69 8.71 13.70
C GLY A 1302 -43.16 9.79 12.75
N ALA A 1303 -42.43 10.00 11.66
CA ALA A 1303 -42.80 11.05 10.72
C ALA A 1303 -44.07 10.73 9.95
N MET A 1304 -44.41 9.47 9.75
CA MET A 1304 -45.70 9.18 9.11
C MET A 1304 -46.84 9.29 10.11
N LEU A 1305 -46.53 9.29 11.41
CA LEU A 1305 -47.51 9.62 12.44
C LEU A 1305 -47.52 11.13 12.67
N ASP A 1306 -47.70 11.89 11.61
CA ASP A 1306 -47.74 13.35 11.69
C ASP A 1306 -48.44 13.90 10.46
N ASP A 1307 -49.47 14.71 10.66
CA ASP A 1307 -50.28 15.21 9.57
C ASP A 1307 -49.65 16.39 8.84
N ASN A 1308 -48.62 17.01 9.40
CA ASN A 1308 -48.00 18.17 8.77
C ASN A 1308 -46.96 17.77 7.73
N ILE A 1309 -46.64 16.49 7.62
CA ILE A 1309 -45.61 16.00 6.72
C ILE A 1309 -46.24 15.03 5.72
N ASP A 1310 -45.82 15.14 4.47
CA ASP A 1310 -46.26 14.19 3.45
C ASP A 1310 -45.59 12.86 3.71
N PRO A 1311 -46.35 11.79 4.01
CA PRO A 1311 -45.72 10.54 4.45
C PRO A 1311 -45.26 9.65 3.31
N TYR A 1312 -45.53 10.02 2.06
CA TYR A 1312 -45.14 9.24 0.90
C TYR A 1312 -43.82 9.69 0.30
N THR A 1313 -43.11 10.62 0.93
CA THR A 1313 -41.96 11.24 0.30
C THR A 1313 -40.87 11.45 1.35
N ILE A 1314 -40.87 10.64 2.40
CA ILE A 1314 -39.90 10.77 3.46
C ILE A 1314 -38.56 10.20 2.98
N VAL A 1315 -37.50 10.99 3.10
CA VAL A 1315 -36.17 10.59 2.70
C VAL A 1315 -35.28 10.55 3.93
N SER A 1316 -34.76 9.39 4.26
CA SER A 1316 -33.80 9.23 5.32
C SER A 1316 -32.43 8.92 4.73
N SER A 1317 -31.38 9.23 5.47
CA SER A 1317 -30.04 8.88 5.06
C SER A 1317 -29.61 7.54 5.65
N SER A 1318 -30.50 6.85 6.34
CA SER A 1318 -30.18 5.61 7.04
C SER A 1318 -30.53 4.42 6.17
N ILE A 1319 -29.59 3.51 5.99
CA ILE A 1319 -29.86 2.27 5.29
C ILE A 1319 -30.65 1.31 6.17
N GLY A 1320 -30.27 1.19 7.43
CA GLY A 1320 -30.95 0.26 8.32
C GLY A 1320 -32.38 0.63 8.60
N ASP A 1321 -32.67 1.93 8.71
CA ASP A 1321 -34.03 2.39 8.91
C ASP A 1321 -34.88 2.22 7.66
N THR A 1322 -34.30 2.51 6.50
CA THR A 1322 -35.01 2.32 5.23
C THR A 1322 -35.33 0.85 4.99
N MET A 1323 -34.45 -0.04 5.42
CA MET A 1323 -34.69 -1.46 5.26
C MET A 1323 -35.86 -1.92 6.12
N GLU A 1324 -35.92 -1.43 7.37
CA GLU A 1324 -36.94 -1.88 8.31
C GLU A 1324 -38.32 -1.41 7.90
N LEU A 1325 -38.42 -0.22 7.33
CA LEU A 1325 -39.70 0.38 7.02
C LEU A 1325 -40.19 0.07 5.60
N TYR A 1326 -39.27 -0.11 4.66
CA TYR A 1326 -39.64 -0.18 3.25
C TYR A 1326 -39.35 -1.52 2.59
N GLY A 1327 -38.30 -2.21 2.96
CA GLY A 1327 -37.97 -3.48 2.35
C GLY A 1327 -36.58 -3.46 1.75
N ILE A 1328 -36.28 -4.51 0.99
CA ILE A 1328 -34.92 -4.68 0.48
C ILE A 1328 -34.68 -3.85 -0.78
N GLU A 1329 -35.69 -3.70 -1.63
CA GLU A 1329 -35.48 -2.99 -2.89
C GLU A 1329 -35.28 -1.51 -2.67
N ALA A 1330 -35.96 -0.93 -1.67
CA ALA A 1330 -35.73 0.47 -1.33
C ALA A 1330 -34.41 0.66 -0.61
N ALA A 1331 -33.99 -0.32 0.19
CA ALA A 1331 -32.69 -0.26 0.84
C ALA A 1331 -31.54 -0.38 -0.16
N ARG A 1332 -31.75 -1.07 -1.28
CA ARG A 1332 -30.74 -1.09 -2.33
C ARG A 1332 -30.58 0.26 -2.99
N GLN A 1333 -31.68 0.93 -3.31
CA GLN A 1333 -31.60 2.28 -3.84
C GLN A 1333 -30.95 3.23 -2.84
N LYS A 1334 -31.18 3.01 -1.55
CA LYS A 1334 -30.56 3.84 -0.53
C LYS A 1334 -29.05 3.70 -0.52
N ILE A 1335 -28.54 2.50 -0.73
CA ILE A 1335 -27.09 2.28 -0.75
C ILE A 1335 -26.45 3.00 -1.93
N ILE A 1336 -27.11 2.98 -3.10
CA ILE A 1336 -26.59 3.66 -4.28
C ILE A 1336 -26.50 5.16 -4.01
N SER A 1337 -27.55 5.72 -3.41
CA SER A 1337 -27.60 7.14 -3.11
C SER A 1337 -26.56 7.54 -2.08
N GLU A 1338 -26.35 6.71 -1.07
CA GLU A 1338 -25.44 7.09 0.00
C GLU A 1338 -23.98 6.94 -0.41
N ILE A 1339 -23.65 5.96 -1.25
CA ILE A 1339 -22.28 5.88 -1.76
C ILE A 1339 -22.02 7.05 -2.70
N ARG A 1340 -23.01 7.41 -3.50
CA ARG A 1340 -22.83 8.48 -4.48
C ARG A 1340 -22.47 9.81 -3.83
N THR A 1341 -23.05 10.10 -2.66
CA THR A 1341 -22.74 11.35 -1.99
C THR A 1341 -21.31 11.37 -1.46
N VAL A 1342 -20.82 10.22 -0.97
CA VAL A 1342 -19.47 10.13 -0.45
C VAL A 1342 -18.44 10.28 -1.56
N MET A 1343 -18.77 9.86 -2.79
CA MET A 1343 -17.82 9.97 -3.89
C MET A 1343 -17.46 11.41 -4.20
N GLY A 1344 -18.43 12.31 -4.14
CA GLY A 1344 -18.18 13.70 -4.49
C GLY A 1344 -18.55 14.01 -5.92
N ASP A 1345 -17.72 14.78 -6.63
CA ASP A 1345 -18.04 15.18 -7.98
C ASP A 1345 -17.34 14.35 -9.05
N LYS A 1346 -16.12 13.89 -8.80
CA LYS A 1346 -15.43 13.00 -9.74
C LYS A 1346 -15.67 11.53 -9.40
N GLY A 1347 -16.91 11.18 -9.10
CA GLY A 1347 -17.28 9.83 -8.79
C GLY A 1347 -17.27 8.94 -10.02
N PRO A 1348 -17.34 7.63 -9.80
CA PRO A 1348 -17.26 6.70 -10.93
C PRO A 1348 -18.52 6.64 -11.75
N ASN A 1349 -18.52 5.80 -12.78
CA ASN A 1349 -19.74 5.54 -13.51
C ASN A 1349 -20.78 4.93 -12.58
N HIS A 1350 -22.04 5.02 -12.99
CA HIS A 1350 -23.13 4.58 -12.13
C HIS A 1350 -23.18 3.06 -12.01
N ARG A 1351 -22.70 2.32 -13.00
CA ARG A 1351 -22.81 0.88 -12.98
C ARG A 1351 -21.87 0.23 -11.98
N HIS A 1352 -20.84 0.94 -11.53
CA HIS A 1352 -19.98 0.45 -10.46
C HIS A 1352 -20.63 0.57 -9.09
N LEU A 1353 -21.55 1.51 -8.91
CA LEU A 1353 -22.36 1.63 -7.71
C LEU A 1353 -23.42 0.54 -7.62
N LEU A 1354 -24.03 0.18 -8.75
CA LEU A 1354 -24.96 -0.94 -8.79
C LEU A 1354 -24.28 -2.26 -8.46
N MET A 1355 -22.97 -2.37 -8.68
CA MET A 1355 -22.25 -3.57 -8.30
C MET A 1355 -22.17 -3.74 -6.80
N TYR A 1356 -21.93 -2.65 -6.07
CA TYR A 1356 -21.94 -2.72 -4.61
C TYR A 1356 -23.34 -2.99 -4.06
N ALA A 1357 -24.33 -2.24 -4.55
CA ALA A 1357 -25.67 -2.35 -3.99
C ALA A 1357 -26.28 -3.71 -4.24
N ASP A 1358 -26.09 -4.27 -5.43
CA ASP A 1358 -26.71 -5.54 -5.77
C ASP A 1358 -26.03 -6.72 -5.09
N LEU A 1359 -24.75 -6.58 -4.77
CA LEU A 1359 -24.05 -7.64 -4.05
C LEU A 1359 -24.45 -7.67 -2.59
N MET A 1360 -24.59 -6.50 -1.97
CA MET A 1360 -24.91 -6.38 -0.56
C MET A 1360 -26.36 -6.69 -0.25
N THR A 1361 -27.23 -6.85 -1.26
CA THR A 1361 -28.64 -7.09 -1.02
C THR A 1361 -29.15 -8.35 -1.71
N ARG A 1362 -28.28 -9.20 -2.25
CA ARG A 1362 -28.71 -10.32 -3.08
C ARG A 1362 -29.41 -11.41 -2.30
N THR A 1363 -29.24 -11.44 -0.98
CA THR A 1363 -29.81 -12.47 -0.13
C THR A 1363 -31.15 -12.06 0.48
N GLY A 1364 -31.66 -10.88 0.18
CA GLY A 1364 -32.88 -10.39 0.79
C GLY A 1364 -32.67 -9.62 2.07
N GLN A 1365 -31.45 -9.60 2.58
CA GLN A 1365 -31.04 -8.82 3.73
C GLN A 1365 -29.84 -7.99 3.33
N VAL A 1366 -29.48 -7.03 4.17
CA VAL A 1366 -28.30 -6.22 3.90
C VAL A 1366 -27.11 -6.86 4.61
N THR A 1367 -26.14 -7.32 3.83
CA THR A 1367 -24.90 -7.87 4.33
C THR A 1367 -23.77 -6.89 4.10
N SER A 1368 -22.71 -7.05 4.89
CA SER A 1368 -21.60 -6.13 4.88
C SER A 1368 -20.54 -6.53 3.87
N LEU A 1369 -19.54 -5.66 3.71
CA LEU A 1369 -18.31 -5.96 3.01
C LEU A 1369 -17.20 -6.33 3.95
N GLU A 1370 -17.52 -6.96 5.07
CA GLU A 1370 -16.55 -7.47 6.01
C GLU A 1370 -16.59 -8.99 6.03
N LYS A 1371 -15.84 -9.57 6.96
CA LYS A 1371 -15.74 -11.02 7.06
C LYS A 1371 -17.08 -11.66 7.38
N ALA A 1372 -17.96 -10.93 8.07
CA ALA A 1372 -19.27 -11.48 8.38
C ALA A 1372 -20.15 -11.60 7.14
N GLY A 1373 -20.11 -10.59 6.26
CA GLY A 1373 -20.88 -10.65 5.04
C GLY A 1373 -20.40 -11.71 4.07
N LEU A 1374 -19.08 -11.92 4.02
CA LEU A 1374 -18.52 -12.97 3.18
C LEU A 1374 -18.97 -14.35 3.64
N ASN A 1375 -19.11 -14.52 4.96
CA ASN A 1375 -19.61 -15.78 5.50
C ASN A 1375 -21.08 -15.97 5.18
N ALA A 1376 -21.83 -14.88 5.06
CA ALA A 1376 -23.26 -14.99 4.78
C ALA A 1376 -23.54 -15.27 3.31
N ARG A 1377 -22.70 -14.74 2.41
CA ARG A 1377 -22.95 -14.87 0.98
C ARG A 1377 -22.29 -16.11 0.38
N GLU A 1378 -21.07 -16.43 0.79
CA GLU A 1378 -20.32 -17.57 0.25
C GLU A 1378 -19.76 -18.37 1.41
N PRO A 1379 -20.60 -19.10 2.14
CA PRO A 1379 -20.10 -19.87 3.28
C PRO A 1379 -19.23 -21.05 2.89
N SER A 1380 -19.53 -21.73 1.79
CA SER A 1380 -18.78 -22.93 1.42
C SER A 1380 -17.43 -22.62 0.79
N ASN A 1381 -17.15 -21.35 0.50
CA ASN A 1381 -15.86 -20.95 -0.05
C ASN A 1381 -14.88 -20.74 1.10
N VAL A 1382 -14.33 -21.85 1.59
CA VAL A 1382 -13.34 -21.79 2.66
C VAL A 1382 -12.07 -21.11 2.19
N LEU A 1383 -11.63 -21.41 0.97
CA LEU A 1383 -10.36 -20.89 0.48
C LEU A 1383 -10.40 -19.38 0.28
N LEU A 1384 -11.51 -18.82 -0.19
CA LEU A 1384 -11.62 -17.36 -0.29
C LEU A 1384 -11.63 -16.71 1.08
N ARG A 1385 -12.33 -17.30 2.04
CA ARG A 1385 -12.46 -16.70 3.36
C ARG A 1385 -11.18 -16.85 4.17
N MET A 1386 -10.37 -17.87 3.90
CA MET A 1386 -9.06 -17.98 4.54
C MET A 1386 -8.12 -16.88 4.06
N ALA A 1387 -8.23 -16.50 2.79
CA ALA A 1387 -7.31 -15.53 2.20
C ALA A 1387 -7.59 -14.12 2.70
N LEU A 1388 -8.79 -13.87 3.22
CA LEU A 1388 -9.12 -12.53 3.72
C LEU A 1388 -8.54 -12.23 5.10
N SER A 1389 -8.98 -12.93 6.15
CA SER A 1389 -8.82 -12.41 7.50
C SER A 1389 -8.04 -13.33 8.44
N SER A 1390 -8.49 -14.57 8.64
CA SER A 1390 -7.92 -15.41 9.70
C SER A 1390 -7.96 -16.85 9.26
N PRO A 1391 -6.88 -17.36 8.69
CA PRO A 1391 -6.93 -18.69 8.09
C PRO A 1391 -7.11 -19.83 9.08
N VAL A 1392 -6.51 -19.74 10.26
CA VAL A 1392 -6.53 -20.88 11.20
C VAL A 1392 -7.94 -21.09 11.74
N GLN A 1393 -8.64 -20.02 12.10
CA GLN A 1393 -10.01 -20.15 12.56
C GLN A 1393 -10.93 -20.66 11.45
N VAL A 1394 -10.79 -20.12 10.24
CA VAL A 1394 -11.61 -20.58 9.12
C VAL A 1394 -11.32 -22.03 8.81
N LEU A 1395 -10.04 -22.42 8.83
CA LEU A 1395 -9.66 -23.80 8.54
C LEU A 1395 -10.19 -24.76 9.59
N THR A 1396 -10.17 -24.35 10.86
CA THR A 1396 -10.67 -25.23 11.92
C THR A 1396 -12.17 -25.48 11.79
N ASP A 1397 -12.93 -24.44 11.45
CA ASP A 1397 -14.37 -24.63 11.25
C ASP A 1397 -14.65 -25.49 10.03
N ALA A 1398 -13.85 -25.35 8.97
CA ALA A 1398 -14.10 -26.13 7.77
C ALA A 1398 -13.92 -27.62 8.01
N ALA A 1399 -12.89 -28.00 8.76
CA ALA A 1399 -12.60 -29.41 8.98
C ALA A 1399 -13.69 -30.09 9.82
N VAL A 1400 -14.21 -29.39 10.82
CA VAL A 1400 -15.26 -29.95 11.67
C VAL A 1400 -16.57 -30.16 10.94
N ASP A 1401 -17.00 -29.20 10.12
CA ASP A 1401 -18.21 -29.32 9.31
C ASP A 1401 -18.03 -30.12 8.04
N SER A 1402 -16.81 -30.54 7.71
CA SER A 1402 -16.53 -31.29 6.49
C SER A 1402 -16.95 -30.52 5.24
N ALA A 1403 -16.48 -29.29 5.15
CA ALA A 1403 -16.90 -28.39 4.08
C ALA A 1403 -16.42 -28.87 2.73
N VAL A 1404 -17.30 -28.82 1.73
CA VAL A 1404 -16.91 -29.06 0.34
C VAL A 1404 -16.82 -27.71 -0.36
N ASN A 1405 -15.65 -27.41 -0.90
CA ASN A 1405 -15.37 -26.09 -1.46
C ASN A 1405 -15.19 -26.21 -2.96
N PRO A 1406 -16.20 -25.85 -3.75
CA PRO A 1406 -16.02 -25.83 -5.20
C PRO A 1406 -15.06 -24.72 -5.62
N ILE A 1407 -14.38 -24.94 -6.73
CA ILE A 1407 -13.35 -24.01 -7.19
C ILE A 1407 -13.98 -23.09 -8.22
N TYR A 1408 -14.10 -21.81 -7.87
CA TYR A 1408 -14.66 -20.80 -8.74
C TYR A 1408 -14.11 -19.45 -8.31
N GLY A 1409 -14.25 -18.46 -9.18
CA GLY A 1409 -13.84 -17.11 -8.86
C GLY A 1409 -12.36 -16.89 -9.02
N ILE A 1410 -11.75 -16.15 -8.11
CA ILE A 1410 -10.36 -15.73 -8.22
C ILE A 1410 -9.48 -16.44 -7.20
N ALA A 1411 -9.82 -16.31 -5.91
CA ALA A 1411 -8.90 -16.70 -4.84
C ALA A 1411 -8.83 -18.21 -4.66
N ALA A 1412 -9.94 -18.92 -4.79
CA ALA A 1412 -9.90 -20.37 -4.64
C ALA A 1412 -9.03 -21.06 -5.69
N PRO A 1413 -9.11 -20.75 -6.98
CA PRO A 1413 -8.15 -21.35 -7.92
C PRO A 1413 -6.71 -20.97 -7.66
N THR A 1414 -6.46 -19.76 -7.17
CA THR A 1414 -5.10 -19.30 -6.95
C THR A 1414 -4.44 -20.01 -5.78
N LEU A 1415 -5.19 -20.25 -4.70
CA LEU A 1415 -4.65 -20.95 -3.55
C LEU A 1415 -4.44 -22.43 -3.83
N MET A 1416 -5.08 -22.96 -4.85
CA MET A 1416 -4.89 -24.32 -5.30
C MET A 1416 -3.83 -24.44 -6.39
N GLY A 1417 -3.11 -23.37 -6.68
CA GLY A 1417 -2.03 -23.39 -7.64
C GLY A 1417 -2.44 -23.25 -9.08
N SER A 1418 -3.71 -22.99 -9.36
CA SER A 1418 -4.23 -22.94 -10.72
C SER A 1418 -4.50 -21.51 -11.14
N VAL A 1419 -5.19 -21.35 -12.26
CA VAL A 1419 -5.57 -20.05 -12.80
C VAL A 1419 -7.08 -19.90 -12.81
N PRO A 1420 -7.61 -18.71 -12.54
CA PRO A 1420 -9.06 -18.51 -12.62
C PRO A 1420 -9.58 -18.70 -14.03
N ARG A 1421 -10.79 -19.26 -14.13
CA ARG A 1421 -11.48 -19.49 -15.39
C ARG A 1421 -12.24 -18.24 -15.77
N ILE A 1422 -11.52 -17.28 -16.36
CA ILE A 1422 -11.94 -15.89 -16.41
C ILE A 1422 -11.17 -15.24 -17.54
N GLY A 1423 -11.79 -14.29 -18.22
CA GLY A 1423 -11.10 -13.57 -19.26
C GLY A 1423 -10.87 -14.38 -20.50
N THR A 1424 -9.61 -14.49 -20.93
CA THR A 1424 -9.30 -15.31 -22.11
C THR A 1424 -9.50 -16.78 -21.83
N MET A 1425 -9.64 -17.16 -20.57
CA MET A 1425 -9.79 -18.55 -20.17
C MET A 1425 -11.24 -18.91 -19.83
N TYR A 1426 -12.20 -18.08 -20.22
CA TYR A 1426 -13.58 -18.34 -19.86
C TYR A 1426 -14.21 -19.38 -20.75
N SER A 1427 -13.90 -19.38 -22.03
CA SER A 1427 -14.50 -20.28 -23.00
C SER A 1427 -13.49 -21.33 -23.43
N ASP A 1428 -13.97 -22.57 -23.59
CA ASP A 1428 -13.15 -23.67 -24.04
C ASP A 1428 -12.88 -23.56 -25.54
N ILE A 1429 -11.72 -24.05 -25.96
CA ILE A 1429 -11.38 -24.19 -27.37
C ILE A 1429 -11.23 -25.67 -27.67
N ILE A 1430 -11.81 -26.11 -28.77
CA ILE A 1430 -11.65 -27.49 -29.24
C ILE A 1430 -11.22 -27.45 -30.70
N MET A 1431 -10.60 -28.54 -31.15
CA MET A 1431 -10.05 -28.59 -32.50
C MET A 1431 -11.16 -28.96 -33.47
N ASP A 1432 -11.16 -28.30 -34.63
CA ASP A 1432 -12.18 -28.51 -35.65
C ASP A 1432 -11.78 -29.70 -36.51
N GLU A 1433 -12.23 -30.88 -36.11
CA GLU A 1433 -11.83 -32.12 -36.77
C GLU A 1433 -12.36 -32.20 -38.20
N LYS A 1434 -13.61 -31.81 -38.41
CA LYS A 1434 -14.23 -31.91 -39.73
C LYS A 1434 -13.59 -30.95 -40.73
N TYR A 1435 -12.87 -29.94 -40.26
CA TYR A 1435 -12.21 -28.98 -41.12
C TYR A 1435 -10.74 -29.33 -41.36
N ILE A 1436 -10.08 -29.88 -40.36
CA ILE A 1436 -8.69 -30.30 -40.50
C ILE A 1436 -8.59 -31.55 -41.35
N THR A 1437 -9.50 -32.51 -41.15
CA THR A 1437 -9.44 -33.76 -41.90
C THR A 1437 -9.73 -33.56 -43.37
N GLU A 1438 -10.36 -32.44 -43.74
CA GLU A 1438 -10.71 -32.15 -45.12
C GLU A 1438 -9.72 -31.22 -45.79
N ASN A 1439 -8.93 -30.48 -45.02
CA ASN A 1439 -8.02 -29.47 -45.55
C ASN A 1439 -6.56 -29.75 -45.29
N TYR A 1440 -6.21 -30.50 -44.24
CA TYR A 1440 -4.84 -30.75 -43.84
C TYR A 1440 -4.47 -32.19 -44.18
N LYS A 1441 -3.18 -32.47 -44.12
CA LYS A 1441 -2.65 -33.77 -44.53
C LYS A 1441 -1.66 -34.28 -43.50
N SER A 1442 -1.63 -35.60 -43.33
CA SER A 1442 -0.79 -36.23 -42.32
C SER A 1442 0.69 -36.07 -42.64
N ILE B 8 21.00 45.66 40.60
CA ILE B 8 21.60 46.63 39.70
C ILE B 8 20.53 47.58 39.19
N THR B 9 20.89 48.85 39.04
CA THR B 9 20.01 49.86 38.46
C THR B 9 20.45 50.11 37.02
N TYR B 10 19.50 50.13 36.09
CA TYR B 10 19.81 50.37 34.70
C TYR B 10 19.38 51.78 34.30
N GLY B 11 20.16 52.39 33.41
CA GLY B 11 19.96 53.76 33.01
C GLY B 11 18.61 53.95 32.35
N PRO B 12 18.09 55.18 32.37
CA PRO B 12 16.73 55.40 31.88
C PRO B 12 16.57 54.97 30.43
N ILE B 13 15.45 54.28 30.16
CA ILE B 13 15.23 53.73 28.83
C ILE B 13 14.96 54.81 27.81
N GLU B 14 14.72 56.04 28.25
CA GLU B 14 14.40 57.12 27.34
C GLU B 14 15.63 57.79 26.73
N THR B 15 16.81 57.25 26.97
CA THR B 15 18.06 57.77 26.43
C THR B 15 18.91 56.68 25.81
N VAL B 16 18.29 55.84 24.98
CA VAL B 16 18.99 54.79 24.24
C VAL B 16 18.87 55.10 22.76
N ASP B 17 19.98 54.98 22.04
CA ASP B 17 20.03 55.27 20.61
C ASP B 17 19.90 53.97 19.83
N ASN B 18 18.70 53.70 19.32
CA ASN B 18 18.45 52.53 18.52
C ASN B 18 17.74 52.84 17.21
N GLU B 19 17.57 54.12 16.87
CA GLU B 19 16.84 54.44 15.66
C GLU B 19 17.59 54.03 14.40
N GLU B 20 18.89 53.80 14.49
CA GLU B 20 19.68 53.33 13.37
C GLU B 20 19.99 51.84 13.46
N LEU B 21 19.23 51.10 14.27
CA LEU B 21 19.30 49.64 14.28
C LEU B 21 18.55 49.13 13.06
N THR B 22 19.24 48.36 12.22
CA THR B 22 18.58 47.74 11.09
C THR B 22 18.36 46.25 11.35
N GLU B 23 17.56 45.63 10.48
CA GLU B 23 17.32 44.20 10.56
C GLU B 23 18.56 43.37 10.22
N ALA B 24 19.54 43.94 9.53
CA ALA B 24 20.80 43.27 9.33
C ALA B 24 21.72 43.41 10.54
N ASP B 25 21.48 44.43 11.36
CA ASP B 25 22.20 44.56 12.62
C ASP B 25 21.76 43.51 13.63
N MET B 26 20.52 43.06 13.52
CA MET B 26 19.94 42.10 14.44
C MET B 26 20.40 40.68 14.20
N LEU B 27 21.01 40.40 13.05
CA LEU B 27 21.57 39.07 12.80
C LEU B 27 22.83 38.81 13.60
N SER B 28 23.45 39.86 14.11
CA SER B 28 24.61 39.67 14.99
C SER B 28 24.21 39.07 16.32
N PHE B 29 22.98 39.28 16.77
CA PHE B 29 22.49 38.59 17.97
C PHE B 29 22.45 37.08 17.73
N ILE B 30 21.99 36.67 16.55
CA ILE B 30 21.97 35.26 16.20
C ILE B 30 23.39 34.71 16.09
N SER B 31 24.29 35.52 15.55
CA SER B 31 25.70 35.12 15.49
C SER B 31 26.25 34.88 16.89
N ALA B 32 25.97 35.80 17.81
CA ALA B 32 26.45 35.66 19.18
C ALA B 32 25.87 34.43 19.85
N ALA B 33 24.58 34.19 19.65
CA ALA B 33 23.93 33.03 20.24
C ALA B 33 24.57 31.74 19.77
N VAL B 34 24.79 31.61 18.45
CA VAL B 34 25.38 30.37 17.93
C VAL B 34 26.83 30.24 18.38
N ASN B 35 27.58 31.35 18.42
CA ASN B 35 28.98 31.28 18.82
C ASN B 35 29.13 30.82 20.26
N SER B 36 28.28 31.33 21.16
CA SER B 36 28.33 30.85 22.54
C SER B 36 27.89 29.40 22.63
N THR B 37 26.74 29.08 22.04
CA THR B 37 26.16 27.75 22.16
C THR B 37 27.00 26.70 21.43
N GLY B 38 27.52 27.05 20.26
CA GLY B 38 28.07 26.06 19.35
C GLY B 38 26.94 25.33 18.67
N LEU B 39 27.14 24.83 17.45
CA LEU B 39 26.06 24.10 16.79
C LEU B 39 25.72 22.84 17.58
N ILE B 40 26.74 22.14 18.07
CA ILE B 40 26.55 20.99 18.94
C ILE B 40 27.16 21.32 20.30
N GLY B 41 26.34 21.84 21.21
CA GLY B 41 26.87 22.23 22.51
C GLY B 41 26.50 21.28 23.63
N TYR B 42 25.22 20.91 23.68
CA TYR B 42 24.72 20.11 24.79
C TYR B 42 25.23 18.68 24.74
N ASN B 43 25.50 18.16 23.54
CA ASN B 43 25.86 16.75 23.43
C ASN B 43 27.18 16.46 24.11
N ILE B 44 28.11 17.42 24.12
CA ILE B 44 29.38 17.20 24.79
C ILE B 44 29.34 17.63 26.26
N LYS B 45 28.58 18.66 26.60
CA LYS B 45 28.42 19.03 28.00
C LYS B 45 27.77 17.91 28.79
N SER B 46 26.75 17.26 28.22
CA SER B 46 26.08 16.16 28.89
C SER B 46 27.02 15.00 29.13
N PHE B 47 27.86 14.67 28.14
CA PHE B 47 28.79 13.57 28.32
C PHE B 47 29.88 13.91 29.33
N ASP B 48 30.32 15.17 29.35
CA ASP B 48 31.30 15.57 30.36
C ASP B 48 30.71 15.46 31.76
N ASP B 49 29.45 15.87 31.94
CA ASP B 49 28.81 15.67 33.24
C ASP B 49 28.68 14.18 33.57
N LEU B 50 28.36 13.34 32.58
CA LEU B 50 28.24 11.92 32.85
C LEU B 50 29.57 11.32 33.28
N MET B 51 30.67 11.80 32.70
CA MET B 51 31.99 11.32 33.06
C MET B 51 32.55 12.01 34.29
N ASP B 52 31.90 13.05 34.80
CA ASP B 52 32.39 13.79 35.96
C ASP B 52 31.50 13.62 37.18
N ASN B 53 30.18 13.60 37.01
CA ASN B 53 29.28 13.62 38.16
C ASN B 53 28.23 12.51 38.14
N GLY B 54 27.98 11.88 37.00
CA GLY B 54 26.90 10.92 36.93
C GLY B 54 27.31 9.50 37.23
N ILE B 55 28.35 9.02 36.54
CA ILE B 55 28.78 7.63 36.72
C ILE B 55 29.24 7.36 38.14
N PRO B 56 30.08 8.18 38.78
CA PRO B 56 30.47 7.86 40.17
C PRO B 56 29.30 7.87 41.14
N GLN B 57 28.44 8.88 41.07
CA GLN B 57 27.29 8.92 41.97
C GLN B 57 26.35 7.75 41.71
N ILE B 58 26.16 7.37 40.45
CA ILE B 58 25.24 6.27 40.16
C ILE B 58 25.84 4.93 40.55
N VAL B 59 27.16 4.80 40.56
CA VAL B 59 27.77 3.54 40.96
C VAL B 59 27.77 3.41 42.48
N LYS B 60 28.14 4.48 43.17
CA LYS B 60 28.35 4.40 44.61
C LYS B 60 27.03 4.40 45.37
N GLN B 61 26.17 5.39 45.10
CA GLN B 61 25.04 5.69 45.97
C GLN B 61 23.72 5.13 45.47
N MET B 62 23.74 4.13 44.59
CA MET B 62 22.50 3.58 44.06
C MET B 62 22.33 2.08 44.26
N PHE B 63 23.42 1.33 44.49
CA PHE B 63 23.38 -0.13 44.50
C PHE B 63 24.00 -0.70 45.76
N ASN B 64 23.69 -0.13 46.92
CA ASN B 64 24.12 -0.72 48.19
C ASN B 64 23.29 -1.96 48.43
N VAL B 65 23.78 -3.09 47.94
CA VAL B 65 23.10 -4.37 48.09
C VAL B 65 23.11 -4.78 49.55
N ASP B 66 21.95 -5.20 50.06
CA ASP B 66 21.86 -5.76 51.40
C ASP B 66 20.73 -6.77 51.39
N ILE B 67 21.09 -8.05 51.23
CA ILE B 67 20.12 -9.11 51.07
C ILE B 67 20.51 -10.26 51.98
N THR B 68 19.55 -11.13 52.31
CA THR B 68 19.77 -12.24 53.22
C THR B 68 19.34 -13.53 52.56
N TYR B 69 20.22 -14.53 52.58
CA TYR B 69 19.95 -15.81 51.92
C TYR B 69 20.12 -16.94 52.92
N LYS B 70 19.12 -17.83 52.96
CA LYS B 70 19.19 -19.01 53.81
C LYS B 70 20.19 -20.00 53.26
N ASP B 71 21.08 -20.49 54.12
CA ASP B 71 22.09 -21.45 53.73
C ASP B 71 21.58 -22.87 53.90
N GLN B 72 22.00 -23.75 53.01
CA GLN B 72 21.48 -25.12 52.94
C GLN B 72 22.63 -26.13 52.97
N ARG B 73 23.62 -25.89 53.83
CA ARG B 73 24.74 -26.80 54.01
C ARG B 73 24.49 -27.62 55.28
N ASP B 74 24.40 -28.94 55.13
CA ASP B 74 24.01 -29.82 56.21
C ASP B 74 24.98 -30.98 56.33
N HIS B 75 26.26 -30.66 56.53
CA HIS B 75 27.30 -31.67 56.68
C HIS B 75 27.81 -31.79 58.11
N THR B 76 28.18 -30.69 58.74
CA THR B 76 28.72 -30.72 60.09
C THR B 76 27.70 -30.19 61.09
N GLU B 77 27.94 -30.50 62.38
CA GLU B 77 27.06 -30.01 63.43
C GLU B 77 27.10 -28.49 63.50
N ILE B 78 28.26 -27.89 63.25
CA ILE B 78 28.34 -26.44 63.18
C ILE B 78 27.49 -25.92 62.03
N ASP B 79 27.45 -26.65 60.91
CA ASP B 79 26.61 -26.24 59.79
C ASP B 79 25.13 -26.29 60.14
N LYS B 80 24.76 -27.05 61.17
CA LYS B 80 23.37 -27.10 61.64
C LYS B 80 23.03 -25.96 62.60
N LEU B 81 24.03 -25.25 63.13
CA LEU B 81 23.81 -24.17 64.08
C LEU B 81 23.57 -22.83 63.40
N ARG B 82 23.45 -22.83 62.08
CA ARG B 82 23.35 -21.63 61.26
C ARG B 82 21.95 -21.52 60.66
N GLU B 83 21.55 -20.28 60.34
CA GLU B 83 20.24 -20.01 59.76
C GLU B 83 20.34 -19.47 58.33
N SER B 84 21.05 -18.35 58.14
CA SER B 84 21.06 -17.69 56.84
C SER B 84 22.28 -16.78 56.78
N VAL B 85 22.53 -16.24 55.58
CA VAL B 85 23.65 -15.35 55.32
C VAL B 85 23.09 -13.99 54.96
N GLN B 86 23.53 -12.95 55.67
CA GLN B 86 23.12 -11.59 55.37
C GLN B 86 24.23 -10.92 54.56
N ILE B 87 23.97 -10.73 53.26
CA ILE B 87 24.99 -10.27 52.33
C ILE B 87 24.91 -8.75 52.22
N GLN B 88 26.06 -8.08 52.34
CA GLN B 88 26.16 -6.64 52.27
C GLN B 88 27.47 -6.24 51.61
N PHE B 89 27.40 -5.34 50.62
CA PHE B 89 28.62 -4.84 50.00
C PHE B 89 28.33 -3.54 49.27
N ASN B 90 29.38 -2.74 49.07
CA ASN B 90 29.27 -1.45 48.39
C ASN B 90 30.57 -1.17 47.63
N PHE B 91 30.50 -0.20 46.72
CA PHE B 91 31.58 0.14 45.81
C PHE B 91 32.09 1.55 46.08
N THR B 92 33.42 1.70 46.12
CA THR B 92 34.05 2.88 46.69
C THR B 92 34.53 3.89 45.65
N ASP B 93 35.44 3.49 44.78
CA ASP B 93 36.09 4.44 43.88
C ASP B 93 35.76 4.10 42.44
N VAL B 94 35.44 5.13 41.66
CA VAL B 94 35.08 4.96 40.26
C VAL B 94 35.96 5.90 39.44
N ASN B 95 36.56 5.38 38.38
CA ASN B 95 37.34 6.17 37.46
C ASN B 95 37.19 5.62 36.05
N ILE B 96 37.27 6.51 35.07
CA ILE B 96 37.20 6.16 33.67
C ILE B 96 38.39 6.81 32.97
N GLU B 97 39.16 6.01 32.25
CA GLU B 97 40.34 6.48 31.55
C GLU B 97 40.13 6.37 30.04
N ARG B 98 41.03 7.01 29.30
CA ARG B 98 40.89 7.15 27.85
C ARG B 98 41.00 5.79 27.17
N PRO B 99 40.39 5.64 25.99
CA PRO B 99 40.42 4.34 25.32
C PRO B 99 41.85 3.88 25.03
N GLN B 100 42.05 2.56 25.09
CA GLN B 100 43.40 2.00 25.08
C GLN B 100 43.43 0.76 24.20
N HIS B 101 44.63 0.39 23.78
CA HIS B 101 44.82 -0.72 22.86
C HIS B 101 45.87 -1.68 23.42
N ARG B 102 45.84 -2.92 22.95
CA ARG B 102 46.72 -3.97 23.44
C ARG B 102 48.03 -4.08 22.67
N ASN B 103 48.00 -3.95 21.35
CA ASN B 103 49.13 -3.97 20.43
C ASN B 103 49.80 -5.34 20.32
N TYR B 104 49.35 -6.34 21.08
CA TYR B 104 49.82 -7.73 20.97
C TYR B 104 51.34 -7.82 21.09
N SER B 105 51.83 -7.47 22.28
CA SER B 105 53.22 -7.75 22.63
C SER B 105 53.39 -8.15 24.09
N GLN B 106 52.28 -8.38 24.80
CA GLN B 106 52.30 -8.79 26.20
C GLN B 106 53.00 -7.73 27.07
N GLY B 107 52.60 -6.48 26.85
CA GLY B 107 53.11 -5.36 27.64
C GLY B 107 52.01 -4.62 28.36
N ASN B 108 52.08 -3.29 28.41
CA ASN B 108 50.99 -2.49 28.94
C ASN B 108 50.05 -2.10 27.80
N LYS B 109 49.08 -1.23 28.09
CA LYS B 109 48.05 -0.86 27.14
C LYS B 109 48.37 0.51 26.55
N ILE B 110 48.30 0.62 25.23
CA ILE B 110 48.68 1.82 24.51
C ILE B 110 47.43 2.57 24.07
N ASN B 111 47.61 3.86 23.77
CA ASN B 111 46.50 4.71 23.36
C ASN B 111 45.82 4.15 22.12
N LEU B 112 44.49 4.24 22.08
CA LEU B 112 43.69 3.79 20.96
C LEU B 112 43.08 5.01 20.28
N LEU B 113 43.52 5.30 19.06
CA LEU B 113 43.04 6.46 18.32
C LEU B 113 41.77 6.14 17.55
N PRO B 114 40.90 7.14 17.32
CA PRO B 114 39.60 6.86 16.69
C PRO B 114 39.70 6.24 15.30
N ASN B 115 40.69 6.65 14.50
CA ASN B 115 40.82 6.08 13.17
C ASN B 115 41.21 4.61 13.23
N LYS B 116 42.03 4.22 14.21
CA LYS B 116 42.36 2.82 14.41
C LYS B 116 41.11 2.00 14.71
N ALA B 117 40.23 2.52 15.57
CA ALA B 117 38.98 1.83 15.86
C ALA B 117 38.07 1.75 14.64
N ARG B 118 38.07 2.81 13.82
CA ARG B 118 37.29 2.77 12.59
C ARG B 118 37.79 1.69 11.64
N LEU B 119 39.10 1.64 11.42
CA LEU B 119 39.64 0.73 10.42
C LEU B 119 39.64 -0.72 10.90
N CYS B 120 39.91 -0.95 12.18
CA CYS B 120 40.03 -2.30 12.71
C CYS B 120 38.71 -2.89 13.15
N GLY B 121 37.64 -2.11 13.19
CA GLY B 121 36.38 -2.62 13.70
C GLY B 121 36.35 -2.76 15.20
N LEU B 122 37.10 -1.93 15.92
CA LEU B 122 37.14 -1.96 17.37
C LEU B 122 36.04 -1.09 17.95
N SER B 123 36.06 -0.91 19.27
CA SER B 123 35.16 -0.01 19.96
C SER B 123 35.99 1.03 20.71
N TYR B 124 35.56 2.29 20.64
CA TYR B 124 36.30 3.39 21.26
C TYR B 124 35.87 3.52 22.73
N SER B 125 36.08 2.43 23.46
CA SER B 125 35.61 2.30 24.83
C SER B 125 36.76 2.48 25.80
N GLY B 126 36.55 3.32 26.81
CA GLY B 126 37.54 3.56 27.83
C GLY B 126 37.31 2.72 29.07
N PRO B 127 38.40 2.27 29.68
CA PRO B 127 38.30 1.39 30.86
C PRO B 127 37.72 2.10 32.07
N VAL B 128 36.88 1.37 32.79
CA VAL B 128 36.25 1.84 34.02
C VAL B 128 36.81 1.06 35.19
N ASN B 129 37.40 1.76 36.15
CA ASN B 129 38.09 1.16 37.29
C ASN B 129 37.22 1.32 38.52
N LEU B 130 37.07 0.25 39.30
CA LEU B 130 36.23 0.27 40.49
C LEU B 130 36.98 -0.29 41.69
N ALA B 131 36.52 0.12 42.87
CA ALA B 131 36.89 -0.51 44.13
C ALA B 131 35.62 -0.99 44.82
N ALA B 132 35.79 -1.86 45.82
CA ALA B 132 34.63 -2.41 46.50
C ALA B 132 34.99 -2.74 47.95
N GLU B 133 33.95 -2.86 48.77
CA GLU B 133 34.06 -3.30 50.16
C GLU B 133 33.00 -4.37 50.42
N VAL B 134 33.41 -5.48 51.01
CA VAL B 134 32.52 -6.60 51.28
C VAL B 134 32.44 -6.74 52.79
N ILE B 135 31.24 -6.60 53.35
CA ILE B 135 30.97 -6.86 54.77
C ILE B 135 29.79 -7.81 54.86
N LEU B 136 30.05 -9.05 55.27
CA LEU B 136 29.02 -10.07 55.35
C LEU B 136 28.71 -10.40 56.80
N THR B 137 27.48 -10.87 57.04
CA THR B 137 27.00 -11.15 58.39
C THR B 137 26.51 -12.59 58.47
N ALA B 138 26.85 -13.26 59.57
CA ALA B 138 26.50 -14.65 59.79
C ALA B 138 25.47 -14.76 60.89
N HIS B 139 24.34 -15.38 60.60
CA HIS B 139 23.26 -15.57 61.55
C HIS B 139 23.23 -17.03 61.99
N TYR B 140 23.08 -17.24 63.30
CA TYR B 140 23.00 -18.57 63.87
C TYR B 140 21.54 -18.89 64.22
N SER B 141 21.35 -20.06 64.84
CA SER B 141 20.01 -20.47 65.26
C SER B 141 19.52 -19.65 66.45
N ASN B 142 20.41 -19.38 67.41
CA ASN B 142 19.99 -18.75 68.66
C ASN B 142 19.66 -17.28 68.47
N GLY B 143 20.44 -16.57 67.68
CA GLY B 143 20.25 -15.14 67.53
C GLY B 143 21.52 -14.32 67.65
N ARG B 144 22.67 -14.96 67.51
CA ARG B 144 23.95 -14.26 67.54
C ARG B 144 24.49 -14.09 66.12
N GLN B 145 25.29 -13.03 65.94
CA GLN B 145 25.71 -12.57 64.61
C GLN B 145 27.22 -12.50 64.53
N GLU B 146 27.74 -12.84 63.33
CA GLU B 146 29.16 -12.79 63.04
C GLU B 146 29.36 -11.96 61.78
N VAL B 147 30.22 -10.95 61.85
CA VAL B 147 30.45 -10.02 60.76
C VAL B 147 31.91 -10.11 60.32
N LYS B 148 32.12 -10.33 59.03
CA LYS B 148 33.44 -10.34 58.42
C LYS B 148 33.53 -9.21 57.39
N ARG B 149 34.75 -8.70 57.21
CA ARG B 149 34.99 -7.55 56.32
C ARG B 149 36.07 -7.89 55.30
N ALA B 150 35.99 -7.25 54.15
CA ALA B 150 36.93 -7.49 53.06
C ALA B 150 37.15 -6.19 52.30
N SER B 151 38.42 -5.85 52.08
CA SER B 151 38.79 -4.68 51.31
C SER B 151 39.40 -5.12 49.98
N ILE B 152 38.93 -4.54 48.89
CA ILE B 152 39.37 -4.88 47.55
C ILE B 152 40.11 -3.69 46.97
N PRO B 153 41.29 -3.89 46.38
CA PRO B 153 41.98 -2.79 45.72
C PRO B 153 41.29 -2.42 44.41
N PRO B 154 41.76 -1.36 43.72
CA PRO B 154 41.13 -0.98 42.45
C PRO B 154 41.11 -2.11 41.44
N PHE B 155 40.03 -2.18 40.68
CA PHE B 155 39.76 -3.32 39.80
C PHE B 155 38.92 -2.85 38.62
N GLN B 156 39.37 -3.19 37.41
CA GLN B 156 38.68 -2.79 36.18
C GLN B 156 37.40 -3.60 36.01
N VAL B 157 36.26 -2.94 36.06
CA VAL B 157 34.98 -3.64 35.89
C VAL B 157 34.68 -3.89 34.42
N SER B 158 34.78 -2.84 33.59
CA SER B 158 34.47 -2.99 32.17
C SER B 158 34.98 -1.78 31.42
N THR B 159 34.49 -1.63 30.19
CA THR B 159 34.79 -0.50 29.34
C THR B 159 33.49 0.25 29.02
N PHE B 160 33.57 1.57 29.04
CA PHE B 160 32.42 2.42 28.75
C PHE B 160 32.65 3.16 27.45
N PRO B 161 31.67 3.18 26.54
CA PRO B 161 31.86 3.91 25.27
C PRO B 161 32.14 5.38 25.50
N ILE B 162 33.00 5.95 24.67
CA ILE B 162 33.48 7.31 24.84
C ILE B 162 33.04 8.13 23.64
N MET B 163 32.53 9.34 23.90
CA MET B 163 32.06 10.21 22.84
C MET B 163 33.22 11.00 22.24
N ARG B 164 33.24 11.06 20.91
CA ARG B 164 34.26 11.84 20.21
C ARG B 164 34.12 13.33 20.51
N GLY B 165 35.26 13.99 20.67
CA GLY B 165 35.27 15.40 21.01
C GLY B 165 35.02 15.68 22.47
N SER B 166 34.94 14.65 23.31
CA SER B 166 34.63 14.80 24.73
C SER B 166 35.94 14.91 25.51
N ASN B 167 35.81 15.05 26.83
CA ASN B 167 37.00 15.28 27.66
C ASN B 167 37.87 14.04 27.76
N ARG B 168 37.27 12.84 27.69
CA ARG B 168 38.01 11.58 27.78
C ARG B 168 38.47 11.07 26.42
N CYS B 169 38.29 11.85 25.36
CA CYS B 169 38.74 11.48 24.03
C CYS B 169 40.17 11.94 23.81
N HIS B 170 40.89 11.22 22.93
CA HIS B 170 42.25 11.62 22.60
C HIS B 170 42.28 12.92 21.81
N THR B 171 41.24 13.19 21.02
CA THR B 171 41.17 14.42 20.23
C THR B 171 40.59 15.57 21.04
N HIS B 172 41.16 15.81 22.21
CA HIS B 172 40.77 16.93 23.05
C HIS B 172 41.94 17.86 23.35
N HIS B 173 43.12 17.33 23.62
CA HIS B 173 44.34 18.12 23.71
C HIS B 173 44.89 18.51 22.34
N LEU B 174 44.56 17.75 21.30
CA LEU B 174 45.12 17.94 19.97
C LEU B 174 44.55 19.21 19.36
N SER B 175 45.37 19.91 18.59
CA SER B 175 44.94 21.08 17.85
C SER B 175 44.50 20.66 16.45
N LYS B 176 44.22 21.65 15.60
CA LYS B 176 43.75 21.37 14.25
C LYS B 176 44.83 20.69 13.42
N THR B 177 46.07 21.16 13.53
CA THR B 177 47.17 20.54 12.80
C THR B 177 47.42 19.13 13.29
N ALA B 178 47.37 18.91 14.60
CA ALA B 178 47.57 17.57 15.14
C ALA B 178 46.44 16.62 14.74
N LYS B 179 45.19 17.09 14.81
CA LYS B 179 44.06 16.26 14.38
C LYS B 179 44.18 15.90 12.91
N LYS B 180 44.60 16.87 12.09
CA LYS B 180 44.81 16.62 10.67
C LYS B 180 45.96 15.64 10.45
N GLU B 181 46.97 15.69 11.31
CA GLU B 181 48.15 14.83 11.13
C GLU B 181 47.85 13.39 11.52
N ILE B 182 47.01 13.17 12.53
CA ILE B 182 46.78 11.81 13.00
C ILE B 182 45.65 11.09 12.28
N GLY B 183 45.02 11.74 11.28
CA GLY B 183 44.04 11.05 10.46
C GLY B 183 42.60 11.35 10.81
N GLU B 184 42.34 12.53 11.35
CA GLU B 184 40.99 12.94 11.74
C GLU B 184 40.53 14.09 10.86
N ASP B 185 39.21 14.26 10.82
CA ASP B 185 38.58 15.42 10.18
C ASP B 185 38.79 16.64 11.06
N PRO B 186 39.65 17.58 10.66
CA PRO B 186 39.97 18.71 11.55
C PRO B 186 38.86 19.70 11.72
N ASN B 187 37.77 19.59 10.95
CA ASN B 187 36.66 20.52 11.04
C ASN B 187 35.43 19.90 11.68
N GLU B 188 35.34 18.58 11.68
CA GLU B 188 34.20 17.89 12.27
C GLU B 188 34.15 18.15 13.76
N PRO B 189 33.00 18.60 14.30
CA PRO B 189 32.93 18.89 15.73
C PRO B 189 32.92 17.64 16.60
N GLY B 190 32.50 16.50 16.08
CA GLY B 190 32.48 15.26 16.84
C GLY B 190 31.13 15.04 17.49
N GLY B 191 31.14 14.57 18.73
CA GLY B 191 29.92 14.26 19.45
C GLY B 191 29.23 12.97 19.05
N TYR B 192 29.99 11.98 18.60
CA TYR B 192 29.42 10.70 18.22
C TYR B 192 30.20 9.58 18.87
N PHE B 193 29.74 8.35 18.65
CA PHE B 193 30.31 7.15 19.24
C PHE B 193 30.77 6.20 18.15
N ILE B 194 31.88 5.50 18.42
CA ILE B 194 32.40 4.47 17.53
C ILE B 194 32.28 3.14 18.25
N ALA B 195 31.55 2.20 17.66
CA ALA B 195 31.37 0.88 18.24
C ALA B 195 31.36 -0.15 17.12
N ARG B 196 32.25 -1.13 17.22
CA ARG B 196 32.47 -2.11 16.16
C ARG B 196 32.85 -1.42 14.86
N GLY B 197 33.61 -0.32 14.99
CA GLY B 197 34.11 0.40 13.85
C GLY B 197 33.14 1.32 13.17
N GLY B 198 31.86 1.27 13.51
CA GLY B 198 30.86 2.13 12.93
C GLY B 198 30.53 3.31 13.83
N GLU B 199 30.01 4.36 13.21
CA GLU B 199 29.75 5.62 13.89
C GLU B 199 28.27 5.70 14.24
N TRP B 200 27.98 5.96 15.51
CA TRP B 200 26.62 5.94 16.02
C TRP B 200 26.33 7.22 16.78
N VAL B 201 25.09 7.68 16.64
CA VAL B 201 24.64 8.91 17.27
C VAL B 201 23.54 8.55 18.27
N VAL B 202 23.74 8.92 19.52
CA VAL B 202 22.72 8.71 20.56
C VAL B 202 21.71 9.83 20.45
N ASP B 203 20.48 9.48 20.08
CA ASP B 203 19.47 10.47 19.73
C ASP B 203 18.96 11.21 20.95
N LEU B 204 18.70 12.49 20.79
CA LEU B 204 17.95 13.24 21.80
C LEU B 204 16.52 12.70 21.84
N LEU B 205 16.14 12.11 22.96
CA LEU B 205 14.81 11.54 23.10
C LEU B 205 13.89 12.53 23.79
N GLU B 206 12.68 12.65 23.26
CA GLU B 206 11.65 13.55 23.77
C GLU B 206 10.84 12.80 24.81
N ASN B 207 11.03 13.17 26.07
CA ASN B 207 10.28 12.55 27.16
C ASN B 207 9.37 13.58 27.84
N ILE B 208 8.47 13.09 28.64
CA ILE B 208 7.50 13.91 29.35
C ILE B 208 8.17 14.48 30.58
N ARG B 209 7.68 15.63 31.04
CA ARG B 209 8.25 16.27 32.22
C ARG B 209 7.83 15.51 33.47
N PHE B 210 8.79 15.29 34.37
CA PHE B 210 8.52 14.57 35.61
C PHE B 210 8.04 15.54 36.69
N ASN B 211 7.51 14.96 37.77
CA ASN B 211 7.05 15.72 38.94
C ASN B 211 5.82 16.57 38.62
N THR B 212 5.06 16.20 37.59
CA THR B 212 3.93 17.01 37.16
C THR B 212 2.76 16.12 36.76
N LEU B 213 1.56 16.70 36.82
CA LEU B 213 0.31 15.97 36.67
C LEU B 213 -0.20 16.06 35.24
N HIS B 214 -0.46 14.92 34.62
CA HIS B 214 -0.99 14.87 33.27
C HIS B 214 -2.38 14.25 33.30
N ILE B 215 -3.39 15.04 32.95
CA ILE B 215 -4.78 14.63 33.02
C ILE B 215 -5.27 14.36 31.60
N HIS B 216 -5.82 13.17 31.38
CA HIS B 216 -6.33 12.80 30.06
C HIS B 216 -7.76 12.30 30.18
N TYR B 217 -8.27 11.82 29.05
CA TYR B 217 -9.58 11.19 28.97
C TYR B 217 -9.45 9.76 28.47
N ASN B 225 -16.66 2.67 32.26
CA ASN B 225 -15.71 2.54 33.36
C ASN B 225 -14.86 3.80 33.50
N GLU B 226 -13.55 3.64 33.35
CA GLU B 226 -12.60 4.74 33.53
C GLU B 226 -12.79 5.76 32.41
N ILE B 227 -13.26 6.96 32.77
CA ILE B 227 -13.47 8.01 31.78
C ILE B 227 -12.27 8.95 31.76
N ILE B 228 -11.67 9.17 32.93
CA ILE B 228 -10.53 10.08 33.07
C ILE B 228 -9.41 9.37 33.82
N ARG B 229 -8.21 9.96 33.72
CA ARG B 229 -7.00 9.31 34.20
C ARG B 229 -5.97 10.39 34.50
N GLY B 230 -5.47 10.41 35.72
CA GLY B 230 -4.41 11.34 36.06
C GLY B 230 -3.12 10.63 36.42
N GLU B 231 -2.08 10.77 35.60
CA GLU B 231 -0.80 10.16 35.90
C GLU B 231 0.14 11.19 36.51
N PHE B 232 1.18 10.68 37.17
CA PHE B 232 2.13 11.51 37.89
C PHE B 232 3.37 10.68 38.15
N ILE B 233 4.44 10.95 37.43
CA ILE B 233 5.69 10.21 37.59
C ILE B 233 6.57 11.06 38.49
N SER B 234 6.64 10.71 39.76
CA SER B 234 7.46 11.44 40.71
C SER B 234 8.89 10.92 40.71
N GLN B 235 9.83 11.80 40.98
CA GLN B 235 11.24 11.43 40.96
C GLN B 235 11.97 12.06 42.15
N PRO B 236 12.67 11.25 42.95
CA PRO B 236 13.27 11.74 44.20
C PRO B 236 14.08 13.01 44.12
N GLY B 237 14.57 13.37 42.94
CA GLY B 237 15.43 14.53 42.83
C GLY B 237 16.76 14.19 42.18
N GLY B 238 16.89 14.56 40.92
CA GLY B 238 17.99 14.17 40.08
C GLY B 238 17.50 13.51 38.79
N ALA B 239 18.37 13.52 37.79
CA ALA B 239 18.02 13.01 36.48
C ALA B 239 18.07 11.50 36.39
N PHE B 240 18.83 10.82 37.26
CA PHE B 240 19.10 9.40 37.12
C PHE B 240 18.35 8.54 38.12
N GLU B 241 17.64 9.13 39.08
CA GLU B 241 16.99 8.39 40.14
C GLU B 241 15.84 7.56 39.60
N ASN B 242 15.37 6.61 40.42
CA ASN B 242 14.24 5.80 40.04
C ASN B 242 12.93 6.56 40.27
N SER B 243 11.99 6.39 39.34
CA SER B 243 10.76 7.14 39.33
C SER B 243 9.57 6.23 39.63
N SER B 244 8.67 6.72 40.46
CA SER B 244 7.46 5.98 40.84
C SER B 244 6.25 6.66 40.21
N GLN B 245 5.49 5.89 39.43
CA GLN B 245 4.28 6.38 38.80
C GLN B 245 3.07 6.08 39.68
N ILE B 246 2.20 7.07 39.85
CA ILE B 246 0.92 6.86 40.50
C ILE B 246 -0.17 7.30 39.52
N ILE B 247 -1.28 6.58 39.52
CA ILE B 247 -2.42 6.91 38.67
C ILE B 247 -3.64 7.10 39.56
N ILE B 248 -4.31 8.24 39.40
CA ILE B 248 -5.53 8.56 40.12
C ILE B 248 -6.66 8.58 39.10
N ARG B 249 -7.40 7.47 39.00
CA ARG B 249 -8.44 7.33 37.99
C ARG B 249 -9.82 7.46 38.62
N TYR B 250 -10.77 7.86 37.79
CA TYR B 250 -12.15 8.08 38.18
C TYR B 250 -13.05 7.30 37.24
N MET B 251 -13.90 6.45 37.79
CA MET B 251 -14.74 5.55 37.02
C MET B 251 -16.17 6.06 36.93
N THR B 252 -16.96 5.41 36.08
CA THR B 252 -18.35 5.82 35.91
C THR B 252 -19.17 5.55 37.16
N THR B 253 -18.84 4.48 37.90
CA THR B 253 -19.56 4.17 39.12
C THR B 253 -19.41 5.30 40.14
N GLY B 254 -18.21 5.82 40.31
CA GLY B 254 -17.97 6.90 41.24
C GLY B 254 -16.70 6.70 42.03
N ALA B 255 -16.16 5.49 41.98
CA ALA B 255 -14.94 5.17 42.71
C ALA B 255 -13.75 5.95 42.17
N ILE B 256 -12.96 6.50 43.08
CA ILE B 256 -11.69 7.14 42.76
C ILE B 256 -10.60 6.26 43.35
N THR B 257 -9.98 5.43 42.51
CA THR B 257 -8.99 4.47 42.96
C THR B 257 -7.61 4.92 42.53
N ILE B 258 -6.61 4.49 43.30
CA ILE B 258 -5.23 4.93 43.14
C ILE B 258 -4.35 3.73 42.90
N GLU B 259 -3.54 3.78 41.85
CA GLU B 259 -2.62 2.72 41.47
C GLU B 259 -1.20 3.23 41.61
N ILE B 260 -0.26 2.32 41.89
CA ILE B 260 1.16 2.68 41.95
C ILE B 260 1.91 1.67 41.09
N ASN B 261 2.14 2.02 39.83
CA ASN B 261 3.04 1.27 38.97
C ASN B 261 4.48 1.47 39.46
N SER B 262 5.13 0.37 39.83
CA SER B 262 6.54 0.39 40.20
C SER B 262 7.06 -1.04 40.17
N THR B 263 8.33 -1.21 40.51
CA THR B 263 8.97 -2.53 40.47
C THR B 263 8.37 -3.47 41.51
N LYS B 264 8.20 -3.00 42.75
CA LYS B 264 7.81 -3.90 43.83
C LYS B 264 6.38 -4.39 43.66
N PHE B 265 5.52 -3.58 43.07
CA PHE B 265 4.11 -3.91 42.93
C PHE B 265 3.76 -4.11 41.45
N SER B 266 2.49 -4.40 41.20
CA SER B 266 2.01 -4.60 39.83
C SER B 266 0.56 -4.11 39.76
N LYS B 267 0.40 -2.86 39.33
CA LYS B 267 -0.89 -2.30 38.93
C LYS B 267 -2.03 -2.70 39.88
N LEU B 268 -1.76 -2.60 41.19
CA LEU B 268 -2.81 -2.78 42.18
C LEU B 268 -3.56 -1.46 42.35
N ARG B 269 -4.88 -1.54 42.38
CA ARG B 269 -5.72 -0.35 42.50
C ARG B 269 -6.31 -0.29 43.90
N ILE B 270 -6.06 0.83 44.57
CA ILE B 270 -6.54 1.08 45.93
C ILE B 270 -7.48 2.25 45.87
N PRO B 271 -8.67 2.17 46.47
CA PRO B 271 -9.51 3.36 46.61
C PRO B 271 -8.81 4.45 47.43
N TRP B 272 -9.15 5.70 47.11
CA TRP B 272 -8.41 6.85 47.61
C TRP B 272 -8.55 7.07 49.11
N TYR B 273 -9.68 6.74 49.70
CA TYR B 273 -9.87 6.93 51.14
C TYR B 273 -8.92 6.06 51.94
N LEU B 274 -8.63 4.85 51.46
CA LEU B 274 -7.83 3.90 52.22
C LEU B 274 -6.37 4.37 52.33
N ILE B 275 -5.86 5.03 51.29
CA ILE B 275 -4.51 5.57 51.34
C ILE B 275 -4.41 6.66 52.40
N PHE B 276 -5.41 7.54 52.47
CA PHE B 276 -5.40 8.57 53.51
C PHE B 276 -5.50 7.96 54.90
N ARG B 277 -6.33 6.93 55.08
CA ARG B 277 -6.47 6.29 56.38
C ARG B 277 -5.21 5.57 56.82
N MET B 278 -4.51 4.90 55.89
CA MET B 278 -3.25 4.24 56.23
C MET B 278 -2.21 5.20 56.77
N PHE B 279 -2.35 6.49 56.52
CA PHE B 279 -1.30 7.46 56.82
C PHE B 279 -1.64 8.35 58.01
N GLY B 280 -2.54 7.93 58.89
CA GLY B 280 -2.78 8.65 60.12
C GLY B 280 -3.86 9.71 60.09
N MET B 281 -4.78 9.65 59.12
CA MET B 281 -5.81 10.65 58.97
C MET B 281 -7.13 9.92 58.72
N THR B 282 -8.10 10.09 59.63
CA THR B 282 -9.32 9.29 59.60
C THR B 282 -10.61 10.06 59.37
N GLY B 283 -10.79 11.21 60.03
CA GLY B 283 -12.06 11.92 59.99
C GLY B 283 -12.51 12.31 58.60
N ASP B 284 -13.75 11.94 58.25
CA ASP B 284 -14.24 12.17 56.89
C ASP B 284 -14.29 13.65 56.55
N ASP B 285 -14.72 14.51 57.49
CA ASP B 285 -14.65 15.94 57.24
C ASP B 285 -13.22 16.37 56.98
N SER B 286 -12.29 15.89 57.80
CA SER B 286 -10.88 16.22 57.61
C SER B 286 -10.35 15.65 56.30
N ILE B 287 -10.80 14.44 55.93
CA ILE B 287 -10.37 13.83 54.68
C ILE B 287 -10.80 14.70 53.50
N ILE B 288 -12.05 15.18 53.52
CA ILE B 288 -12.51 16.07 52.47
C ILE B 288 -11.74 17.39 52.48
N GLU B 289 -11.39 17.90 53.67
CA GLU B 289 -10.58 19.11 53.71
C GLU B 289 -9.20 18.92 53.09
N GLN B 290 -8.75 17.69 52.87
CA GLN B 290 -7.57 17.47 52.06
C GLN B 290 -7.80 17.78 50.59
N VAL B 291 -9.02 17.59 50.09
CA VAL B 291 -9.32 17.73 48.67
C VAL B 291 -9.97 19.08 48.37
N VAL B 292 -10.96 19.48 49.17
CA VAL B 292 -11.69 20.71 48.91
C VAL B 292 -11.05 21.93 49.57
N PHE B 293 -10.18 21.71 50.56
CA PHE B 293 -9.51 22.77 51.32
C PHE B 293 -10.50 23.61 52.11
N ASP B 294 -11.78 23.24 52.09
CA ASP B 294 -12.79 24.03 52.79
C ASP B 294 -14.02 23.17 53.04
N LEU B 295 -14.85 23.63 53.99
CA LEU B 295 -16.16 23.06 54.23
C LEU B 295 -17.23 24.13 54.40
N GLU B 296 -16.86 25.41 54.30
CA GLU B 296 -17.75 26.52 54.58
C GLU B 296 -17.97 27.44 53.38
N SER B 297 -17.61 27.00 52.18
CA SER B 297 -17.92 27.72 50.96
C SER B 297 -18.96 26.93 50.19
N ASN B 298 -20.09 27.57 49.87
CA ASN B 298 -21.20 26.92 49.17
C ASN B 298 -21.29 27.39 47.73
N SER B 299 -20.16 27.63 47.10
CA SER B 299 -20.12 27.92 45.67
C SER B 299 -20.33 26.64 44.88
N LEU B 300 -20.81 26.79 43.64
CA LEU B 300 -21.24 25.64 42.86
C LEU B 300 -20.14 24.58 42.75
N VAL B 301 -18.90 25.02 42.48
CA VAL B 301 -17.80 24.08 42.32
C VAL B 301 -17.59 23.29 43.61
N ASN B 302 -17.64 23.98 44.76
CA ASN B 302 -17.42 23.29 46.03
C ASN B 302 -18.50 22.25 46.30
N THR B 303 -19.77 22.62 46.18
CA THR B 303 -20.85 21.69 46.47
C THR B 303 -20.81 20.50 45.52
N PHE B 304 -20.55 20.77 44.24
CA PHE B 304 -20.42 19.70 43.25
C PHE B 304 -19.26 18.77 43.60
N MET B 305 -18.12 19.33 44.01
CA MET B 305 -16.97 18.52 44.40
C MET B 305 -17.31 17.64 45.60
N ILE B 306 -17.95 18.22 46.62
CA ILE B 306 -18.30 17.46 47.81
C ILE B 306 -19.27 16.35 47.47
N GLU B 307 -20.24 16.62 46.59
CA GLU B 307 -21.15 15.58 46.14
C GLU B 307 -20.39 14.44 45.47
N ILE B 308 -19.44 14.79 44.60
CA ILE B 308 -18.66 13.77 43.90
C ILE B 308 -17.89 12.91 44.90
N LEU B 309 -17.26 13.55 45.89
CA LEU B 309 -16.45 12.80 46.85
C LEU B 309 -17.33 11.92 47.74
N GLU B 310 -18.50 12.44 48.15
CA GLU B 310 -19.41 11.67 49.00
C GLU B 310 -19.94 10.45 48.27
N LYS B 311 -20.28 10.61 46.98
CA LYS B 311 -20.66 9.44 46.20
C LYS B 311 -19.48 8.49 46.01
N SER B 312 -18.27 9.04 45.95
CA SER B 312 -17.08 8.20 45.74
C SER B 312 -16.80 7.31 46.94
N ILE B 313 -17.01 7.82 48.15
CA ILE B 313 -16.54 7.09 49.34
C ILE B 313 -17.53 6.00 49.72
N HIS B 314 -18.53 5.75 48.88
CA HIS B 314 -19.52 4.72 49.17
C HIS B 314 -19.63 3.72 48.02
N VAL B 315 -18.52 3.16 47.60
CA VAL B 315 -18.50 2.13 46.56
C VAL B 315 -17.93 0.85 47.16
N LEU B 316 -18.30 -0.28 46.58
CA LEU B 316 -17.83 -1.59 47.02
C LEU B 316 -16.78 -2.10 46.04
N ASP B 317 -15.52 -1.85 46.34
CA ASP B 317 -14.44 -2.45 45.56
C ASP B 317 -14.35 -3.94 45.88
N PRO B 318 -14.28 -4.80 44.86
CA PRO B 318 -14.29 -6.25 45.13
C PRO B 318 -13.16 -6.70 46.03
N ILE B 319 -12.00 -6.05 45.98
CA ILE B 319 -10.85 -6.52 46.73
C ILE B 319 -10.76 -5.84 48.09
N PHE B 320 -11.39 -4.68 48.24
CA PHE B 320 -11.34 -3.88 49.46
C PHE B 320 -12.72 -3.83 50.12
N GLN B 321 -13.38 -4.99 50.22
CA GLN B 321 -14.69 -5.04 50.87
C GLN B 321 -14.58 -5.11 52.39
N PRO B 322 -13.83 -6.04 52.98
CA PRO B 322 -13.80 -6.13 54.45
C PRO B 322 -13.00 -5.04 55.13
N VAL B 323 -12.44 -4.10 54.39
CA VAL B 323 -11.62 -3.04 54.98
C VAL B 323 -12.32 -1.71 54.70
N GLN B 324 -13.49 -1.79 54.07
CA GLN B 324 -14.20 -0.64 53.54
C GLN B 324 -14.48 0.40 54.61
N HIS B 325 -14.80 -0.04 55.83
CA HIS B 325 -15.20 0.86 56.91
C HIS B 325 -14.30 0.74 58.13
N GLU B 326 -13.08 0.23 57.96
CA GLU B 326 -12.16 0.05 59.08
C GLU B 326 -11.76 1.39 59.68
N LEU B 327 -11.47 1.38 60.98
CA LEU B 327 -11.21 2.59 61.72
C LEU B 327 -9.74 2.87 61.98
N ASN B 328 -8.87 1.85 62.01
CA ASN B 328 -7.47 2.05 62.34
C ASN B 328 -6.59 1.76 61.13
N ARG B 329 -5.28 1.69 61.36
CA ARG B 329 -4.32 1.60 60.27
C ARG B 329 -3.57 0.27 60.23
N GLU B 330 -3.17 -0.25 61.38
CA GLU B 330 -2.24 -1.38 61.42
C GLU B 330 -2.83 -2.63 60.77
N LYS B 331 -4.11 -2.89 61.01
CA LYS B 331 -4.74 -4.02 60.33
C LYS B 331 -5.01 -3.75 58.85
N ILE B 332 -5.21 -2.49 58.45
CA ILE B 332 -5.26 -2.19 57.03
C ILE B 332 -3.93 -2.50 56.37
N ILE B 333 -2.83 -2.15 57.04
CA ILE B 333 -1.49 -2.51 56.56
C ILE B 333 -1.35 -4.02 56.48
N GLN B 334 -1.90 -4.74 57.46
CA GLN B 334 -1.83 -6.20 57.42
C GLN B 334 -2.58 -6.76 56.23
N PHE B 335 -3.77 -6.22 55.95
CA PHE B 335 -4.53 -6.64 54.78
C PHE B 335 -3.79 -6.33 53.49
N LEU B 336 -3.11 -5.18 53.45
CA LEU B 336 -2.26 -4.86 52.30
C LEU B 336 -1.17 -5.90 52.11
N SER B 337 -0.48 -6.25 53.20
CA SER B 337 0.59 -7.23 53.11
C SER B 337 0.06 -8.59 52.67
N GLU B 338 -1.18 -8.91 53.07
CA GLU B 338 -1.83 -10.12 52.59
C GLU B 338 -2.03 -10.07 51.08
N LYS B 339 -2.44 -8.91 50.57
CA LYS B 339 -2.72 -8.81 49.13
C LYS B 339 -1.45 -8.80 48.29
N VAL B 340 -0.42 -8.06 48.72
CA VAL B 340 0.68 -7.74 47.80
C VAL B 340 1.90 -8.66 47.92
N SER B 341 2.13 -9.27 49.09
CA SER B 341 3.33 -10.07 49.29
C SER B 341 3.27 -11.32 48.41
N LYS B 342 4.17 -11.38 47.42
CA LYS B 342 4.16 -12.50 46.48
C LYS B 342 4.77 -13.76 47.09
N PHE B 343 5.83 -13.60 47.88
CA PHE B 343 6.45 -14.73 48.55
C PHE B 343 5.61 -15.28 49.70
N VAL B 344 4.53 -14.60 50.07
CA VAL B 344 3.58 -15.09 51.07
C VAL B 344 2.42 -15.74 50.34
N SER B 345 2.14 -17.00 50.68
CA SER B 345 1.03 -17.73 50.09
C SER B 345 0.32 -18.62 51.11
N ASN B 346 0.69 -18.54 52.38
CA ASN B 346 0.10 -19.35 53.44
C ASN B 346 -0.39 -18.43 54.55
N PRO B 347 -1.59 -17.86 54.40
CA PRO B 347 -2.17 -17.09 55.49
C PRO B 347 -2.53 -17.98 56.67
N SER B 348 -2.78 -17.35 57.80
CA SER B 348 -3.10 -17.99 59.08
C SER B 348 -1.95 -18.86 59.59
N ALA B 349 -0.74 -18.70 59.04
CA ALA B 349 0.45 -19.34 59.57
C ALA B 349 1.43 -18.35 60.16
N TYR B 350 1.75 -17.27 59.44
CA TYR B 350 2.63 -16.24 59.99
C TYR B 350 1.89 -15.36 60.99
N LYS B 351 0.56 -15.34 60.94
CA LYS B 351 -0.25 -14.59 61.89
C LYS B 351 -0.31 -15.24 63.27
N SER B 352 0.12 -16.50 63.38
CA SER B 352 0.21 -17.18 64.66
C SER B 352 1.32 -16.63 65.54
N ASP B 353 2.27 -15.91 64.96
CA ASP B 353 3.39 -15.31 65.68
C ASP B 353 3.20 -13.80 65.68
N GLU B 354 4.09 -13.11 66.40
CA GLU B 354 3.97 -11.66 66.59
C GLU B 354 4.99 -10.86 65.80
N ASN B 355 6.26 -11.29 65.79
CA ASN B 355 7.32 -10.49 65.17
C ASN B 355 7.06 -10.28 63.68
N ALA B 356 6.51 -11.28 63.00
CA ALA B 356 6.28 -11.16 61.57
C ALA B 356 5.28 -10.07 61.25
N VAL B 357 4.25 -9.90 62.09
CA VAL B 357 3.24 -8.87 61.86
C VAL B 357 3.87 -7.49 61.91
N GLN B 358 4.68 -7.23 62.93
CA GLN B 358 5.35 -5.93 63.04
C GLN B 358 6.35 -5.74 61.92
N TYR B 359 7.07 -6.80 61.54
CA TYR B 359 8.01 -6.72 60.43
C TYR B 359 7.28 -6.31 59.15
N LEU B 360 6.15 -6.96 58.86
CA LEU B 360 5.38 -6.62 57.67
C LEU B 360 4.83 -5.21 57.74
N ASN B 361 4.35 -4.79 58.92
CA ASN B 361 3.82 -3.43 59.06
C ASN B 361 4.91 -2.39 58.81
N GLU B 362 6.09 -2.57 59.40
CA GLU B 362 7.21 -1.67 59.16
C GLU B 362 7.60 -1.69 57.69
N ARG B 363 7.65 -2.88 57.07
CA ARG B 363 8.07 -2.98 55.68
C ARG B 363 7.11 -2.24 54.76
N GLN B 364 5.81 -2.44 54.96
CA GLN B 364 4.83 -1.73 54.14
C GLN B 364 4.88 -0.22 54.38
N LEU B 365 5.02 0.20 55.64
CA LEU B 365 5.12 1.63 55.92
C LEU B 365 6.33 2.24 55.23
N THR B 366 7.49 1.58 55.32
CA THR B 366 8.70 2.17 54.74
C THR B 366 8.68 2.12 53.22
N ILE B 367 8.11 1.06 52.64
CA ILE B 367 8.09 0.97 51.18
C ILE B 367 7.14 2.01 50.61
N LEU B 368 5.94 2.15 51.20
CA LEU B 368 5.05 3.20 50.75
C LEU B 368 5.55 4.59 51.13
N ASP B 369 6.45 4.69 52.11
CA ASP B 369 7.08 5.96 52.37
C ASP B 369 8.20 6.23 51.38
N LYS B 370 8.60 5.20 50.61
CA LYS B 370 9.47 5.43 49.46
C LYS B 370 8.76 5.35 48.12
N ILE B 371 7.66 4.59 48.00
CA ILE B 371 7.02 4.45 46.70
C ILE B 371 5.80 5.35 46.51
N LEU B 372 5.43 6.16 47.49
CA LEU B 372 4.40 7.17 47.32
C LEU B 372 5.02 8.55 47.39
N LEU B 373 5.00 9.27 46.27
CA LEU B 373 5.57 10.62 46.16
C LEU B 373 6.98 10.73 46.74
N PRO B 374 7.95 9.97 46.21
CA PRO B 374 9.31 10.06 46.75
C PRO B 374 9.92 11.46 46.67
N HIS B 375 9.48 12.31 45.73
CA HIS B 375 10.09 13.61 45.56
C HIS B 375 9.89 14.54 46.75
N MET B 376 8.96 14.23 47.64
CA MET B 376 8.71 15.05 48.81
C MET B 376 9.48 14.59 50.05
N GLY B 377 10.16 13.46 49.97
CA GLY B 377 10.85 12.89 51.12
C GLY B 377 10.48 11.43 51.31
N GLN B 378 11.32 10.69 52.03
CA GLN B 378 11.08 9.26 52.20
C GLN B 378 11.00 8.83 53.66
N THR B 379 10.90 9.76 54.59
CA THR B 379 10.80 9.44 56.01
C THR B 379 9.37 9.68 56.48
N ALA B 380 9.08 9.23 57.70
CA ALA B 380 7.71 9.24 58.21
C ALA B 380 7.22 10.65 58.52
N ASP B 381 8.14 11.60 58.75
CA ASP B 381 7.69 12.95 59.08
C ASP B 381 7.16 13.70 57.87
N THR B 382 7.43 13.22 56.67
CA THR B 382 6.89 13.83 55.46
C THR B 382 5.66 13.11 54.95
N ARG B 383 4.87 12.49 55.83
CA ARG B 383 3.68 11.77 55.38
C ARG B 383 2.46 12.69 55.31
N VAL B 384 2.37 13.66 56.20
CA VAL B 384 1.23 14.58 56.18
C VAL B 384 1.29 15.48 54.96
N ARG B 385 2.48 15.99 54.63
CA ARG B 385 2.60 16.78 53.42
C ARG B 385 2.35 15.94 52.17
N LYS B 386 2.70 14.65 52.20
CA LYS B 386 2.30 13.77 51.10
C LYS B 386 0.78 13.72 50.99
N LEU B 387 0.10 13.63 52.12
CA LEU B 387 -1.36 13.59 52.11
C LEU B 387 -1.94 14.87 51.51
N ARG B 388 -1.40 16.02 51.91
CA ARG B 388 -1.89 17.29 51.36
C ARG B 388 -1.63 17.38 49.86
N PHE B 389 -0.45 16.95 49.41
CA PHE B 389 -0.16 16.98 47.99
C PHE B 389 -1.11 16.08 47.20
N LEU B 390 -1.39 14.88 47.72
CA LEU B 390 -2.33 14.00 47.04
C LEU B 390 -3.74 14.61 47.00
N GLY B 391 -4.13 15.29 48.08
CA GLY B 391 -5.41 15.96 48.06
C GLY B 391 -5.48 17.03 46.99
N LEU B 392 -4.42 17.83 46.86
CA LEU B 392 -4.41 18.87 45.84
C LEU B 392 -4.41 18.28 44.43
N LEU B 393 -3.71 17.17 44.23
CA LEU B 393 -3.74 16.51 42.92
C LEU B 393 -5.15 16.06 42.57
N ILE B 394 -5.84 15.39 43.50
CA ILE B 394 -7.20 14.94 43.24
C ILE B 394 -8.11 16.13 42.98
N HIS B 395 -7.87 17.23 43.69
CA HIS B 395 -8.62 18.46 43.45
C HIS B 395 -8.48 18.93 42.01
N LYS B 396 -7.25 18.88 41.48
CA LYS B 396 -7.02 19.27 40.09
C LYS B 396 -7.74 18.33 39.12
N ILE B 397 -7.65 17.03 39.36
CA ILE B 397 -8.33 16.08 38.46
C ILE B 397 -9.82 16.37 38.42
N LEU B 398 -10.42 16.59 39.59
CA LEU B 398 -11.86 16.85 39.65
C LEU B 398 -12.22 18.21 39.05
N LEU B 399 -11.29 19.17 39.09
CA LEU B 399 -11.52 20.42 38.37
C LEU B 399 -11.58 20.20 36.87
N VAL B 400 -10.72 19.33 36.34
CA VAL B 400 -10.84 19.00 34.93
C VAL B 400 -12.16 18.30 34.66
N ILE B 401 -12.65 17.47 35.60
CA ILE B 401 -13.98 16.90 35.45
C ILE B 401 -15.06 17.97 35.32
N MET B 402 -14.93 19.07 36.07
CA MET B 402 -16.00 20.05 36.17
C MET B 402 -16.15 20.87 34.90
N ASN B 403 -15.32 20.63 33.89
CA ASN B 403 -15.28 21.44 32.66
C ASN B 403 -14.96 22.89 32.97
N VAL B 404 -14.17 23.14 34.00
CA VAL B 404 -13.67 24.47 34.28
C VAL B 404 -12.36 24.73 33.54
N PHE B 405 -11.51 23.72 33.45
CA PHE B 405 -10.24 23.74 32.76
C PHE B 405 -10.16 22.56 31.81
N PRO B 406 -9.39 22.68 30.72
CA PRO B 406 -9.25 21.57 29.78
C PRO B 406 -8.31 20.52 30.33
N PRO B 407 -8.24 19.34 29.70
CA PRO B 407 -7.19 18.38 30.06
C PRO B 407 -5.81 18.83 29.62
N THR B 408 -4.81 18.00 29.85
CA THR B 408 -3.43 18.33 29.51
C THR B 408 -3.22 18.26 28.01
N ASP B 409 -2.54 19.26 27.45
CA ASP B 409 -2.15 19.27 26.05
C ASP B 409 -0.91 18.41 25.86
N ARG B 410 -1.07 17.25 25.20
CA ARG B 410 -0.01 16.28 25.09
C ARG B 410 1.10 16.70 24.14
N ASP B 411 0.89 17.73 23.33
CA ASP B 411 1.88 18.17 22.37
C ASP B 411 2.58 19.45 22.72
N SER B 412 2.08 20.21 23.69
CA SER B 412 2.73 21.44 24.08
C SER B 412 4.07 21.15 24.74
N TYR B 413 5.00 22.07 24.59
CA TYR B 413 6.35 21.87 25.08
C TYR B 413 6.61 22.45 26.45
N ARG B 414 5.59 23.00 27.12
CA ARG B 414 5.82 23.39 28.51
C ARG B 414 5.95 22.18 29.42
N THR B 415 5.62 20.99 28.93
CA THR B 415 5.68 19.75 29.70
C THR B 415 6.44 18.69 28.94
N LYS B 416 7.52 19.07 28.26
CA LYS B 416 8.38 18.13 27.57
C LYS B 416 9.81 18.34 27.99
N ARG B 417 10.59 17.28 27.93
CA ARG B 417 12.01 17.32 28.25
C ARG B 417 12.77 16.54 27.19
N VAL B 418 13.99 16.97 26.91
CA VAL B 418 14.83 16.38 25.87
C VAL B 418 16.12 15.93 26.56
N HIS B 419 16.36 14.63 26.61
CA HIS B 419 17.40 14.11 27.50
C HIS B 419 18.73 13.85 26.79
N GLY B 420 18.76 12.93 25.84
CA GLY B 420 19.99 12.73 25.10
C GLY B 420 20.93 11.64 25.57
N SER B 421 22.23 11.83 25.33
CA SER B 421 23.18 10.74 25.46
C SER B 421 23.47 10.41 26.92
N GLY B 422 23.75 11.42 27.74
CA GLY B 422 24.18 11.16 29.09
C GLY B 422 23.12 10.43 29.92
N VAL B 423 21.90 10.99 29.94
CA VAL B 423 20.86 10.43 30.78
C VAL B 423 20.48 9.03 30.30
N SER B 424 20.27 8.86 29.00
CA SER B 424 19.87 7.57 28.47
C SER B 424 20.97 6.52 28.67
N LEU B 425 22.22 6.92 28.47
CA LEU B 425 23.34 6.01 28.68
C LEU B 425 23.41 5.56 30.14
N ALA B 426 23.21 6.48 31.08
CA ALA B 426 23.23 6.10 32.49
C ALA B 426 22.05 5.18 32.82
N LYS B 427 20.87 5.49 32.31
CA LYS B 427 19.71 4.63 32.56
C LYS B 427 19.94 3.21 32.06
N ALA B 428 20.49 3.05 30.85
CA ALA B 428 20.79 1.71 30.35
C ALA B 428 21.96 1.08 31.07
N PHE B 429 22.93 1.87 31.53
CA PHE B 429 24.08 1.32 32.22
C PHE B 429 23.69 0.83 33.61
N LYS B 430 22.57 1.31 34.13
CA LYS B 430 22.06 0.83 35.41
C LYS B 430 21.00 -0.25 35.28
N ALA B 431 20.13 -0.16 34.27
CA ALA B 431 19.08 -1.17 34.08
C ALA B 431 19.65 -2.54 33.72
N ILE B 432 20.61 -2.60 32.80
CA ILE B 432 21.27 -3.87 32.48
C ILE B 432 22.31 -4.23 33.55
N PHE B 433 22.76 -3.27 34.34
CA PHE B 433 23.56 -3.56 35.52
C PHE B 433 22.80 -4.43 36.51
N ASN B 434 21.48 -4.28 36.57
CA ASN B 434 20.67 -5.08 37.48
C ASN B 434 20.78 -6.57 37.18
N THR B 435 20.70 -6.94 35.90
CA THR B 435 20.54 -8.35 35.55
C THR B 435 21.85 -9.12 35.53
N SER B 436 22.92 -8.53 35.02
CA SER B 436 24.15 -9.26 34.81
C SER B 436 25.29 -8.85 35.75
N VAL B 437 24.98 -8.20 36.88
CA VAL B 437 26.00 -8.05 37.91
C VAL B 437 25.52 -8.58 39.26
N ILE B 438 24.45 -8.00 39.81
CA ILE B 438 24.06 -8.38 41.17
C ILE B 438 23.45 -9.78 41.19
N ALA B 439 22.61 -10.11 40.20
CA ALA B 439 22.04 -11.45 40.16
C ALA B 439 23.07 -12.54 39.93
N PRO B 440 24.06 -12.40 39.04
CA PRO B 440 25.13 -13.40 39.00
C PRO B 440 25.88 -13.52 40.31
N ILE B 441 26.09 -12.41 41.03
CA ILE B 441 26.72 -12.48 42.35
C ILE B 441 25.85 -13.27 43.31
N ILE B 442 24.54 -13.04 43.27
CA ILE B 442 23.62 -13.75 44.16
C ILE B 442 23.66 -15.25 43.87
N ASN B 443 23.60 -15.62 42.60
CA ASN B 443 23.59 -17.04 42.24
C ASN B 443 24.94 -17.69 42.55
N GLY B 444 26.04 -16.96 42.35
CA GLY B 444 27.34 -17.49 42.71
C GLY B 444 27.47 -17.69 44.21
N PHE B 445 26.93 -16.78 45.01
CA PHE B 445 26.90 -16.97 46.45
C PHE B 445 26.01 -18.15 46.83
N LYS B 446 24.89 -18.33 46.13
CA LYS B 446 24.02 -19.49 46.36
C LYS B 446 24.77 -20.79 46.13
N GLU B 447 25.53 -20.86 45.04
CA GLU B 447 26.28 -22.07 44.72
C GLU B 447 27.50 -22.25 45.59
N LEU B 448 28.14 -21.15 46.03
CA LEU B 448 29.20 -21.25 47.02
C LEU B 448 28.67 -21.80 48.34
N LEU B 449 27.50 -21.34 48.76
CA LEU B 449 26.86 -21.87 49.94
C LEU B 449 26.39 -23.31 49.72
N LYS B 450 26.09 -23.65 48.46
CA LYS B 450 25.55 -24.97 48.14
C LYS B 450 26.65 -26.03 48.07
N GLN B 451 27.92 -25.63 48.13
CA GLN B 451 29.04 -26.57 48.16
C GLN B 451 29.96 -26.39 49.36
N THR B 452 30.33 -25.16 49.69
CA THR B 452 31.27 -24.90 50.76
C THR B 452 30.53 -24.44 52.01
N ALA B 453 30.94 -24.95 53.16
CA ALA B 453 30.31 -24.58 54.42
C ALA B 453 30.59 -23.11 54.73
N PHE B 454 29.57 -22.43 55.28
CA PHE B 454 29.72 -21.01 55.58
C PHE B 454 30.66 -20.77 56.76
N GLU B 455 30.61 -21.62 57.79
CA GLU B 455 31.52 -21.45 58.92
C GLU B 455 32.96 -21.70 58.54
N GLU B 456 33.22 -22.55 57.55
CA GLU B 456 34.57 -22.80 57.06
C GLU B 456 35.04 -21.73 56.08
N LEU B 457 34.12 -20.92 55.56
CA LEU B 457 34.50 -19.85 54.65
C LEU B 457 35.33 -18.81 55.38
N THR B 458 36.35 -18.30 54.71
CA THR B 458 37.14 -17.18 55.20
C THR B 458 37.16 -16.09 54.12
N GLN B 459 37.97 -15.06 54.36
CA GLN B 459 38.03 -13.93 53.44
C GLN B 459 38.50 -14.35 52.06
N ARG B 460 39.38 -15.37 52.00
CA ARG B 460 39.83 -15.87 50.71
C ARG B 460 38.67 -16.42 49.89
N ASN B 461 37.79 -17.21 50.52
CA ASN B 461 36.66 -17.77 49.79
C ASN B 461 35.64 -16.69 49.42
N ILE B 462 35.52 -15.65 50.24
CA ILE B 462 34.65 -14.53 49.89
C ILE B 462 35.16 -13.84 48.63
N ILE B 463 36.47 -13.57 48.58
CA ILE B 463 37.06 -12.94 47.40
C ILE B 463 36.92 -13.85 46.19
N GLU B 464 37.15 -15.15 46.39
CA GLU B 464 37.07 -16.09 45.27
C GLU B 464 35.65 -16.15 44.71
N ALA B 465 34.65 -16.16 45.60
CA ALA B 465 33.26 -16.18 45.15
C ALA B 465 32.91 -14.90 44.41
N PHE B 466 33.33 -13.74 44.94
CA PHE B 466 33.02 -12.49 44.26
C PHE B 466 33.68 -12.43 42.89
N SER B 467 34.95 -12.85 42.79
CA SER B 467 35.65 -12.86 41.52
C SER B 467 35.09 -13.89 40.55
N ALA B 468 34.59 -15.02 41.03
CA ALA B 468 33.95 -15.99 40.14
C ALA B 468 32.62 -15.48 39.62
N ALA B 469 31.87 -14.74 40.44
CA ALA B 469 30.61 -14.18 40.01
C ALA B 469 30.79 -13.05 39.01
N LEU B 470 32.02 -12.59 38.79
CA LEU B 470 32.33 -11.51 37.85
C LEU B 470 33.20 -11.98 36.69
N SER B 471 32.93 -13.16 36.14
CA SER B 471 33.78 -13.70 35.08
C SER B 471 33.41 -13.07 33.74
N LYS B 472 33.96 -13.64 32.66
CA LYS B 472 33.74 -13.10 31.31
C LYS B 472 32.28 -13.19 30.88
N ASN B 473 31.52 -14.12 31.44
CA ASN B 473 30.13 -14.27 31.06
C ASN B 473 29.32 -13.04 31.41
N THR B 474 29.50 -12.50 32.62
CA THR B 474 28.72 -11.34 33.03
C THR B 474 29.12 -10.10 32.22
N ALA B 475 30.41 -9.89 32.02
CA ALA B 475 30.86 -8.74 31.25
C ALA B 475 30.35 -8.81 29.82
N SER B 476 30.44 -9.99 29.20
CA SER B 476 29.94 -10.16 27.85
C SER B 476 28.44 -9.93 27.79
N ASP B 477 27.69 -10.48 28.75
CA ASP B 477 26.24 -10.29 28.76
C ASP B 477 25.89 -8.82 28.87
N LEU B 478 26.54 -8.10 29.79
CA LEU B 478 26.22 -6.69 29.99
C LEU B 478 26.56 -5.85 28.78
N ASN B 479 27.77 -6.01 28.24
CA ASN B 479 28.16 -5.21 27.08
C ASN B 479 27.32 -5.54 25.85
N ARG B 480 27.08 -6.84 25.60
CA ARG B 480 26.26 -7.22 24.46
C ARG B 480 24.85 -6.66 24.61
N SER B 481 24.27 -6.74 25.81
CA SER B 481 22.92 -6.21 26.01
C SER B 481 22.86 -4.70 25.84
N MET B 482 23.84 -3.97 26.37
CA MET B 482 23.81 -2.51 26.23
C MET B 482 23.97 -2.10 24.76
N GLU B 483 24.88 -2.76 24.03
CA GLU B 483 25.10 -2.34 22.65
C GLU B 483 23.96 -2.78 21.76
N GLN B 484 23.40 -3.96 22.03
CA GLN B 484 22.19 -4.40 21.33
C GLN B 484 21.03 -3.44 21.58
N SER B 485 20.93 -2.91 22.81
CA SER B 485 19.91 -1.90 23.09
C SER B 485 20.15 -0.61 22.31
N ILE B 486 21.39 -0.12 22.28
CA ILE B 486 21.63 1.16 21.60
C ILE B 486 21.41 1.01 20.10
N ILE B 487 21.77 -0.13 19.52
CA ILE B 487 21.69 -0.28 18.08
C ILE B 487 20.29 -0.70 17.63
N SER B 488 19.55 -1.43 18.48
CA SER B 488 18.15 -1.70 18.19
C SER B 488 17.24 -0.51 18.46
N GLY B 489 17.68 0.44 19.29
CA GLY B 489 16.87 1.59 19.62
C GLY B 489 16.33 1.55 21.04
N VAL B 504 18.65 2.03 24.21
CA VAL B 504 18.93 3.43 23.93
C VAL B 504 18.62 3.72 22.46
N SER B 505 17.81 4.74 22.21
CA SER B 505 17.42 5.09 20.85
C SER B 505 18.59 5.80 20.17
N THR B 506 19.29 5.11 19.30
CA THR B 506 20.43 5.65 18.58
C THR B 506 20.28 5.39 17.09
N GLN B 507 20.93 6.25 16.30
CA GLN B 507 20.93 6.14 14.86
C GLN B 507 22.37 6.04 14.38
N SER B 508 22.56 5.33 13.28
CA SER B 508 23.87 5.28 12.64
C SER B 508 24.14 6.61 11.96
N LEU B 509 25.35 7.15 12.17
CA LEU B 509 25.73 8.44 11.62
C LEU B 509 26.00 8.27 10.12
N GLU B 510 25.10 8.82 9.31
CA GLU B 510 25.24 8.75 7.86
C GLU B 510 25.77 10.09 7.37
N ARG B 511 27.06 10.12 7.04
CA ARG B 511 27.71 11.37 6.64
C ARG B 511 27.57 11.56 5.11
N LYS B 512 26.34 11.92 4.72
CA LYS B 512 26.08 12.32 3.34
C LYS B 512 26.75 13.65 3.02
N ASN B 513 26.70 14.60 3.95
CA ASN B 513 27.50 15.82 3.88
C ASN B 513 27.64 16.35 5.30
N LEU B 514 28.34 17.47 5.43
CA LEU B 514 28.51 18.08 6.75
C LEU B 514 27.18 18.56 7.31
N LEU B 515 26.30 19.11 6.47
CA LEU B 515 25.01 19.58 6.96
C LEU B 515 24.20 18.44 7.57
N ASN B 516 24.21 17.27 6.92
CA ASN B 516 23.51 16.12 7.47
C ASN B 516 24.13 15.68 8.78
N THR B 517 25.45 15.73 8.88
CA THR B 517 26.12 15.37 10.13
C THR B 517 25.69 16.28 11.27
N ILE B 518 25.68 17.59 11.04
CA ILE B 518 25.28 18.52 12.09
C ILE B 518 23.80 18.40 12.40
N SER B 519 22.97 18.14 11.39
CA SER B 519 21.53 18.05 11.62
C SER B 519 21.15 16.76 12.31
N ALA B 520 21.96 15.70 12.18
CA ALA B 520 21.66 14.45 12.88
C ALA B 520 21.91 14.59 14.38
N LEU B 521 22.79 15.51 14.78
CA LEU B 521 23.09 15.73 16.18
C LEU B 521 22.15 16.75 16.83
N ARG B 522 21.28 17.41 16.07
CA ARG B 522 20.30 18.33 16.62
C ARG B 522 18.87 17.82 16.43
N THR B 523 18.71 16.53 16.17
CA THR B 523 17.41 15.93 15.90
C THR B 523 16.79 15.45 17.20
N VAL B 524 15.52 15.79 17.40
CA VAL B 524 14.75 15.35 18.56
C VAL B 524 13.76 14.30 18.12
N ASN B 525 13.80 13.13 18.74
CA ASN B 525 12.99 12.00 18.32
C ASN B 525 11.95 11.67 19.38
N THR B 526 10.81 11.18 18.92
CA THR B 526 9.70 10.80 19.79
C THR B 526 9.96 9.46 20.47
N GLU B 537 -6.48 9.47 15.90
CA GLU B 537 -6.27 10.88 15.59
C GLU B 537 -5.08 11.42 16.35
N ARG B 538 -4.61 10.64 17.32
CA ARG B 538 -3.39 11.00 18.05
C ARG B 538 -2.18 11.01 17.12
N ALA B 539 -2.06 9.99 16.28
CA ALA B 539 -0.92 9.84 15.39
C ALA B 539 -0.85 10.94 14.36
N ASP B 540 -1.95 11.67 14.12
CA ASP B 540 -1.97 12.79 13.21
C ASP B 540 -1.87 14.12 13.92
N MET B 541 -2.53 14.25 15.07
CA MET B 541 -2.45 15.48 15.85
C MET B 541 -1.05 15.71 16.40
N MET B 542 -0.27 14.65 16.57
CA MET B 542 1.08 14.79 17.11
C MET B 542 2.11 15.17 16.06
N ARG B 543 1.75 15.19 14.79
CA ARG B 543 2.65 15.61 13.72
C ARG B 543 2.41 17.05 13.28
N ARG B 544 1.54 17.77 13.97
CA ARG B 544 1.19 19.13 13.63
C ARG B 544 2.35 20.07 13.95
N VAL B 545 2.19 21.34 13.55
CA VAL B 545 3.06 22.41 14.01
C VAL B 545 2.35 23.06 15.20
N HIS B 546 2.90 22.86 16.39
CA HIS B 546 2.25 23.36 17.60
C HIS B 546 2.63 24.81 17.85
N ALA B 547 1.76 25.51 18.57
CA ALA B 547 1.96 26.92 18.87
C ALA B 547 3.13 27.18 19.82
N SER B 548 3.67 26.15 20.45
CA SER B 548 4.80 26.29 21.35
C SER B 548 6.14 26.13 20.65
N TYR B 549 6.14 25.74 19.39
CA TYR B 549 7.40 25.51 18.67
C TYR B 549 8.22 26.77 18.44
N PRO B 550 7.68 27.90 17.93
CA PRO B 550 8.54 28.99 17.43
C PRO B 550 9.64 29.47 18.36
N GLY B 551 10.89 29.27 17.92
CA GLY B 551 12.07 29.60 18.67
C GLY B 551 12.78 28.39 19.23
N TYR B 552 12.09 27.28 19.40
CA TYR B 552 12.66 26.06 19.95
C TYR B 552 12.72 24.93 18.95
N ILE B 553 11.66 24.73 18.17
CA ILE B 553 11.62 23.71 17.13
C ILE B 553 11.44 24.41 15.80
N CYS B 554 12.21 24.01 14.80
CA CYS B 554 12.11 24.60 13.47
C CYS B 554 10.71 24.40 12.92
N VAL B 555 10.12 25.48 12.39
CA VAL B 555 8.73 25.40 11.95
C VAL B 555 8.62 24.74 10.59
N ALA B 556 9.72 24.64 9.85
CA ALA B 556 9.66 24.14 8.49
C ALA B 556 10.15 22.70 8.38
N GLN B 557 11.17 22.34 9.14
CA GLN B 557 11.88 21.09 8.90
C GLN B 557 11.11 19.89 9.42
N SER B 558 10.88 18.92 8.54
CA SER B 558 10.36 17.60 8.86
C SER B 558 10.55 16.74 7.62
N ALA B 559 10.06 15.50 7.67
CA ALA B 559 10.02 14.67 6.47
C ALA B 559 8.82 15.06 5.61
N ASP B 560 8.87 14.66 4.34
CA ASP B 560 7.82 15.04 3.41
C ASP B 560 6.98 13.88 2.90
N THR B 561 7.47 12.64 2.96
CA THR B 561 6.70 11.49 2.54
C THR B 561 6.79 10.40 3.59
N GLY B 562 5.80 9.53 3.58
CA GLY B 562 5.79 8.38 4.48
C GLY B 562 5.26 8.71 5.86
N GLU B 563 5.49 7.75 6.76
CA GLU B 563 5.09 7.89 8.15
C GLU B 563 6.03 8.77 8.95
N LYS B 564 7.25 9.01 8.45
CA LYS B 564 8.24 9.81 9.14
C LYS B 564 7.92 11.29 9.15
N VAL B 565 6.88 11.72 8.44
CA VAL B 565 6.47 13.11 8.44
C VAL B 565 6.05 13.50 9.86
N GLY B 566 6.54 14.65 10.32
CA GLY B 566 6.16 15.14 11.64
C GLY B 566 6.69 14.36 12.82
N MET B 567 7.64 13.44 12.59
CA MET B 567 8.16 12.59 13.66
C MET B 567 9.46 13.10 14.26
N SER B 568 10.44 13.41 13.43
CA SER B 568 11.73 13.92 13.88
C SER B 568 11.67 15.45 13.83
N LYS B 569 11.90 16.07 14.98
CA LYS B 569 11.96 17.51 15.06
C LYS B 569 13.41 17.99 15.12
N GLN B 570 13.61 19.24 14.72
CA GLN B 570 14.92 19.85 14.62
C GLN B 570 14.95 21.05 15.54
N LEU B 571 16.08 21.24 16.23
CA LEU B 571 16.22 22.44 17.05
C LEU B 571 16.34 23.67 16.16
N ALA B 572 15.75 24.76 16.62
CA ALA B 572 15.91 26.03 15.93
C ALA B 572 17.33 26.56 16.17
N ILE B 573 17.65 27.65 15.49
CA ILE B 573 19.05 28.06 15.36
C ILE B 573 19.63 28.56 16.69
N THR B 574 18.83 29.20 17.54
CA THR B 574 19.34 29.70 18.81
C THR B 574 18.97 28.82 20.01
N ALA B 575 18.26 27.72 19.79
CA ALA B 575 17.77 26.91 20.90
C ALA B 575 18.87 26.00 21.44
N ASN B 576 18.94 25.91 22.77
CA ASN B 576 19.91 25.07 23.46
C ASN B 576 19.15 24.18 24.44
N VAL B 577 19.84 23.18 24.99
CA VAL B 577 19.27 22.29 25.99
C VAL B 577 19.93 22.57 27.32
N CYS B 578 19.11 22.75 28.36
CA CYS B 578 19.60 23.17 29.66
C CYS B 578 20.07 21.98 30.51
N THR B 579 21.12 22.21 31.29
CA THR B 579 21.61 21.22 32.24
C THR B 579 21.09 21.54 33.65
N ALA B 580 21.12 20.53 34.51
CA ALA B 580 20.46 20.59 35.81
C ALA B 580 21.15 21.59 36.73
N GLY B 581 20.37 22.47 37.33
CA GLY B 581 20.90 23.49 38.20
C GLY B 581 21.00 23.03 39.65
N GLU B 582 21.60 23.90 40.46
CA GLU B 582 21.79 23.62 41.88
C GLU B 582 20.49 23.95 42.58
N VAL B 583 19.57 22.98 42.56
CA VAL B 583 18.23 23.19 43.10
C VAL B 583 18.28 23.36 44.61
N LEU B 584 19.25 22.74 45.27
CA LEU B 584 19.32 22.79 46.73
C LEU B 584 19.58 24.21 47.23
N SER B 585 20.46 24.95 46.55
CA SER B 585 20.77 26.32 46.96
C SER B 585 19.56 27.22 46.83
N LEU B 586 18.82 27.10 45.72
CA LEU B 586 17.61 27.89 45.56
C LEU B 586 16.56 27.50 46.60
N LYS B 587 16.44 26.20 46.86
CA LYS B 587 15.46 25.74 47.84
C LYS B 587 15.76 26.31 49.22
N GLN B 588 17.03 26.33 49.62
CA GLN B 588 17.35 26.87 50.93
C GLN B 588 17.28 28.40 50.95
N ARG B 589 17.45 29.05 49.80
CA ARG B 589 17.25 30.50 49.77
C ARG B 589 15.76 30.87 49.86
N LEU B 590 14.89 30.09 49.21
CA LEU B 590 13.46 30.37 49.25
C LEU B 590 12.90 30.17 50.65
N LEU B 591 13.27 29.08 51.31
CA LEU B 591 12.77 28.81 52.65
C LEU B 591 13.27 29.85 53.65
N SER B 592 14.29 30.63 53.30
CA SER B 592 14.72 31.75 54.11
C SER B 592 14.02 33.05 53.76
N ASP B 593 13.20 33.06 52.72
CA ASP B 593 12.53 34.28 52.29
C ASP B 593 11.42 34.64 53.26
N PRO B 594 11.43 35.84 53.85
CA PRO B 594 10.34 36.21 54.76
C PRO B 594 8.98 36.28 54.09
N ALA B 595 8.94 36.42 52.76
CA ALA B 595 7.68 36.52 52.03
C ALA B 595 7.05 35.16 51.74
N ILE B 596 7.67 34.07 52.16
CA ILE B 596 7.14 32.73 51.92
C ILE B 596 6.88 32.07 53.27
N GLN B 597 5.67 31.56 53.46
CA GLN B 597 5.31 30.82 54.67
C GLN B 597 5.57 29.34 54.47
N GLN B 598 6.14 28.69 55.48
CA GLN B 598 6.47 27.28 55.37
C GLN B 598 5.20 26.43 55.25
N LEU B 599 5.38 25.23 54.69
CA LEU B 599 4.23 24.40 54.36
C LEU B 599 3.43 24.02 55.61
N ALA B 600 4.12 23.60 56.67
CA ALA B 600 3.45 23.15 57.87
C ALA B 600 2.98 24.30 58.76
N ASP B 601 3.32 25.54 58.40
CA ASP B 601 2.92 26.72 59.16
C ASP B 601 1.62 27.32 58.64
N VAL B 602 1.00 26.72 57.63
CA VAL B 602 -0.24 27.24 57.08
C VAL B 602 -1.15 26.07 56.71
N SER B 603 -2.46 26.31 56.73
CA SER B 603 -3.45 25.27 56.54
C SER B 603 -4.23 25.49 55.25
N ASN B 604 -4.90 24.41 54.82
CA ASN B 604 -5.72 24.48 53.61
C ASN B 604 -6.84 25.49 53.75
N LYS B 605 -7.52 25.49 54.89
CA LYS B 605 -8.47 26.55 55.19
C LYS B 605 -7.81 27.92 55.08
N ASP B 606 -6.61 28.05 55.63
CA ASP B 606 -5.94 29.34 55.65
C ASP B 606 -5.56 29.78 54.24
N ILE B 607 -5.17 28.83 53.38
CA ILE B 607 -4.74 29.19 52.03
C ILE B 607 -5.89 29.32 51.05
N VAL B 608 -7.11 28.93 51.42
CA VAL B 608 -8.23 29.32 50.57
C VAL B 608 -8.86 30.61 51.09
N ARG B 609 -8.83 30.83 52.40
CA ARG B 609 -9.46 32.03 52.96
C ARG B 609 -8.74 33.29 52.50
N LYS B 610 -7.43 33.38 52.77
CA LYS B 610 -6.65 34.54 52.38
C LYS B 610 -6.24 34.54 50.92
N GLY B 611 -6.53 33.47 50.18
CA GLY B 611 -6.17 33.42 48.77
C GLY B 611 -4.69 33.36 48.52
N LEU B 612 -3.95 32.63 49.34
CA LEU B 612 -2.51 32.50 49.16
C LEU B 612 -2.20 31.62 47.96
N ALA B 613 -0.99 31.79 47.42
CA ALA B 613 -0.55 31.06 46.24
C ALA B 613 0.50 30.04 46.65
N ARG B 614 0.33 28.80 46.20
CA ARG B 614 1.27 27.73 46.49
C ARG B 614 2.51 27.86 45.63
N VAL B 615 3.67 27.77 46.29
CA VAL B 615 4.96 27.99 45.64
C VAL B 615 5.65 26.65 45.49
N PHE B 616 6.05 26.32 44.26
CA PHE B 616 6.73 25.07 43.96
C PHE B 616 8.16 25.35 43.50
N ILE B 617 9.06 24.43 43.84
CA ILE B 617 10.40 24.43 43.24
C ILE B 617 10.68 23.04 42.70
N ASN B 618 11.01 22.96 41.42
CA ASN B 618 11.39 21.73 40.74
C ASN B 618 10.35 20.63 40.90
N GLY B 619 9.10 20.99 41.18
CA GLY B 619 7.99 20.05 41.18
C GLY B 619 7.28 19.93 42.52
N GLU B 620 7.98 20.20 43.61
CA GLU B 620 7.47 19.94 44.95
C GLU B 620 7.03 21.21 45.66
N TRP B 621 5.93 21.09 46.41
CA TRP B 621 5.28 22.22 47.05
C TRP B 621 6.00 22.54 48.36
N ILE B 622 6.55 23.75 48.45
CA ILE B 622 7.45 24.05 49.56
C ILE B 622 6.98 25.25 50.37
N GLY B 623 5.75 25.67 50.17
CA GLY B 623 5.22 26.76 50.97
C GLY B 623 4.07 27.47 50.26
N CYS B 624 3.83 28.69 50.72
CA CYS B 624 2.81 29.56 50.16
C CYS B 624 3.25 31.01 50.34
N CYS B 625 2.71 31.89 49.50
CA CYS B 625 3.02 33.31 49.55
C CYS B 625 1.75 34.14 49.43
N THR B 626 1.87 35.41 49.81
CA THR B 626 0.72 36.29 49.77
C THR B 626 0.45 36.76 48.35
N ASN B 627 1.47 37.28 47.67
CA ASN B 627 1.34 37.89 46.35
C ASN B 627 2.23 37.12 45.38
N ALA B 628 1.63 36.31 44.51
CA ALA B 628 2.42 35.49 43.60
C ALA B 628 3.13 36.33 42.55
N PHE B 629 2.45 37.36 42.04
CA PHE B 629 3.04 38.21 41.02
C PHE B 629 4.28 38.92 41.53
N GLU B 630 4.20 39.45 42.75
CA GLU B 630 5.35 40.16 43.32
C GLU B 630 6.54 39.23 43.51
N LEU B 631 6.30 38.01 44.00
CA LEU B 631 7.40 37.06 44.18
C LEU B 631 8.03 36.67 42.85
N ALA B 632 7.19 36.35 41.86
CA ALA B 632 7.72 35.97 40.56
C ALA B 632 8.57 37.08 39.97
N GLN B 633 8.08 38.32 40.02
CA GLN B 633 8.83 39.40 39.40
C GLN B 633 10.07 39.77 40.21
N ARG B 634 10.03 39.62 41.54
CA ARG B 634 11.22 39.86 42.33
C ARG B 634 12.33 38.86 42.01
N TYR B 635 11.98 37.58 41.90
CA TYR B 635 13.02 36.61 41.59
C TYR B 635 13.45 36.69 40.14
N ARG B 636 12.58 37.15 39.24
CA ARG B 636 13.02 37.45 37.88
C ARG B 636 14.04 38.58 37.87
N MET B 637 13.81 39.61 38.67
CA MET B 637 14.79 40.69 38.77
C MET B 637 16.10 40.20 39.38
N LEU B 638 16.01 39.25 40.31
CA LEU B 638 17.25 38.66 40.84
C LEU B 638 18.00 37.86 39.78
N ARG B 639 17.27 37.09 38.97
CA ARG B 639 17.91 36.27 37.95
C ARG B 639 18.68 37.12 36.95
N ARG B 640 18.32 38.39 36.81
CA ARG B 640 18.95 39.24 35.83
C ARG B 640 20.36 39.65 36.25
N GLU B 641 20.62 39.83 37.55
CA GLU B 641 21.97 40.15 37.98
C GLU B 641 22.87 38.91 37.98
N GLY B 642 22.29 37.73 38.15
CA GLY B 642 22.97 36.49 37.86
C GLY B 642 23.73 35.84 38.98
N LYS B 643 23.80 36.47 40.16
CA LYS B 643 24.56 35.93 41.28
C LYS B 643 23.71 35.23 42.31
N VAL B 644 22.52 35.75 42.60
CA VAL B 644 21.61 35.12 43.54
C VAL B 644 20.85 33.96 42.90
N VAL B 645 20.31 34.19 41.71
CA VAL B 645 19.59 33.18 40.95
C VAL B 645 20.36 32.91 39.67
N HIS B 646 20.55 31.63 39.36
CA HIS B 646 21.30 31.28 38.16
C HIS B 646 20.50 31.67 36.92
N PRO B 647 21.17 32.19 35.88
CA PRO B 647 20.42 32.69 34.70
C PRO B 647 19.59 31.65 33.97
N HIS B 648 19.86 30.36 34.16
CA HIS B 648 19.13 29.31 33.46
C HIS B 648 17.95 28.78 34.26
N THR B 649 17.38 29.57 35.15
CA THR B 649 16.27 29.13 36.00
C THR B 649 14.94 29.55 35.38
N THR B 650 14.03 28.59 35.25
CA THR B 650 12.67 28.89 34.82
C THR B 650 11.86 29.45 35.97
N ILE B 651 11.09 30.49 35.71
CA ILE B 651 10.22 31.12 36.70
C ILE B 651 8.86 31.32 36.06
N TYR B 652 7.95 30.39 36.28
CA TYR B 652 6.60 30.45 35.73
C TYR B 652 5.61 30.86 36.80
N TRP B 653 4.58 31.62 36.39
CA TRP B 653 3.57 32.13 37.30
C TRP B 653 2.20 31.90 36.68
N ASP B 654 1.43 30.96 37.22
CA ASP B 654 0.13 30.58 36.67
C ASP B 654 -0.94 31.49 37.27
N SER B 655 -1.39 32.46 36.49
CA SER B 655 -2.36 33.44 36.99
C SER B 655 -3.78 32.91 37.00
N MET B 656 -4.04 31.77 36.35
CA MET B 656 -5.38 31.21 36.36
C MET B 656 -5.68 30.53 37.68
N VAL B 657 -4.71 29.81 38.24
CA VAL B 657 -4.87 29.09 39.50
C VAL B 657 -3.93 29.60 40.58
N ASP B 658 -3.15 30.64 40.30
CA ASP B 658 -2.37 31.37 41.30
C ASP B 658 -1.31 30.47 41.96
N GLU B 659 -0.33 30.07 41.15
CA GLU B 659 0.84 29.34 41.63
C GLU B 659 2.10 29.95 41.05
N VAL B 660 3.22 29.73 41.74
CA VAL B 660 4.55 30.09 41.28
C VAL B 660 5.37 28.81 41.19
N GLU B 661 6.07 28.64 40.07
CA GLU B 661 6.91 27.46 39.85
C GLU B 661 8.34 27.90 39.57
N PHE B 662 9.30 27.17 40.11
CA PHE B 662 10.70 27.28 39.76
C PHE B 662 11.15 25.94 39.21
N TRP B 663 11.94 25.97 38.14
CA TRP B 663 12.43 24.75 37.50
C TRP B 663 13.93 24.85 37.25
N LEU B 664 14.66 23.76 37.52
CA LEU B 664 16.09 23.71 37.27
C LEU B 664 16.57 22.33 36.83
N ASP B 665 15.71 21.53 36.24
CA ASP B 665 16.12 20.19 35.87
C ASP B 665 16.68 20.17 34.44
N VAL B 666 17.15 19.01 34.01
CA VAL B 666 17.71 18.84 32.68
C VAL B 666 16.59 18.72 31.67
N GLY B 667 16.92 18.92 30.40
CA GLY B 667 16.00 18.69 29.32
C GLY B 667 15.14 19.86 28.93
N ARG B 668 15.34 21.02 29.56
CA ARG B 668 14.59 22.21 29.19
C ARG B 668 15.22 22.84 27.95
N LEU B 669 14.40 23.20 26.98
CA LEU B 669 14.87 23.98 25.84
C LEU B 669 14.87 25.45 26.19
N THR B 670 16.00 26.12 25.95
CA THR B 670 16.12 27.55 26.17
C THR B 670 16.44 28.24 24.87
N ARG B 671 16.25 29.56 24.87
CA ARG B 671 16.71 30.42 23.80
C ARG B 671 16.85 31.82 24.36
N PRO B 672 17.88 32.56 23.98
CA PRO B 672 18.00 33.94 24.43
C PRO B 672 16.98 34.85 23.75
N LEU B 673 16.57 35.88 24.48
CA LEU B 673 15.66 36.89 23.98
C LEU B 673 16.06 38.25 24.52
N LEU B 674 16.07 39.27 23.67
CA LEU B 674 16.39 40.61 24.10
C LEU B 674 15.22 41.19 24.90
N ILE B 675 15.53 41.92 25.95
CA ILE B 675 14.55 42.38 26.92
C ILE B 675 14.07 43.78 26.54
N VAL B 676 12.77 44.03 26.70
CA VAL B 676 12.16 45.33 26.47
C VAL B 676 11.83 45.96 27.83
N ASP B 677 12.18 47.22 28.00
CA ASP B 677 11.87 47.97 29.21
C ASP B 677 11.08 49.22 28.84
N ASN B 678 10.26 49.69 29.78
CA ASN B 678 9.43 50.86 29.53
C ASN B 678 9.51 51.79 30.72
N ASN B 679 8.66 52.82 30.71
CA ASN B 679 8.58 53.78 31.80
C ASN B 679 7.14 53.87 32.30
N ILE B 680 6.51 52.72 32.52
CA ILE B 680 5.10 52.70 32.88
C ILE B 680 4.87 53.37 34.23
N GLU B 681 5.87 53.36 35.11
CA GLU B 681 5.68 53.95 36.43
C GLU B 681 5.62 55.47 36.36
N LYS B 682 6.54 56.08 35.61
CA LYS B 682 6.50 57.53 35.44
C LYS B 682 5.28 57.97 34.65
N TYR B 683 4.90 57.19 33.64
CA TYR B 683 3.66 57.45 32.92
C TYR B 683 2.45 57.40 33.85
N ASN B 684 2.43 56.40 34.74
CA ASN B 684 1.32 56.26 35.68
C ASN B 684 1.27 57.44 36.65
N GLN B 685 2.43 57.87 37.14
CA GLN B 685 2.46 59.00 38.04
C GLN B 685 2.01 60.28 37.35
N ALA B 686 2.43 60.49 36.10
CA ALA B 686 1.97 61.66 35.36
C ALA B 686 0.48 61.60 35.11
N CYS B 687 -0.07 60.42 34.84
CA CYS B 687 -1.52 60.29 34.71
C CYS B 687 -2.22 60.67 36.01
N TYR B 688 -1.70 60.21 37.14
CA TYR B 688 -2.31 60.52 38.42
C TYR B 688 -2.27 62.02 38.70
N LYS B 689 -1.14 62.66 38.40
CA LYS B 689 -1.00 64.10 38.65
C LYS B 689 -1.85 64.92 37.69
N ALA B 690 -2.00 64.47 36.45
CA ALA B 690 -2.91 65.12 35.53
C ALA B 690 -4.34 65.02 36.03
N ALA B 691 -4.70 63.86 36.60
CA ALA B 691 -6.03 63.73 37.20
C ALA B 691 -6.19 64.63 38.41
N GLU B 692 -5.14 64.78 39.22
CA GLU B 692 -5.21 65.66 40.39
C GLU B 692 -5.47 67.09 39.96
N ALA B 693 -4.80 67.55 38.90
CA ALA B 693 -5.13 68.85 38.35
C ALA B 693 -6.53 68.89 37.76
N ARG B 694 -6.98 67.80 37.13
CA ARG B 694 -8.27 67.78 36.45
C ARG B 694 -9.43 67.92 37.42
N LYS B 695 -9.44 67.12 38.49
CA LYS B 695 -10.53 67.15 39.44
C LYS B 695 -10.56 68.45 40.24
N LYS B 696 -9.39 68.95 40.63
CA LYS B 696 -9.32 70.16 41.45
C LYS B 696 -9.79 71.40 40.70
N GLY B 697 -9.61 71.46 39.39
CA GLY B 697 -10.18 72.55 38.62
C GLY B 697 -9.24 73.20 37.63
N ASP B 698 -8.06 72.61 37.43
CA ASP B 698 -7.12 73.14 36.46
C ASP B 698 -7.61 72.83 35.05
N LYS B 699 -7.70 73.85 34.20
CA LYS B 699 -8.12 73.65 32.82
C LYS B 699 -6.98 73.22 31.92
N ASP B 700 -5.77 73.09 32.46
CA ASP B 700 -4.64 72.58 31.70
C ASP B 700 -4.12 71.30 32.33
N TRP B 701 -5.04 70.40 32.67
CA TRP B 701 -4.64 69.17 33.35
C TRP B 701 -3.89 68.23 32.40
N GLU B 702 -4.18 68.29 31.11
CA GLU B 702 -3.62 67.32 30.17
C GLU B 702 -2.19 67.64 29.77
N LYS B 703 -1.63 68.78 30.18
CA LYS B 703 -0.25 69.08 29.83
C LYS B 703 0.75 68.41 30.77
N HIS B 704 0.27 67.81 31.86
CA HIS B 704 1.14 67.11 32.80
C HIS B 704 1.48 65.70 32.36
N LYS B 705 0.78 65.14 31.38
CA LYS B 705 1.05 63.79 30.92
C LYS B 705 2.31 63.75 30.06
N ILE B 706 3.03 62.64 30.17
CA ILE B 706 4.20 62.37 29.36
C ILE B 706 3.86 61.22 28.41
N PRO B 707 4.56 61.08 27.28
CA PRO B 707 4.31 59.93 26.42
C PRO B 707 4.86 58.64 26.99
N PHE B 708 4.29 57.53 26.55
CA PHE B 708 4.79 56.21 26.89
C PHE B 708 5.97 55.85 26.00
N ILE B 709 6.96 55.15 26.56
CA ILE B 709 8.15 54.74 25.83
C ILE B 709 8.49 53.30 26.20
N GLN B 710 8.68 52.46 25.18
CA GLN B 710 9.20 51.11 25.36
C GLN B 710 10.34 50.88 24.37
N ASN B 711 11.40 50.23 24.83
CA ASN B 711 12.56 50.06 23.98
C ASN B 711 13.39 48.90 24.50
N THR B 712 14.32 48.45 23.66
CA THR B 712 15.36 47.53 24.07
C THR B 712 16.67 48.29 24.26
N ARG B 713 17.59 47.69 24.99
CA ARG B 713 18.88 48.33 25.27
C ARG B 713 19.97 47.91 24.32
N PHE B 714 19.67 47.05 23.34
CA PHE B 714 20.63 46.66 22.32
C PHE B 714 20.87 47.83 21.38
N THR B 715 22.12 48.14 21.10
CA THR B 715 22.50 49.29 20.30
C THR B 715 23.30 48.86 19.07
N PRO B 716 23.40 49.71 18.05
CA PRO B 716 24.24 49.36 16.88
C PRO B 716 25.70 49.12 17.24
N GLN B 717 26.22 49.83 18.24
CA GLN B 717 27.59 49.60 18.66
C GLN B 717 27.77 48.20 19.24
N MET B 718 26.75 47.68 19.92
CA MET B 718 26.84 46.31 20.42
C MET B 718 26.88 45.31 19.27
N ALA B 719 26.10 45.54 18.22
CA ALA B 719 26.18 44.66 17.05
C ALA B 719 27.56 44.72 16.42
N LYS B 720 28.12 45.93 16.33
CA LYS B 720 29.46 46.09 15.77
C LYS B 720 30.50 45.36 16.61
N ASP B 721 30.36 45.42 17.94
CA ASP B 721 31.29 44.72 18.82
C ASP B 721 31.12 43.21 18.73
N ILE B 722 29.89 42.74 18.53
CA ILE B 722 29.69 41.31 18.35
C ILE B 722 30.41 40.84 17.10
N LEU B 723 30.25 41.56 15.99
CA LEU B 723 30.89 41.12 14.75
C LEU B 723 32.40 41.21 14.83
N ALA B 724 32.93 42.02 15.75
CA ALA B 724 34.36 42.17 15.94
C ALA B 724 34.94 41.22 16.97
N GLY B 725 34.12 40.39 17.62
CA GLY B 725 34.59 39.44 18.59
C GLY B 725 34.78 39.97 19.99
N THR B 726 34.52 41.25 20.23
CA THR B 726 34.72 41.85 21.53
C THR B 726 33.52 41.69 22.46
N LEU B 727 32.39 41.19 21.96
CA LEU B 727 31.17 41.04 22.73
C LEU B 727 30.65 39.62 22.55
N THR B 728 30.07 39.06 23.61
CA THR B 728 29.59 37.67 23.60
C THR B 728 28.18 37.60 24.17
N LEU B 729 27.56 36.42 24.02
CA LEU B 729 26.22 36.22 24.55
C LEU B 729 26.21 36.26 26.07
N GLU B 730 27.21 35.63 26.69
CA GLU B 730 27.26 35.58 28.14
C GLU B 730 27.64 36.93 28.74
N ASP B 731 28.13 37.84 27.90
CA ASP B 731 28.36 39.20 28.37
C ASP B 731 27.11 40.04 28.17
N LEU B 732 26.32 39.76 27.13
CA LEU B 732 25.01 40.40 27.00
C LEU B 732 24.09 40.00 28.15
N VAL B 733 24.13 38.74 28.56
CA VAL B 733 23.33 38.32 29.71
C VAL B 733 23.83 39.01 30.98
N ALA B 734 25.14 39.17 31.12
CA ALA B 734 25.72 39.69 32.35
C ALA B 734 25.21 41.08 32.69
N GLN B 735 24.99 41.93 31.69
CA GLN B 735 24.41 43.26 31.92
C GLN B 735 22.92 43.29 31.65
N GLY B 736 22.29 42.12 31.58
CA GLY B 736 20.84 42.05 31.54
C GLY B 736 20.21 42.62 30.29
N ILE B 737 20.90 42.52 29.16
CA ILE B 737 20.33 42.92 27.88
C ILE B 737 19.49 41.80 27.27
N CYS B 738 19.81 40.55 27.59
CA CYS B 738 18.99 39.43 27.18
C CYS B 738 18.85 38.45 28.34
N GLU B 739 17.95 37.49 28.17
CA GLU B 739 17.76 36.44 29.15
C GLU B 739 17.29 35.18 28.45
N PHE B 740 17.41 34.05 29.12
CA PHE B 740 16.99 32.78 28.55
C PHE B 740 15.55 32.49 28.94
N ILE B 741 14.77 32.01 27.99
CA ILE B 741 13.36 31.71 28.20
C ILE B 741 13.08 30.31 27.69
N THR B 742 12.50 29.48 28.55
CA THR B 742 12.04 28.14 28.19
C THR B 742 10.59 28.19 27.72
N PRO B 743 10.08 27.14 27.11
CA PRO B 743 8.66 27.14 26.73
C PRO B 743 7.71 27.32 27.90
N GLU B 744 8.09 26.94 29.12
CA GLU B 744 7.22 27.18 30.27
C GLU B 744 7.08 28.67 30.55
N GLU B 745 8.19 29.38 30.63
CA GLU B 745 8.17 30.80 30.92
C GLU B 745 7.69 31.64 29.75
N ALA B 746 7.68 31.08 28.54
CA ALA B 746 7.20 31.84 27.38
C ALA B 746 5.75 32.28 27.53
N GLU B 747 4.96 31.53 28.28
CA GLU B 747 3.56 31.85 28.47
C GLU B 747 3.35 33.08 29.34
N ASN B 748 4.40 33.60 29.96
CA ASN B 748 4.37 34.87 30.66
C ASN B 748 4.96 36.00 29.84
N CYS B 749 5.19 35.80 28.54
CA CYS B 749 5.95 36.72 27.71
C CYS B 749 5.10 37.23 26.56
N LEU B 750 5.17 38.52 26.30
CA LEU B 750 4.59 39.16 25.12
C LEU B 750 5.75 39.65 24.26
N VAL B 751 5.97 39.00 23.12
CA VAL B 751 7.19 39.15 22.35
C VAL B 751 6.89 39.91 21.06
N ALA B 752 7.65 40.97 20.80
CA ALA B 752 7.57 41.67 19.53
C ALA B 752 8.33 40.90 18.47
N PHE B 753 7.69 40.63 17.33
CA PHE B 753 8.27 39.66 16.41
C PHE B 753 9.51 40.19 15.71
N SER B 754 9.76 41.49 15.73
CA SER B 754 10.99 42.05 15.21
C SER B 754 11.15 43.48 15.72
N ILE B 755 12.32 44.05 15.46
CA ILE B 755 12.62 45.41 15.90
C ILE B 755 11.76 46.43 15.16
N ILE B 756 11.30 46.09 13.96
CA ILE B 756 10.37 46.97 13.24
C ILE B 756 9.06 47.07 13.98
N GLU B 757 8.54 45.94 14.47
CA GLU B 757 7.33 45.94 15.28
C GLU B 757 7.50 46.71 16.57
N LEU B 758 8.66 46.56 17.21
CA LEU B 758 8.93 47.29 18.45
C LEU B 758 8.99 48.80 18.22
N ARG B 759 9.59 49.23 17.10
CA ARG B 759 9.61 50.66 16.79
C ARG B 759 8.24 51.18 16.40
N LYS B 760 7.42 50.35 15.76
CA LYS B 760 6.08 50.79 15.37
C LYS B 760 5.24 51.16 16.59
N HIS B 761 5.36 50.40 17.67
CA HIS B 761 4.62 50.63 18.90
C HIS B 761 5.46 51.30 19.98
N LYS B 762 6.39 52.18 19.60
CA LYS B 762 7.31 52.73 20.60
C LYS B 762 6.58 53.54 21.66
N HIS B 763 5.45 54.14 21.30
CA HIS B 763 4.68 54.95 22.22
C HIS B 763 3.26 54.41 22.41
N ASP B 764 3.08 53.11 22.27
CA ASP B 764 1.78 52.47 22.39
C ASP B 764 1.67 51.87 23.79
N VAL B 765 0.89 52.52 24.65
CA VAL B 765 0.69 52.04 26.01
C VAL B 765 -0.25 50.85 26.07
N THR B 766 -0.96 50.56 24.98
CA THR B 766 -1.90 49.45 24.93
C THR B 766 -1.29 48.18 24.37
N ARG B 767 0.01 48.17 24.08
CA ARG B 767 0.70 46.94 23.70
C ARG B 767 2.12 47.04 24.24
N ARG B 768 2.33 46.52 25.44
CA ARG B 768 3.60 46.61 26.14
C ARG B 768 4.30 45.27 26.01
N PHE B 769 5.47 45.28 25.38
CA PHE B 769 6.20 44.05 25.15
C PHE B 769 7.18 43.77 26.28
N THR B 770 7.38 42.48 26.56
CA THR B 770 8.41 42.07 27.50
C THR B 770 9.74 41.82 26.81
N HIS B 771 9.72 41.20 25.64
CA HIS B 771 10.92 40.89 24.89
C HIS B 771 10.71 41.22 23.43
N VAL B 772 11.81 41.28 22.69
CA VAL B 772 11.77 41.47 21.25
C VAL B 772 12.60 40.37 20.60
N ASP B 773 12.08 39.83 19.51
CA ASP B 773 12.68 38.68 18.85
C ASP B 773 13.45 39.09 17.60
N VAL B 774 14.31 38.19 17.15
CA VAL B 774 14.99 38.28 15.85
C VAL B 774 14.33 37.26 14.93
N PRO B 775 13.73 37.68 13.82
CA PRO B 775 12.86 36.77 13.06
C PRO B 775 13.50 35.49 12.58
N GLN B 776 14.81 35.50 12.30
CA GLN B 776 15.46 34.31 11.75
C GLN B 776 15.60 33.20 12.77
N ALA B 777 15.30 33.47 14.04
CA ALA B 777 15.44 32.50 15.11
C ALA B 777 14.39 31.41 15.10
N ILE B 778 13.33 31.55 14.30
CA ILE B 778 12.28 30.53 14.23
C ILE B 778 12.60 29.41 13.26
N LEU B 779 13.73 29.47 12.58
CA LEU B 779 14.12 28.45 11.62
C LEU B 779 15.38 27.75 12.11
N GLY B 780 15.52 26.49 11.70
CA GLY B 780 16.73 25.73 11.96
C GLY B 780 17.78 25.99 10.90
N LEU B 781 18.93 25.35 11.08
CA LEU B 781 20.07 25.60 10.20
C LEU B 781 19.82 25.15 8.76
N ALA B 782 19.19 24.01 8.56
CA ALA B 782 18.94 23.53 7.20
C ALA B 782 17.94 24.41 6.47
N ALA B 783 16.90 24.89 7.17
CA ALA B 783 15.91 25.74 6.53
C ALA B 783 16.44 27.13 6.21
N LEU B 784 17.51 27.56 6.86
CA LEU B 784 18.10 28.87 6.62
C LEU B 784 19.04 28.87 5.43
N VAL B 785 19.31 27.71 4.82
CA VAL B 785 20.09 27.66 3.59
C VAL B 785 19.29 28.21 2.43
N SER B 786 17.98 28.02 2.46
CA SER B 786 17.11 28.51 1.40
C SER B 786 17.05 30.04 1.43
N PRO B 787 17.37 30.71 0.34
CA PRO B 787 17.35 32.17 0.34
C PRO B 787 16.00 32.73 -0.05
N TYR B 788 15.66 33.87 0.54
CA TYR B 788 14.33 34.50 0.38
C TYR B 788 13.24 33.50 0.68
N ALA B 789 13.37 32.81 1.82
CA ALA B 789 12.50 31.70 2.12
C ALA B 789 11.08 32.12 2.47
N ASN B 790 10.88 33.36 2.94
CA ASN B 790 9.55 33.86 3.20
C ASN B 790 8.82 34.33 1.95
N CYS B 791 9.50 34.37 0.80
CA CYS B 791 8.85 34.64 -0.46
C CYS B 791 8.42 33.36 -1.18
N THR B 792 8.65 32.21 -0.57
CA THR B 792 8.30 30.90 -1.10
C THR B 792 7.22 30.29 -0.22
N GLN B 793 6.37 29.47 -0.82
CA GLN B 793 5.37 28.76 -0.06
C GLN B 793 6.05 27.80 0.92
N PRO B 794 5.67 27.81 2.21
CA PRO B 794 6.47 27.12 3.23
C PRO B 794 6.65 25.62 3.03
N ALA B 795 5.65 24.92 2.46
CA ALA B 795 5.80 23.48 2.24
C ALA B 795 7.01 23.17 1.37
N ARG B 796 7.33 24.07 0.43
CA ARG B 796 8.52 23.92 -0.37
C ARG B 796 9.79 24.11 0.46
N VAL B 797 9.73 24.93 1.51
CA VAL B 797 10.88 25.06 2.39
C VAL B 797 11.09 23.77 3.18
N THR B 798 10.00 23.11 3.56
CA THR B 798 10.12 21.77 4.15
C THR B 798 10.76 20.79 3.18
N TYR B 799 10.30 20.78 1.92
CA TYR B 799 10.91 19.97 0.89
C TYR B 799 12.40 20.24 0.79
N GLU B 800 12.80 21.50 0.92
CA GLU B 800 14.21 21.86 0.82
C GLU B 800 15.01 21.30 2.00
N THR B 801 14.48 21.46 3.22
CA THR B 801 15.16 20.85 4.37
C THR B 801 15.38 19.36 4.14
N ASN B 802 14.41 18.68 3.54
CA ASN B 802 14.61 17.28 3.18
C ASN B 802 15.69 17.11 2.12
N GLN B 803 15.75 18.00 1.13
CA GLN B 803 16.67 17.84 0.01
C GLN B 803 18.04 18.45 0.25
N GLY B 804 18.18 19.45 1.12
CA GLY B 804 19.48 20.06 1.34
C GLY B 804 20.49 19.13 1.95
N ARG B 805 20.02 18.16 2.74
CA ARG B 805 20.91 17.19 3.39
C ARG B 805 21.21 15.97 2.54
N GLN B 806 20.56 15.79 1.39
CA GLN B 806 20.84 14.67 0.51
C GLN B 806 21.88 14.98 -0.55
N THR B 807 22.34 16.23 -0.63
CA THR B 807 23.15 16.66 -1.76
C THR B 807 24.61 16.30 -1.59
N GLY B 808 25.31 16.14 -2.73
CA GLY B 808 26.71 15.78 -2.70
C GLY B 808 27.62 16.91 -2.33
N GLY B 809 28.86 16.58 -2.00
CA GLY B 809 29.85 17.58 -1.67
C GLY B 809 31.10 16.96 -1.08
N TRP B 810 31.84 17.78 -0.32
CA TRP B 810 32.97 17.31 0.47
C TRP B 810 32.41 16.74 1.77
N TYR B 811 31.99 15.47 1.72
CA TYR B 811 31.25 14.88 2.84
C TYR B 811 32.10 14.75 4.10
N CYS B 812 33.42 14.65 3.95
CA CYS B 812 34.34 14.76 5.07
C CYS B 812 35.71 15.11 4.51
N PHE B 813 36.53 15.77 5.31
CA PHE B 813 37.86 16.16 4.90
C PHE B 813 38.91 15.09 5.16
N SER B 814 38.50 13.93 5.70
CA SER B 814 39.40 12.81 5.88
C SER B 814 38.93 11.59 5.12
N TRP B 815 38.35 11.78 3.94
CA TRP B 815 37.90 10.66 3.12
C TRP B 815 39.00 9.66 2.76
N PRO B 816 40.22 10.05 2.39
CA PRO B 816 41.20 9.03 1.97
C PRO B 816 41.64 8.11 3.09
N TYR B 817 41.42 8.51 4.35
CA TYR B 817 41.79 7.69 5.50
C TYR B 817 40.66 6.78 5.94
N ARG B 818 39.52 6.85 5.27
CA ARG B 818 38.33 6.11 5.68
C ARG B 818 38.01 5.05 4.64
N VAL B 819 37.35 4.00 5.08
CA VAL B 819 36.82 2.95 4.22
C VAL B 819 35.32 2.93 4.46
N ASP B 820 34.58 3.68 3.66
CA ASP B 820 33.16 3.88 3.87
C ASP B 820 32.35 3.09 2.84
N MET B 821 31.05 3.04 3.08
CA MET B 821 30.11 2.38 2.18
C MET B 821 29.16 3.45 1.63
N ASN B 822 29.05 3.50 0.30
CA ASN B 822 28.08 4.34 -0.39
C ASN B 822 28.22 5.81 -0.02
N ARG B 823 29.45 6.31 -0.17
CA ARG B 823 29.77 7.70 0.09
C ARG B 823 30.29 8.35 -1.18
N PHE B 824 29.90 9.60 -1.40
CA PHE B 824 30.20 10.33 -2.63
C PHE B 824 30.99 11.58 -2.29
N PHE B 825 32.13 11.74 -2.93
CA PHE B 825 32.94 12.94 -2.80
C PHE B 825 32.87 13.71 -4.11
N GLN B 826 32.41 14.95 -4.04
CA GLN B 826 32.27 15.81 -5.22
C GLN B 826 33.41 16.81 -5.24
N PHE B 827 34.12 16.86 -6.36
CA PHE B 827 35.39 17.58 -6.45
C PHE B 827 35.21 19.08 -6.25
N TYR B 828 34.30 19.69 -7.02
CA TYR B 828 34.20 21.15 -7.11
C TYR B 828 32.96 21.64 -6.39
N ASN B 829 33.12 22.68 -5.58
CA ASN B 829 32.03 23.28 -4.83
C ASN B 829 32.18 24.80 -4.91
N GLU B 830 31.08 25.50 -4.71
CA GLU B 830 31.07 26.95 -4.83
C GLU B 830 30.30 27.58 -3.68
N MET B 831 30.68 28.81 -3.36
CA MET B 831 29.83 29.64 -2.52
C MET B 831 28.69 30.20 -3.35
N PRO B 832 27.45 30.16 -2.85
CA PRO B 832 26.35 30.75 -3.62
C PRO B 832 26.58 32.23 -3.87
N LEU B 833 26.09 32.70 -5.02
CA LEU B 833 26.15 34.13 -5.30
C LEU B 833 25.26 34.92 -4.35
N VAL B 834 24.13 34.34 -3.96
CA VAL B 834 23.27 34.86 -2.91
C VAL B 834 23.36 33.90 -1.73
N LYS B 835 24.22 34.20 -0.78
CA LYS B 835 24.43 33.34 0.38
C LYS B 835 23.52 33.75 1.54
N THR B 836 23.46 32.90 2.55
CA THR B 836 22.68 33.19 3.75
C THR B 836 23.57 33.05 4.98
N ILE B 837 22.97 33.26 6.16
CA ILE B 837 23.72 33.15 7.40
C ILE B 837 24.12 31.71 7.69
N ALA B 838 23.43 30.73 7.11
CA ALA B 838 23.80 29.35 7.33
C ALA B 838 25.13 28.99 6.71
N HIS B 839 25.61 29.78 5.75
CA HIS B 839 26.91 29.53 5.13
C HIS B 839 28.04 30.16 5.91
N ASN B 840 27.75 30.74 7.06
CA ASN B 840 28.77 31.09 8.03
C ASN B 840 29.17 29.91 8.91
N TYR B 841 28.44 28.80 8.84
CA TYR B 841 28.63 27.68 9.74
C TYR B 841 28.76 26.33 9.07
N VAL B 842 28.34 26.17 7.82
CA VAL B 842 28.55 24.91 7.11
C VAL B 842 29.22 25.23 5.77
N ILE B 843 29.86 24.22 5.22
CA ILE B 843 30.47 24.33 3.89
C ILE B 843 29.36 24.22 2.85
N PRO B 844 29.27 25.15 1.89
CA PRO B 844 28.31 24.98 0.81
C PRO B 844 28.71 23.87 -0.12
N ASN B 845 27.72 23.12 -0.60
CA ASN B 845 27.96 22.04 -1.55
C ASN B 845 26.98 22.16 -2.72
N GLY B 846 27.48 22.63 -3.85
CA GLY B 846 26.67 22.89 -5.01
C GLY B 846 27.44 23.75 -5.96
N LEU B 847 26.76 24.21 -7.01
CA LEU B 847 27.38 25.04 -8.03
C LEU B 847 26.42 26.13 -8.46
N ASN B 848 26.98 27.24 -8.95
CA ASN B 848 26.21 28.38 -9.43
C ASN B 848 25.90 28.20 -10.92
N THR B 849 25.00 27.28 -11.20
CA THR B 849 24.65 26.95 -12.57
C THR B 849 23.90 28.09 -13.25
N ILE B 850 24.16 28.28 -14.54
CA ILE B 850 23.35 29.20 -15.34
C ILE B 850 22.12 28.44 -15.80
N VAL B 851 20.94 28.99 -15.53
CA VAL B 851 19.67 28.35 -15.84
C VAL B 851 18.88 29.24 -16.77
N ALA B 852 18.35 28.64 -17.83
CA ALA B 852 17.37 29.29 -18.69
C ALA B 852 16.00 28.72 -18.38
N TYR B 853 15.03 29.59 -18.18
CA TYR B 853 13.66 29.19 -17.86
C TYR B 853 12.82 29.29 -19.12
N MET B 854 12.68 28.17 -19.83
CA MET B 854 12.12 28.21 -21.17
C MET B 854 11.62 26.84 -21.58
N ILE B 855 10.93 26.80 -22.71
CA ILE B 855 10.51 25.56 -23.34
C ILE B 855 11.47 25.26 -24.48
N TYR B 856 12.08 24.07 -24.46
CA TYR B 856 13.01 23.68 -25.51
C TYR B 856 12.70 22.25 -25.95
N GLY B 857 11.73 22.09 -26.84
CA GLY B 857 11.46 20.81 -27.44
C GLY B 857 10.68 19.82 -26.60
N GLY B 858 10.30 20.18 -25.38
CA GLY B 858 9.48 19.33 -24.55
C GLY B 858 10.20 18.30 -23.73
N TYR B 859 11.50 18.42 -23.54
CA TYR B 859 12.26 17.43 -22.77
C TYR B 859 12.42 17.80 -21.31
N ASN B 860 11.96 18.97 -20.86
CA ASN B 860 12.03 19.33 -19.46
C ASN B 860 10.66 19.33 -18.80
N GLN B 861 9.69 18.68 -19.41
CA GLN B 861 8.34 18.69 -18.90
C GLN B 861 8.21 17.82 -17.65
N GLU B 862 7.41 18.30 -16.70
CA GLU B 862 7.02 17.56 -15.50
C GLU B 862 8.23 17.18 -14.65
N ASP B 863 8.94 18.21 -14.21
CA ASP B 863 10.06 18.09 -13.28
C ASP B 863 11.27 17.42 -13.90
N SER B 864 11.56 17.70 -15.15
CA SER B 864 12.78 17.25 -15.79
C SER B 864 13.61 18.45 -16.20
N VAL B 865 14.90 18.23 -16.42
CA VAL B 865 15.78 19.29 -16.89
C VAL B 865 16.57 18.79 -18.08
N ILE B 866 17.01 19.72 -18.90
CA ILE B 866 17.98 19.47 -19.96
C ILE B 866 19.33 19.98 -19.47
N VAL B 867 20.34 19.12 -19.52
CA VAL B 867 21.68 19.45 -19.06
C VAL B 867 22.57 19.67 -20.27
N SER B 868 23.57 20.51 -20.09
CA SER B 868 24.64 20.67 -21.07
C SER B 868 25.60 19.50 -20.94
N GLN B 869 25.89 18.83 -22.06
CA GLN B 869 26.87 17.76 -22.02
C GLN B 869 28.28 18.28 -21.75
N SER B 870 28.60 19.46 -22.25
CA SER B 870 29.90 20.08 -21.97
C SER B 870 30.06 20.35 -20.48
N PHE B 871 29.02 20.85 -19.82
CA PHE B 871 29.04 21.05 -18.39
C PHE B 871 29.34 19.76 -17.65
N ILE B 872 28.78 18.64 -18.12
CA ILE B 872 29.06 17.33 -17.54
C ILE B 872 30.50 16.92 -17.78
N ASP B 873 31.00 17.10 -19.00
CA ASP B 873 32.36 16.68 -19.33
C ASP B 873 33.39 17.43 -18.52
N ARG B 874 33.12 18.68 -18.17
CA ARG B 874 34.06 19.52 -17.46
C ARG B 874 34.09 19.27 -15.97
N GLY B 875 33.25 18.38 -15.47
CA GLY B 875 33.29 18.02 -14.08
C GLY B 875 32.22 18.66 -13.22
N GLY B 876 31.18 19.22 -13.82
CA GLY B 876 30.08 19.76 -13.05
C GLY B 876 29.32 18.65 -12.37
N PHE B 877 29.33 18.66 -11.03
CA PHE B 877 28.70 17.65 -10.19
C PHE B 877 29.33 16.26 -10.33
N ALA B 878 30.59 16.21 -10.70
CA ALA B 878 31.34 14.96 -10.83
C ALA B 878 32.09 14.66 -9.55
N GLY B 879 32.33 13.40 -9.29
CA GLY B 879 33.03 13.01 -8.10
C GLY B 879 33.35 11.54 -8.09
N THR B 880 33.71 11.04 -6.92
CA THR B 880 34.06 9.64 -6.77
C THR B 880 33.19 8.98 -5.72
N PHE B 881 32.75 7.77 -6.01
CA PHE B 881 31.86 6.98 -5.18
C PHE B 881 32.63 5.80 -4.61
N TYR B 882 32.30 5.41 -3.38
CA TYR B 882 33.09 4.42 -2.66
C TYR B 882 32.21 3.29 -2.15
N ARG B 883 32.76 2.08 -2.18
CA ARG B 883 32.18 0.91 -1.54
C ARG B 883 33.27 0.15 -0.81
N GLU B 884 32.91 -0.39 0.36
CA GLU B 884 33.84 -1.10 1.22
C GLU B 884 33.52 -2.58 1.24
N GLU B 885 34.46 -3.36 1.78
CA GLU B 885 34.23 -4.77 2.07
C GLU B 885 34.93 -5.18 3.35
N LYS B 886 34.44 -6.27 3.93
CA LYS B 886 34.95 -6.82 5.19
C LYS B 886 34.66 -8.32 5.16
N VAL B 887 35.70 -9.12 4.92
CA VAL B 887 35.61 -10.58 4.94
C VAL B 887 36.51 -11.09 6.07
N GLU B 888 35.95 -11.93 6.93
CA GLU B 888 36.61 -12.40 8.14
C GLU B 888 37.15 -13.81 7.94
N LEU B 889 38.01 -14.23 8.87
CA LEU B 889 38.61 -15.56 8.84
C LEU B 889 38.30 -16.31 10.12
N GLU B 890 38.36 -17.63 10.02
CA GLU B 890 38.22 -18.54 11.14
C GLU B 890 39.59 -19.00 11.59
N SER B 891 39.69 -19.32 12.89
CA SER B 891 40.96 -19.71 13.48
C SER B 891 41.34 -21.10 12.96
N ASP B 892 42.38 -21.13 12.11
CA ASP B 892 43.01 -22.33 11.60
C ASP B 892 42.16 -23.10 10.59
N ILE B 893 40.92 -22.70 10.35
CA ILE B 893 40.07 -23.36 9.37
C ILE B 893 40.19 -22.72 8.00
N GLU B 894 40.03 -21.40 7.93
CA GLU B 894 40.04 -20.64 6.70
C GLU B 894 41.32 -19.83 6.61
N SER B 895 41.68 -19.42 5.40
CA SER B 895 42.87 -18.61 5.20
C SER B 895 42.72 -17.83 3.90
N PHE B 896 43.52 -16.76 3.78
CA PHE B 896 43.56 -15.99 2.55
C PHE B 896 44.64 -16.52 1.62
N GLY B 897 44.28 -16.71 0.36
CA GLY B 897 45.19 -17.23 -0.63
C GLY B 897 44.49 -17.64 -1.91
N LYS B 898 45.22 -17.66 -3.02
CA LYS B 898 44.62 -17.97 -4.30
C LYS B 898 44.24 -19.45 -4.36
N PRO B 899 42.97 -19.77 -4.54
CA PRO B 899 42.54 -21.17 -4.52
C PRO B 899 43.11 -21.96 -5.69
N ASP B 900 43.34 -23.25 -5.42
CA ASP B 900 43.81 -24.19 -6.41
C ASP B 900 42.65 -25.09 -6.82
N PRO B 901 42.23 -25.05 -8.09
CA PRO B 901 40.98 -25.74 -8.47
C PRO B 901 41.01 -27.23 -8.26
N LEU B 902 42.19 -27.85 -8.27
CA LEU B 902 42.28 -29.30 -8.22
C LEU B 902 42.05 -29.85 -6.82
N ILE B 903 42.52 -29.17 -5.79
CA ILE B 903 42.37 -29.61 -4.42
C ILE B 903 41.31 -28.84 -3.66
N THR B 904 40.56 -27.98 -4.34
CA THR B 904 39.48 -27.21 -3.73
C THR B 904 38.17 -27.53 -4.44
N LYS B 905 37.13 -27.77 -3.65
CA LYS B 905 35.81 -28.12 -4.16
C LYS B 905 34.92 -26.89 -4.21
N ASN B 906 33.89 -26.97 -5.06
CA ASN B 906 32.83 -25.96 -5.12
C ASN B 906 33.38 -24.58 -5.49
N LEU B 907 34.25 -24.55 -6.50
CA LEU B 907 34.64 -23.28 -7.08
C LEU B 907 33.46 -22.65 -7.80
N LYS B 908 33.28 -21.35 -7.57
CA LYS B 908 32.11 -20.67 -8.11
C LYS B 908 32.15 -20.73 -9.64
N PRO B 909 31.06 -21.16 -10.29
CA PRO B 909 31.09 -21.33 -11.75
C PRO B 909 31.33 -20.02 -12.48
N GLY B 910 32.15 -20.09 -13.52
CA GLY B 910 32.40 -18.94 -14.38
C GLY B 910 33.14 -17.79 -13.74
N ALA B 911 33.70 -18.00 -12.55
CA ALA B 911 34.36 -16.93 -11.81
C ALA B 911 35.83 -16.82 -12.22
N ASN B 912 36.28 -15.58 -12.40
CA ASN B 912 37.63 -15.29 -12.85
C ASN B 912 38.54 -15.19 -11.64
N TYR B 913 39.38 -16.22 -11.44
CA TYR B 913 40.32 -16.26 -10.34
C TYR B 913 41.69 -15.73 -10.72
N GLU B 914 41.86 -15.28 -11.97
CA GLU B 914 43.19 -14.90 -12.44
C GLU B 914 43.59 -13.51 -11.95
N LYS B 915 42.66 -12.75 -11.38
CA LYS B 915 43.04 -11.46 -10.84
C LYS B 915 43.77 -11.57 -9.51
N LEU B 916 43.54 -12.64 -8.76
CA LEU B 916 44.07 -12.75 -7.40
C LEU B 916 45.59 -12.90 -7.42
N VAL B 917 46.25 -12.10 -6.58
CA VAL B 917 47.65 -12.31 -6.22
C VAL B 917 47.72 -12.30 -4.70
N ASP B 918 48.25 -13.38 -4.12
CA ASP B 918 48.43 -13.49 -2.68
C ASP B 918 47.10 -13.39 -1.95
N GLY B 919 46.02 -13.77 -2.62
CA GLY B 919 44.70 -13.83 -2.03
C GLY B 919 43.81 -12.63 -2.26
N PHE B 920 44.39 -11.46 -2.56
CA PHE B 920 43.64 -10.25 -2.82
C PHE B 920 44.04 -9.68 -4.17
N VAL B 921 43.09 -9.01 -4.82
CA VAL B 921 43.41 -8.32 -6.07
C VAL B 921 44.27 -7.10 -5.76
N PRO B 922 45.33 -6.84 -6.54
CA PRO B 922 46.19 -5.69 -6.24
C PRO B 922 45.50 -4.36 -6.44
N VAL B 923 46.04 -3.33 -5.79
CA VAL B 923 45.44 -2.02 -5.81
C VAL B 923 45.64 -1.37 -7.17
N GLY B 924 44.55 -0.92 -7.78
CA GLY B 924 44.60 -0.24 -9.06
C GLY B 924 44.10 -1.02 -10.23
N THR B 925 43.54 -2.21 -10.03
CA THR B 925 43.04 -3.02 -11.12
C THR B 925 41.52 -2.95 -11.15
N VAL B 926 40.98 -2.92 -12.36
CA VAL B 926 39.54 -2.82 -12.55
C VAL B 926 38.91 -4.20 -12.42
N VAL B 927 37.94 -4.31 -11.54
CA VAL B 927 37.23 -5.57 -11.34
C VAL B 927 35.91 -5.50 -12.07
N LYS B 928 35.47 -6.65 -12.57
CA LYS B 928 34.29 -6.74 -13.41
C LYS B 928 33.26 -7.66 -12.74
N LYS B 929 32.12 -7.81 -13.40
CA LYS B 929 31.14 -8.76 -12.90
C LYS B 929 31.61 -10.17 -13.21
N GLY B 930 31.66 -11.01 -12.18
CA GLY B 930 32.16 -12.35 -12.30
C GLY B 930 33.58 -12.55 -11.79
N ASP B 931 34.32 -11.48 -11.58
CA ASP B 931 35.68 -11.60 -11.08
C ASP B 931 35.70 -12.00 -9.62
N ILE B 932 36.76 -12.71 -9.23
CA ILE B 932 37.00 -13.06 -7.84
C ILE B 932 37.91 -12.00 -7.24
N ILE B 933 37.50 -11.44 -6.11
CA ILE B 933 38.19 -10.31 -5.53
C ILE B 933 38.84 -10.62 -4.17
N ILE B 934 38.25 -11.50 -3.37
CA ILE B 934 38.87 -11.96 -2.14
C ILE B 934 38.83 -13.48 -2.13
N GLY B 935 40.01 -14.10 -2.20
CA GLY B 935 40.09 -15.55 -2.17
C GLY B 935 40.10 -16.09 -0.75
N LYS B 936 39.36 -17.19 -0.56
CA LYS B 936 39.21 -17.78 0.77
C LYS B 936 38.98 -19.27 0.62
N VAL B 937 39.82 -20.07 1.26
CA VAL B 937 39.71 -21.52 1.25
C VAL B 937 39.61 -22.01 2.68
N ALA B 938 38.69 -22.95 2.91
CA ALA B 938 38.40 -23.43 4.25
C ALA B 938 38.72 -24.91 4.32
N LYS B 939 39.59 -25.29 5.27
CA LYS B 939 39.90 -26.70 5.45
C LYS B 939 38.67 -27.46 5.95
N ILE B 940 38.42 -28.61 5.35
CA ILE B 940 37.27 -29.44 5.70
C ILE B 940 37.52 -30.13 7.04
N LYS B 949 38.78 -31.99 0.25
CA LYS B 949 39.96 -31.41 0.86
C LYS B 949 39.71 -29.97 1.29
N TYR B 950 39.18 -29.17 0.36
CA TYR B 950 38.83 -27.77 0.60
C TYR B 950 37.47 -27.49 -0.01
N ILE B 951 36.79 -26.49 0.55
CA ILE B 951 35.59 -25.92 -0.05
C ILE B 951 35.88 -24.46 -0.34
N ASP B 952 35.38 -23.97 -1.46
CA ASP B 952 35.75 -22.66 -1.98
C ASP B 952 34.76 -21.62 -1.49
N ARG B 953 35.09 -20.95 -0.39
CA ARG B 953 34.27 -19.86 0.13
C ARG B 953 34.85 -18.50 -0.29
N SER B 954 34.97 -18.31 -1.61
CA SER B 954 35.47 -17.08 -2.17
C SER B 954 34.35 -16.04 -2.30
N VAL B 955 34.71 -14.87 -2.83
CA VAL B 955 33.78 -13.75 -2.96
C VAL B 955 33.83 -13.24 -4.40
N MET B 956 32.67 -13.09 -5.01
CA MET B 956 32.56 -12.52 -6.34
C MET B 956 32.27 -11.02 -6.26
N TYR B 957 32.46 -10.34 -7.39
CA TYR B 957 32.00 -8.97 -7.56
C TYR B 957 30.67 -9.01 -8.28
N GLY B 958 29.58 -8.91 -7.54
CA GLY B 958 28.26 -8.95 -8.13
C GLY B 958 27.62 -7.60 -8.36
N PHE B 959 28.25 -6.75 -9.18
CA PHE B 959 27.70 -5.43 -9.49
C PHE B 959 27.74 -5.19 -10.98
N ASP B 960 26.83 -4.35 -11.44
CA ASP B 960 26.64 -4.14 -12.87
C ASP B 960 27.76 -3.27 -13.45
N GLU B 961 28.30 -2.35 -12.67
CA GLU B 961 29.33 -1.52 -13.27
C GLU B 961 30.69 -1.82 -12.65
N PRO B 962 31.73 -1.77 -13.46
CA PRO B 962 33.08 -2.10 -12.96
C PRO B 962 33.54 -1.08 -11.92
N ALA B 963 34.35 -1.55 -10.99
CA ALA B 963 34.98 -0.70 -10.00
C ALA B 963 36.49 -0.77 -10.18
N VAL B 964 37.19 -0.09 -9.29
CA VAL B 964 38.64 -0.15 -9.21
C VAL B 964 39.02 -0.29 -7.75
N VAL B 965 39.98 -1.18 -7.48
CA VAL B 965 40.42 -1.40 -6.11
C VAL B 965 41.18 -0.17 -5.65
N ASP B 966 40.71 0.45 -4.58
CA ASP B 966 41.36 1.66 -4.10
C ASP B 966 42.36 1.36 -2.99
N ALA B 967 41.97 0.56 -2.01
CA ALA B 967 42.83 0.24 -0.89
C ALA B 967 42.54 -1.17 -0.41
N VAL B 968 43.60 -1.93 -0.11
CA VAL B 968 43.49 -3.23 0.51
C VAL B 968 44.30 -3.21 1.80
N MET B 969 43.64 -3.54 2.92
CA MET B 969 44.29 -3.58 4.22
C MET B 969 43.94 -4.89 4.91
N ARG B 970 44.79 -5.29 5.85
CA ARG B 970 44.61 -6.52 6.62
C ARG B 970 44.77 -6.21 8.11
N PRO B 971 43.83 -5.46 8.71
CA PRO B 971 43.93 -5.16 10.14
C PRO B 971 43.55 -6.30 11.07
N HIS B 972 43.57 -6.04 12.38
CA HIS B 972 43.27 -7.03 13.40
C HIS B 972 41.92 -6.72 14.03
N GLY B 973 41.05 -7.73 14.10
CA GLY B 973 39.70 -7.52 14.56
C GLY B 973 39.61 -7.38 16.07
N PRO B 974 38.36 -7.29 16.55
CA PRO B 974 38.17 -7.23 18.01
C PRO B 974 38.72 -8.44 18.73
N ASN B 975 38.63 -9.63 18.13
CA ASN B 975 39.24 -10.83 18.66
C ASN B 975 40.64 -11.07 18.13
N ASP B 976 41.29 -10.02 17.64
CA ASP B 976 42.67 -10.08 17.14
C ASP B 976 42.79 -11.11 16.02
N GLU B 977 41.74 -11.21 15.21
CA GLU B 977 41.69 -12.13 14.08
C GLU B 977 41.85 -11.32 12.80
N ILE B 978 42.54 -11.90 11.83
CA ILE B 978 42.80 -11.20 10.58
C ILE B 978 41.55 -11.24 9.72
N PHE B 979 41.12 -10.08 9.25
CA PHE B 979 39.97 -9.96 8.36
C PHE B 979 40.32 -9.04 7.20
N GLY B 980 39.85 -9.38 6.02
CA GLY B 980 40.14 -8.59 4.83
C GLY B 980 39.26 -7.36 4.76
N LEU B 981 39.84 -6.24 4.35
CA LEU B 981 39.14 -4.97 4.24
C LEU B 981 39.44 -4.37 2.86
N MET B 982 38.43 -4.35 2.00
CA MET B 982 38.56 -3.88 0.62
C MET B 982 37.79 -2.59 0.46
N ARG B 983 38.37 -1.64 -0.27
CA ARG B 983 37.66 -0.44 -0.70
C ARG B 983 37.62 -0.42 -2.23
N LEU B 984 36.41 -0.30 -2.78
CA LEU B 984 36.19 -0.14 -4.21
C LEU B 984 35.77 1.30 -4.47
N ARG B 985 36.21 1.85 -5.59
CA ARG B 985 35.88 3.22 -5.96
C ARG B 985 35.25 3.27 -7.35
N TYR B 986 34.39 4.28 -7.53
CA TYR B 986 33.68 4.47 -8.79
C TYR B 986 33.88 5.89 -9.28
N GLU B 987 33.96 6.06 -10.60
CA GLU B 987 34.02 7.37 -11.25
C GLU B 987 32.61 7.74 -11.65
N ARG B 988 32.06 8.78 -11.05
CA ARG B 988 30.67 9.18 -11.28
C ARG B 988 30.60 10.58 -11.86
N ASN B 989 30.31 10.67 -13.16
CA ASN B 989 29.83 11.89 -13.75
C ASN B 989 28.33 12.02 -13.53
N LEU B 990 27.80 13.20 -13.78
CA LEU B 990 26.35 13.34 -13.87
C LEU B 990 25.85 12.62 -15.11
N ASN B 991 24.75 11.88 -14.98
CA ASN B 991 24.25 11.19 -16.14
C ASN B 991 22.73 11.22 -16.15
N ILE B 992 22.16 10.84 -17.28
CA ILE B 992 20.73 10.88 -17.49
C ILE B 992 20.04 9.99 -16.45
N GLY B 993 19.13 10.58 -15.70
CA GLY B 993 18.44 9.88 -14.63
C GLY B 993 18.87 10.29 -13.25
N ASP B 994 19.82 11.21 -13.13
CA ASP B 994 20.27 11.71 -11.84
C ASP B 994 19.44 12.91 -11.41
N LYS B 995 19.36 13.12 -10.09
CA LYS B 995 18.45 14.10 -9.53
C LYS B 995 19.22 15.33 -9.05
N MET B 996 18.78 16.50 -9.49
CA MET B 996 19.29 17.78 -9.01
C MET B 996 18.18 18.55 -8.32
N SER B 997 18.56 19.66 -7.70
CA SER B 997 17.61 20.46 -6.96
C SER B 997 18.20 21.84 -6.71
N SER B 998 17.35 22.83 -6.58
CA SER B 998 17.76 24.14 -6.10
C SER B 998 17.43 24.26 -4.62
N ARG B 999 17.78 25.41 -4.04
CA ARG B 999 17.62 25.59 -2.60
C ARG B 999 16.18 25.88 -2.21
N SER B 1000 15.27 26.04 -3.16
CA SER B 1000 13.86 26.20 -2.85
C SER B 1000 13.09 24.89 -2.90
N GLY B 1001 13.76 23.75 -3.05
CA GLY B 1001 13.10 22.48 -3.04
C GLY B 1001 12.57 22.02 -4.37
N ASN B 1002 13.00 22.65 -5.46
CA ASN B 1002 12.55 22.33 -6.82
C ASN B 1002 13.48 21.26 -7.39
N LYS B 1003 13.06 20.00 -7.30
CA LYS B 1003 13.92 18.89 -7.69
C LYS B 1003 13.43 18.24 -8.99
N GLY B 1004 14.37 17.69 -9.74
CA GLY B 1004 14.04 17.11 -11.04
C GLY B 1004 15.09 16.14 -11.51
N ILE B 1005 14.77 15.42 -12.58
CA ILE B 1005 15.61 14.38 -13.14
C ILE B 1005 16.25 14.90 -14.42
N ALA B 1006 17.53 14.62 -14.61
CA ALA B 1006 18.19 14.91 -15.88
C ALA B 1006 17.67 13.99 -16.97
N ALA B 1007 17.07 14.56 -18.00
CA ALA B 1007 16.40 13.77 -19.03
C ALA B 1007 17.14 13.77 -20.36
N LEU B 1008 17.81 14.86 -20.71
CA LEU B 1008 18.49 14.98 -21.98
C LEU B 1008 19.77 15.76 -21.75
N ALA B 1009 20.82 15.42 -22.49
CA ALA B 1009 22.07 16.15 -22.48
C ALA B 1009 22.42 16.54 -23.91
N LEU B 1010 22.66 17.82 -24.14
CA LEU B 1010 22.90 18.31 -25.48
C LEU B 1010 24.33 18.77 -25.65
N PRO B 1011 24.88 18.64 -26.86
CA PRO B 1011 26.19 19.24 -27.15
C PRO B 1011 26.14 20.76 -27.13
N THR B 1012 27.34 21.35 -27.17
CA THR B 1012 27.47 22.80 -27.07
C THR B 1012 26.79 23.51 -28.22
N SER B 1013 26.95 22.97 -29.43
CA SER B 1013 26.34 23.58 -30.60
C SER B 1013 24.82 23.43 -30.62
N ASP B 1014 24.23 22.63 -29.74
CA ASP B 1014 22.80 22.38 -29.74
C ASP B 1014 22.04 23.16 -28.68
N MET B 1015 22.73 23.80 -27.74
CA MET B 1015 22.08 24.56 -26.70
C MET B 1015 21.72 25.97 -27.18
N PRO B 1016 20.72 26.61 -26.56
CA PRO B 1016 20.43 28.00 -26.91
C PRO B 1016 21.49 28.93 -26.39
N PHE B 1017 21.62 30.07 -27.04
CA PHE B 1017 22.62 31.07 -26.66
C PHE B 1017 22.04 32.46 -26.85
N THR B 1018 22.55 33.43 -26.10
CA THR B 1018 22.06 34.78 -26.23
C THR B 1018 22.89 35.55 -27.25
N GLU B 1019 22.56 36.82 -27.44
CA GLU B 1019 23.26 37.64 -28.41
C GLU B 1019 24.73 37.83 -28.05
N ASP B 1020 25.06 37.77 -26.76
CA ASP B 1020 26.43 37.86 -26.28
C ASP B 1020 27.08 36.51 -26.06
N GLY B 1021 26.42 35.42 -26.41
CA GLY B 1021 27.00 34.10 -26.30
C GLY B 1021 26.75 33.38 -25.01
N LEU B 1022 25.98 33.93 -24.09
CA LEU B 1022 25.68 33.23 -22.85
C LEU B 1022 24.76 32.05 -23.14
N GLN B 1023 25.12 30.89 -22.60
CA GLN B 1023 24.29 29.73 -22.78
C GLN B 1023 24.10 29.04 -21.45
N PRO B 1024 23.02 28.29 -21.28
CA PRO B 1024 22.74 27.70 -19.97
C PRO B 1024 23.47 26.39 -19.73
N ASP B 1025 23.60 26.05 -18.46
CA ASP B 1025 23.95 24.71 -18.03
C ASP B 1025 22.73 23.82 -17.89
N LEU B 1026 21.61 24.40 -17.46
CA LEU B 1026 20.36 23.72 -17.25
C LEU B 1026 19.23 24.51 -17.89
N ILE B 1027 18.23 23.81 -18.41
CA ILE B 1027 16.99 24.40 -18.90
C ILE B 1027 15.87 23.80 -18.07
N VAL B 1028 15.21 24.62 -17.27
CA VAL B 1028 14.09 24.14 -16.45
C VAL B 1028 12.79 24.69 -17.02
N ASN B 1029 11.74 23.89 -16.88
CA ASN B 1029 10.45 24.24 -17.44
C ASN B 1029 9.80 25.36 -16.64
N PRO B 1030 9.27 26.40 -17.30
CA PRO B 1030 8.54 27.42 -16.57
C PRO B 1030 7.27 26.93 -15.91
N HIS B 1031 6.71 25.80 -16.33
CA HIS B 1031 5.51 25.24 -15.72
C HIS B 1031 5.77 24.61 -14.38
N SER B 1032 7.02 24.54 -13.96
CA SER B 1032 7.34 24.11 -12.61
C SER B 1032 7.13 25.21 -11.58
N HIS B 1033 6.92 26.44 -12.02
CA HIS B 1033 6.76 27.54 -11.09
C HIS B 1033 5.33 27.78 -10.56
N PRO B 1034 4.32 27.97 -11.42
CA PRO B 1034 3.09 28.63 -10.94
C PRO B 1034 2.35 27.92 -9.82
N SER B 1035 2.35 26.58 -9.77
CA SER B 1035 1.65 25.89 -8.69
C SER B 1035 2.53 25.73 -7.45
N ARG B 1036 3.82 25.46 -7.62
CA ARG B 1036 4.72 25.31 -6.48
C ARG B 1036 5.01 26.64 -5.80
N MET B 1037 4.92 27.75 -6.52
CA MET B 1037 5.10 29.09 -5.96
C MET B 1037 6.44 29.22 -5.25
N THR B 1038 7.50 28.76 -5.92
CA THR B 1038 8.87 28.90 -5.44
C THR B 1038 9.44 30.22 -5.96
N ASN B 1039 8.94 31.32 -5.39
CA ASN B 1039 9.30 32.64 -5.88
C ASN B 1039 10.67 33.09 -5.45
N GLY B 1040 11.23 32.51 -4.39
CA GLY B 1040 12.56 32.89 -3.97
C GLY B 1040 13.65 32.43 -4.92
N GLN B 1041 13.39 31.39 -5.70
CA GLN B 1041 14.33 30.92 -6.71
C GLN B 1041 14.43 31.88 -7.89
N MET B 1042 13.33 32.55 -8.24
CA MET B 1042 13.35 33.55 -9.30
C MET B 1042 13.99 34.84 -8.83
N ILE B 1043 13.79 35.22 -7.57
CA ILE B 1043 14.45 36.40 -7.03
C ILE B 1043 15.96 36.18 -6.96
N GLU B 1044 16.38 34.96 -6.66
CA GLU B 1044 17.80 34.65 -6.58
C GLU B 1044 18.47 34.80 -7.94
N THR B 1045 17.79 34.39 -9.02
CA THR B 1045 18.32 34.59 -10.36
C THR B 1045 18.41 36.07 -10.71
N THR B 1046 17.43 36.86 -10.28
CA THR B 1046 17.44 38.30 -10.52
C THR B 1046 18.59 38.96 -9.79
N VAL B 1047 18.76 38.62 -8.51
CA VAL B 1047 19.79 39.27 -7.69
C VAL B 1047 21.18 38.80 -8.11
N GLY B 1048 21.35 37.49 -8.30
CA GLY B 1048 22.66 36.97 -8.63
C GLY B 1048 23.16 37.38 -9.99
N LEU B 1049 22.27 37.72 -10.91
CA LEU B 1049 22.65 38.20 -12.23
C LEU B 1049 23.41 39.51 -12.15
N ALA B 1050 22.96 40.43 -11.31
CA ALA B 1050 23.67 41.68 -11.05
C ALA B 1050 24.86 41.50 -10.13
N ASN B 1051 24.84 40.49 -9.25
CA ASN B 1051 26.00 40.18 -8.43
C ASN B 1051 27.19 39.77 -9.29
N ALA B 1052 26.95 38.95 -10.31
CA ALA B 1052 28.05 38.44 -11.12
C ALA B 1052 28.73 39.56 -11.90
N LEU B 1053 27.95 40.51 -12.42
CA LEU B 1053 28.55 41.62 -13.16
C LEU B 1053 29.20 42.63 -12.23
N GLN B 1054 28.67 42.79 -11.03
CA GLN B 1054 29.28 43.65 -10.02
C GLN B 1054 30.56 43.04 -9.46
N GLY B 1055 30.60 41.72 -9.32
CA GLY B 1055 31.74 41.05 -8.74
C GLY B 1055 31.63 40.79 -7.25
N VAL B 1056 30.42 40.58 -6.72
CA VAL B 1056 30.19 40.50 -5.29
C VAL B 1056 29.33 39.29 -4.97
N VAL B 1057 29.34 38.92 -3.70
CA VAL B 1057 28.45 37.90 -3.13
C VAL B 1057 27.64 38.58 -2.03
N THR B 1058 26.33 38.53 -2.14
CA THR B 1058 25.46 39.21 -1.18
C THR B 1058 24.65 38.21 -0.36
N ASP B 1059 23.89 38.76 0.57
CA ASP B 1059 23.14 37.96 1.54
C ASP B 1059 21.66 37.98 1.20
N GLY B 1060 21.05 36.80 1.16
CA GLY B 1060 19.63 36.69 0.93
C GLY B 1060 18.92 35.89 1.99
N THR B 1061 19.29 36.10 3.24
CA THR B 1061 18.70 35.38 4.35
C THR B 1061 17.21 35.69 4.46
N ALA B 1062 16.45 34.71 4.92
CA ALA B 1062 15.02 34.89 5.11
C ALA B 1062 14.75 36.03 6.10
N PHE B 1063 13.64 36.73 5.88
CA PHE B 1063 13.09 37.76 6.75
C PHE B 1063 13.92 39.03 6.79
N LEU B 1064 14.90 39.16 5.96
CA LEU B 1064 15.49 40.47 5.73
C LEU B 1064 14.56 41.28 4.83
N PRO B 1065 14.62 42.61 4.89
CA PRO B 1065 13.76 43.41 4.00
C PRO B 1065 14.16 43.23 2.55
N ILE B 1066 13.15 43.06 1.68
CA ILE B 1066 13.40 42.95 0.26
C ILE B 1066 12.45 43.86 -0.50
N ASN B 1067 12.83 44.16 -1.74
CA ASN B 1067 12.05 45.02 -2.63
C ASN B 1067 12.38 44.57 -4.04
N VAL B 1068 11.50 43.74 -4.62
CA VAL B 1068 11.74 43.20 -5.95
C VAL B 1068 11.71 44.30 -7.00
N GLN B 1069 10.99 45.39 -6.74
CA GLN B 1069 11.01 46.53 -7.64
C GLN B 1069 12.39 47.18 -7.69
N LEU B 1070 13.01 47.36 -6.53
CA LEU B 1070 14.32 48.00 -6.49
C LEU B 1070 15.43 47.07 -6.95
N LEU B 1071 15.25 45.77 -6.77
CA LEU B 1071 16.22 44.81 -7.28
C LEU B 1071 16.17 44.74 -8.80
N SER B 1072 14.99 44.88 -9.39
CA SER B 1072 14.85 44.89 -10.84
C SER B 1072 15.39 46.17 -11.48
N GLU B 1073 15.48 47.25 -10.71
CA GLU B 1073 16.10 48.47 -11.22
C GLU B 1073 17.62 48.42 -11.12
N ARG B 1074 18.15 47.60 -10.23
CA ARG B 1074 19.57 47.33 -10.17
C ARG B 1074 20.06 46.67 -11.46
N LEU B 1075 19.24 45.80 -12.05
CA LEU B 1075 19.61 45.14 -13.30
C LEU B 1075 19.77 46.16 -14.42
N ALA B 1076 18.84 47.10 -14.52
CA ALA B 1076 18.93 48.12 -15.54
C ALA B 1076 20.14 49.01 -15.34
N GLN B 1077 20.51 49.28 -14.09
CA GLN B 1077 21.70 50.08 -13.81
C GLN B 1077 22.99 49.39 -14.22
N GLU B 1078 22.95 48.06 -14.39
CA GLU B 1078 24.11 47.28 -14.77
C GLU B 1078 24.19 47.03 -16.27
N GLY B 1079 23.29 47.62 -17.05
CA GLY B 1079 23.27 47.45 -18.49
C GLY B 1079 22.31 46.41 -19.01
N LEU B 1080 21.62 45.69 -18.14
CA LEU B 1080 20.71 44.64 -18.52
C LEU B 1080 19.30 45.19 -18.66
N ARG B 1081 18.34 44.33 -18.98
CA ARG B 1081 16.96 44.76 -19.04
C ARG B 1081 16.36 44.78 -17.64
N PHE B 1082 15.21 45.43 -17.53
CA PHE B 1082 14.50 45.47 -16.26
C PHE B 1082 14.10 44.08 -15.79
N ASN B 1083 13.64 43.23 -16.71
CA ASN B 1083 13.16 41.91 -16.35
C ASN B 1083 14.27 40.87 -16.30
N GLY B 1084 15.47 41.20 -16.72
CA GLY B 1084 16.53 40.22 -16.75
C GLY B 1084 16.43 39.21 -17.86
N CYS B 1085 15.72 39.53 -18.94
CA CYS B 1085 15.52 38.65 -20.07
C CYS B 1085 16.35 39.13 -21.24
N GLN B 1086 16.79 38.19 -22.08
CA GLN B 1086 17.65 38.52 -23.21
C GLN B 1086 17.12 37.90 -24.48
N LYS B 1087 17.62 38.41 -25.59
CA LYS B 1087 17.41 37.79 -26.90
C LYS B 1087 18.23 36.51 -27.02
N MET B 1088 17.59 35.43 -27.44
CA MET B 1088 18.21 34.12 -27.53
C MET B 1088 18.00 33.54 -28.92
N PHE B 1089 18.88 32.62 -29.29
CA PHE B 1089 18.81 31.91 -30.56
C PHE B 1089 18.74 30.42 -30.31
N ASN B 1090 18.08 29.72 -31.22
CA ASN B 1090 18.05 28.26 -31.22
C ASN B 1090 19.38 27.75 -31.71
N GLY B 1091 20.00 26.85 -30.94
CA GLY B 1091 21.32 26.39 -31.32
C GLY B 1091 21.30 25.46 -32.51
N GLN B 1092 20.17 24.80 -32.76
CA GLN B 1092 20.12 23.79 -33.81
C GLN B 1092 19.84 24.39 -35.17
N THR B 1093 19.06 25.47 -35.22
CA THR B 1093 18.74 26.13 -36.48
C THR B 1093 19.40 27.50 -36.62
N GLY B 1094 19.75 28.16 -35.53
CA GLY B 1094 20.30 29.50 -35.60
C GLY B 1094 19.28 30.59 -35.62
N GLU B 1095 18.01 30.27 -35.39
CA GLU B 1095 16.92 31.23 -35.45
C GLU B 1095 16.64 31.79 -34.07
N TYR B 1096 16.25 33.05 -34.03
CA TYR B 1096 15.97 33.70 -32.76
C TYR B 1096 14.51 33.49 -32.35
N PHE B 1097 14.27 33.41 -31.05
CA PHE B 1097 12.92 33.35 -30.54
C PHE B 1097 12.28 34.73 -30.63
N ASP B 1098 10.96 34.77 -30.73
CA ASP B 1098 10.26 36.04 -30.77
C ASP B 1098 9.92 36.53 -29.38
N ALA B 1099 10.81 36.31 -28.43
CA ALA B 1099 10.53 36.53 -27.03
C ALA B 1099 11.86 36.49 -26.29
N ALA B 1100 12.04 37.42 -25.37
CA ALA B 1100 13.23 37.41 -24.54
C ALA B 1100 13.11 36.30 -23.50
N ILE B 1101 14.23 35.65 -23.21
CA ILE B 1101 14.25 34.50 -22.32
C ILE B 1101 14.94 34.89 -21.02
N PHE B 1102 14.36 34.45 -19.91
CA PHE B 1102 14.93 34.68 -18.59
C PHE B 1102 16.05 33.68 -18.34
N ILE B 1103 17.29 34.15 -18.30
CA ILE B 1103 18.45 33.28 -18.13
C ILE B 1103 19.40 33.94 -17.15
N GLY B 1104 19.92 33.16 -16.22
CA GLY B 1104 20.82 33.65 -15.21
C GLY B 1104 21.24 32.58 -14.24
N PRO B 1105 22.10 32.93 -13.28
CA PRO B 1105 22.70 31.92 -12.38
C PRO B 1105 21.80 31.56 -11.21
N THR B 1106 21.61 30.26 -10.99
CA THR B 1106 20.82 29.74 -9.88
C THR B 1106 21.58 28.57 -9.26
N TYR B 1107 21.82 28.64 -7.97
CA TYR B 1107 22.60 27.63 -7.27
C TYR B 1107 21.85 26.30 -7.23
N HIS B 1108 22.53 25.21 -7.59
CA HIS B 1108 21.91 23.90 -7.70
C HIS B 1108 22.76 22.86 -6.98
N GLN B 1109 22.12 21.74 -6.67
CA GLN B 1109 22.70 20.67 -5.88
C GLN B 1109 22.44 19.33 -6.56
N ARG B 1110 23.37 18.40 -6.41
CA ARG B 1110 23.18 17.04 -6.90
C ARG B 1110 22.73 16.16 -5.73
N LEU B 1111 21.54 15.58 -5.84
CA LEU B 1111 21.02 14.71 -4.80
C LEU B 1111 21.60 13.31 -4.94
N GLN B 1112 21.90 12.68 -3.80
CA GLN B 1112 22.57 11.39 -3.79
C GLN B 1112 21.57 10.24 -4.01
N LYS B 1113 21.02 10.23 -5.21
CA LYS B 1113 20.10 9.20 -5.70
C LYS B 1113 20.56 8.85 -7.11
N PHE B 1114 21.41 7.84 -7.21
CA PHE B 1114 22.10 7.55 -8.47
C PHE B 1114 21.37 6.47 -9.26
N VAL B 1115 21.20 6.71 -10.55
CA VAL B 1115 20.42 5.81 -11.39
C VAL B 1115 21.13 4.46 -11.55
N LEU B 1116 22.46 4.45 -11.50
CA LEU B 1116 23.19 3.18 -11.61
C LEU B 1116 22.94 2.27 -10.42
N ASP B 1117 22.68 2.85 -9.24
CA ASP B 1117 22.42 2.03 -8.06
C ASP B 1117 21.02 1.45 -8.04
N ASP B 1118 20.00 2.20 -8.47
CA ASP B 1118 18.62 1.75 -8.38
C ASP B 1118 18.24 0.77 -9.48
N ARG B 1119 18.94 0.84 -10.60
CA ARG B 1119 18.61 0.11 -11.80
C ARG B 1119 18.80 -1.40 -11.62
N TYR B 1120 17.92 -2.21 -12.19
CA TYR B 1120 18.03 -3.66 -12.03
C TYR B 1120 17.39 -4.39 -13.21
N ALA B 1121 17.98 -5.52 -13.57
CA ALA B 1121 17.41 -6.39 -14.59
C ALA B 1121 17.92 -7.81 -14.38
N VAL B 1122 17.01 -8.78 -14.48
CA VAL B 1122 17.36 -10.18 -14.28
C VAL B 1122 16.74 -11.00 -15.43
N ALA B 1123 17.25 -12.21 -15.60
CA ALA B 1123 16.80 -13.14 -16.61
C ALA B 1123 16.22 -14.38 -15.94
N SER B 1124 16.04 -15.44 -16.73
CA SER B 1124 15.18 -16.55 -16.38
C SER B 1124 15.77 -17.51 -15.35
N TYR B 1125 16.89 -17.19 -14.70
CA TYR B 1125 17.47 -18.12 -13.74
C TYR B 1125 18.29 -17.38 -12.71
N GLY B 1126 18.51 -18.04 -11.57
CA GLY B 1126 19.23 -17.46 -10.46
C GLY B 1126 18.94 -18.17 -9.16
N PRO B 1127 19.36 -17.58 -8.04
CA PRO B 1127 19.11 -18.19 -6.73
C PRO B 1127 17.61 -18.31 -6.42
N THR B 1128 17.28 -19.35 -5.66
CA THR B 1128 15.89 -19.73 -5.41
C THR B 1128 15.71 -20.01 -3.92
N ASP B 1129 14.54 -19.67 -3.39
CA ASP B 1129 14.19 -19.99 -2.01
C ASP B 1129 14.16 -21.50 -1.79
N ALA B 1130 14.58 -21.92 -0.60
CA ALA B 1130 14.67 -23.35 -0.31
C ALA B 1130 13.30 -23.98 -0.06
N LEU B 1131 12.35 -23.18 0.45
CA LEU B 1131 11.05 -23.72 0.83
C LEU B 1131 10.02 -23.55 -0.29
N THR B 1132 9.79 -22.32 -0.73
CA THR B 1132 8.69 -22.03 -1.66
C THR B 1132 9.06 -22.31 -3.12
N GLY B 1133 10.36 -22.36 -3.44
CA GLY B 1133 10.79 -22.56 -4.80
C GLY B 1133 10.82 -21.33 -5.65
N GLN B 1134 10.51 -20.17 -5.09
CA GLN B 1134 10.47 -18.92 -5.83
C GLN B 1134 11.84 -18.25 -5.82
N PRO B 1135 12.07 -17.27 -6.70
CA PRO B 1135 13.31 -16.50 -6.63
C PRO B 1135 13.54 -15.88 -5.26
N LEU B 1136 14.76 -15.42 -5.01
CA LEU B 1136 15.03 -14.68 -3.79
C LEU B 1136 14.51 -13.24 -3.94
N ASP B 1137 14.72 -12.43 -2.90
CA ASP B 1137 14.07 -11.12 -2.82
C ASP B 1137 15.02 -10.02 -3.32
N GLY B 1138 14.92 -9.71 -4.60
CA GLY B 1138 15.40 -8.44 -5.11
C GLY B 1138 16.86 -8.40 -5.50
N LYS B 1139 17.32 -7.16 -5.73
CA LYS B 1139 18.64 -6.90 -6.27
C LYS B 1139 19.74 -7.27 -5.30
N ARG B 1140 19.49 -7.10 -3.99
CA ARG B 1140 20.54 -7.35 -3.00
C ARG B 1140 20.96 -8.81 -2.99
N SER B 1141 20.03 -9.73 -3.17
CA SER B 1141 20.31 -11.16 -3.16
C SER B 1141 20.38 -11.77 -4.55
N HIS B 1142 20.42 -10.95 -5.60
CA HIS B 1142 20.51 -11.38 -6.99
C HIS B 1142 19.31 -12.20 -7.44
N GLY B 1143 18.16 -11.97 -6.82
CA GLY B 1143 16.93 -12.68 -7.13
C GLY B 1143 16.06 -11.94 -8.12
N GLY B 1144 14.76 -12.18 -8.02
CA GLY B 1144 13.79 -11.54 -8.88
C GLY B 1144 13.07 -10.40 -8.19
N LEU B 1145 12.15 -9.79 -8.95
CA LEU B 1145 11.30 -8.74 -8.43
C LEU B 1145 9.89 -9.27 -8.21
N ARG B 1146 9.13 -8.54 -7.42
CA ARG B 1146 7.85 -9.01 -6.92
C ARG B 1146 6.69 -8.50 -7.76
N LEU B 1147 5.82 -9.41 -8.18
CA LEU B 1147 4.50 -9.09 -8.70
C LEU B 1147 3.50 -9.42 -7.60
N GLY B 1148 3.09 -8.41 -6.87
CA GLY B 1148 2.31 -8.62 -5.66
C GLY B 1148 0.84 -8.90 -5.85
N GLU B 1149 0.10 -8.84 -4.74
CA GLU B 1149 -1.33 -9.09 -4.75
C GLU B 1149 -2.08 -8.08 -5.60
N MET B 1150 -1.70 -6.81 -5.51
CA MET B 1150 -2.35 -5.74 -6.23
C MET B 1150 -2.11 -5.80 -7.73
N GLU B 1151 -0.99 -6.37 -8.16
CA GLU B 1151 -0.70 -6.53 -9.58
C GLU B 1151 -1.49 -7.67 -10.20
N HIS B 1152 -1.84 -8.68 -9.40
CA HIS B 1152 -2.68 -9.77 -9.89
C HIS B 1152 -4.13 -9.35 -10.03
N TRP B 1153 -4.59 -8.43 -9.19
CA TRP B 1153 -5.92 -7.85 -9.36
C TRP B 1153 -6.02 -7.09 -10.66
N VAL B 1154 -4.98 -6.34 -11.01
CA VAL B 1154 -5.00 -5.56 -12.24
C VAL B 1154 -4.99 -6.48 -13.46
N LEU B 1155 -4.20 -7.55 -13.43
CA LEU B 1155 -4.14 -8.44 -14.57
C LEU B 1155 -5.39 -9.28 -14.72
N THR B 1156 -6.08 -9.58 -13.62
CA THR B 1156 -7.35 -10.27 -13.70
C THR B 1156 -8.47 -9.35 -14.16
N ALA B 1157 -8.43 -8.07 -13.78
CA ALA B 1157 -9.39 -7.11 -14.28
C ALA B 1157 -9.25 -6.92 -15.78
N GLN B 1158 -8.06 -7.17 -16.31
CA GLN B 1158 -7.86 -7.10 -17.75
C GLN B 1158 -8.24 -8.39 -18.46
N GLY B 1159 -8.31 -9.51 -17.75
CA GLY B 1159 -8.53 -10.79 -18.38
C GLY B 1159 -7.31 -11.44 -18.95
N ALA B 1160 -6.12 -11.00 -18.56
CA ALA B 1160 -4.85 -11.47 -19.12
C ALA B 1160 -4.38 -12.68 -18.32
N MET B 1161 -4.94 -13.84 -18.67
CA MET B 1161 -4.72 -15.07 -17.92
C MET B 1161 -3.52 -15.85 -18.42
N GLN B 1162 -3.20 -15.75 -19.70
CA GLN B 1162 -1.98 -16.37 -20.24
C GLN B 1162 -0.72 -15.67 -19.80
N THR B 1163 -0.83 -14.41 -19.38
CA THR B 1163 0.29 -13.69 -18.79
C THR B 1163 0.51 -14.08 -17.34
N ILE B 1164 -0.56 -14.39 -16.62
CA ILE B 1164 -0.43 -14.87 -15.25
C ILE B 1164 0.23 -16.24 -15.21
N ILE B 1165 -0.05 -17.08 -16.20
CA ILE B 1165 0.63 -18.36 -16.30
C ILE B 1165 2.12 -18.16 -16.54
N GLU B 1166 2.47 -17.22 -17.40
CA GLU B 1166 3.88 -17.04 -17.75
C GLU B 1166 4.68 -16.50 -16.58
N LYS B 1167 4.09 -15.67 -15.73
CA LYS B 1167 4.85 -15.01 -14.69
C LYS B 1167 4.79 -15.74 -13.37
N SER B 1168 3.60 -16.14 -12.93
CA SER B 1168 3.48 -16.78 -11.64
C SER B 1168 3.73 -18.27 -11.69
N HIS B 1169 3.78 -18.88 -12.86
CA HIS B 1169 4.07 -20.30 -12.99
C HIS B 1169 5.38 -20.56 -13.71
N ASP B 1170 5.51 -20.10 -14.95
CA ASP B 1170 6.71 -20.38 -15.73
C ASP B 1170 7.92 -19.62 -15.21
N ASP B 1171 7.70 -18.45 -14.64
CA ASP B 1171 8.79 -17.64 -14.14
C ASP B 1171 8.88 -17.60 -12.64
N SER B 1172 7.88 -18.08 -11.91
CA SER B 1172 8.09 -18.16 -10.48
C SER B 1172 8.37 -19.57 -9.96
N ASP B 1173 7.33 -20.39 -9.77
CA ASP B 1173 7.52 -21.68 -9.10
C ASP B 1173 6.53 -22.74 -9.56
N GLY B 1174 6.08 -22.68 -10.81
CA GLY B 1174 5.15 -23.69 -11.27
C GLY B 1174 5.74 -25.08 -11.23
N CYS B 1175 4.91 -26.04 -10.86
CA CYS B 1175 5.30 -27.44 -10.77
C CYS B 1175 4.17 -28.27 -11.38
N ILE B 1176 4.33 -29.59 -11.32
CA ILE B 1176 3.29 -30.52 -11.74
C ILE B 1176 2.94 -31.40 -10.55
N SER B 1177 1.66 -31.53 -10.29
CA SER B 1177 1.15 -32.32 -9.19
C SER B 1177 0.48 -33.57 -9.74
N TYR B 1178 0.56 -34.68 -9.02
CA TYR B 1178 -0.10 -35.91 -9.41
C TYR B 1178 -1.11 -36.28 -8.34
N ILE B 1179 -2.34 -36.56 -8.76
CA ILE B 1179 -3.46 -36.82 -7.88
C ILE B 1179 -4.13 -38.11 -8.35
N CYS B 1180 -4.64 -38.89 -7.40
CA CYS B 1180 -5.40 -40.07 -7.76
C CYS B 1180 -6.88 -39.71 -7.88
N ARG B 1181 -7.50 -40.14 -8.99
CA ARG B 1181 -8.92 -39.93 -9.18
C ARG B 1181 -9.74 -40.52 -8.03
N ASN B 1182 -9.40 -41.73 -7.61
CA ASN B 1182 -10.27 -42.50 -6.74
C ASN B 1182 -10.27 -42.03 -5.30
N CYS B 1183 -9.17 -41.51 -4.80
CA CYS B 1183 -9.14 -41.06 -3.42
C CYS B 1183 -8.96 -39.57 -3.25
N GLY B 1184 -8.55 -38.84 -4.28
CA GLY B 1184 -8.29 -37.43 -4.14
C GLY B 1184 -7.02 -37.08 -3.42
N GLU B 1185 -6.14 -38.03 -3.22
CA GLU B 1185 -4.90 -37.85 -2.50
C GLU B 1185 -3.74 -37.75 -3.46
N PRO B 1186 -2.67 -37.06 -3.09
CA PRO B 1186 -1.51 -36.98 -3.97
C PRO B 1186 -0.88 -38.35 -4.22
N ALA B 1187 -0.48 -38.57 -5.46
CA ALA B 1187 0.06 -39.84 -5.90
C ALA B 1187 1.54 -39.70 -6.23
N ILE B 1188 2.16 -40.82 -6.58
CA ILE B 1188 3.58 -40.87 -6.94
C ILE B 1188 3.68 -41.32 -8.39
N TYR B 1189 4.24 -40.46 -9.23
CA TYR B 1189 4.37 -40.74 -10.64
C TYR B 1189 5.79 -40.40 -11.09
N ASN B 1190 6.39 -41.28 -11.89
CA ASN B 1190 7.73 -41.07 -12.40
C ASN B 1190 7.85 -41.81 -13.72
N ALA B 1191 8.01 -41.07 -14.82
CA ALA B 1191 8.05 -41.70 -16.14
C ALA B 1191 9.32 -42.51 -16.34
N SER B 1192 10.48 -41.88 -16.19
CA SER B 1192 11.75 -42.59 -16.16
C SER B 1192 11.91 -43.29 -14.82
N HIS B 1193 12.41 -44.53 -14.85
CA HIS B 1193 12.38 -45.36 -13.65
C HIS B 1193 10.92 -45.45 -13.22
N PRO B 1194 10.10 -46.22 -13.92
CA PRO B 1194 8.66 -46.01 -13.82
C PRO B 1194 8.02 -46.41 -12.50
N ILE B 1195 7.40 -45.41 -11.87
CA ILE B 1195 6.58 -45.60 -10.67
C ILE B 1195 5.20 -45.09 -11.00
N TYR B 1196 4.18 -45.81 -10.56
CA TYR B 1196 2.79 -45.42 -10.75
C TYR B 1196 2.05 -46.00 -9.55
N LYS B 1197 1.93 -45.20 -8.49
CA LYS B 1197 1.48 -45.76 -7.22
C LYS B 1197 0.64 -44.76 -6.45
N CYS B 1198 -0.27 -45.27 -5.64
CA CYS B 1198 -1.04 -44.50 -4.69
C CYS B 1198 -0.93 -45.18 -3.33
N MET B 1199 -0.57 -44.41 -2.30
CA MET B 1199 -0.44 -44.94 -0.95
C MET B 1199 -1.78 -45.22 -0.28
N ASN B 1200 -2.90 -44.91 -0.95
CA ASN B 1200 -4.22 -45.11 -0.39
C ASN B 1200 -5.03 -46.20 -1.09
N CYS B 1201 -4.89 -46.38 -2.40
CA CYS B 1201 -5.61 -47.40 -3.14
C CYS B 1201 -4.71 -48.53 -3.60
N ASP B 1202 -3.67 -48.21 -4.38
CA ASP B 1202 -2.53 -49.07 -4.67
C ASP B 1202 -2.83 -50.22 -5.63
N VAL B 1203 -4.10 -50.42 -5.99
CA VAL B 1203 -4.42 -51.19 -7.19
C VAL B 1203 -5.39 -50.47 -8.10
N GLN B 1204 -6.14 -49.50 -7.59
CA GLN B 1204 -7.09 -48.73 -8.37
C GLN B 1204 -6.54 -47.37 -8.75
N ALA B 1205 -5.22 -47.20 -8.69
CA ALA B 1205 -4.61 -45.90 -8.90
C ALA B 1205 -4.90 -45.38 -10.30
N ASP B 1206 -5.64 -44.28 -10.37
CA ASP B 1206 -5.95 -43.56 -11.60
C ASP B 1206 -5.40 -42.14 -11.39
N ILE B 1207 -4.22 -41.89 -11.94
CA ILE B 1207 -3.47 -40.67 -11.64
C ILE B 1207 -3.62 -39.68 -12.78
N GLY B 1208 -3.98 -38.45 -12.44
CA GLY B 1208 -4.03 -37.35 -13.40
C GLY B 1208 -3.06 -36.26 -13.00
N MET B 1209 -2.49 -35.58 -13.99
CA MET B 1209 -1.50 -34.55 -13.74
C MET B 1209 -2.18 -33.17 -13.77
N VAL B 1210 -2.02 -32.42 -12.68
CA VAL B 1210 -2.61 -31.10 -12.57
C VAL B 1210 -1.48 -30.09 -12.45
N ASP B 1211 -1.68 -28.93 -13.07
CA ASP B 1211 -0.70 -27.86 -12.99
C ASP B 1211 -0.85 -27.12 -11.66
N SER B 1212 0.22 -27.06 -10.89
CA SER B 1212 0.20 -26.40 -9.60
C SER B 1212 1.46 -25.55 -9.50
N ARG B 1213 1.74 -25.07 -8.31
CA ARG B 1213 2.98 -24.39 -8.02
C ARG B 1213 3.42 -24.76 -6.62
N ARG B 1214 4.73 -24.67 -6.38
CA ARG B 1214 5.32 -25.35 -5.24
C ARG B 1214 4.85 -24.78 -3.92
N SER B 1215 4.62 -23.49 -3.86
CA SER B 1215 4.16 -22.89 -2.61
C SER B 1215 2.73 -23.29 -2.28
N SER B 1216 1.95 -23.71 -3.26
CA SER B 1216 0.62 -24.22 -3.00
C SER B 1216 0.66 -25.62 -2.41
N ILE B 1217 1.54 -26.46 -2.95
CA ILE B 1217 1.74 -27.81 -2.42
C ILE B 1217 2.33 -27.76 -1.03
N VAL B 1218 3.21 -26.81 -0.77
CA VAL B 1218 3.74 -26.63 0.58
C VAL B 1218 2.62 -26.20 1.52
N PHE B 1219 1.71 -25.37 1.04
CA PHE B 1219 0.56 -24.94 1.82
C PHE B 1219 -0.34 -26.12 2.19
N GLN B 1220 -0.50 -27.08 1.28
CA GLN B 1220 -1.37 -28.22 1.56
C GLN B 1220 -0.74 -29.22 2.50
N HIS B 1221 0.59 -29.40 2.44
CA HIS B 1221 1.26 -30.22 3.44
C HIS B 1221 1.19 -29.59 4.82
N GLU B 1222 1.24 -28.26 4.90
CA GLU B 1222 1.12 -27.60 6.19
C GLU B 1222 -0.28 -27.72 6.77
N MET B 1223 -1.29 -27.78 5.91
CA MET B 1223 -2.64 -28.02 6.40
C MET B 1223 -2.79 -29.45 6.92
N ARG B 1224 -2.11 -30.40 6.29
CA ARG B 1224 -2.17 -31.79 6.73
C ARG B 1224 -1.36 -32.03 7.99
N ALA B 1225 -0.27 -31.29 8.19
CA ALA B 1225 0.52 -31.44 9.39
C ALA B 1225 -0.26 -31.05 10.63
N ALA B 1226 -1.21 -30.14 10.50
CA ALA B 1226 -2.12 -29.78 11.58
C ALA B 1226 -3.36 -30.67 11.60
N ASN B 1227 -3.27 -31.86 10.99
CA ASN B 1227 -4.30 -32.89 11.01
C ASN B 1227 -5.59 -32.46 10.33
N VAL B 1228 -5.50 -31.69 9.26
CA VAL B 1228 -6.62 -31.38 8.40
C VAL B 1228 -6.41 -32.12 7.09
N ASN B 1229 -7.36 -32.97 6.71
CA ASN B 1229 -7.21 -33.75 5.50
C ASN B 1229 -7.78 -32.97 4.31
N ILE B 1230 -6.98 -32.86 3.25
CA ILE B 1230 -7.36 -32.16 2.03
C ILE B 1230 -7.64 -33.20 0.96
N THR B 1231 -8.84 -33.17 0.41
CA THR B 1231 -9.26 -34.08 -0.65
C THR B 1231 -9.51 -33.28 -1.90
N SER B 1232 -8.80 -33.60 -2.98
CA SER B 1232 -8.97 -32.91 -4.25
C SER B 1232 -9.91 -33.72 -5.13
N VAL B 1233 -11.04 -33.13 -5.47
CA VAL B 1233 -11.95 -33.71 -6.44
C VAL B 1233 -11.53 -33.23 -7.82
N LEU B 1234 -11.15 -34.17 -8.68
CA LEU B 1234 -10.78 -33.82 -10.04
C LEU B 1234 -12.02 -33.61 -10.89
N SER B 1235 -11.85 -32.89 -11.97
CA SER B 1235 -12.95 -32.65 -12.89
C SER B 1235 -13.34 -33.96 -13.55
N PRO B 1236 -14.63 -34.24 -13.70
CA PRO B 1236 -15.04 -35.49 -14.35
C PRO B 1236 -14.68 -35.51 -15.83
N ARG B 1237 -14.50 -36.73 -16.33
CA ARG B 1237 -14.34 -36.95 -17.75
C ARG B 1237 -15.66 -36.70 -18.47
N VAL B 1238 -15.57 -36.22 -19.70
CA VAL B 1238 -16.75 -35.88 -20.50
C VAL B 1238 -16.71 -36.69 -21.77
N PHE B 1239 -17.86 -37.21 -22.20
CA PHE B 1239 -17.91 -38.08 -23.36
C PHE B 1239 -19.02 -37.63 -24.30
N GLN B 1240 -18.72 -37.58 -25.58
CA GLN B 1240 -19.71 -37.31 -26.58
C GLN B 1240 -20.64 -38.52 -26.71
N PRO B 1241 -21.95 -38.30 -26.88
CA PRO B 1241 -22.90 -39.41 -26.78
C PRO B 1241 -22.68 -40.48 -27.84
N ALA B 1242 -22.88 -41.73 -27.41
CA ALA B 1242 -22.72 -42.90 -28.27
C ALA B 1242 -21.36 -42.95 -28.96
N LYS C 3 32.40 38.84 -52.96
CA LYS C 3 33.00 38.87 -51.63
C LYS C 3 31.93 38.59 -50.59
N ILE C 4 31.81 37.32 -50.20
CA ILE C 4 30.72 36.95 -49.30
C ILE C 4 30.96 37.52 -47.91
N PHE C 5 32.17 37.40 -47.38
CA PHE C 5 32.41 37.97 -46.07
C PHE C 5 33.56 38.96 -46.13
N GLN C 6 33.32 40.12 -45.51
CA GLN C 6 34.25 41.23 -45.47
C GLN C 6 34.49 41.63 -44.02
N ASN C 7 35.42 42.56 -43.79
CA ASN C 7 35.53 43.27 -42.53
C ASN C 7 35.63 42.32 -41.34
N VAL C 8 36.79 41.71 -41.22
CA VAL C 8 37.13 40.95 -40.03
C VAL C 8 37.78 41.88 -39.02
N GLU C 9 37.59 41.59 -37.73
CA GLU C 9 38.25 42.33 -36.66
C GLU C 9 38.81 41.32 -35.68
N ILE C 10 40.09 41.45 -35.35
CA ILE C 10 40.79 40.52 -34.48
C ILE C 10 41.31 41.28 -33.26
N LYS C 11 41.05 40.76 -32.07
CA LYS C 11 41.43 41.45 -30.86
C LYS C 11 41.86 40.49 -29.76
N PRO C 12 43.15 40.33 -29.51
CA PRO C 12 43.59 39.47 -28.42
C PRO C 12 43.20 40.00 -27.05
N PHE C 13 43.02 39.07 -26.12
CA PHE C 13 42.74 39.39 -24.73
C PHE C 13 44.07 39.46 -23.98
N LEU C 14 44.41 40.64 -23.48
CA LEU C 14 45.71 40.90 -22.90
C LEU C 14 45.57 41.30 -21.44
N ILE C 15 46.64 41.09 -20.69
CA ILE C 15 46.70 41.46 -19.28
C ILE C 15 47.07 42.93 -19.15
N ASP C 16 46.40 43.62 -18.25
CA ASP C 16 46.68 45.03 -17.97
C ASP C 16 47.63 45.10 -16.77
N PHE C 17 48.91 45.34 -17.03
CA PHE C 17 49.90 45.45 -15.97
C PHE C 17 49.93 46.81 -15.31
N SER C 18 49.12 47.76 -15.77
CA SER C 18 48.98 49.03 -15.07
C SER C 18 48.22 48.89 -13.76
N ASN C 19 47.40 47.86 -13.61
CA ASN C 19 46.80 47.54 -12.32
C ASN C 19 47.90 47.03 -11.39
N LEU C 20 48.06 47.67 -10.25
CA LEU C 20 49.20 47.37 -9.38
C LEU C 20 49.07 45.99 -8.74
N PHE C 21 47.87 45.63 -8.31
CA PHE C 21 47.69 44.35 -7.62
C PHE C 21 47.97 43.18 -8.56
N ILE C 22 47.46 43.26 -9.80
CA ILE C 22 47.75 42.23 -10.79
C ILE C 22 49.24 42.16 -11.07
N LYS C 23 49.88 43.32 -11.21
CA LYS C 23 51.31 43.34 -11.50
C LYS C 23 52.11 42.70 -10.38
N ASN C 24 51.80 43.03 -9.14
CA ASN C 24 52.55 42.47 -8.02
C ASN C 24 52.33 40.97 -7.89
N ALA C 25 51.09 40.52 -8.03
CA ALA C 25 50.82 39.09 -7.94
C ALA C 25 51.53 38.32 -9.04
N ALA C 26 51.47 38.83 -10.27
CA ALA C 26 52.13 38.17 -11.38
C ALA C 26 53.63 38.11 -11.18
N LYS C 27 54.23 39.23 -10.76
CA LYS C 27 55.67 39.30 -10.58
C LYS C 27 56.14 38.34 -9.50
N LYS C 28 55.43 38.26 -8.39
CA LYS C 28 55.89 37.46 -7.28
C LYS C 28 55.49 36.00 -7.38
N LEU C 29 54.56 35.65 -8.26
CA LEU C 29 54.21 34.25 -8.47
C LEU C 29 54.97 33.61 -9.63
N PHE C 30 55.04 34.28 -10.78
CA PHE C 30 55.61 33.66 -11.96
C PHE C 30 56.77 34.46 -12.56
N GLN C 31 57.21 35.53 -11.90
CA GLN C 31 58.17 36.47 -12.48
C GLN C 31 57.70 36.91 -13.87
N LEU C 32 56.42 37.26 -13.94
CA LEU C 32 55.78 37.64 -15.18
C LEU C 32 55.60 39.15 -15.22
N GLU C 33 56.27 39.79 -16.17
CA GLU C 33 56.13 41.22 -16.39
C GLU C 33 55.62 41.54 -17.79
N GLU C 34 55.57 40.56 -18.67
CA GLU C 34 55.11 40.71 -20.04
C GLU C 34 53.85 39.87 -20.23
N GLN C 35 53.38 39.79 -21.46
CA GLN C 35 52.21 38.99 -21.74
C GLN C 35 52.56 37.51 -21.73
N LEU C 36 51.52 36.67 -21.65
CA LEU C 36 51.73 35.24 -21.68
C LEU C 36 52.02 34.76 -23.12
N PRO C 37 52.68 33.62 -23.27
CA PRO C 37 52.98 33.13 -24.62
C PRO C 37 51.75 32.87 -25.48
N LEU C 38 50.64 32.43 -24.89
CA LEU C 38 49.42 32.13 -25.62
C LEU C 38 48.30 33.00 -25.05
N VAL C 39 47.50 33.59 -25.95
CA VAL C 39 46.44 34.49 -25.53
C VAL C 39 45.11 34.09 -26.18
N PRO C 40 43.97 34.40 -25.59
CA PRO C 40 42.71 34.25 -26.32
C PRO C 40 42.53 35.37 -27.33
N VAL C 41 41.90 35.04 -28.44
CA VAL C 41 41.70 35.99 -29.53
C VAL C 41 40.22 36.04 -29.86
N ASN C 42 39.66 37.25 -29.92
CA ASN C 42 38.28 37.46 -30.34
C ASN C 42 38.26 37.85 -31.81
N VAL C 43 37.46 37.14 -32.61
CA VAL C 43 37.34 37.36 -34.03
C VAL C 43 35.89 37.67 -34.35
N VAL C 44 35.64 38.82 -34.98
CA VAL C 44 34.29 39.25 -35.35
C VAL C 44 34.25 39.40 -36.86
N MET C 45 33.34 38.67 -37.50
CA MET C 45 33.26 38.58 -38.95
C MET C 45 31.88 39.00 -39.44
N ASP C 46 31.85 39.70 -40.57
CA ASP C 46 30.62 40.12 -41.23
C ASP C 46 30.46 39.38 -42.54
N PHE C 47 29.30 38.77 -42.73
CA PHE C 47 28.97 38.03 -43.94
C PHE C 47 27.81 38.71 -44.65
N LYS C 48 27.84 38.72 -45.97
CA LYS C 48 26.79 39.33 -46.76
C LYS C 48 26.39 38.43 -47.91
N GLY C 49 25.11 38.47 -48.28
CA GLY C 49 24.60 37.65 -49.36
C GLY C 49 24.67 36.16 -49.11
N ILE C 50 24.28 35.73 -47.92
CA ILE C 50 24.43 34.34 -47.52
C ILE C 50 23.32 34.00 -46.52
N SER C 51 22.89 32.76 -46.52
CA SER C 51 21.86 32.31 -45.60
C SER C 51 22.44 32.09 -44.22
N ARG C 52 21.57 32.14 -43.21
CA ARG C 52 22.04 31.84 -41.86
C ARG C 52 22.24 30.35 -41.65
N ALA C 53 21.75 29.49 -42.53
CA ALA C 53 22.14 28.10 -42.47
C ALA C 53 23.63 27.94 -42.65
N ALA C 54 24.22 28.68 -43.58
CA ALA C 54 25.65 28.58 -43.85
C ALA C 54 26.48 29.21 -42.74
N VAL C 55 26.11 30.40 -42.30
CA VAL C 55 26.85 31.08 -41.24
C VAL C 55 26.74 30.33 -39.92
N HIS C 56 25.55 29.85 -39.59
CA HIS C 56 25.39 29.09 -38.36
C HIS C 56 26.03 27.71 -38.46
N GLY C 57 26.04 27.08 -39.62
CA GLY C 57 26.77 25.83 -39.75
C GLY C 57 28.26 26.04 -39.58
N LEU C 58 28.80 27.12 -40.14
CA LEU C 58 30.20 27.46 -39.91
C LEU C 58 30.48 27.66 -38.43
N SER C 59 29.61 28.38 -37.73
CA SER C 59 29.80 28.60 -36.30
C SER C 59 29.75 27.29 -35.52
N ARG C 60 28.80 26.41 -35.85
CA ARG C 60 28.68 25.13 -35.15
C ARG C 60 29.90 24.26 -35.35
N VAL C 61 30.43 24.22 -36.58
CA VAL C 61 31.63 23.44 -36.85
C VAL C 61 32.81 24.02 -36.09
N LEU C 62 32.95 25.34 -36.10
CA LEU C 62 34.07 25.94 -35.36
C LEU C 62 33.93 25.76 -33.86
N GLN C 63 32.71 25.57 -33.35
CA GLN C 63 32.56 25.29 -31.92
C GLN C 63 32.98 23.86 -31.60
N ASP C 64 32.27 22.87 -32.15
CA ASP C 64 32.55 21.53 -31.64
C ASP C 64 32.41 20.43 -32.69
N GLU C 65 32.74 20.71 -33.94
CA GLU C 65 32.73 19.66 -34.96
C GLU C 65 33.98 19.69 -35.82
N ILE C 66 35.03 20.35 -35.35
CA ILE C 66 36.31 20.48 -36.04
C ILE C 66 37.31 19.63 -35.28
N PRO C 67 38.18 18.89 -35.96
CA PRO C 67 39.22 18.13 -35.25
C PRO C 67 40.15 19.04 -34.45
N ASN C 68 40.42 18.64 -33.22
CA ASN C 68 41.19 19.42 -32.27
C ASN C 68 42.04 18.49 -31.44
N TYR C 69 42.91 19.05 -30.61
CA TYR C 69 43.90 18.30 -29.86
C TYR C 69 43.81 18.62 -28.38
N MET C 70 44.16 17.65 -27.56
CA MET C 70 44.19 17.80 -26.12
C MET C 70 45.28 16.91 -25.55
N LEU C 71 45.64 17.16 -24.30
CA LEU C 71 46.60 16.36 -23.57
C LEU C 71 45.86 15.27 -22.80
N ASP C 72 46.32 14.04 -22.92
CA ASP C 72 45.74 12.93 -22.18
C ASP C 72 46.84 12.11 -21.52
N ILE C 73 46.44 11.19 -20.66
CA ILE C 73 47.34 10.29 -19.95
C ILE C 73 47.13 8.88 -20.48
N LYS C 74 48.20 8.24 -20.92
CA LYS C 74 48.10 6.85 -21.35
C LYS C 74 47.85 5.94 -20.15
N PRO C 75 47.18 4.81 -20.34
CA PRO C 75 46.92 3.90 -19.23
C PRO C 75 48.22 3.40 -18.61
N GLY C 76 48.24 3.36 -17.28
CA GLY C 76 49.44 3.04 -16.55
C GLY C 76 50.40 4.18 -16.36
N GLY C 77 50.09 5.36 -16.90
CA GLY C 77 50.97 6.51 -16.76
C GLY C 77 50.91 7.16 -15.40
N TYR C 78 49.79 7.03 -14.71
CA TYR C 78 49.66 7.51 -13.34
C TYR C 78 50.32 6.49 -12.42
N LYS C 79 51.49 6.83 -11.91
CA LYS C 79 52.30 5.89 -11.12
C LYS C 79 51.76 5.82 -9.70
N ILE C 80 50.94 4.81 -9.44
CA ILE C 80 50.36 4.61 -8.11
C ILE C 80 51.40 4.37 -7.05
N GLU C 81 52.52 3.73 -7.39
CA GLU C 81 53.52 3.37 -6.39
C GLU C 81 54.08 4.61 -5.69
N ASP C 82 54.53 5.58 -6.48
CA ASP C 82 55.16 6.78 -5.96
C ASP C 82 54.27 8.01 -6.03
N SER C 83 52.97 7.84 -6.27
CA SER C 83 51.99 8.91 -6.07
C SER C 83 51.45 8.83 -4.65
N THR C 84 52.29 9.27 -3.72
CA THR C 84 51.97 9.16 -2.31
C THR C 84 50.80 10.06 -1.90
N ASP C 85 50.52 11.14 -2.63
CA ASP C 85 49.45 12.03 -2.20
C ASP C 85 48.10 11.41 -2.44
N LEU C 86 47.21 11.55 -1.46
CA LEU C 86 45.93 10.86 -1.46
C LEU C 86 44.79 11.72 -1.96
N PHE C 87 44.91 13.04 -1.93
CA PHE C 87 43.84 13.90 -2.40
C PHE C 87 43.94 14.15 -3.91
N MET C 88 45.14 14.08 -4.48
CA MET C 88 45.32 14.28 -5.91
C MET C 88 45.16 12.96 -6.64
N THR C 89 43.90 12.57 -6.81
CA THR C 89 43.56 11.31 -7.45
C THR C 89 43.72 11.41 -8.97
N GLU C 90 43.70 10.25 -9.62
CA GLU C 90 43.91 10.22 -11.06
C GLU C 90 42.76 10.86 -11.81
N GLN C 91 41.52 10.66 -11.35
CA GLN C 91 40.37 11.24 -12.01
C GLN C 91 40.45 12.76 -11.99
N PHE C 92 40.78 13.33 -10.84
CA PHE C 92 40.88 14.77 -10.68
C PHE C 92 41.99 15.35 -11.55
N ILE C 93 43.18 14.78 -11.48
CA ILE C 93 44.33 15.32 -12.22
C ILE C 93 44.13 15.15 -13.71
N ARG C 94 43.55 14.01 -14.13
CA ARG C 94 43.28 13.81 -15.54
C ARG C 94 42.27 14.81 -16.07
N ASN C 95 41.22 15.10 -15.30
CA ASN C 95 40.26 16.10 -15.74
C ASN C 95 40.91 17.49 -15.80
N ARG C 96 41.80 17.80 -14.86
CA ARG C 96 42.52 19.06 -14.94
C ARG C 96 43.34 19.16 -16.22
N ILE C 97 44.09 18.09 -16.54
CA ILE C 97 45.02 18.11 -17.66
C ILE C 97 44.31 18.07 -19.00
N ASN C 98 43.19 17.37 -19.10
CA ASN C 98 42.48 17.26 -20.37
C ASN C 98 42.03 18.62 -20.90
N PHE C 99 41.84 19.60 -20.02
CA PHE C 99 41.19 20.83 -20.38
C PHE C 99 42.13 22.02 -20.47
N ILE C 100 43.43 21.80 -20.38
CA ILE C 100 44.40 22.85 -20.65
C ILE C 100 44.37 23.11 -22.16
N PRO C 101 44.18 24.34 -22.61
CA PRO C 101 44.18 24.60 -24.05
C PRO C 101 45.61 24.56 -24.59
N ILE C 102 45.80 23.83 -25.67
CA ILE C 102 47.11 23.69 -26.27
C ILE C 102 47.03 24.12 -27.72
N TYR C 103 48.18 24.49 -28.27
CA TYR C 103 48.33 24.81 -29.69
C TYR C 103 49.50 23.95 -30.18
N ALA C 104 49.20 22.72 -30.56
CA ALA C 104 50.22 21.74 -30.88
C ALA C 104 50.22 21.41 -32.35
N LYS C 105 51.42 21.22 -32.91
CA LYS C 105 51.59 20.98 -34.34
C LYS C 105 52.02 19.56 -34.69
N ASN C 106 52.22 18.67 -33.72
CA ASN C 106 52.38 17.26 -34.03
C ASN C 106 52.04 16.44 -32.80
N GLU C 107 51.67 15.19 -33.04
CA GLU C 107 51.24 14.27 -31.99
C GLU C 107 52.39 13.46 -31.43
N THR C 108 53.63 13.71 -31.86
CA THR C 108 54.76 12.92 -31.42
C THR C 108 55.28 13.37 -30.06
N LEU C 109 54.88 14.55 -29.61
CA LEU C 109 55.34 15.06 -28.32
C LEU C 109 54.76 14.25 -27.16
N VAL C 110 55.57 14.02 -26.14
CA VAL C 110 55.15 13.35 -24.92
C VAL C 110 55.72 14.12 -23.75
N PHE C 111 54.94 14.24 -22.67
CA PHE C 111 55.33 15.00 -21.49
C PHE C 111 55.33 14.10 -20.26
N ALA C 112 55.78 14.66 -19.15
CA ALA C 112 55.84 13.95 -17.89
C ALA C 112 55.74 14.94 -16.74
N LEU C 113 55.24 14.45 -15.61
CA LEU C 113 55.11 15.25 -14.39
C LEU C 113 55.76 14.46 -13.26
N ARG C 114 56.83 15.02 -12.68
CA ARG C 114 57.58 14.35 -11.61
C ARG C 114 57.77 15.36 -10.48
N SER C 115 56.91 15.30 -9.47
CA SER C 115 56.84 16.32 -8.44
C SER C 115 57.04 15.71 -7.05
N LEU C 116 57.83 16.37 -6.22
CA LEU C 116 58.06 15.98 -4.85
C LEU C 116 57.82 17.17 -3.94
N ASN C 117 57.23 16.94 -2.78
CA ASN C 117 57.05 17.96 -1.75
C ASN C 117 58.00 17.63 -0.61
N ASN C 118 59.22 18.16 -0.68
CA ASN C 118 60.22 17.98 0.36
C ASN C 118 60.24 19.16 1.32
N SER C 119 59.08 19.71 1.65
CA SER C 119 58.97 20.85 2.54
C SER C 119 57.94 20.54 3.62
N CYS C 120 57.65 21.54 4.44
CA CYS C 120 56.72 21.40 5.54
C CYS C 120 55.38 22.08 5.27
N GLU C 121 55.16 22.55 4.05
CA GLU C 121 53.92 23.22 3.70
C GLU C 121 53.30 22.56 2.48
N VAL C 122 52.08 22.97 2.16
CA VAL C 122 51.42 22.49 0.95
C VAL C 122 52.03 23.18 -0.25
N LYS C 123 52.47 22.39 -1.22
CA LYS C 123 53.14 22.89 -2.42
C LYS C 123 52.19 22.80 -3.61
N THR C 124 52.18 23.84 -4.44
CA THR C 124 51.30 23.89 -5.59
C THR C 124 52.06 23.51 -6.85
N ILE C 125 51.43 22.66 -7.66
CA ILE C 125 52.00 22.24 -8.95
C ILE C 125 51.42 23.13 -10.03
N TYR C 126 52.29 23.66 -10.88
CA TYR C 126 51.87 24.49 -12.00
C TYR C 126 52.21 23.78 -13.30
N SER C 127 51.61 24.23 -14.40
CA SER C 127 51.86 23.60 -15.68
C SER C 127 53.27 23.81 -16.19
N ARG C 128 54.01 24.76 -15.63
CA ARG C 128 55.42 24.89 -15.95
C ARG C 128 56.23 23.71 -15.45
N ASP C 129 55.63 22.86 -14.62
CA ASP C 129 56.30 21.69 -14.07
C ASP C 129 56.14 20.44 -14.93
N LEU C 130 55.43 20.54 -16.05
CA LEU C 130 55.43 19.47 -17.04
C LEU C 130 56.67 19.57 -17.91
N ILE C 131 57.39 18.47 -18.06
CA ILE C 131 58.63 18.43 -18.83
C ILE C 131 58.41 17.57 -20.07
N GLN C 132 58.94 18.02 -21.19
CA GLN C 132 58.85 17.26 -22.43
C GLN C 132 59.90 16.15 -22.43
N VAL C 133 59.47 14.92 -22.65
CA VAL C 133 60.36 13.77 -22.61
C VAL C 133 60.48 13.06 -23.95
N ALA C 134 59.72 13.45 -24.97
CA ALA C 134 59.79 12.82 -26.27
C ALA C 134 59.40 13.82 -27.34
N GLY C 135 59.68 13.47 -28.59
CA GLY C 135 59.40 14.34 -29.70
C GLY C 135 60.51 15.35 -29.90
N PRO C 136 60.43 16.11 -30.99
CA PRO C 136 61.41 17.17 -31.22
C PRO C 136 61.28 18.28 -30.18
N LYS C 137 62.39 18.91 -29.85
CA LYS C 137 62.37 19.96 -28.85
C LYS C 137 61.56 21.15 -29.35
N LEU C 138 60.72 21.69 -28.48
CA LEU C 138 59.83 22.79 -28.83
C LEU C 138 60.61 24.09 -28.87
N LYS C 139 60.47 24.83 -29.96
CA LYS C 139 60.99 26.19 -30.03
C LYS C 139 60.10 27.18 -29.28
N TYR C 140 58.79 26.93 -29.26
CA TYR C 140 57.80 27.79 -28.65
C TYR C 140 56.93 26.91 -27.75
N PRO C 141 56.35 27.46 -26.68
CA PRO C 141 55.47 26.67 -25.84
C PRO C 141 54.19 26.29 -26.56
N ILE C 142 53.54 25.23 -26.09
CA ILE C 142 52.23 24.85 -26.61
C ILE C 142 51.13 25.08 -25.60
N PHE C 143 51.46 25.36 -24.34
CA PHE C 143 50.48 25.75 -23.35
C PHE C 143 51.12 26.78 -22.42
N ASN C 144 50.28 27.46 -21.67
CA ASN C 144 50.74 28.47 -20.74
C ASN C 144 51.30 27.84 -19.47
N PRO C 145 52.22 28.52 -18.79
CA PRO C 145 52.84 27.93 -17.60
C PRO C 145 52.17 28.29 -16.29
N THR C 146 51.00 28.91 -16.33
CA THR C 146 50.38 29.49 -15.15
C THR C 146 49.24 28.66 -14.58
N PHE C 147 48.91 27.52 -15.17
CA PHE C 147 47.78 26.72 -14.72
C PHE C 147 48.13 26.00 -13.41
N GLU C 148 47.15 25.90 -12.52
CA GLU C 148 47.27 25.09 -11.31
C GLU C 148 46.81 23.69 -11.64
N ILE C 149 47.69 22.71 -11.44
CA ILE C 149 47.33 21.33 -11.70
C ILE C 149 46.93 20.63 -10.42
N GLY C 150 47.57 20.98 -9.32
CA GLY C 150 47.25 20.32 -8.06
C GLY C 150 48.06 20.91 -6.93
N PHE C 151 47.92 20.27 -5.77
CA PHE C 151 48.68 20.66 -4.59
C PHE C 151 49.00 19.40 -3.79
N LEU C 152 50.19 19.37 -3.22
CA LEU C 152 50.71 18.23 -2.50
C LEU C 152 50.83 18.55 -1.02
N GLN C 153 50.39 17.62 -0.17
CA GLN C 153 50.62 17.72 1.26
C GLN C 153 52.10 17.51 1.54
N PRO C 154 52.58 17.94 2.71
CA PRO C 154 54.00 17.77 3.02
C PRO C 154 54.44 16.31 2.92
N GLY C 155 55.57 16.09 2.27
CA GLY C 155 56.14 14.78 2.13
C GLY C 155 55.54 13.91 1.04
N LYS C 156 54.64 14.46 0.23
CA LYS C 156 53.95 13.67 -0.78
C LYS C 156 54.52 13.96 -2.17
N SER C 157 54.15 13.10 -3.12
CA SER C 157 54.64 13.22 -4.48
C SER C 157 53.52 12.89 -5.46
N LEU C 158 53.73 13.29 -6.71
CA LEU C 158 52.83 12.96 -7.81
C LEU C 158 53.69 12.74 -9.04
N ILE C 159 53.63 11.54 -9.61
CA ILE C 159 54.39 11.19 -10.80
C ILE C 159 53.43 10.68 -11.84
N ILE C 160 53.40 11.33 -13.00
CA ILE C 160 52.59 10.89 -14.13
C ILE C 160 53.49 10.83 -15.36
N GLU C 161 53.53 9.67 -15.99
CA GLU C 161 54.28 9.49 -17.24
C GLU C 161 53.30 9.39 -18.40
N ASP C 162 53.84 9.49 -19.61
CA ASP C 162 53.09 9.20 -20.83
C ASP C 162 51.90 10.13 -21.00
N ILE C 163 52.19 11.43 -21.02
CA ILE C 163 51.20 12.46 -21.32
C ILE C 163 51.36 12.82 -22.78
N TYR C 164 50.44 12.35 -23.62
CA TYR C 164 50.53 12.49 -25.06
C TYR C 164 49.43 13.41 -25.57
N ILE C 165 49.39 13.59 -26.88
CA ILE C 165 48.44 14.48 -27.54
C ILE C 165 47.42 13.63 -28.28
N LYS C 166 46.15 13.81 -27.94
CA LYS C 166 45.03 13.03 -28.45
C LYS C 166 44.21 13.89 -29.40
N LYS C 167 43.48 13.25 -30.31
CA LYS C 167 42.71 13.95 -31.34
C LYS C 167 41.25 13.58 -31.26
N GLY C 168 40.37 14.53 -31.58
CA GLY C 168 38.95 14.28 -31.51
C GLY C 168 38.16 15.51 -31.89
N ILE C 169 36.85 15.44 -31.69
CA ILE C 169 35.94 16.55 -31.92
C ILE C 169 35.13 16.79 -30.64
N GLY C 170 34.83 18.05 -30.38
CA GLY C 170 34.17 18.44 -29.14
C GLY C 170 32.77 17.92 -28.97
N ARG C 171 32.19 17.40 -30.03
CA ARG C 171 30.87 16.79 -29.96
C ARG C 171 30.90 15.50 -29.15
N LYS C 172 32.03 14.81 -29.12
CA LYS C 172 32.18 13.55 -28.40
C LYS C 172 32.68 13.77 -26.98
N HIS C 173 33.77 14.51 -26.82
CA HIS C 173 34.21 14.98 -25.51
C HIS C 173 34.53 16.46 -25.61
N ALA C 174 34.03 17.23 -24.65
CA ALA C 174 34.12 18.68 -24.66
C ALA C 174 35.52 19.21 -24.46
N ALA C 175 36.50 18.37 -24.12
CA ALA C 175 37.87 18.82 -24.09
C ALA C 175 38.40 19.13 -25.47
N PHE C 176 37.70 18.71 -26.52
CA PHE C 176 38.04 19.03 -27.89
C PHE C 176 37.26 20.20 -28.44
N ASN C 177 36.50 20.90 -27.61
CA ASN C 177 35.86 22.13 -28.06
C ASN C 177 36.91 23.17 -28.41
N LEU C 178 36.60 24.02 -29.38
CA LEU C 178 37.56 25.02 -29.84
C LEU C 178 37.11 26.45 -29.54
N ALA C 179 36.02 26.94 -30.12
CA ALA C 179 35.66 28.35 -30.02
C ALA C 179 34.49 28.54 -29.08
N VAL C 180 34.48 29.67 -28.39
CA VAL C 180 33.34 30.06 -27.55
C VAL C 180 32.62 31.21 -28.24
N LYS C 181 31.29 31.18 -28.16
CA LYS C 181 30.45 32.18 -28.82
C LYS C 181 30.53 33.50 -28.08
N THR C 182 30.72 34.59 -28.82
CA THR C 182 30.70 35.93 -28.23
C THR C 182 29.73 36.89 -28.88
N HIS C 183 29.30 36.66 -30.11
CA HIS C 183 28.34 37.57 -30.73
C HIS C 183 27.69 36.89 -31.93
N PHE C 184 26.41 37.20 -32.15
CA PHE C 184 25.69 36.78 -33.35
C PHE C 184 24.53 37.73 -33.55
N SER C 185 24.39 38.28 -34.75
CA SER C 185 23.28 39.18 -35.05
C SER C 185 23.10 39.28 -36.56
N HIS C 186 21.91 39.72 -36.95
CA HIS C 186 21.59 40.00 -38.34
C HIS C 186 21.56 41.50 -38.55
N LEU C 187 22.20 41.96 -39.60
CA LEU C 187 22.36 43.39 -39.83
C LEU C 187 21.31 43.97 -40.77
N ASP C 188 20.45 43.14 -41.35
CA ASP C 188 19.42 43.62 -42.26
C ASP C 188 18.01 43.50 -41.68
N ILE C 189 17.89 43.34 -40.37
CA ILE C 189 16.61 43.42 -39.67
C ILE C 189 16.72 44.53 -38.65
N GLU C 190 15.75 45.43 -38.64
CA GLU C 190 15.76 46.56 -37.73
C GLU C 190 15.39 46.10 -36.33
N GLN C 191 15.68 46.95 -35.35
CA GLN C 191 15.46 46.60 -33.95
C GLN C 191 14.74 47.71 -33.20
N TYR C 192 13.94 47.31 -32.22
CA TYR C 192 13.33 48.21 -31.26
C TYR C 192 14.35 48.63 -30.20
N PRO C 193 14.11 49.74 -29.52
CA PRO C 193 14.79 49.97 -28.25
C PRO C 193 14.15 49.18 -27.13
N THR C 194 14.80 48.11 -26.69
CA THR C 194 14.19 47.18 -25.76
C THR C 194 14.43 47.56 -24.31
N ASP C 195 15.09 48.68 -24.04
CA ASP C 195 15.16 49.20 -22.68
C ASP C 195 13.81 49.74 -22.22
N LYS C 196 12.99 50.23 -23.14
CA LYS C 196 11.66 50.65 -22.78
C LYS C 196 10.85 49.45 -22.30
N LYS C 197 10.15 49.63 -21.18
CA LYS C 197 9.35 48.54 -20.62
C LYS C 197 8.17 48.16 -21.49
N GLU C 198 8.02 48.82 -22.64
CA GLU C 198 7.02 48.41 -23.61
C GLU C 198 7.48 47.25 -24.47
N TYR C 199 8.79 47.13 -24.70
CA TYR C 199 9.34 46.12 -25.58
C TYR C 199 10.27 45.11 -24.91
N MET C 200 10.29 45.05 -23.58
CA MET C 200 11.31 44.24 -22.91
C MET C 200 10.95 42.76 -22.83
N ALA C 201 9.74 42.38 -23.20
CA ALA C 201 9.41 40.96 -23.29
C ALA C 201 9.68 40.38 -24.66
N LEU C 202 10.01 41.22 -25.63
CA LEU C 202 10.22 40.84 -27.01
C LEU C 202 11.71 40.72 -27.31
N SER C 203 12.02 40.02 -28.40
CA SER C 203 13.41 39.84 -28.79
C SER C 203 14.07 41.17 -29.11
N GLY C 204 13.39 42.02 -29.88
CA GLY C 204 13.97 43.27 -30.28
C GLY C 204 13.92 43.48 -31.77
N TYR C 205 14.04 42.41 -32.53
CA TYR C 205 13.90 42.47 -33.98
C TYR C 205 12.48 42.85 -34.37
N LYS C 206 12.36 43.60 -35.46
CA LYS C 206 11.08 44.12 -35.89
C LYS C 206 10.31 43.17 -36.81
N GLN C 207 10.86 42.01 -37.11
CA GLN C 207 10.18 40.98 -37.87
C GLN C 207 10.13 39.71 -37.06
N SER C 208 9.08 38.92 -37.25
CA SER C 208 9.02 37.61 -36.62
C SER C 208 10.02 36.67 -37.27
N SER C 209 10.53 35.72 -36.49
CA SER C 209 11.43 34.74 -37.06
C SER C 209 10.70 33.71 -37.90
N MET C 210 9.37 33.70 -37.87
CA MET C 210 8.58 32.84 -38.75
C MET C 210 8.36 33.42 -40.13
N THR C 211 8.81 34.64 -40.41
CA THR C 211 8.67 35.23 -41.72
C THR C 211 9.93 35.90 -42.23
N SER C 212 10.89 36.24 -41.36
CA SER C 212 12.09 36.94 -41.79
C SER C 212 13.06 35.98 -42.44
N ASP C 213 13.83 36.50 -43.40
CA ASP C 213 14.87 35.74 -44.09
C ASP C 213 16.12 36.61 -44.21
N PRO C 214 16.90 36.73 -43.13
CA PRO C 214 18.06 37.62 -43.17
C PRO C 214 19.20 37.04 -43.99
N ARG C 215 19.98 37.94 -44.61
CA ARG C 215 21.09 37.54 -45.47
C ARG C 215 22.31 38.43 -45.24
N HIS C 216 22.44 38.98 -44.04
CA HIS C 216 23.54 39.88 -43.71
C HIS C 216 23.79 39.70 -42.22
N HIS C 217 24.94 39.15 -41.84
CA HIS C 217 25.16 38.68 -40.49
C HIS C 217 26.47 39.20 -39.93
N ARG C 218 26.55 39.19 -38.60
CA ARG C 218 27.79 39.45 -37.88
C ARG C 218 27.98 38.34 -36.86
N LEU C 219 29.12 37.66 -36.93
CA LEU C 219 29.43 36.53 -36.08
C LEU C 219 30.72 36.80 -35.32
N GLY C 220 30.71 36.55 -34.03
CA GLY C 220 31.89 36.71 -33.21
C GLY C 220 32.25 35.46 -32.43
N LEU C 221 33.49 35.01 -32.54
CA LEU C 221 33.96 33.81 -31.86
C LEU C 221 35.29 34.11 -31.19
N CYS C 222 35.55 33.44 -30.07
CA CYS C 222 36.79 33.59 -29.34
C CYS C 222 37.53 32.25 -29.36
N PHE C 223 38.79 32.29 -29.70
CA PHE C 223 39.64 31.11 -29.68
C PHE C 223 40.52 31.15 -28.44
N PRO C 224 40.69 30.03 -27.73
CA PRO C 224 41.18 30.09 -26.35
C PRO C 224 42.69 30.21 -26.18
N ALA C 225 43.51 29.78 -27.12
CA ALA C 225 44.95 29.76 -26.89
C ALA C 225 45.68 29.86 -28.21
N VAL C 226 46.22 31.03 -28.51
CA VAL C 226 46.86 31.30 -29.80
C VAL C 226 48.22 31.93 -29.55
N PRO C 227 49.26 31.55 -30.29
CA PRO C 227 50.57 32.18 -30.09
C PRO C 227 50.52 33.67 -30.39
N LEU C 228 51.22 34.45 -29.57
CA LEU C 228 51.15 35.91 -29.71
C LEU C 228 51.67 36.44 -31.04
N PRO C 229 52.80 35.99 -31.58
CA PRO C 229 53.25 36.52 -32.87
C PRO C 229 52.59 35.90 -34.09
N HIS C 230 51.59 35.03 -33.95
CA HIS C 230 50.99 34.38 -35.11
C HIS C 230 49.48 34.33 -35.04
N ILE C 231 48.86 35.43 -34.59
CA ILE C 231 47.42 35.47 -34.42
C ILE C 231 46.71 35.34 -35.76
N ASN C 232 47.13 36.14 -36.74
CA ASN C 232 46.45 36.13 -38.03
C ASN C 232 46.57 34.78 -38.70
N GLN C 233 47.76 34.18 -38.65
CA GLN C 233 47.95 32.86 -39.24
C GLN C 233 47.05 31.82 -38.57
N ALA C 234 47.02 31.79 -37.24
CA ALA C 234 46.21 30.80 -36.55
C ALA C 234 44.72 30.96 -36.87
N VAL C 235 44.23 32.20 -36.87
CA VAL C 235 42.82 32.44 -37.14
C VAL C 235 42.48 32.03 -38.56
N ARG C 236 43.34 32.37 -39.51
CA ARG C 236 43.14 32.01 -40.90
C ARG C 236 43.07 30.49 -41.07
N THR C 237 43.98 29.77 -40.40
CA THR C 237 43.99 28.32 -40.47
C THR C 237 42.70 27.71 -39.91
N TYR C 238 42.23 28.25 -38.79
CA TYR C 238 40.99 27.74 -38.20
C TYR C 238 39.81 27.91 -39.16
N LEU C 239 39.69 29.10 -39.75
CA LEU C 239 38.55 29.36 -40.64
C LEU C 239 38.59 28.46 -41.86
N LYS C 240 39.78 28.28 -42.44
CA LYS C 240 39.91 27.43 -43.61
C LYS C 240 39.56 25.98 -43.28
N ASN C 241 39.99 25.50 -42.12
CA ASN C 241 39.67 24.12 -41.75
C ASN C 241 38.18 23.93 -41.55
N ALA C 242 37.48 24.92 -41.00
CA ALA C 242 36.04 24.80 -40.87
C ALA C 242 35.36 24.65 -42.24
N CYS C 243 35.76 25.51 -43.18
CA CYS C 243 35.19 25.43 -44.52
C CYS C 243 35.46 24.06 -45.16
N ARG C 244 36.68 23.56 -44.98
CA ARG C 244 37.04 22.27 -45.58
C ARG C 244 36.25 21.12 -44.96
N ILE C 245 36.02 21.16 -43.64
CA ILE C 245 35.24 20.12 -42.97
C ILE C 245 33.84 20.05 -43.57
N ILE C 246 33.21 21.22 -43.74
CA ILE C 246 31.85 21.23 -44.28
C ILE C 246 31.85 20.68 -45.71
N ILE C 247 32.83 21.07 -46.52
CA ILE C 247 32.89 20.58 -47.90
C ILE C 247 33.03 19.05 -47.91
N GLY C 248 33.86 18.51 -47.02
CA GLY C 248 34.05 17.07 -46.98
C GLY C 248 32.79 16.31 -46.65
N ARG C 249 32.03 16.80 -45.67
CA ARG C 249 30.80 16.10 -45.30
C ARG C 249 29.74 16.19 -46.41
N ILE C 250 29.63 17.35 -47.05
CA ILE C 250 28.69 17.49 -48.17
C ILE C 250 29.08 16.55 -49.31
N GLN C 251 30.37 16.39 -49.56
CA GLN C 251 30.81 15.48 -50.61
C GLN C 251 30.54 14.02 -50.26
N SER C 252 30.62 13.67 -48.98
CA SER C 252 30.20 12.33 -48.58
C SER C 252 28.75 12.08 -48.95
N ILE C 253 27.89 13.07 -48.74
CA ILE C 253 26.49 12.88 -49.15
C ILE C 253 26.35 12.84 -50.68
N GLN C 254 27.15 13.65 -51.36
CA GLN C 254 27.12 13.67 -52.82
C GLN C 254 27.44 12.31 -53.41
N LYS C 255 28.44 11.62 -52.86
CA LYS C 255 28.83 10.30 -53.36
C LYS C 255 27.73 9.27 -53.17
N ILE C 256 26.79 9.50 -52.27
CA ILE C 256 25.61 8.65 -52.13
C ILE C 256 24.57 8.98 -53.17
N TYR C 257 24.36 10.27 -53.43
CA TYR C 257 23.31 10.68 -54.35
C TYR C 257 23.48 10.08 -55.75
N GLU C 258 24.73 10.02 -56.24
CA GLU C 258 24.96 9.65 -57.63
C GLU C 258 24.69 8.19 -57.94
N ASN C 259 24.62 7.32 -56.94
CA ASN C 259 24.44 5.89 -57.15
C ASN C 259 22.99 5.48 -56.93
N PHE C 260 22.05 6.30 -57.38
CA PHE C 260 20.64 6.03 -57.16
C PHE C 260 20.11 4.88 -57.98
N GLU C 261 20.91 4.33 -58.89
CA GLU C 261 20.53 3.12 -59.60
C GLU C 261 20.81 1.87 -58.77
N GLU C 262 22.00 1.78 -58.18
CA GLU C 262 22.32 0.64 -57.33
C GLU C 262 21.57 0.77 -56.01
N PRO C 263 21.05 -0.33 -55.48
CA PRO C 263 20.29 -0.24 -54.22
C PRO C 263 21.20 0.06 -53.04
N GLN C 264 20.81 1.04 -52.22
CA GLN C 264 21.66 1.54 -51.17
C GLN C 264 20.91 1.62 -49.84
N PRO C 265 21.56 1.32 -48.72
CA PRO C 265 20.88 1.43 -47.43
C PRO C 265 20.72 2.86 -46.94
N GLU C 266 21.28 3.84 -47.65
CA GLU C 266 21.24 5.23 -47.24
C GLU C 266 20.30 6.09 -48.10
N LEU C 267 19.82 5.57 -49.22
CA LEU C 267 18.94 6.32 -50.10
C LEU C 267 17.78 5.43 -50.48
N VAL C 268 16.56 5.95 -50.35
CA VAL C 268 15.35 5.25 -50.74
C VAL C 268 14.53 6.17 -51.63
N LEU C 269 14.14 5.66 -52.80
CA LEU C 269 13.32 6.40 -53.75
C LEU C 269 12.01 5.68 -53.97
N PHE C 270 10.90 6.38 -53.80
CA PHE C 270 9.57 5.86 -54.09
C PHE C 270 8.96 6.63 -55.25
N SER C 271 8.03 5.99 -55.94
CA SER C 271 7.12 6.67 -56.83
C SER C 271 5.74 6.59 -56.19
N MET C 272 5.35 7.67 -55.50
CA MET C 272 4.10 7.64 -54.75
C MET C 272 2.90 7.61 -55.67
N ASP C 273 2.94 8.38 -56.74
CA ASP C 273 1.85 8.43 -57.71
C ASP C 273 2.41 8.36 -59.12
N GLU C 274 1.57 8.65 -60.11
CA GLU C 274 2.06 8.74 -61.47
C GLU C 274 2.92 9.98 -61.71
N GLU C 275 2.98 10.89 -60.76
CA GLU C 275 3.67 12.15 -60.97
C GLU C 275 4.60 12.57 -59.84
N LYS C 276 4.52 11.96 -58.66
CA LYS C 276 5.23 12.45 -57.49
C LYS C 276 6.27 11.42 -57.03
N THR C 277 7.44 11.92 -56.66
CA THR C 277 8.56 11.08 -56.26
C THR C 277 9.01 11.46 -54.85
N LYS C 278 9.40 10.48 -54.06
CA LYS C 278 9.78 10.69 -52.67
C LYS C 278 11.17 10.11 -52.42
N ALA C 279 12.04 10.90 -51.79
CA ALA C 279 13.40 10.50 -51.48
C ALA C 279 13.63 10.62 -49.99
N ILE C 280 14.26 9.60 -49.40
CA ILE C 280 14.59 9.62 -47.98
C ILE C 280 16.06 9.26 -47.82
N ILE C 281 16.82 10.16 -47.22
CA ILE C 281 18.26 9.98 -47.05
C ILE C 281 18.56 9.87 -45.57
N THR C 282 19.17 8.76 -45.16
CA THR C 282 19.48 8.50 -43.76
C THR C 282 20.98 8.38 -43.60
N ILE C 283 21.59 9.33 -42.91
CA ILE C 283 23.04 9.36 -42.70
C ILE C 283 23.30 9.18 -41.22
N LYS C 284 24.07 8.16 -40.88
CA LYS C 284 24.36 7.87 -39.49
C LYS C 284 25.41 8.82 -38.95
N ASP C 285 25.17 9.30 -37.73
CA ASP C 285 26.07 10.22 -37.03
C ASP C 285 26.20 11.58 -37.73
N GLU C 286 25.14 12.05 -38.36
CA GLU C 286 25.14 13.40 -38.89
C GLU C 286 24.31 14.31 -37.97
N THR C 287 24.57 15.60 -38.07
CA THR C 287 24.07 16.56 -37.11
C THR C 287 23.20 17.60 -37.82
N HIS C 288 22.76 18.59 -37.06
CA HIS C 288 21.88 19.63 -37.60
C HIS C 288 22.57 20.51 -38.62
N THR C 289 23.91 20.57 -38.61
CA THR C 289 24.64 21.35 -39.58
C THR C 289 24.27 20.94 -41.00
N ILE C 290 24.52 19.67 -41.34
CA ILE C 290 24.31 19.21 -42.70
C ILE C 290 22.83 19.13 -43.03
N GLY C 291 22.00 18.71 -42.09
CA GLY C 291 20.58 18.66 -42.35
C GLY C 291 20.00 20.01 -42.70
N ASN C 292 20.34 21.03 -41.90
CA ASN C 292 19.85 22.38 -42.17
C ASN C 292 20.40 22.93 -43.47
N LEU C 293 21.69 22.73 -43.74
CA LEU C 293 22.25 23.21 -45.01
C LEU C 293 21.57 22.57 -46.21
N LEU C 294 21.40 21.25 -46.17
CA LEU C 294 20.77 20.54 -47.27
C LEU C 294 19.34 21.02 -47.49
N LYS C 295 18.57 21.15 -46.42
CA LYS C 295 17.20 21.60 -46.57
C LYS C 295 17.13 23.00 -47.15
N THR C 296 17.96 23.92 -46.65
CA THR C 296 17.93 25.29 -47.14
C THR C 296 18.29 25.37 -48.61
N TYR C 297 19.31 24.63 -49.04
CA TYR C 297 19.72 24.76 -50.44
C TYR C 297 18.79 24.02 -51.38
N ILE C 298 18.21 22.89 -50.95
CA ILE C 298 17.20 22.23 -51.75
C ILE C 298 15.99 23.13 -51.91
N TYR C 299 15.61 23.84 -50.84
CA TYR C 299 14.47 24.75 -50.93
C TYR C 299 14.76 25.94 -51.83
N GLU C 300 16.00 26.44 -51.82
CA GLU C 300 16.35 27.52 -52.75
C GLU C 300 16.35 27.04 -54.19
N MET C 301 16.73 25.78 -54.44
CA MET C 301 16.74 25.29 -55.81
C MET C 301 15.34 25.02 -56.33
N ILE C 302 14.47 24.49 -55.49
CA ILE C 302 13.09 24.15 -55.86
C ILE C 302 12.13 24.97 -55.01
N PRO C 303 11.78 26.19 -55.40
CA PRO C 303 10.84 26.98 -54.59
C PRO C 303 9.44 26.39 -54.50
N ASP C 304 9.04 25.57 -55.46
CA ASP C 304 7.69 25.03 -55.56
C ASP C 304 7.62 23.56 -55.19
N ILE C 305 8.34 23.16 -54.14
CA ILE C 305 8.42 21.76 -53.77
C ILE C 305 7.23 21.39 -52.90
N SER C 306 6.87 20.11 -52.90
CA SER C 306 5.77 19.66 -52.03
C SER C 306 6.20 19.61 -50.58
N PHE C 307 7.38 19.08 -50.29
CA PHE C 307 7.84 18.99 -48.93
C PHE C 307 9.34 18.77 -48.92
N VAL C 308 10.03 19.47 -48.03
CA VAL C 308 11.41 19.15 -47.67
C VAL C 308 11.53 19.32 -46.17
N GLY C 309 12.20 18.38 -45.52
CA GLY C 309 12.38 18.46 -44.08
C GLY C 309 13.38 17.43 -43.63
N TYR C 310 13.94 17.67 -42.44
CA TYR C 310 14.97 16.81 -41.89
C TYR C 310 14.68 16.56 -40.43
N GLN C 311 15.34 15.56 -39.87
CA GLN C 311 15.14 15.18 -38.49
C GLN C 311 16.43 14.65 -37.89
N CYS C 312 16.78 15.12 -36.70
CA CYS C 312 17.88 14.56 -35.91
C CYS C 312 17.33 14.25 -34.53
N VAL C 313 16.72 13.09 -34.38
CA VAL C 313 16.19 12.67 -33.08
C VAL C 313 17.36 12.31 -32.17
N PRO C 314 17.45 12.86 -30.96
CA PRO C 314 18.64 12.63 -30.14
C PRO C 314 18.93 11.18 -29.84
N HIS C 315 17.92 10.33 -29.72
CA HIS C 315 18.13 8.94 -29.35
C HIS C 315 18.34 8.03 -30.55
N LYS C 316 18.44 8.57 -31.76
CA LYS C 316 18.67 7.75 -32.94
C LYS C 316 20.05 7.91 -33.54
N GLN C 317 20.75 9.01 -33.28
CA GLN C 317 22.11 9.23 -33.77
C GLN C 317 22.20 9.14 -35.28
N GLU C 318 21.26 9.78 -35.97
CA GLU C 318 21.26 9.81 -37.42
C GLU C 318 20.47 11.03 -37.88
N MET C 319 20.67 11.40 -39.13
CA MET C 319 19.92 12.48 -39.78
C MET C 319 19.13 11.90 -40.94
N VAL C 320 17.83 12.18 -40.97
CA VAL C 320 16.94 11.68 -42.02
C VAL C 320 16.38 12.88 -42.77
N LEU C 321 16.64 12.93 -44.07
CA LEU C 321 16.14 14.00 -44.92
C LEU C 321 15.08 13.45 -45.87
N THR C 322 13.92 14.09 -45.89
CA THR C 322 12.79 13.67 -46.72
C THR C 322 12.50 14.73 -47.76
N ILE C 323 12.38 14.31 -49.01
CA ILE C 323 12.03 15.18 -50.12
C ILE C 323 10.86 14.58 -50.87
N ILE C 324 9.85 15.39 -51.15
CA ILE C 324 8.70 14.98 -51.95
C ILE C 324 8.53 16.01 -53.06
N HIS C 325 8.65 15.57 -54.31
CA HIS C 325 8.59 16.49 -55.42
C HIS C 325 7.82 15.86 -56.56
N LYS C 326 7.32 16.73 -57.45
CA LYS C 326 6.43 16.35 -58.54
C LYS C 326 7.20 16.07 -59.82
N ALA C 327 8.37 15.46 -59.73
CA ALA C 327 9.20 15.13 -60.87
C ALA C 327 9.52 13.64 -60.86
N SER C 328 10.18 13.19 -61.92
CA SER C 328 10.64 11.81 -62.00
C SER C 328 11.93 11.65 -61.20
N GLN C 329 12.33 10.40 -60.97
CA GLN C 329 13.47 10.16 -60.10
C GLN C 329 14.74 10.79 -60.65
N GLU C 330 14.95 10.70 -61.96
CA GLU C 330 16.16 11.24 -62.56
C GLU C 330 16.21 12.76 -62.43
N ASP C 331 15.08 13.43 -62.68
CA ASP C 331 15.05 14.89 -62.56
C ASP C 331 15.25 15.33 -61.12
N LEU C 332 14.69 14.58 -60.17
CA LEU C 332 14.90 14.90 -58.76
C LEU C 332 16.37 14.78 -58.38
N ILE C 333 17.03 13.70 -58.83
CA ILE C 333 18.44 13.54 -58.53
C ILE C 333 19.27 14.64 -59.18
N THR C 334 18.87 15.09 -60.38
CA THR C 334 19.57 16.20 -61.02
C THR C 334 19.48 17.46 -60.18
N LEU C 335 18.28 17.76 -59.67
CA LEU C 335 18.11 18.94 -58.83
C LEU C 335 18.91 18.83 -57.53
N LEU C 336 18.94 17.63 -56.94
CA LEU C 336 19.67 17.44 -55.70
C LEU C 336 21.17 17.65 -55.90
N GLU C 337 21.72 17.13 -57.00
CA GLU C 337 23.13 17.35 -57.27
C GLU C 337 23.41 18.84 -57.49
N LYS C 338 22.50 19.54 -58.16
CA LYS C 338 22.68 20.97 -58.35
C LYS C 338 22.74 21.71 -57.02
N SER C 339 21.86 21.35 -56.09
CA SER C 339 21.86 21.99 -54.77
C SER C 339 23.15 21.74 -54.02
N ILE C 340 23.63 20.49 -54.07
CA ILE C 340 24.86 20.16 -53.35
C ILE C 340 26.05 20.91 -53.96
N GLN C 341 26.07 21.06 -55.28
CA GLN C 341 27.11 21.87 -55.90
C GLN C 341 27.03 23.32 -55.44
N ASN C 342 25.83 23.85 -55.27
CA ASN C 342 25.70 25.21 -54.76
C ASN C 342 26.31 25.35 -53.38
N ILE C 343 26.07 24.38 -52.49
CA ILE C 343 26.67 24.41 -51.17
C ILE C 343 28.20 24.43 -51.27
N ILE C 344 28.75 23.50 -52.06
CA ILE C 344 30.20 23.40 -52.17
C ILE C 344 30.80 24.70 -52.70
N GLN C 345 30.14 25.30 -53.69
CA GLN C 345 30.63 26.54 -54.26
C GLN C 345 30.62 27.67 -53.23
N THR C 346 29.57 27.75 -52.42
CA THR C 346 29.50 28.79 -51.40
C THR C 346 30.67 28.68 -50.42
N PHE C 347 30.97 27.47 -49.98
CA PHE C 347 32.03 27.37 -48.98
C PHE C 347 33.42 27.51 -49.59
N GLN C 348 33.59 27.15 -50.87
CA GLN C 348 34.85 27.45 -51.54
C GLN C 348 35.07 28.96 -51.66
N ILE C 349 34.02 29.70 -51.99
CA ILE C 349 34.13 31.16 -52.03
C ILE C 349 34.49 31.69 -50.65
N LEU C 350 33.91 31.13 -49.60
CA LEU C 350 34.23 31.56 -48.25
C LEU C 350 35.71 31.40 -47.95
N GLU C 351 36.29 30.25 -48.31
CA GLU C 351 37.69 30.01 -48.03
C GLU C 351 38.61 30.95 -48.83
N LYS C 352 38.26 31.20 -50.09
CA LYS C 352 39.03 32.15 -50.88
C LYS C 352 38.97 33.56 -50.27
N ASN C 353 37.80 33.96 -49.80
CA ASN C 353 37.68 35.25 -49.13
C ASN C 353 38.50 35.30 -47.84
N VAL C 354 38.55 34.19 -47.10
CA VAL C 354 39.40 34.15 -45.90
C VAL C 354 40.84 34.45 -46.28
N ASP C 355 41.33 33.81 -47.35
CA ASP C 355 42.68 34.10 -47.83
C ASP C 355 42.87 35.57 -48.15
N GLU C 356 41.89 36.20 -48.79
CA GLU C 356 42.04 37.61 -49.15
C GLU C 356 42.00 38.56 -47.95
N LEU C 357 41.20 38.28 -46.93
CA LEU C 357 40.93 39.27 -45.88
C LEU C 357 42.00 39.32 -44.80
N ILE C 358 42.34 38.16 -44.24
CA ILE C 358 43.21 38.10 -43.07
C ILE C 358 44.66 38.16 -43.54
N ALA C 359 45.34 39.24 -43.20
CA ALA C 359 46.71 39.46 -43.63
C ALA C 359 47.69 38.69 -42.75
N MET D 1 -50.38 8.08 17.40
CA MET D 1 -51.20 8.29 16.21
C MET D 1 -51.38 6.93 15.55
N ALA D 2 -50.67 5.93 16.06
CA ALA D 2 -50.60 4.64 15.39
C ALA D 2 -51.98 4.01 15.26
N MET D 3 -52.85 4.21 16.26
CA MET D 3 -54.17 3.58 16.22
C MET D 3 -55.05 4.19 15.14
N GLN D 4 -55.03 5.51 14.99
CA GLN D 4 -55.84 6.13 13.95
C GLN D 4 -55.31 5.79 12.56
N LYS D 5 -53.98 5.74 12.39
CA LYS D 5 -53.42 5.33 11.11
C LYS D 5 -53.77 3.89 10.79
N LEU D 6 -53.70 3.01 11.79
CA LEU D 6 -54.13 1.64 11.61
C LEU D 6 -55.57 1.56 11.17
N PHE D 7 -56.44 2.33 11.81
CA PHE D 7 -57.87 2.23 11.54
C PHE D 7 -58.22 2.50 10.08
N THR D 8 -57.40 3.24 9.35
CA THR D 8 -57.67 3.48 7.94
C THR D 8 -56.89 2.52 7.04
N TYR D 9 -55.60 2.34 7.34
CA TYR D 9 -54.79 1.59 6.43
C TYR D 9 -54.97 0.09 6.58
N ILE D 10 -55.61 -0.41 7.64
CA ILE D 10 -55.88 -1.84 7.71
C ILE D 10 -56.97 -2.23 6.72
N TYR D 11 -58.00 -1.41 6.58
CA TYR D 11 -58.99 -1.68 5.55
C TYR D 11 -58.47 -1.37 4.16
N GLU D 12 -57.54 -0.42 4.03
CA GLU D 12 -56.87 -0.27 2.74
C GLU D 12 -56.03 -1.50 2.40
N PHE D 13 -55.37 -2.09 3.39
CA PHE D 13 -54.63 -3.34 3.20
C PHE D 13 -55.55 -4.48 2.80
N ILE D 14 -56.71 -4.58 3.44
CA ILE D 14 -57.66 -5.63 3.08
C ILE D 14 -58.17 -5.44 1.67
N GLU D 15 -58.47 -4.21 1.26
CA GLU D 15 -58.90 -3.98 -0.11
C GLU D 15 -57.79 -4.31 -1.10
N TYR D 16 -56.54 -3.95 -0.78
CA TYR D 16 -55.44 -4.17 -1.71
C TYR D 16 -55.19 -5.66 -1.94
N ARG D 17 -55.57 -6.51 -1.00
CA ARG D 17 -55.36 -7.95 -1.11
C ARG D 17 -56.54 -8.66 -1.76
N LYS D 18 -57.51 -7.92 -2.28
CA LYS D 18 -58.67 -8.48 -2.96
C LYS D 18 -59.50 -9.36 -2.01
N MET D 19 -59.92 -8.77 -0.89
CA MET D 19 -60.72 -9.46 0.11
C MET D 19 -61.96 -8.62 0.42
N VAL D 20 -63.04 -9.29 0.78
CA VAL D 20 -64.29 -8.62 1.11
C VAL D 20 -64.54 -8.73 2.60
N LEU D 21 -64.98 -7.64 3.20
CA LEU D 21 -65.24 -7.61 4.63
C LEU D 21 -66.52 -8.36 4.96
N LEU D 22 -66.47 -9.17 6.01
CA LEU D 22 -67.59 -10.01 6.42
C LEU D 22 -68.39 -9.40 7.56
N GLU D 23 -68.11 -8.15 7.92
CA GLU D 23 -68.64 -7.53 9.12
C GLU D 23 -69.09 -6.13 8.78
N GLU D 24 -69.40 -5.36 9.82
CA GLU D 24 -69.75 -3.96 9.66
C GLU D 24 -68.66 -3.09 10.29
N LYS D 25 -68.21 -2.09 9.53
CA LYS D 25 -67.09 -1.26 9.95
C LYS D 25 -67.55 -0.26 10.99
N VAL D 26 -67.09 -0.44 12.23
CA VAL D 26 -67.54 0.41 13.34
C VAL D 26 -66.77 1.72 13.32
N PRO D 27 -67.39 2.84 13.74
CA PRO D 27 -66.66 4.08 13.91
C PRO D 27 -65.32 3.96 14.63
N TYR D 28 -64.46 4.96 14.46
CA TYR D 28 -63.15 4.91 15.09
C TYR D 28 -63.26 4.92 16.61
N ASP D 29 -64.18 5.73 17.15
CA ASP D 29 -64.33 5.83 18.60
C ASP D 29 -64.77 4.50 19.22
N LYS D 30 -65.74 3.83 18.59
CA LYS D 30 -66.11 2.51 19.05
C LYS D 30 -64.95 1.54 18.94
N PHE D 31 -64.16 1.66 17.87
CA PHE D 31 -63.01 0.78 17.67
C PHE D 31 -62.00 0.90 18.81
N VAL D 32 -61.61 2.13 19.15
CA VAL D 32 -60.63 2.31 20.21
C VAL D 32 -61.24 1.91 21.55
N GLN D 33 -62.55 2.09 21.70
CA GLN D 33 -63.21 1.58 22.89
C GLN D 33 -63.06 0.07 23.02
N MET D 34 -63.33 -0.69 21.95
CA MET D 34 -63.22 -2.14 22.03
C MET D 34 -61.77 -2.58 22.22
N VAL D 35 -60.82 -1.87 21.60
CA VAL D 35 -59.42 -2.22 21.81
C VAL D 35 -59.04 -2.04 23.28
N LEU D 36 -59.48 -0.92 23.89
CA LEU D 36 -59.11 -0.65 25.27
C LEU D 36 -59.85 -1.56 26.25
N ASN D 37 -61.01 -2.09 25.86
CA ASN D 37 -61.75 -3.00 26.74
C ASN D 37 -61.32 -4.45 26.58
N THR D 38 -61.57 -5.03 25.40
CA THR D 38 -61.35 -6.46 25.20
C THR D 38 -59.88 -6.81 25.07
N GLY D 39 -59.05 -5.86 24.66
CA GLY D 39 -57.64 -6.09 24.44
C GLY D 39 -57.26 -6.30 23.00
N PHE D 40 -58.23 -6.48 22.10
CA PHE D 40 -57.93 -6.65 20.69
C PHE D 40 -59.16 -6.32 19.87
N PHE D 41 -58.94 -6.17 18.57
CA PHE D 41 -60.01 -5.95 17.60
C PHE D 41 -59.87 -6.98 16.49
N ARG D 42 -60.96 -7.67 16.18
CA ARG D 42 -60.97 -8.74 15.19
C ARG D 42 -61.64 -8.25 13.92
N ILE D 43 -60.97 -8.45 12.79
CA ILE D 43 -61.53 -8.18 11.47
C ILE D 43 -61.48 -9.47 10.67
N ASN D 44 -62.57 -9.78 9.98
CA ASN D 44 -62.66 -10.97 9.16
C ASN D 44 -62.91 -10.59 7.71
N ALA D 45 -62.16 -11.21 6.81
CA ALA D 45 -62.27 -10.93 5.39
C ALA D 45 -62.22 -12.24 4.61
N GLU D 46 -62.77 -12.21 3.40
CA GLU D 46 -62.96 -13.37 2.55
C GLU D 46 -62.11 -13.26 1.30
N THR D 47 -61.34 -14.30 0.98
CA THR D 47 -60.54 -14.29 -0.23
C THR D 47 -61.34 -14.80 -1.42
N LEU D 48 -60.71 -14.77 -2.59
CA LEU D 48 -61.39 -15.27 -3.80
C LEU D 48 -61.56 -16.77 -3.76
N ASN D 49 -60.68 -17.49 -3.06
CA ASN D 49 -60.84 -18.91 -2.79
C ASN D 49 -61.80 -19.17 -1.66
N HIS D 50 -62.62 -18.18 -1.29
CA HIS D 50 -63.68 -18.33 -0.29
C HIS D 50 -63.11 -18.66 1.08
N GLY D 51 -61.83 -18.36 1.28
CA GLY D 51 -61.17 -18.59 2.56
C GLY D 51 -61.28 -17.36 3.44
N ILE D 52 -61.08 -17.57 4.74
CA ILE D 52 -61.23 -16.50 5.72
C ILE D 52 -59.85 -16.12 6.24
N VAL D 53 -59.57 -14.82 6.27
CA VAL D 53 -58.37 -14.27 6.89
C VAL D 53 -58.81 -13.41 8.07
N SER D 54 -58.30 -13.72 9.25
CA SER D 54 -58.66 -12.99 10.46
C SER D 54 -57.50 -12.10 10.88
N VAL D 55 -57.81 -10.83 11.15
CA VAL D 55 -56.82 -9.85 11.57
C VAL D 55 -57.07 -9.49 13.02
N PHE D 56 -56.05 -9.64 13.85
CA PHE D 56 -56.10 -9.28 15.26
C PHE D 56 -55.23 -8.06 15.49
N ILE D 57 -55.80 -6.97 15.96
CA ILE D 57 -55.04 -5.78 16.31
C ILE D 57 -54.96 -5.70 17.83
N PHE D 58 -53.75 -5.85 18.37
CA PHE D 58 -53.53 -5.88 19.80
C PHE D 58 -53.17 -4.49 20.31
N GLY D 59 -53.73 -4.13 21.46
CA GLY D 59 -53.33 -2.88 22.09
C GLY D 59 -52.02 -3.01 22.82
N ALA D 60 -51.30 -1.89 22.90
CA ALA D 60 -49.91 -1.87 23.37
C ALA D 60 -49.78 -2.21 24.85
N ASN D 61 -50.88 -2.41 25.57
CA ASN D 61 -50.81 -2.75 26.99
C ASN D 61 -51.78 -3.85 27.38
N GLY D 62 -52.32 -4.61 26.44
CA GLY D 62 -53.32 -5.62 26.73
C GLY D 62 -52.72 -6.84 27.42
N LYS D 63 -53.62 -7.72 27.84
CA LYS D 63 -53.18 -8.92 28.55
C LYS D 63 -52.58 -9.96 27.61
N TYR D 64 -53.03 -10.02 26.36
CA TYR D 64 -52.57 -11.05 25.45
C TYR D 64 -51.11 -10.89 25.08
N VAL D 65 -50.57 -9.68 25.16
CA VAL D 65 -49.18 -9.43 24.81
C VAL D 65 -48.25 -9.70 25.99
N HIS D 66 -48.65 -9.28 27.19
CA HIS D 66 -47.76 -9.39 28.34
C HIS D 66 -47.70 -10.79 28.93
N HIS D 67 -48.76 -11.60 28.80
CA HIS D 67 -48.75 -12.97 29.30
C HIS D 67 -49.01 -13.92 28.15
N GLY D 68 -48.24 -15.00 28.09
CA GLY D 68 -48.40 -15.96 27.00
C GLY D 68 -49.64 -16.83 27.15
N GLY D 69 -50.14 -16.98 28.37
CA GLY D 69 -51.29 -17.85 28.57
C GLY D 69 -52.54 -17.33 27.89
N ASP D 70 -52.79 -16.03 28.00
CA ASP D 70 -53.96 -15.45 27.37
C ASP D 70 -53.88 -15.58 25.85
N MET D 71 -52.70 -15.32 25.27
CA MET D 71 -52.54 -15.47 23.83
C MET D 71 -52.72 -16.91 23.40
N ARG D 72 -52.17 -17.87 24.16
CA ARG D 72 -52.35 -19.27 23.82
C ARG D 72 -53.82 -19.66 23.86
N THR D 73 -54.55 -19.20 24.88
CA THR D 73 -55.97 -19.50 24.96
C THR D 73 -56.72 -18.91 23.77
N LEU D 74 -56.43 -17.66 23.43
CA LEU D 74 -57.09 -17.04 22.28
C LEU D 74 -56.83 -17.80 21.00
N LEU D 75 -55.57 -18.18 20.77
CA LEU D 75 -55.21 -18.85 19.52
C LEU D 75 -55.86 -20.22 19.42
N THR D 76 -55.87 -20.99 20.52
CA THR D 76 -56.53 -22.29 20.49
C THR D 76 -58.03 -22.15 20.29
N ASN D 77 -58.65 -21.15 20.92
CA ASN D 77 -60.08 -20.97 20.76
C ASN D 77 -60.47 -20.53 19.36
N THR D 78 -59.65 -19.71 18.71
CA THR D 78 -59.99 -19.23 17.38
C THR D 78 -59.77 -20.26 16.30
N LEU D 79 -58.72 -21.06 16.39
CA LEU D 79 -58.42 -22.05 15.36
C LEU D 79 -59.30 -23.28 15.46
N ASN D 80 -60.11 -23.41 16.51
CA ASN D 80 -61.08 -24.50 16.62
C ASN D 80 -62.46 -24.12 16.10
N GLU D 81 -62.65 -22.89 15.61
CA GLU D 81 -63.94 -22.48 15.08
C GLU D 81 -64.23 -23.19 13.76
N LYS D 82 -65.46 -23.01 13.28
CA LYS D 82 -65.91 -23.65 12.05
C LYS D 82 -65.79 -22.67 10.87
N LYS D 83 -64.55 -22.26 10.62
CA LYS D 83 -64.23 -21.41 9.48
C LYS D 83 -63.07 -22.02 8.70
N HIS D 84 -63.14 -21.89 7.38
CA HIS D 84 -62.14 -22.46 6.49
C HIS D 84 -60.96 -21.49 6.42
N TYR D 85 -60.13 -21.54 7.44
CA TYR D 85 -59.07 -20.55 7.62
C TYR D 85 -57.97 -20.69 6.59
N GLU D 86 -57.35 -19.54 6.27
CA GLU D 86 -56.19 -19.51 5.39
C GLU D 86 -55.02 -18.83 6.10
N GLU D 87 -55.28 -17.74 6.80
CA GLU D 87 -54.20 -17.02 7.46
C GLU D 87 -54.76 -16.22 8.62
N LEU D 88 -53.96 -16.12 9.68
CA LEU D 88 -54.21 -15.23 10.80
C LEU D 88 -53.09 -14.21 10.85
N ILE D 89 -53.42 -12.93 10.71
CA ILE D 89 -52.46 -11.86 10.89
C ILE D 89 -52.65 -11.26 12.28
N LEU D 90 -51.60 -11.31 13.08
CA LEU D 90 -51.59 -10.69 14.41
C LEU D 90 -50.72 -9.44 14.32
N ILE D 91 -51.29 -8.31 14.68
CA ILE D 91 -50.57 -7.03 14.63
C ILE D 91 -50.27 -6.59 16.05
N VAL D 92 -49.00 -6.40 16.35
CA VAL D 92 -48.56 -5.99 17.68
C VAL D 92 -47.69 -4.76 17.55
N ASP D 93 -47.28 -4.23 18.70
CA ASP D 93 -46.33 -3.14 18.73
C ASP D 93 -44.93 -3.73 18.58
N LYS D 94 -43.96 -2.87 18.27
CA LYS D 94 -42.63 -3.37 17.92
C LYS D 94 -41.94 -4.14 19.04
N PRO D 95 -41.93 -3.70 20.30
CA PRO D 95 -41.23 -4.49 21.33
C PRO D 95 -41.83 -5.86 21.60
N VAL D 96 -43.07 -6.11 21.16
CA VAL D 96 -43.65 -7.44 21.39
C VAL D 96 -42.86 -8.50 20.66
N LEU D 97 -42.32 -8.18 19.48
CA LEU D 97 -41.57 -9.14 18.69
C LEU D 97 -40.30 -9.59 19.39
N SER D 98 -39.76 -8.79 20.31
CA SER D 98 -38.56 -9.16 21.05
C SER D 98 -38.83 -10.04 22.26
N LYS D 99 -40.05 -10.08 22.76
CA LYS D 99 -40.38 -10.93 23.89
C LYS D 99 -40.49 -12.37 23.40
N LYS D 100 -39.73 -13.28 24.01
CA LYS D 100 -39.60 -14.62 23.47
C LYS D 100 -40.89 -15.42 23.64
N ASN D 101 -41.61 -15.20 24.74
CA ASN D 101 -42.71 -16.08 25.13
C ASN D 101 -43.80 -16.12 24.07
N ILE D 102 -44.19 -14.96 23.56
CA ILE D 102 -45.23 -14.93 22.55
C ILE D 102 -44.76 -15.62 21.28
N LEU D 103 -43.49 -15.43 20.91
CA LEU D 103 -42.97 -16.11 19.73
C LEU D 103 -43.02 -17.62 19.91
N ASP D 104 -42.72 -18.11 21.11
CA ASP D 104 -42.87 -19.53 21.38
C ASP D 104 -44.32 -19.97 21.20
N ILE D 105 -45.26 -19.15 21.67
CA ILE D 105 -46.66 -19.50 21.48
C ILE D 105 -47.00 -19.62 20.01
N ILE D 106 -46.51 -18.67 19.19
CA ILE D 106 -46.85 -18.67 17.77
C ILE D 106 -46.25 -19.89 17.07
N VAL D 107 -45.00 -20.23 17.37
CA VAL D 107 -44.41 -21.39 16.70
C VAL D 107 -45.11 -22.67 17.15
N GLU D 108 -45.45 -22.77 18.44
CA GLU D 108 -46.17 -23.94 18.93
C GLU D 108 -47.53 -24.07 18.26
N GLN D 109 -48.21 -22.95 18.02
CA GLN D 109 -49.51 -23.02 17.36
C GLN D 109 -49.37 -23.30 15.87
N ARG D 110 -48.30 -22.83 15.24
CA ARG D 110 -48.02 -23.21 13.86
C ARG D 110 -47.83 -24.71 13.74
N ALA D 111 -47.06 -25.30 14.64
CA ALA D 111 -46.80 -26.73 14.60
C ALA D 111 -48.09 -27.54 14.72
N ALA D 112 -49.03 -27.06 15.53
CA ALA D 112 -50.29 -27.76 15.71
C ALA D 112 -51.21 -27.63 14.52
N ASN D 113 -51.00 -26.63 13.65
CA ASN D 113 -51.89 -26.38 12.51
C ASN D 113 -51.07 -26.22 11.24
N PRO D 114 -50.76 -27.34 10.57
CA PRO D 114 -49.94 -27.24 9.34
C PRO D 114 -50.66 -26.63 8.15
N THR D 115 -51.98 -26.54 8.17
CA THR D 115 -52.75 -26.03 7.04
C THR D 115 -52.97 -24.51 7.15
N ILE D 116 -52.63 -23.90 8.28
CA ILE D 116 -52.94 -22.51 8.56
C ILE D 116 -51.65 -21.71 8.66
N VAL D 117 -51.62 -20.53 8.05
CA VAL D 117 -50.51 -19.60 8.17
C VAL D 117 -50.78 -18.66 9.33
N ILE D 118 -49.84 -18.55 10.26
CA ILE D 118 -49.93 -17.62 11.38
C ILE D 118 -48.79 -16.63 11.23
N ASN D 119 -49.13 -15.35 11.11
CA ASN D 119 -48.13 -14.30 10.93
C ASN D 119 -48.35 -13.19 11.94
N ILE D 120 -47.25 -12.70 12.52
CA ILE D 120 -47.28 -11.61 13.48
C ILE D 120 -46.39 -10.49 12.96
N TYR D 121 -46.95 -9.29 12.85
CA TYR D 121 -46.33 -8.14 12.22
C TYR D 121 -46.34 -6.96 13.18
N PRO D 122 -45.41 -6.03 13.02
CA PRO D 122 -45.38 -4.83 13.87
C PRO D 122 -46.41 -3.81 13.40
N TYR D 123 -46.42 -2.66 14.10
CA TYR D 123 -47.42 -1.64 13.78
C TYR D 123 -47.08 -0.90 12.51
N HIS D 124 -45.81 -0.55 12.30
CA HIS D 124 -45.43 0.34 11.20
C HIS D 124 -45.73 -0.27 9.85
N LEU D 125 -45.95 -1.58 9.78
CA LEU D 125 -46.18 -2.22 8.50
C LEU D 125 -47.57 -1.89 7.96
N PHE D 126 -48.48 -1.40 8.80
CA PHE D 126 -49.85 -1.13 8.39
C PHE D 126 -50.27 0.31 8.66
N CYS D 127 -49.32 1.21 8.96
CA CYS D 127 -49.64 2.59 9.27
C CYS D 127 -49.45 3.50 8.07
N ILE D 128 -49.45 2.95 6.86
CA ILE D 128 -49.33 3.73 5.64
C ILE D 128 -49.75 2.83 4.49
N ASN D 129 -50.11 3.45 3.37
CA ASN D 129 -50.33 2.68 2.15
C ASN D 129 -48.99 2.31 1.54
N ILE D 130 -48.51 1.09 1.84
CA ILE D 130 -47.15 0.72 1.48
C ILE D 130 -46.90 0.75 -0.01
N PRO D 131 -47.77 0.21 -0.88
CA PRO D 131 -47.48 0.26 -2.31
C PRO D 131 -47.38 1.66 -2.90
N LYS D 132 -47.88 2.68 -2.21
CA LYS D 132 -47.85 4.03 -2.76
C LYS D 132 -46.66 4.85 -2.26
N VAL D 133 -45.79 4.28 -1.43
CA VAL D 133 -44.58 4.97 -1.04
C VAL D 133 -43.67 5.12 -2.26
N SER D 134 -43.10 6.31 -2.43
CA SER D 134 -42.34 6.59 -3.64
C SER D 134 -41.08 5.73 -3.74
N ALA D 135 -40.39 5.52 -2.63
CA ALA D 135 -39.13 4.79 -2.62
C ALA D 135 -39.27 3.31 -2.97
N ILE D 136 -40.46 2.75 -2.85
CA ILE D 136 -40.67 1.31 -3.01
C ILE D 136 -41.06 1.05 -4.46
N PRO D 137 -40.31 0.23 -5.21
CA PRO D 137 -40.69 -0.07 -6.60
C PRO D 137 -41.95 -0.93 -6.68
N LYS D 138 -42.40 -1.23 -7.89
CA LYS D 138 -43.62 -1.98 -8.08
C LYS D 138 -43.33 -3.47 -7.98
N HIS D 139 -43.94 -4.13 -7.01
CA HIS D 139 -43.83 -5.56 -6.81
C HIS D 139 -45.06 -6.25 -7.36
N LYS D 140 -44.89 -7.47 -7.86
CA LYS D 140 -45.98 -8.19 -8.49
C LYS D 140 -45.71 -9.69 -8.41
N LEU D 141 -46.72 -10.44 -8.03
CA LEU D 141 -46.61 -11.89 -7.93
C LEU D 141 -46.89 -12.53 -9.28
N ILE D 142 -46.03 -13.45 -9.69
CA ILE D 142 -46.20 -14.17 -10.95
C ILE D 142 -46.45 -15.63 -10.64
N THR D 143 -47.13 -16.31 -11.56
CA THR D 143 -47.54 -17.69 -11.33
C THR D 143 -46.35 -18.64 -11.48
N GLN D 144 -46.57 -19.88 -11.04
CA GLN D 144 -45.53 -20.90 -11.17
C GLN D 144 -45.26 -21.23 -12.64
N GLU D 145 -46.23 -21.03 -13.51
CA GLU D 145 -46.03 -21.35 -14.93
C GLU D 145 -45.13 -20.34 -15.62
N GLU D 146 -45.36 -19.04 -15.39
CA GLU D 146 -44.48 -18.03 -15.98
C GLU D 146 -43.08 -18.11 -15.39
N ALA D 147 -42.99 -18.34 -14.08
CA ALA D 147 -41.69 -18.52 -13.45
C ALA D 147 -40.97 -19.74 -14.02
N GLN D 148 -41.70 -20.83 -14.26
CA GLN D 148 -41.09 -22.02 -14.82
C GLN D 148 -40.58 -21.76 -16.22
N GLU D 149 -41.36 -21.05 -17.05
CA GLU D 149 -40.90 -20.78 -18.40
C GLU D 149 -39.68 -19.87 -18.39
N PHE D 150 -39.66 -18.87 -17.50
CA PHE D 150 -38.49 -18.01 -17.36
C PHE D 150 -37.25 -18.80 -16.97
N LEU D 151 -37.36 -19.63 -15.93
CA LEU D 151 -36.22 -20.40 -15.47
C LEU D 151 -35.77 -21.42 -16.50
N GLY D 152 -36.69 -21.97 -17.27
CA GLY D 152 -36.33 -22.91 -18.31
C GLY D 152 -35.57 -22.24 -19.44
N ARG D 153 -35.99 -21.05 -19.84
CA ARG D 153 -35.22 -20.32 -20.85
C ARG D 153 -33.85 -19.92 -20.32
N GLU D 154 -33.75 -19.63 -19.03
CA GLU D 154 -32.53 -19.11 -18.45
C GLU D 154 -31.61 -20.19 -17.89
N TYR D 155 -32.03 -21.46 -17.89
CA TYR D 155 -31.26 -22.57 -17.36
C TYR D 155 -30.89 -22.34 -15.89
N LEU D 156 -31.89 -22.02 -15.08
CA LEU D 156 -31.70 -21.67 -13.69
C LEU D 156 -32.60 -22.52 -12.81
N GLN D 157 -32.22 -22.66 -11.59
CA GLN D 157 -32.97 -23.20 -10.48
C GLN D 157 -33.52 -22.07 -9.63
N PRO D 158 -34.62 -22.30 -8.90
CA PRO D 158 -35.14 -21.24 -8.03
C PRO D 158 -34.16 -20.80 -6.96
N GLN D 159 -33.19 -21.63 -6.62
CA GLN D 159 -32.20 -21.31 -5.61
C GLN D 159 -31.07 -20.43 -6.15
N ASP D 160 -31.03 -20.18 -7.45
CA ASP D 160 -30.05 -19.29 -8.04
C ASP D 160 -30.47 -17.83 -8.00
N LEU D 161 -31.76 -17.56 -7.92
CA LEU D 161 -32.28 -16.21 -7.99
C LEU D 161 -31.94 -15.43 -6.73
N MET D 162 -32.02 -14.11 -6.83
CA MET D 162 -32.01 -13.29 -5.63
C MET D 162 -33.26 -13.60 -4.81
N GLN D 163 -33.11 -13.55 -3.50
CA GLN D 163 -34.20 -13.92 -2.62
C GLN D 163 -34.76 -12.71 -1.90
N ILE D 164 -36.00 -12.84 -1.45
CA ILE D 164 -36.69 -11.79 -0.71
C ILE D 164 -37.45 -12.45 0.43
N SER D 165 -37.48 -11.79 1.58
CA SER D 165 -38.19 -12.35 2.72
C SER D 165 -39.69 -12.23 2.54
N ALA D 166 -40.42 -13.22 3.07
CA ALA D 166 -41.87 -13.21 2.99
C ALA D 166 -42.49 -12.15 3.87
N SER D 167 -41.73 -11.58 4.81
CA SER D 167 -42.19 -10.51 5.66
C SER D 167 -41.69 -9.15 5.19
N ASP D 168 -41.22 -9.06 3.96
CA ASP D 168 -40.92 -7.77 3.35
C ASP D 168 -42.21 -6.99 3.15
N PRO D 169 -42.25 -5.71 3.50
CA PRO D 169 -43.53 -4.97 3.51
C PRO D 169 -44.29 -5.07 2.19
N PRO D 170 -43.67 -4.84 1.03
CA PRO D 170 -44.44 -4.99 -0.22
C PRO D 170 -44.93 -6.40 -0.44
N VAL D 171 -44.15 -7.41 -0.06
CA VAL D 171 -44.57 -8.80 -0.21
C VAL D 171 -45.70 -9.12 0.76
N VAL D 172 -45.67 -8.57 1.97
CA VAL D 172 -46.78 -8.75 2.91
C VAL D 172 -48.05 -8.17 2.33
N TRP D 173 -47.99 -6.97 1.77
CA TRP D 173 -49.17 -6.39 1.17
C TRP D 173 -49.62 -7.17 -0.06
N LEU D 174 -48.70 -7.86 -0.74
CA LEU D 174 -49.10 -8.69 -1.86
C LEU D 174 -49.72 -10.01 -1.44
N GLY D 175 -49.26 -10.60 -0.35
CA GLY D 175 -49.76 -11.89 0.10
C GLY D 175 -48.91 -13.03 -0.40
N GLY D 176 -47.61 -12.81 -0.51
CA GLY D 176 -46.71 -13.78 -1.08
C GLY D 176 -46.13 -14.76 -0.09
N ARG D 177 -46.22 -16.01 -0.39
CA ARG D 177 -45.83 -17.16 0.41
C ARG D 177 -44.46 -17.67 0.00
N PRO D 178 -43.72 -18.30 0.91
CA PRO D 178 -42.44 -18.90 0.53
C PRO D 178 -42.61 -19.95 -0.55
N GLY D 179 -41.64 -19.99 -1.47
CA GLY D 179 -41.73 -20.81 -2.66
C GLY D 179 -42.34 -20.10 -3.85
N ASP D 180 -42.70 -18.83 -3.70
CA ASP D 180 -43.28 -18.03 -4.76
C ASP D 180 -42.24 -17.09 -5.35
N PHE D 181 -42.62 -16.43 -6.44
CA PHE D 181 -41.75 -15.53 -7.18
C PHE D 181 -42.42 -14.16 -7.27
N VAL D 182 -41.62 -13.10 -7.18
CA VAL D 182 -42.12 -11.74 -7.27
C VAL D 182 -41.30 -10.99 -8.32
N GLN D 183 -41.98 -10.32 -9.25
CA GLN D 183 -41.33 -9.54 -10.30
C GLN D 183 -41.40 -8.05 -9.96
N ILE D 184 -40.28 -7.36 -10.11
CA ILE D 184 -40.14 -5.97 -9.69
C ILE D 184 -39.70 -5.13 -10.87
N GLU D 185 -40.42 -4.04 -11.10
CA GLU D 185 -40.01 -2.97 -12.01
C GLU D 185 -39.29 -1.89 -11.23
N ARG D 186 -38.03 -1.66 -11.55
CA ARG D 186 -37.34 -0.67 -10.73
C ARG D 186 -36.69 0.40 -11.57
N PRO D 187 -36.67 1.63 -11.07
CA PRO D 187 -36.07 2.74 -11.82
C PRO D 187 -34.56 2.57 -11.95
N SER D 188 -34.03 2.99 -13.09
CA SER D 188 -32.62 2.82 -13.38
C SER D 188 -32.06 4.14 -13.87
N GLU D 189 -30.89 4.49 -13.39
CA GLU D 189 -30.20 5.68 -13.88
C GLU D 189 -29.26 5.37 -15.03
N THR D 190 -29.33 4.16 -15.57
CA THR D 190 -28.53 3.75 -16.71
C THR D 190 -29.38 3.29 -17.89
N ALA D 191 -30.52 2.65 -17.65
CA ALA D 191 -31.39 2.17 -18.72
C ALA D 191 -32.84 2.64 -18.59
N MET D 192 -33.11 3.53 -17.64
CA MET D 192 -34.39 4.16 -17.32
C MET D 192 -35.39 3.23 -16.63
N HIS D 193 -35.22 1.92 -16.74
CA HIS D 193 -35.95 0.95 -15.91
C HIS D 193 -35.51 -0.47 -16.19
N ALA D 194 -35.68 -1.35 -15.20
CA ALA D 194 -35.17 -2.71 -15.23
C ALA D 194 -36.21 -3.63 -14.62
N VAL D 195 -36.12 -4.92 -14.93
CA VAL D 195 -36.99 -5.93 -14.36
C VAL D 195 -36.15 -7.03 -13.75
N VAL D 196 -36.44 -7.38 -12.49
CA VAL D 196 -35.82 -8.52 -11.82
C VAL D 196 -36.93 -9.42 -11.29
N ILE D 197 -36.56 -10.66 -11.02
CA ILE D 197 -37.45 -11.65 -10.43
C ILE D 197 -36.76 -12.23 -9.19
N ARG D 198 -37.44 -12.17 -8.06
CA ARG D 198 -36.90 -12.63 -6.80
C ARG D 198 -37.69 -13.83 -6.31
N PHE D 199 -37.07 -14.60 -5.43
CA PHE D 199 -37.64 -15.83 -4.88
C PHE D 199 -37.97 -15.60 -3.41
N ILE D 200 -39.21 -15.90 -3.03
CA ILE D 200 -39.68 -15.60 -1.68
C ILE D 200 -39.24 -16.72 -0.74
N THR D 201 -38.52 -16.37 0.30
CA THR D 201 -38.03 -17.31 1.30
C THR D 201 -38.84 -17.16 2.59
N LYS D 202 -38.42 -17.83 3.65
CA LYS D 202 -39.18 -17.82 4.89
C LYS D 202 -39.07 -16.46 5.58
N SER D 203 -40.08 -16.17 6.40
CA SER D 203 -40.20 -14.86 7.03
C SER D 203 -39.32 -14.75 8.28
N LYS D 204 -39.20 -13.51 8.77
CA LYS D 204 -38.33 -13.25 9.91
C LYS D 204 -38.81 -13.95 11.17
N ILE D 205 -40.11 -13.94 11.40
CA ILE D 205 -40.67 -14.53 12.62
C ILE D 205 -41.76 -15.54 12.28
N SER E 42 -13.35 -43.94 12.36
CA SER E 42 -12.72 -45.25 12.35
C SER E 42 -12.03 -45.58 11.01
N PRO E 43 -12.70 -45.37 9.86
CA PRO E 43 -12.02 -45.61 8.59
C PRO E 43 -11.26 -44.38 8.11
N SER E 44 -10.65 -44.48 6.94
CA SER E 44 -10.00 -43.34 6.32
C SER E 44 -11.00 -42.59 5.44
N ILE E 45 -10.70 -41.31 5.20
CA ILE E 45 -11.57 -40.50 4.38
C ILE E 45 -11.65 -41.05 2.95
N CYS E 46 -10.56 -41.65 2.48
CA CYS E 46 -10.50 -42.16 1.11
C CYS E 46 -11.49 -43.29 0.87
N GLU E 47 -11.86 -44.03 1.91
CA GLU E 47 -12.81 -45.14 1.75
C GLU E 47 -14.18 -44.64 1.31
N GLY E 48 -14.74 -43.69 2.05
CA GLY E 48 -16.05 -43.16 1.72
C GLY E 48 -16.08 -42.18 0.58
N PHE E 49 -14.92 -41.75 0.10
CA PHE E 49 -14.87 -40.82 -1.02
C PHE E 49 -15.33 -41.51 -2.29
N VAL E 50 -16.21 -40.83 -3.04
CA VAL E 50 -16.68 -41.30 -4.34
C VAL E 50 -16.21 -40.30 -5.37
N GLN E 51 -15.52 -40.78 -6.40
CA GLN E 51 -15.10 -39.88 -7.47
C GLN E 51 -16.33 -39.39 -8.23
N ALA E 52 -16.20 -38.20 -8.80
CA ALA E 52 -17.29 -37.63 -9.57
C ALA E 52 -17.60 -38.53 -10.77
N SER E 53 -18.88 -38.80 -10.97
CA SER E 53 -19.29 -39.63 -12.10
C SER E 53 -19.05 -38.90 -13.40
N SER E 54 -18.69 -39.66 -14.43
CA SER E 54 -18.42 -39.05 -15.73
C SER E 54 -19.71 -38.49 -16.33
N GLN E 55 -19.54 -37.53 -17.23
CA GLN E 55 -20.65 -36.75 -17.77
C GLN E 55 -20.89 -37.06 -19.24
N THR E 56 -22.00 -36.54 -19.74
CA THR E 56 -22.36 -36.60 -21.15
C THR E 56 -22.36 -35.19 -21.72
N LEU E 57 -21.90 -35.05 -22.95
CA LEU E 57 -21.84 -33.75 -23.59
C LEU E 57 -23.10 -33.54 -24.42
N VAL E 58 -24.00 -32.70 -23.93
CA VAL E 58 -25.23 -32.38 -24.64
C VAL E 58 -25.04 -31.08 -25.40
N ILE E 59 -25.18 -31.14 -26.71
CA ILE E 59 -24.89 -30.02 -27.59
C ILE E 59 -26.20 -29.41 -28.02
N ILE E 60 -26.40 -28.14 -27.68
CA ILE E 60 -27.62 -27.44 -28.06
C ILE E 60 -27.70 -27.33 -29.58
N PRO E 61 -28.82 -27.67 -30.21
CA PRO E 61 -28.91 -27.60 -31.67
C PRO E 61 -28.76 -26.18 -32.19
N ASP E 62 -28.27 -26.09 -33.43
CA ASP E 62 -27.80 -24.82 -33.97
C ASP E 62 -28.88 -23.75 -33.98
N ASN E 63 -30.14 -24.14 -34.14
CA ASN E 63 -31.20 -23.15 -34.23
C ASN E 63 -31.77 -22.75 -32.86
N GLU E 64 -31.22 -23.29 -31.77
CA GLU E 64 -31.67 -22.96 -30.43
C GLU E 64 -30.62 -22.21 -29.63
N ARG E 65 -29.53 -21.78 -30.26
CA ARG E 65 -28.45 -21.14 -29.55
C ARG E 65 -28.82 -19.72 -29.16
N ILE E 66 -28.45 -19.34 -27.94
CA ILE E 66 -28.88 -18.09 -27.33
C ILE E 66 -27.77 -17.06 -27.25
N THR E 67 -26.51 -17.49 -27.22
CA THR E 67 -25.38 -16.56 -27.09
C THR E 67 -25.11 -15.86 -28.42
N SER E 68 -24.24 -14.86 -28.36
CA SER E 68 -24.05 -13.99 -29.51
C SER E 68 -23.21 -14.64 -30.58
N ASN E 69 -23.50 -14.29 -31.83
CA ASN E 69 -22.77 -14.75 -32.99
C ASN E 69 -21.53 -13.93 -33.26
N VAL E 70 -21.16 -13.05 -32.35
CA VAL E 70 -19.97 -12.23 -32.44
C VAL E 70 -19.01 -12.72 -31.37
N LEU E 71 -17.75 -12.91 -31.74
CA LEU E 71 -16.73 -13.29 -30.78
C LEU E 71 -16.48 -12.17 -29.79
N THR E 72 -16.25 -12.52 -28.53
CA THR E 72 -15.77 -11.51 -27.62
C THR E 72 -14.29 -11.30 -27.86
N THR E 73 -13.77 -10.19 -27.35
CA THR E 73 -12.35 -9.90 -27.49
C THR E 73 -11.51 -10.97 -26.81
N PHE E 74 -12.01 -11.49 -25.68
CA PHE E 74 -11.36 -12.60 -24.99
C PHE E 74 -11.29 -13.86 -25.87
N GLU E 75 -12.39 -14.19 -26.55
CA GLU E 75 -12.42 -15.41 -27.36
C GLU E 75 -11.54 -15.29 -28.59
N ALA E 76 -11.56 -14.14 -29.25
CA ALA E 76 -10.66 -13.93 -30.39
C ALA E 76 -9.20 -13.96 -29.96
N THR E 77 -8.87 -13.34 -28.83
CA THR E 77 -7.50 -13.37 -28.33
C THR E 77 -7.05 -14.80 -28.04
N ARG E 78 -7.90 -15.58 -27.37
CA ARG E 78 -7.56 -16.97 -27.08
C ARG E 78 -7.41 -17.81 -28.34
N LEU E 79 -8.30 -17.60 -29.33
CA LEU E 79 -8.18 -18.33 -30.58
C LEU E 79 -6.84 -18.05 -31.26
N VAL E 80 -6.47 -16.78 -31.37
CA VAL E 80 -5.20 -16.43 -32.01
C VAL E 80 -4.02 -16.98 -31.22
N ALA E 81 -4.06 -16.91 -29.89
CA ALA E 81 -2.94 -17.39 -29.09
C ALA E 81 -2.76 -18.90 -29.23
N VAL E 82 -3.85 -19.66 -29.16
CA VAL E 82 -3.77 -21.10 -29.30
C VAL E 82 -3.24 -21.47 -30.68
N ARG E 83 -3.76 -20.81 -31.71
CA ARG E 83 -3.32 -21.10 -33.07
C ARG E 83 -1.85 -20.77 -33.26
N ALA E 84 -1.38 -19.66 -32.69
CA ALA E 84 0.01 -19.28 -32.86
C ALA E 84 0.95 -20.27 -32.19
N GLN E 85 0.61 -20.74 -30.99
CA GLN E 85 1.44 -21.75 -30.35
C GLN E 85 1.43 -23.05 -31.13
N GLN E 86 0.29 -23.46 -31.65
CA GLN E 86 0.26 -24.68 -32.42
C GLN E 86 0.96 -24.57 -33.76
N LEU E 87 1.09 -23.35 -34.31
CA LEU E 87 1.96 -23.15 -35.47
C LEU E 87 3.42 -23.17 -35.08
N ALA E 88 3.76 -22.70 -33.88
CA ALA E 88 5.10 -22.89 -33.38
C ALA E 88 5.42 -24.35 -33.17
N ILE E 89 4.40 -25.21 -33.09
CA ILE E 89 4.63 -26.65 -33.02
C ILE E 89 4.71 -27.27 -34.42
N ASN E 90 3.70 -27.01 -35.24
CA ASN E 90 3.55 -27.73 -36.51
C ASN E 90 4.09 -26.95 -37.70
N GLY E 91 3.48 -25.80 -38.01
CA GLY E 91 3.87 -25.01 -39.15
C GLY E 91 3.02 -25.16 -40.38
N SER E 92 2.08 -26.09 -40.41
CA SER E 92 1.22 -26.30 -41.56
C SER E 92 0.02 -25.37 -41.49
N THR E 93 -0.24 -24.64 -42.58
CA THR E 93 -1.33 -23.68 -42.66
C THR E 93 -1.94 -23.70 -44.05
N MET E 94 -3.15 -23.16 -44.18
CA MET E 94 -3.77 -22.91 -45.47
C MET E 94 -3.66 -21.47 -45.92
N LEU E 95 -3.06 -20.61 -45.11
CA LEU E 95 -2.94 -19.20 -45.46
C LEU E 95 -1.97 -19.05 -46.63
N LYS E 96 -2.48 -18.52 -47.75
CA LYS E 96 -1.70 -18.52 -48.98
C LYS E 96 -0.47 -17.62 -48.88
N LYS E 97 -0.65 -16.41 -48.37
CA LYS E 97 0.45 -15.46 -48.27
C LYS E 97 1.44 -15.92 -47.21
N LYS E 98 2.71 -15.57 -47.41
CA LYS E 98 3.79 -16.05 -46.56
C LYS E 98 4.14 -15.02 -45.49
N TYR E 99 4.26 -15.49 -44.26
CA TYR E 99 4.66 -14.66 -43.12
C TYR E 99 5.75 -15.37 -42.36
N SER E 100 6.52 -14.60 -41.59
CA SER E 100 7.67 -15.15 -40.87
C SER E 100 7.40 -15.31 -39.37
N SER E 101 6.18 -15.10 -38.92
CA SER E 101 5.85 -15.21 -37.51
C SER E 101 4.60 -16.05 -37.34
N PRO E 102 4.52 -16.85 -36.28
CA PRO E 102 3.25 -17.56 -35.99
C PRO E 102 2.11 -16.62 -35.69
N ILE E 103 2.39 -15.48 -35.08
CA ILE E 103 1.34 -14.55 -34.66
C ILE E 103 0.69 -13.90 -35.88
N ASP E 104 1.49 -13.52 -36.87
CA ASP E 104 0.93 -12.94 -38.09
C ASP E 104 0.09 -13.96 -38.85
N ILE E 105 0.57 -15.20 -38.93
CA ILE E 105 -0.19 -16.25 -39.60
C ILE E 105 -1.52 -16.47 -38.89
N ALA E 106 -1.51 -16.54 -37.56
CA ALA E 106 -2.74 -16.80 -36.82
C ALA E 106 -3.72 -15.65 -36.96
N LYS E 107 -3.24 -14.41 -36.86
CA LYS E 107 -4.13 -13.26 -37.01
C LYS E 107 -4.77 -13.23 -38.39
N GLN E 108 -3.97 -13.46 -39.43
CA GLN E 108 -4.54 -13.44 -40.78
C GLN E 108 -5.46 -14.62 -41.03
N GLU E 109 -5.19 -15.76 -40.39
CA GLU E 109 -6.11 -16.88 -40.48
C GLU E 109 -7.45 -16.53 -39.85
N LEU E 110 -7.45 -15.85 -38.71
CA LEU E 110 -8.71 -15.44 -38.10
C LEU E 110 -9.44 -14.43 -38.97
N PHE E 111 -8.74 -13.43 -39.49
CA PHE E 111 -9.40 -12.39 -40.27
C PHE E 111 -9.93 -12.92 -41.58
N ASN E 112 -9.28 -13.93 -42.15
CA ASN E 112 -9.65 -14.51 -43.43
C ASN E 112 -10.46 -15.79 -43.30
N ARG E 113 -10.88 -16.13 -42.09
CA ARG E 113 -11.85 -17.21 -41.86
C ARG E 113 -11.30 -18.57 -42.32
N LYS E 114 -10.11 -18.89 -41.80
CA LYS E 114 -9.43 -20.15 -42.10
C LYS E 114 -8.94 -20.87 -40.86
N ILE E 115 -9.30 -20.40 -39.67
CA ILE E 115 -8.72 -20.91 -38.44
C ILE E 115 -9.41 -22.22 -38.04
N PRO E 116 -8.66 -23.30 -37.84
CA PRO E 116 -9.26 -24.63 -37.64
C PRO E 116 -9.56 -24.95 -36.18
N LEU E 117 -10.36 -24.10 -35.53
CA LEU E 117 -10.71 -24.28 -34.14
C LEU E 117 -12.19 -23.98 -33.96
N LEU E 118 -12.73 -24.42 -32.83
CA LEU E 118 -14.12 -24.16 -32.47
C LEU E 118 -14.19 -23.60 -31.06
N VAL E 119 -15.27 -22.89 -30.77
CA VAL E 119 -15.49 -22.28 -29.46
C VAL E 119 -16.61 -23.04 -28.76
N MET E 120 -16.33 -23.55 -27.56
CA MET E 120 -17.32 -24.26 -26.75
C MET E 120 -17.74 -23.38 -25.59
N ARG E 121 -19.02 -23.09 -25.50
CA ARG E 121 -19.59 -22.25 -24.46
C ARG E 121 -20.43 -23.14 -23.55
N CYS E 122 -19.96 -23.37 -22.34
CA CYS E 122 -20.64 -24.27 -21.42
C CYS E 122 -21.77 -23.53 -20.72
N ILE E 123 -23.00 -23.97 -20.93
CA ILE E 123 -24.14 -23.27 -20.36
C ILE E 123 -24.44 -23.77 -18.96
N LYS E 124 -24.59 -25.08 -18.79
CA LYS E 124 -24.98 -25.63 -17.49
C LYS E 124 -24.41 -27.02 -17.32
N VAL E 125 -24.20 -27.41 -16.06
CA VAL E 125 -23.85 -28.78 -15.68
C VAL E 125 -24.99 -29.32 -14.83
N THR E 126 -25.84 -30.13 -15.45
CA THR E 126 -26.97 -30.75 -14.76
C THR E 126 -26.46 -31.74 -13.71
N PRO E 127 -27.10 -31.85 -12.56
CA PRO E 127 -26.66 -32.86 -11.58
C PRO E 127 -27.12 -34.29 -11.82
N GLU E 128 -27.80 -34.57 -12.93
CA GLU E 128 -27.85 -35.94 -13.44
C GLU E 128 -26.66 -36.27 -14.32
N GLY E 129 -25.70 -35.36 -14.45
CA GLY E 129 -24.46 -35.67 -15.13
C GLY E 129 -24.42 -35.26 -16.59
N GLN E 130 -24.95 -34.09 -16.91
CA GLN E 130 -24.91 -33.59 -18.27
C GLN E 130 -24.10 -32.31 -18.33
N LYS E 131 -23.56 -32.04 -19.51
CA LYS E 131 -22.84 -30.81 -19.78
C LYS E 131 -23.45 -30.19 -21.03
N ILE E 132 -24.34 -29.22 -20.84
CA ILE E 132 -25.04 -28.59 -21.95
C ILE E 132 -24.16 -27.47 -22.49
N VAL E 133 -23.81 -27.55 -23.78
CA VAL E 133 -22.86 -26.62 -24.38
C VAL E 133 -23.39 -26.12 -25.71
N GLU E 134 -22.86 -24.97 -26.11
CA GLU E 134 -23.08 -24.39 -27.43
C GLU E 134 -21.76 -24.37 -28.18
N ILE E 135 -21.74 -24.91 -29.39
CA ILE E 135 -20.55 -24.92 -30.23
C ILE E 135 -20.70 -23.81 -31.26
N TRP E 136 -19.70 -22.95 -31.36
CA TRP E 136 -19.71 -21.83 -32.28
C TRP E 136 -18.53 -21.94 -33.22
N ASN E 137 -18.76 -21.64 -34.50
CA ASN E 137 -17.73 -21.73 -35.51
C ASN E 137 -17.15 -20.35 -35.78
N PRO E 138 -15.91 -20.07 -35.38
CA PRO E 138 -15.36 -18.72 -35.56
C PRO E 138 -15.22 -18.32 -37.01
N ARG E 139 -15.23 -19.28 -37.92
CA ARG E 139 -15.16 -18.96 -39.34
C ARG E 139 -16.46 -18.38 -39.86
N GLU E 140 -17.54 -18.44 -39.07
CA GLU E 140 -18.85 -17.94 -39.47
C GLU E 140 -19.38 -16.88 -38.53
N MET E 141 -18.53 -16.27 -37.72
CA MET E 141 -18.93 -15.36 -36.67
C MET E 141 -18.45 -13.96 -36.99
N GLY E 142 -19.01 -12.98 -36.29
CA GLY E 142 -18.47 -11.64 -36.34
C GLY E 142 -17.22 -11.54 -35.49
N ILE E 143 -16.26 -10.78 -36.00
CA ILE E 143 -14.95 -10.65 -35.36
C ILE E 143 -14.82 -9.24 -34.79
N PRO E 144 -14.40 -9.10 -33.54
CA PRO E 144 -14.26 -7.76 -32.95
C PRO E 144 -13.09 -6.99 -33.55
N LEU E 145 -13.03 -5.71 -33.19
CA LEU E 145 -11.97 -4.81 -33.61
C LEU E 145 -10.74 -5.08 -32.76
N LEU E 146 -9.70 -5.63 -33.37
CA LEU E 146 -8.43 -5.90 -32.72
C LEU E 146 -7.39 -5.09 -33.47
N ASP E 147 -7.29 -3.81 -33.13
CA ASP E 147 -6.52 -2.85 -33.93
C ASP E 147 -5.09 -3.31 -34.19
N MET F 1 -8.38 -66.84 -17.09
CA MET F 1 -9.47 -66.78 -18.07
C MET F 1 -9.34 -65.48 -18.87
N ILE F 2 -9.95 -65.45 -20.04
CA ILE F 2 -9.87 -64.31 -20.96
C ILE F 2 -11.27 -63.74 -21.14
N ASP F 3 -11.43 -62.43 -20.98
CA ASP F 3 -12.72 -61.80 -21.20
C ASP F 3 -12.51 -60.35 -21.60
N GLN F 4 -13.59 -59.59 -21.60
CA GLN F 4 -13.60 -58.20 -22.01
C GLN F 4 -13.60 -57.28 -20.79
N LYS F 5 -13.23 -56.03 -21.02
CA LYS F 5 -13.24 -55.01 -19.98
C LYS F 5 -13.44 -53.66 -20.65
N ILE F 6 -13.97 -52.70 -19.90
CA ILE F 6 -14.18 -51.35 -20.39
C ILE F 6 -13.42 -50.39 -19.49
N PHE F 7 -12.52 -49.61 -20.08
CA PHE F 7 -11.64 -48.69 -19.36
C PHE F 7 -11.94 -47.26 -19.77
N GLU F 8 -11.64 -46.33 -18.86
CA GLU F 8 -11.71 -44.90 -19.15
C GLU F 8 -10.35 -44.29 -18.87
N THR F 9 -9.89 -43.41 -19.76
CA THR F 9 -8.60 -42.77 -19.59
C THR F 9 -8.59 -41.42 -20.30
N THR F 10 -7.59 -40.60 -19.97
CA THR F 10 -7.35 -39.33 -20.63
C THR F 10 -6.00 -39.40 -21.34
N LEU F 11 -5.97 -39.01 -22.60
CA LEU F 11 -4.75 -39.01 -23.39
C LEU F 11 -4.28 -37.58 -23.66
N ASN F 12 -3.00 -37.33 -23.41
CA ASN F 12 -2.37 -36.08 -23.79
C ASN F 12 -1.96 -36.16 -25.26
N ILE F 13 -2.32 -35.13 -26.02
CA ILE F 13 -1.98 -35.03 -27.43
C ILE F 13 -0.95 -33.92 -27.59
N ASP F 14 0.24 -34.26 -28.08
CA ASP F 14 1.31 -33.29 -28.21
C ASP F 14 1.31 -32.57 -29.54
N ASP F 15 0.41 -32.92 -30.46
CA ASP F 15 0.34 -32.28 -31.77
C ASP F 15 -1.09 -32.35 -32.27
N PRO F 16 -1.98 -31.50 -31.74
CA PRO F 16 -3.41 -31.65 -32.05
C PRO F 16 -3.75 -31.50 -33.53
N THR F 17 -3.04 -30.63 -34.26
CA THR F 17 -3.37 -30.42 -35.66
C THR F 17 -3.11 -31.69 -36.47
N ASN F 18 -1.99 -32.37 -36.20
CA ASN F 18 -1.71 -33.63 -36.86
C ASN F 18 -2.61 -34.75 -36.36
N PHE F 19 -2.86 -34.79 -35.05
CA PHE F 19 -3.67 -35.86 -34.49
C PHE F 19 -5.07 -35.85 -35.07
N CYS F 20 -5.64 -34.67 -35.26
CA CYS F 20 -7.01 -34.57 -35.76
C CYS F 20 -7.13 -34.79 -37.26
N THR F 21 -6.06 -35.19 -37.94
CA THR F 21 -6.18 -35.59 -39.34
C THR F 21 -6.82 -36.97 -39.48
N ASN F 22 -6.59 -37.87 -38.52
CA ASN F 22 -7.22 -39.19 -38.49
C ASN F 22 -7.33 -39.57 -37.01
N VAL F 23 -8.48 -39.24 -36.41
CA VAL F 23 -8.61 -39.37 -34.96
C VAL F 23 -8.65 -40.83 -34.54
N GLU F 24 -9.40 -41.66 -35.25
CA GLU F 24 -9.59 -43.04 -34.84
C GLU F 24 -8.28 -43.83 -34.91
N ALA F 25 -7.55 -43.69 -36.02
CA ALA F 25 -6.31 -44.44 -36.16
C ALA F 25 -5.26 -43.99 -35.15
N HIS F 26 -5.07 -42.68 -35.01
CA HIS F 26 -4.10 -42.18 -34.05
C HIS F 26 -4.48 -42.59 -32.63
N LEU F 27 -5.77 -42.53 -32.31
CA LEU F 27 -6.25 -42.94 -30.99
C LEU F 27 -5.95 -44.39 -30.71
N LEU F 28 -6.25 -45.28 -31.66
CA LEU F 28 -5.94 -46.69 -31.48
C LEU F 28 -4.44 -46.93 -31.31
N LYS F 29 -3.62 -46.24 -32.12
CA LYS F 29 -2.18 -46.41 -32.01
C LYS F 29 -1.69 -46.01 -30.63
N GLU F 30 -2.15 -44.87 -30.11
CA GLU F 30 -1.64 -44.39 -28.83
C GLU F 30 -2.14 -45.26 -27.69
N LEU F 31 -3.38 -45.74 -27.77
CA LEU F 31 -3.87 -46.66 -26.76
C LEU F 31 -3.03 -47.93 -26.75
N GLU F 32 -2.71 -48.47 -27.93
CA GLU F 32 -1.90 -49.67 -27.99
C GLU F 32 -0.49 -49.41 -27.45
N ASN F 33 0.08 -48.25 -27.74
CA ASN F 33 1.41 -47.94 -27.23
C ASN F 33 1.42 -47.78 -25.72
N ILE F 34 0.33 -47.33 -25.12
CA ILE F 34 0.37 -47.11 -23.67
C ILE F 34 -0.02 -48.36 -22.90
N TYR F 35 -1.06 -49.09 -23.32
CA TYR F 35 -1.70 -50.04 -22.43
C TYR F 35 -1.44 -51.51 -22.75
N VAL F 36 -0.97 -51.84 -23.95
CA VAL F 36 -0.82 -53.25 -24.32
C VAL F 36 0.29 -53.88 -23.50
N GLY F 37 -0.02 -55.01 -22.87
CA GLY F 37 0.98 -55.75 -22.13
C GLY F 37 1.32 -55.20 -20.77
N LYS F 38 0.42 -54.47 -20.13
CA LYS F 38 0.68 -53.87 -18.84
C LYS F 38 -0.51 -54.11 -17.92
N CYS F 39 -0.29 -53.87 -16.64
CA CYS F 39 -1.34 -54.01 -15.64
C CYS F 39 -1.99 -52.66 -15.37
N PHE F 40 -3.32 -52.64 -15.34
CA PHE F 40 -4.06 -51.40 -15.12
C PHE F 40 -5.41 -51.75 -14.52
N LYS F 41 -5.66 -51.26 -13.31
CA LYS F 41 -6.93 -51.43 -12.63
C LYS F 41 -7.26 -52.91 -12.41
N ASN F 42 -6.35 -53.59 -11.72
CA ASN F 42 -6.53 -54.99 -11.30
C ASN F 42 -6.78 -55.92 -12.48
N SER F 43 -5.99 -55.77 -13.53
CA SER F 43 -6.12 -56.61 -14.72
C SER F 43 -4.86 -56.50 -15.55
N PHE F 44 -4.79 -57.30 -16.62
CA PHE F 44 -3.69 -57.27 -17.57
C PHE F 44 -4.27 -57.13 -18.98
N ILE F 45 -3.81 -56.12 -19.70
CA ILE F 45 -4.37 -55.80 -21.02
C ILE F 45 -3.62 -56.57 -22.09
N LEU F 46 -4.36 -57.22 -23.00
CA LEU F 46 -3.79 -57.97 -24.09
C LEU F 46 -3.97 -57.29 -25.44
N ASN F 47 -5.19 -56.85 -25.74
CA ASN F 47 -5.49 -56.18 -27.00
C ASN F 47 -6.45 -55.03 -26.72
N ILE F 48 -6.51 -54.10 -27.66
CA ILE F 48 -7.49 -53.03 -27.64
C ILE F 48 -8.58 -53.44 -28.62
N THR F 49 -9.76 -53.81 -28.10
CA THR F 49 -10.86 -54.21 -28.98
C THR F 49 -11.39 -53.04 -29.78
N GLY F 50 -11.61 -51.91 -29.12
CA GLY F 50 -12.12 -50.74 -29.83
C GLY F 50 -12.43 -49.63 -28.86
N VAL F 51 -12.76 -48.47 -29.43
CA VAL F 51 -13.05 -47.27 -28.66
C VAL F 51 -14.55 -47.08 -28.63
N ILE F 52 -15.14 -47.27 -27.45
CA ILE F 52 -16.58 -47.16 -27.28
C ILE F 52 -17.02 -45.71 -27.41
N GLN F 53 -16.33 -44.79 -26.73
CA GLN F 53 -16.82 -43.43 -26.54
C GLN F 53 -15.64 -42.51 -26.32
N ARG F 54 -15.71 -41.30 -26.88
CA ARG F 54 -14.62 -40.34 -26.76
C ARG F 54 -15.18 -38.93 -26.69
N SER F 55 -14.34 -38.00 -26.26
CA SER F 55 -14.67 -36.58 -26.21
C SER F 55 -14.03 -35.86 -27.37
N PRO F 56 -14.37 -34.58 -27.57
CA PRO F 56 -13.57 -33.76 -28.50
C PRO F 56 -12.15 -33.60 -28.02
N CYS F 57 -11.33 -32.98 -28.86
CA CYS F 57 -9.95 -32.68 -28.49
C CYS F 57 -9.90 -31.29 -27.86
N PHE F 58 -9.91 -31.24 -26.55
CA PHE F 58 -9.80 -29.99 -25.83
C PHE F 58 -8.37 -29.49 -25.78
N ILE F 59 -8.20 -28.19 -25.84
CA ILE F 59 -6.89 -27.56 -25.69
C ILE F 59 -6.62 -27.36 -24.21
N MET F 60 -5.40 -27.66 -23.79
CA MET F 60 -5.03 -27.52 -22.39
C MET F 60 -5.15 -26.07 -21.95
N ARG F 61 -5.58 -25.86 -20.72
CA ARG F 61 -6.04 -24.56 -20.26
C ARG F 61 -5.16 -23.96 -19.17
N THR F 62 -4.41 -24.75 -18.43
CA THR F 62 -3.66 -24.26 -17.29
C THR F 62 -2.18 -24.07 -17.58
N ASN F 63 -1.78 -24.14 -18.84
CA ASN F 63 -0.41 -23.85 -19.23
C ASN F 63 -0.42 -23.36 -20.66
N ASN F 64 0.70 -22.78 -21.09
CA ASN F 64 0.80 -22.16 -22.40
C ASN F 64 1.38 -23.09 -23.45
N SER F 65 1.28 -24.39 -23.27
CA SER F 65 1.87 -25.34 -24.20
C SER F 65 1.11 -25.47 -25.51
N GLY F 66 -0.19 -25.22 -25.52
CA GLY F 66 -0.96 -25.39 -26.74
C GLY F 66 -1.30 -26.81 -27.07
N ARG F 67 -1.20 -27.71 -26.11
CA ARG F 67 -1.38 -29.14 -26.30
C ARG F 67 -2.81 -29.54 -26.03
N GLY F 68 -3.20 -30.71 -26.53
CA GLY F 68 -4.56 -31.19 -26.42
C GLY F 68 -4.69 -32.33 -25.43
N TYR F 69 -5.93 -32.71 -25.17
CA TYR F 69 -6.20 -33.90 -24.40
C TYR F 69 -7.57 -34.43 -24.80
N MET F 70 -7.77 -35.72 -24.55
CA MET F 70 -8.98 -36.40 -24.96
C MET F 70 -9.36 -37.42 -23.89
N HIS F 71 -10.65 -37.55 -23.65
CA HIS F 71 -11.15 -38.62 -22.79
C HIS F 71 -11.62 -39.77 -23.67
N VAL F 72 -11.19 -40.98 -23.33
CA VAL F 72 -11.48 -42.17 -24.14
C VAL F 72 -12.09 -43.23 -23.24
N ARG F 73 -13.13 -43.87 -23.72
CA ARG F 73 -13.71 -45.06 -23.10
C ARG F 73 -13.56 -46.20 -24.11
N PHE F 74 -12.67 -47.15 -23.80
CA PHE F 74 -12.32 -48.18 -24.76
C PHE F 74 -12.53 -49.56 -24.17
N SER F 75 -12.76 -50.52 -25.05
CA SER F 75 -12.99 -51.92 -24.69
C SER F 75 -11.72 -52.72 -24.97
N ALA F 76 -11.32 -53.53 -23.99
CA ALA F 76 -10.05 -54.25 -24.09
C ALA F 76 -10.24 -55.72 -23.74
N VAL F 77 -9.41 -56.57 -24.35
CA VAL F 77 -9.34 -57.98 -23.98
C VAL F 77 -8.32 -58.13 -22.87
N VAL F 78 -8.76 -58.60 -21.71
CA VAL F 78 -7.92 -58.70 -20.53
C VAL F 78 -7.93 -60.14 -20.04
N SER F 79 -6.93 -60.48 -19.22
CA SER F 79 -6.76 -61.82 -18.69
C SER F 79 -6.60 -61.73 -17.19
N TYR F 80 -7.70 -61.94 -16.47
CA TYR F 80 -7.69 -61.88 -15.01
C TYR F 80 -7.67 -63.30 -14.45
N LEU F 81 -6.62 -63.61 -13.70
CA LEU F 81 -6.47 -64.92 -13.08
C LEU F 81 -7.33 -65.00 -11.82
N ASN F 82 -7.90 -66.19 -11.58
CA ASN F 82 -8.71 -66.40 -10.39
C ASN F 82 -7.87 -66.98 -9.26
N ALA F 83 -8.40 -66.88 -8.04
CA ALA F 83 -7.71 -67.40 -6.88
C ALA F 83 -7.69 -68.92 -6.88
N PHE F 84 -6.57 -69.49 -6.46
CA PHE F 84 -6.35 -70.94 -6.49
C PHE F 84 -6.49 -71.49 -7.90
N ASP F 85 -5.97 -70.75 -8.88
CA ASP F 85 -5.90 -71.23 -10.25
C ASP F 85 -4.70 -72.16 -10.42
N LEU F 86 -4.59 -72.75 -11.61
CA LEU F 86 -3.63 -73.84 -11.85
C LEU F 86 -2.96 -73.63 -13.21
N ILE F 87 -1.65 -73.37 -13.19
CA ILE F 87 -0.86 -73.16 -14.39
C ILE F 87 0.03 -74.37 -14.61
N ALA F 88 0.26 -74.70 -15.88
CA ALA F 88 0.92 -75.95 -16.25
C ALA F 88 2.40 -75.80 -16.55
N ALA F 89 2.88 -74.60 -16.85
CA ALA F 89 4.28 -74.41 -17.24
C ALA F 89 4.88 -73.25 -16.45
N VAL F 90 6.12 -73.44 -15.99
CA VAL F 90 6.90 -72.37 -15.38
C VAL F 90 8.36 -72.79 -15.41
N LYS F 91 9.26 -71.88 -15.81
CA LYS F 91 10.69 -72.11 -15.76
C LYS F 91 11.26 -71.38 -14.55
N ILE F 92 11.73 -72.14 -13.57
CA ILE F 92 12.37 -71.53 -12.40
C ILE F 92 13.70 -70.92 -12.83
N ILE F 93 13.86 -69.62 -12.58
CA ILE F 93 15.07 -68.90 -12.95
C ILE F 93 15.98 -68.80 -11.73
N LYS F 94 15.42 -68.32 -10.63
CA LYS F 94 16.17 -68.05 -9.42
C LYS F 94 15.73 -69.02 -8.34
N ASN F 95 16.69 -69.75 -7.78
CA ASN F 95 16.44 -70.78 -6.77
C ASN F 95 17.43 -70.55 -5.64
N ASP F 96 17.10 -69.63 -4.74
CA ASP F 96 17.94 -69.22 -3.64
C ASP F 96 17.36 -69.74 -2.32
N SER F 97 17.96 -69.31 -1.20
CA SER F 97 17.50 -69.75 0.10
C SER F 97 16.20 -69.08 0.52
N ASN F 98 15.93 -67.87 0.03
CA ASN F 98 14.76 -67.11 0.46
C ASN F 98 13.52 -67.41 -0.37
N ILE F 99 13.62 -67.32 -1.69
CA ILE F 99 12.47 -67.41 -2.57
C ILE F 99 12.82 -68.27 -3.79
N ILE F 100 11.77 -68.79 -4.43
CA ILE F 100 11.90 -69.56 -5.67
C ILE F 100 11.18 -68.79 -6.76
N LEU F 101 11.91 -68.45 -7.82
CA LEU F 101 11.46 -67.49 -8.81
C LEU F 101 11.27 -68.20 -10.15
N GLY F 102 10.13 -67.97 -10.79
CA GLY F 102 9.84 -68.51 -12.10
C GLY F 102 8.92 -67.60 -12.88
N GLU F 103 8.68 -67.99 -14.13
CA GLU F 103 7.78 -67.26 -15.03
C GLU F 103 6.95 -68.23 -15.85
N SER F 104 5.72 -67.83 -16.16
CA SER F 104 4.85 -68.65 -16.99
C SER F 104 5.23 -68.55 -18.48
N LEU F 105 4.81 -69.55 -19.25
CA LEU F 105 5.16 -69.67 -20.67
C LEU F 105 3.93 -69.60 -21.56
N LEU F 106 2.93 -70.44 -21.31
CA LEU F 106 1.88 -70.71 -22.28
C LEU F 106 0.69 -69.77 -22.12
N THR F 107 0.45 -69.27 -20.92
CA THR F 107 -0.55 -68.21 -20.72
C THR F 107 0.10 -66.81 -20.82
N GLU F 108 -0.61 -65.81 -20.31
CA GLU F 108 -0.10 -64.45 -20.35
C GLU F 108 1.06 -64.28 -19.37
N PRO F 109 1.89 -63.24 -19.56
CA PRO F 109 3.04 -63.04 -18.66
C PRO F 109 2.63 -62.92 -17.21
N VAL F 110 3.00 -63.93 -16.42
CA VAL F 110 2.80 -63.96 -14.98
C VAL F 110 4.09 -64.44 -14.32
N THR F 111 4.48 -63.77 -13.24
CA THR F 111 5.65 -64.17 -12.47
C THR F 111 5.18 -64.77 -11.15
N ILE F 112 5.66 -65.98 -10.83
CA ILE F 112 5.24 -66.70 -9.65
C ILE F 112 6.44 -66.89 -8.75
N VAL F 113 6.33 -66.42 -7.51
CA VAL F 113 7.39 -66.54 -6.51
C VAL F 113 6.91 -67.53 -5.45
N ILE F 114 7.52 -68.70 -5.41
CA ILE F 114 7.13 -69.76 -4.49
C ILE F 114 7.91 -69.57 -3.20
N PRO F 115 7.25 -69.47 -2.05
CA PRO F 115 7.98 -69.32 -0.78
C PRO F 115 8.91 -70.50 -0.56
N SER F 116 10.21 -70.21 -0.50
CA SER F 116 11.21 -71.26 -0.38
C SER F 116 11.09 -71.92 1.00
N SER F 117 10.66 -73.17 1.00
CA SER F 117 10.58 -73.96 2.22
C SER F 117 11.75 -74.95 2.26
N GLU F 118 11.77 -75.74 3.33
CA GLU F 118 12.86 -76.70 3.52
C GLU F 118 12.65 -77.96 2.71
N SER F 119 11.43 -78.19 2.20
CA SER F 119 11.16 -79.35 1.35
C SER F 119 11.14 -79.00 -0.14
N GLN F 120 11.29 -77.73 -0.49
CA GLN F 120 11.16 -77.29 -1.88
C GLN F 120 12.46 -76.84 -2.49
N ASN F 121 13.36 -76.22 -1.72
CA ASN F 121 14.65 -75.80 -2.26
C ASN F 121 15.52 -76.99 -2.66
N ASN F 122 15.21 -78.18 -2.16
CA ASN F 122 15.95 -79.39 -2.48
C ASN F 122 15.39 -80.14 -3.68
N VAL F 123 14.27 -79.69 -4.24
CA VAL F 123 13.59 -80.44 -5.30
C VAL F 123 13.59 -79.64 -6.60
N ALA F 124 12.96 -78.46 -6.57
CA ALA F 124 12.91 -77.64 -7.77
C ALA F 124 14.27 -77.01 -8.06
N GLU F 125 14.72 -77.14 -9.30
CA GLU F 125 15.98 -76.57 -9.75
C GLU F 125 15.75 -75.74 -11.01
N VAL F 126 16.78 -74.99 -11.40
CA VAL F 126 16.67 -74.11 -12.55
C VAL F 126 16.56 -74.94 -13.83
N GLY F 127 15.67 -74.50 -14.73
CA GLY F 127 15.44 -75.16 -16.01
C GLY F 127 14.22 -76.04 -16.04
N GLN F 128 13.59 -76.31 -14.90
CA GLN F 128 12.51 -77.27 -14.82
C GLN F 128 11.16 -76.63 -15.12
N ILE F 129 10.18 -77.47 -15.44
CA ILE F 129 8.82 -77.03 -15.76
C ILE F 129 7.86 -77.84 -14.91
N VAL F 130 7.07 -77.17 -14.08
CA VAL F 130 6.22 -77.84 -13.11
C VAL F 130 4.82 -77.23 -13.17
N PRO F 131 3.81 -77.97 -12.72
CA PRO F 131 2.48 -77.37 -12.51
C PRO F 131 2.36 -76.69 -11.16
N VAL F 132 1.66 -75.56 -11.18
CA VAL F 132 1.57 -74.67 -10.02
C VAL F 132 0.11 -74.49 -9.64
N GLN F 133 -0.14 -74.39 -8.34
CA GLN F 133 -1.45 -74.08 -7.79
C GLN F 133 -1.39 -72.74 -7.08
N LEU F 134 -2.30 -71.84 -7.44
CA LEU F 134 -2.29 -70.48 -6.92
C LEU F 134 -3.03 -70.44 -5.59
N ALA F 135 -3.15 -69.24 -5.01
CA ALA F 135 -3.74 -69.06 -3.70
C ALA F 135 -4.71 -67.89 -3.73
N ASN F 136 -5.19 -67.49 -2.56
CA ASN F 136 -6.29 -66.54 -2.46
C ASN F 136 -5.79 -65.11 -2.59
N SER F 137 -6.35 -64.38 -3.56
CA SER F 137 -6.15 -62.94 -3.73
C SER F 137 -4.69 -62.54 -3.66
N SER F 138 -3.81 -63.38 -4.19
CA SER F 138 -2.37 -63.16 -4.12
C SER F 138 -1.78 -62.74 -5.46
N VAL F 139 -2.63 -62.34 -6.42
CA VAL F 139 -2.21 -62.17 -7.81
C VAL F 139 -2.16 -60.68 -8.15
N TYR F 140 -1.90 -59.85 -7.13
CA TYR F 140 -1.97 -58.40 -7.23
C TYR F 140 -1.41 -57.86 -8.53
N TYR F 141 -2.22 -57.06 -9.22
CA TYR F 141 -1.84 -56.47 -10.50
C TYR F 141 -1.38 -55.04 -10.26
N ILE F 142 -0.09 -54.91 -9.92
CA ILE F 142 0.50 -53.60 -9.66
C ILE F 142 0.48 -52.80 -10.95
N PRO F 143 -0.19 -51.66 -10.99
CA PRO F 143 -0.32 -50.92 -12.25
C PRO F 143 1.05 -50.44 -12.74
N GLY F 144 1.27 -50.54 -14.04
CA GLY F 144 2.53 -50.17 -14.64
C GLY F 144 3.56 -51.27 -14.75
N ARG F 145 3.24 -52.49 -14.34
CA ARG F 145 4.14 -53.61 -14.50
C ARG F 145 3.71 -54.50 -15.66
N GLN F 146 4.65 -55.33 -16.12
CA GLN F 146 4.42 -56.24 -17.23
C GLN F 146 4.03 -57.64 -16.79
N GLN F 147 3.79 -57.86 -15.50
CA GLN F 147 3.48 -59.19 -14.98
C GLN F 147 2.61 -59.06 -13.74
N ALA F 148 2.04 -60.18 -13.32
CA ALA F 148 1.18 -60.25 -12.14
C ALA F 148 1.94 -60.97 -11.04
N SER F 149 2.24 -60.26 -9.96
CA SER F 149 2.95 -60.87 -8.84
C SER F 149 2.02 -61.80 -8.06
N ALA F 150 2.45 -63.06 -7.93
CA ALA F 150 1.60 -64.08 -7.36
C ALA F 150 2.45 -65.15 -6.69
N THR F 151 1.92 -65.71 -5.61
CA THR F 151 2.57 -66.85 -4.96
C THR F 151 1.81 -68.13 -5.29
N GLY F 152 2.56 -69.20 -5.57
CA GLY F 152 1.95 -70.45 -5.95
C GLY F 152 2.66 -71.63 -5.32
N SER F 153 1.96 -72.76 -5.29
CA SER F 153 2.45 -73.99 -4.67
C SER F 153 2.45 -75.10 -5.71
N ILE F 154 3.35 -76.06 -5.53
CA ILE F 154 3.48 -77.17 -6.48
C ILE F 154 2.20 -77.99 -6.46
N PHE F 155 1.63 -78.23 -7.63
CA PHE F 155 0.33 -78.88 -7.73
C PHE F 155 0.45 -80.39 -7.60
N ILE F 156 -0.21 -80.94 -6.57
CA ILE F 156 -0.41 -82.37 -6.43
C ILE F 156 -1.91 -82.60 -6.30
N PRO F 157 -2.52 -83.45 -7.13
CA PRO F 157 -3.98 -83.58 -7.11
C PRO F 157 -4.49 -83.99 -5.74
N LYS F 158 -5.55 -83.33 -5.29
CA LYS F 158 -6.07 -83.51 -3.94
C LYS F 158 -6.88 -84.80 -3.82
N HIS F 159 -7.03 -85.25 -2.58
CA HIS F 159 -7.81 -86.45 -2.28
C HIS F 159 -9.17 -86.15 -1.66
N THR F 160 -9.56 -84.88 -1.59
CA THR F 160 -10.81 -84.45 -0.98
C THR F 160 -11.72 -83.80 -2.02
N PHE F 161 -13.00 -83.70 -1.67
CA PHE F 161 -14.00 -83.11 -2.55
C PHE F 161 -15.09 -82.48 -1.69
N SER F 162 -15.75 -81.47 -2.25
CA SER F 162 -16.73 -80.68 -1.53
C SER F 162 -18.12 -80.98 -2.07
N VAL F 163 -19.08 -81.03 -1.16
CA VAL F 163 -20.48 -81.25 -1.49
C VAL F 163 -21.23 -79.97 -1.15
N TYR F 164 -22.02 -79.48 -2.10
CA TYR F 164 -22.87 -78.32 -1.91
C TYR F 164 -24.32 -78.77 -2.07
N HIS F 165 -25.22 -78.20 -1.28
CA HIS F 165 -26.64 -78.53 -1.37
C HIS F 165 -27.32 -77.49 -2.25
N VAL F 166 -28.10 -77.95 -3.21
CA VAL F 166 -28.92 -77.10 -4.07
C VAL F 166 -30.37 -77.25 -3.65
N GLN F 167 -31.04 -76.12 -3.42
CA GLN F 167 -32.47 -76.11 -3.14
C GLN F 167 -33.29 -75.29 -4.12
N GLU F 168 -32.68 -74.67 -5.12
CA GLU F 168 -33.40 -73.85 -6.08
C GLU F 168 -33.15 -74.33 -7.49
N GLU F 169 -34.15 -74.11 -8.35
CA GLU F 169 -34.10 -74.56 -9.73
C GLU F 169 -33.19 -73.67 -10.56
N LEU F 170 -32.70 -74.23 -11.66
CA LEU F 170 -31.96 -73.47 -12.66
C LEU F 170 -32.95 -72.91 -13.68
N THR F 171 -33.08 -71.59 -13.72
CA THR F 171 -34.02 -70.98 -14.64
C THR F 171 -33.38 -70.82 -16.03
N GLN F 172 -34.19 -70.41 -16.99
CA GLN F 172 -33.77 -70.42 -18.39
C GLN F 172 -32.73 -69.35 -18.69
N GLU F 173 -32.86 -68.17 -18.08
CA GLU F 173 -31.93 -67.07 -18.40
C GLU F 173 -30.56 -67.26 -17.76
N GLN F 174 -30.48 -67.89 -16.58
CA GLN F 174 -29.15 -68.24 -16.06
C GLN F 174 -28.49 -69.28 -16.97
N ALA F 175 -29.27 -70.20 -17.52
CA ALA F 175 -28.73 -71.12 -18.53
C ALA F 175 -28.28 -70.35 -19.77
N LEU F 176 -29.04 -69.32 -20.15
CA LEU F 176 -28.65 -68.49 -21.29
C LEU F 176 -27.30 -67.83 -21.05
N ASN F 177 -27.09 -67.32 -19.83
CA ASN F 177 -25.78 -66.82 -19.43
C ASN F 177 -24.71 -67.89 -19.50
N LEU F 178 -24.97 -69.05 -18.88
CA LEU F 178 -23.99 -70.13 -18.82
C LEU F 178 -23.70 -70.75 -20.17
N THR F 179 -24.50 -70.42 -21.19
CA THR F 179 -24.21 -70.89 -22.53
C THR F 179 -22.80 -70.55 -22.96
N LYS F 180 -22.29 -69.38 -22.54
CA LYS F 180 -20.93 -69.00 -22.91
C LYS F 180 -19.90 -69.96 -22.31
N LEU F 181 -20.07 -70.32 -21.03
CA LEU F 181 -19.13 -71.25 -20.41
C LEU F 181 -19.25 -72.64 -21.01
N VAL F 182 -20.49 -73.05 -21.34
CA VAL F 182 -20.68 -74.32 -22.04
C VAL F 182 -19.94 -74.32 -23.36
N ASN F 183 -20.06 -73.21 -24.12
CA ASN F 183 -19.38 -73.11 -25.40
C ASN F 183 -17.86 -73.09 -25.23
N ILE F 184 -17.36 -72.47 -24.16
CA ILE F 184 -15.92 -72.46 -23.91
C ILE F 184 -15.41 -73.88 -23.63
N ILE F 185 -16.18 -74.65 -22.84
CA ILE F 185 -15.87 -76.07 -22.66
C ILE F 185 -15.88 -76.78 -24.02
N GLU F 186 -16.84 -76.44 -24.87
CA GLU F 186 -16.94 -77.11 -26.17
C GLU F 186 -15.72 -76.84 -27.04
N MET F 187 -15.27 -75.58 -27.10
CA MET F 187 -14.12 -75.27 -27.93
C MET F 187 -12.84 -75.86 -27.34
N LEU F 188 -12.74 -75.91 -26.00
CA LEU F 188 -11.62 -76.62 -25.39
C LEU F 188 -11.64 -78.09 -25.77
N LEU F 189 -12.83 -78.71 -25.81
CA LEU F 189 -12.94 -80.11 -26.19
C LEU F 189 -12.49 -80.33 -27.63
N GLU F 190 -12.96 -79.47 -28.55
CA GLU F 190 -12.59 -79.65 -29.95
C GLU F 190 -11.13 -79.32 -30.21
N SER F 191 -10.51 -78.49 -29.37
CA SER F 191 -9.07 -78.30 -29.47
C SER F 191 -8.31 -79.50 -28.92
N ARG F 192 -8.78 -80.06 -27.80
CA ARG F 192 -8.13 -81.22 -27.21
C ARG F 192 -8.21 -82.44 -28.13
N SER F 193 -9.31 -82.58 -28.87
CA SER F 193 -9.47 -83.71 -29.78
C SER F 193 -8.40 -83.75 -30.87
N LYS F 194 -7.86 -82.59 -31.26
CA LYS F 194 -6.82 -82.58 -32.29
C LYS F 194 -5.49 -83.10 -31.76
N LYS F 195 -5.29 -83.09 -30.45
CA LYS F 195 -4.03 -83.49 -29.87
C LYS F 195 -3.83 -85.00 -29.97
N ASP F 196 -2.61 -85.44 -29.74
CA ASP F 196 -2.29 -86.86 -29.80
C ASP F 196 -2.97 -87.61 -28.65
N PHE F 197 -3.33 -88.87 -28.92
CA PHE F 197 -3.91 -89.71 -27.89
C PHE F 197 -2.92 -90.02 -26.77
N LYS F 198 -1.68 -90.37 -27.13
CA LYS F 198 -0.72 -90.84 -26.14
C LYS F 198 -0.36 -89.76 -25.13
N GLN F 199 -0.19 -88.52 -25.59
CA GLN F 199 0.15 -87.43 -24.68
C GLN F 199 -0.96 -87.21 -23.66
N ILE F 200 -2.20 -87.06 -24.14
CA ILE F 200 -3.31 -86.79 -23.23
C ILE F 200 -3.52 -87.97 -22.28
N CYS F 201 -3.30 -89.19 -22.77
CA CYS F 201 -3.45 -90.37 -21.92
C CYS F 201 -2.39 -90.39 -20.83
N PHE F 202 -1.13 -90.15 -21.19
CA PHE F 202 -0.07 -90.17 -20.19
C PHE F 202 -0.31 -89.08 -19.14
N PHE F 203 -0.71 -87.88 -19.57
CA PHE F 203 -0.95 -86.81 -18.61
C PHE F 203 -2.17 -87.08 -17.74
N GLU F 204 -3.22 -87.67 -18.32
CA GLU F 204 -4.42 -87.98 -17.52
C GLU F 204 -4.15 -89.06 -16.50
N LYS F 205 -3.44 -90.12 -16.89
CA LYS F 205 -3.03 -91.13 -15.92
C LYS F 205 -2.11 -90.55 -14.85
N LEU F 206 -1.21 -89.64 -15.23
CA LEU F 206 -0.36 -89.02 -14.21
C LEU F 206 -1.19 -88.21 -13.20
N TYR F 207 -2.11 -87.39 -13.69
CA TYR F 207 -2.80 -86.45 -12.81
C TYR F 207 -4.15 -86.97 -12.31
N TYR F 208 -4.47 -88.23 -12.57
CA TYR F 208 -5.61 -88.85 -11.94
C TYR F 208 -5.28 -89.13 -10.47
N THR F 209 -6.27 -88.99 -9.60
CA THR F 209 -6.01 -89.20 -8.17
C THR F 209 -5.60 -90.64 -7.89
N TYR F 210 -6.29 -91.60 -8.51
CA TYR F 210 -6.00 -93.00 -8.31
C TYR F 210 -5.20 -93.54 -9.50
N SER F 211 -4.91 -94.83 -9.49
CA SER F 211 -4.13 -95.47 -10.53
C SER F 211 -4.93 -96.64 -11.11
N ILE F 212 -4.79 -96.85 -12.41
CA ILE F 212 -5.59 -97.86 -13.12
C ILE F 212 -4.66 -98.75 -13.93
N SER F 213 -5.18 -99.90 -14.36
CA SER F 213 -4.39 -100.88 -15.13
C SER F 213 -4.52 -100.63 -16.62
N SER F 214 -4.37 -99.35 -17.01
CA SER F 214 -4.22 -98.92 -18.39
C SER F 214 -5.47 -99.10 -19.24
N ASP F 215 -5.68 -98.20 -20.20
CA ASP F 215 -6.71 -98.35 -21.23
C ASP F 215 -8.10 -98.58 -20.65
N GLU F 216 -8.45 -97.88 -19.57
CA GLU F 216 -9.76 -98.05 -18.96
C GLU F 216 -10.34 -96.74 -18.42
N ILE F 217 -9.92 -95.60 -18.94
CA ILE F 217 -10.32 -94.32 -18.36
C ILE F 217 -11.01 -93.39 -19.33
N LEU F 218 -10.73 -93.46 -20.63
CA LEU F 218 -11.08 -92.36 -21.51
C LEU F 218 -11.98 -92.86 -22.63
N ASP F 219 -13.02 -92.09 -22.92
CA ASP F 219 -13.89 -92.31 -24.08
C ASP F 219 -14.18 -90.94 -24.66
N LEU F 220 -13.28 -90.46 -25.53
CA LEU F 220 -13.33 -89.07 -25.96
C LEU F 220 -14.62 -88.75 -26.69
N LYS F 221 -15.14 -89.70 -27.46
CA LYS F 221 -16.39 -89.49 -28.19
C LYS F 221 -17.61 -89.53 -27.28
N ILE F 222 -17.66 -90.47 -26.35
CA ILE F 222 -18.87 -90.72 -25.57
C ILE F 222 -18.75 -90.23 -24.13
N TRP F 223 -17.55 -90.23 -23.54
CA TRP F 223 -17.33 -89.88 -22.14
C TRP F 223 -18.16 -90.77 -21.22
N LYS F 224 -17.80 -92.06 -21.20
CA LYS F 224 -18.53 -93.04 -20.41
C LYS F 224 -17.98 -93.21 -18.99
N GLY F 225 -16.84 -92.60 -18.66
CA GLY F 225 -16.31 -92.65 -17.32
C GLY F 225 -15.37 -93.81 -17.04
N PRO F 226 -14.95 -93.96 -15.79
CA PRO F 226 -14.00 -95.02 -15.46
C PRO F 226 -14.71 -96.34 -15.22
N LYS F 227 -14.22 -97.38 -15.88
CA LYS F 227 -14.84 -98.70 -15.81
C LYS F 227 -14.26 -99.50 -14.63
N GLY F 228 -14.19 -98.86 -13.48
CA GLY F 228 -13.62 -99.52 -12.32
C GLY F 228 -14.65 -100.20 -11.44
N LYS F 229 -14.89 -101.49 -11.71
CA LYS F 229 -15.68 -102.39 -10.86
C LYS F 229 -17.00 -101.77 -10.42
N GLU F 230 -17.51 -100.82 -11.20
CA GLU F 230 -18.81 -100.17 -10.96
C GLU F 230 -18.92 -99.68 -9.51
N MET F 231 -18.05 -98.72 -9.18
CA MET F 231 -17.89 -98.29 -7.79
C MET F 231 -19.18 -97.71 -7.23
N SER F 232 -19.92 -96.93 -8.02
CA SER F 232 -21.19 -96.34 -7.60
C SER F 232 -22.34 -96.99 -8.34
N ARG F 233 -23.49 -97.09 -7.67
CA ARG F 233 -24.69 -97.64 -8.28
C ARG F 233 -25.44 -96.64 -9.16
N LEU F 234 -25.08 -95.36 -9.10
CA LEU F 234 -25.66 -94.34 -9.98
C LEU F 234 -24.63 -93.90 -11.01
N LYS F 235 -25.06 -93.82 -12.26
CA LYS F 235 -24.18 -93.41 -13.34
C LYS F 235 -23.86 -91.92 -13.22
N PRO F 236 -22.64 -91.49 -13.54
CA PRO F 236 -22.33 -90.06 -13.52
C PRO F 236 -23.19 -89.32 -14.53
N CYS F 237 -23.63 -88.13 -14.15
CA CYS F 237 -24.50 -87.32 -14.98
C CYS F 237 -23.69 -86.27 -15.72
N ASN F 238 -23.84 -86.23 -17.03
CA ASN F 238 -23.14 -85.23 -17.83
C ASN F 238 -23.70 -83.86 -17.52
N VAL F 239 -22.81 -82.92 -17.20
CA VAL F 239 -23.25 -81.57 -16.86
C VAL F 239 -23.80 -80.87 -18.09
N LEU F 240 -23.12 -81.00 -19.23
CA LEU F 240 -23.56 -80.32 -20.44
C LEU F 240 -24.93 -80.81 -20.88
N SER F 241 -25.16 -82.12 -20.82
CA SER F 241 -26.47 -82.67 -21.17
C SER F 241 -27.53 -82.17 -20.20
N PHE F 242 -27.21 -82.11 -18.90
CA PHE F 242 -28.16 -81.60 -17.93
C PHE F 242 -28.52 -80.15 -18.20
N LEU F 243 -27.54 -79.33 -18.56
CA LEU F 243 -27.82 -77.94 -18.91
C LEU F 243 -28.67 -77.83 -20.16
N TYR F 244 -28.37 -78.65 -21.17
CA TYR F 244 -29.17 -78.63 -22.40
C TYR F 244 -30.61 -79.06 -22.14
N ASP F 245 -30.82 -80.00 -21.22
CA ASP F 245 -32.18 -80.41 -20.88
C ASP F 245 -32.88 -79.35 -20.03
N ALA F 246 -32.19 -78.77 -19.05
CA ALA F 246 -32.77 -77.73 -18.22
C ALA F 246 -33.00 -76.44 -19.00
N LEU F 247 -32.39 -76.30 -20.17
CA LEU F 247 -32.79 -75.25 -21.11
C LEU F 247 -34.27 -75.40 -21.47
N LYS F 248 -34.70 -76.61 -21.79
CA LYS F 248 -36.08 -76.90 -22.15
C LYS F 248 -36.94 -77.30 -20.97
N ASN F 249 -36.37 -77.27 -19.75
CA ASN F 249 -37.10 -77.59 -18.52
C ASN F 249 -37.66 -79.01 -18.55
N LYS F 250 -36.75 -79.98 -18.56
CA LYS F 250 -37.13 -81.39 -18.48
C LYS F 250 -36.64 -82.09 -17.23
N ASN F 251 -35.64 -81.55 -16.54
CA ASN F 251 -35.15 -82.15 -15.30
C ASN F 251 -34.95 -81.08 -14.25
N SER F 252 -35.00 -81.50 -12.99
CA SER F 252 -34.84 -80.62 -11.84
C SER F 252 -33.41 -80.74 -11.31
N SER F 253 -32.86 -79.62 -10.84
CA SER F 253 -31.48 -79.55 -10.38
C SER F 253 -31.38 -79.61 -8.86
N LEU F 254 -32.48 -79.91 -8.18
CA LEU F 254 -32.50 -79.94 -6.74
C LEU F 254 -31.78 -81.17 -6.21
N GLY F 255 -31.25 -81.05 -4.99
CA GLY F 255 -30.60 -82.14 -4.31
C GLY F 255 -29.12 -81.86 -4.07
N PHE F 256 -28.40 -82.91 -3.72
CA PHE F 256 -26.98 -82.82 -3.38
C PHE F 256 -26.13 -83.17 -4.59
N TRP F 257 -25.08 -82.40 -4.82
CA TRP F 257 -24.17 -82.62 -5.92
C TRP F 257 -22.75 -82.76 -5.37
N ALA F 258 -21.91 -83.52 -6.07
CA ALA F 258 -20.51 -83.64 -5.68
C ALA F 258 -19.68 -84.13 -6.85
N ARG F 259 -18.37 -83.90 -6.77
CA ARG F 259 -17.40 -84.37 -7.76
C ARG F 259 -16.25 -85.06 -7.04
N PRO F 260 -16.36 -86.36 -6.82
CA PRO F 260 -15.33 -87.08 -6.04
C PRO F 260 -14.00 -87.13 -6.78
N PRO F 261 -12.90 -87.33 -6.05
CA PRO F 261 -11.58 -87.40 -6.71
C PRO F 261 -11.49 -88.51 -7.75
N ASN F 262 -12.23 -89.61 -7.58
CA ASN F 262 -12.29 -90.62 -8.64
C ASN F 262 -12.95 -90.07 -9.90
N LEU F 263 -13.91 -89.17 -9.74
CA LEU F 263 -14.59 -88.60 -10.90
C LEU F 263 -13.63 -87.71 -11.69
N LEU F 264 -13.68 -87.84 -13.01
CA LEU F 264 -12.67 -87.23 -13.87
C LEU F 264 -12.87 -85.72 -13.89
N LYS F 265 -11.83 -84.97 -13.52
CA LYS F 265 -11.96 -83.53 -13.37
C LYS F 265 -12.11 -82.83 -14.72
N SER F 266 -11.52 -83.41 -15.77
CA SER F 266 -11.65 -82.81 -17.10
C SER F 266 -13.04 -83.02 -17.70
N SER F 267 -13.59 -84.23 -17.61
CA SER F 267 -14.81 -84.59 -18.30
C SER F 267 -16.01 -83.88 -17.68
N PRO F 268 -17.10 -83.68 -18.46
CA PRO F 268 -18.25 -82.92 -17.94
C PRO F 268 -19.16 -83.75 -17.05
N LEU F 269 -18.70 -84.92 -16.64
CA LEU F 269 -19.52 -85.79 -15.80
C LEU F 269 -19.48 -85.33 -14.35
N ALA F 270 -20.56 -85.63 -13.64
CA ALA F 270 -20.71 -85.24 -12.24
C ALA F 270 -21.78 -86.12 -11.61
N TYR F 271 -21.96 -85.96 -10.30
CA TYR F 271 -22.86 -86.80 -9.52
C TYR F 271 -23.99 -85.97 -8.93
N GLN F 272 -25.21 -86.49 -8.99
CA GLN F 272 -26.37 -85.86 -8.37
C GLN F 272 -27.13 -86.87 -7.54
N GLN F 273 -27.58 -86.43 -6.36
CA GLN F 273 -28.33 -87.28 -5.44
C GLN F 273 -29.41 -86.45 -4.76
N ASP F 274 -30.54 -87.11 -4.49
CA ASP F 274 -31.61 -86.49 -3.71
C ASP F 274 -31.37 -86.57 -2.21
N GLN F 275 -30.37 -87.32 -1.78
CA GLN F 275 -29.98 -87.39 -0.38
C GLN F 275 -28.47 -87.25 -0.25
N ASN F 276 -28.04 -86.82 0.93
CA ASN F 276 -26.61 -86.67 1.22
C ASN F 276 -26.01 -88.00 1.65
N SER F 277 -25.39 -88.70 0.71
CA SER F 277 -24.71 -89.96 0.98
C SER F 277 -23.22 -89.90 0.69
N PHE F 278 -22.72 -88.75 0.24
CA PHE F 278 -21.32 -88.62 -0.13
C PHE F 278 -20.42 -88.72 1.09
N ASN F 279 -19.27 -89.39 0.91
CA ASN F 279 -18.29 -89.56 1.99
C ASN F 279 -17.35 -88.35 2.04
N ALA F 280 -17.95 -87.18 2.25
CA ALA F 280 -17.21 -85.93 2.30
C ALA F 280 -16.86 -85.58 3.74
N THR F 281 -15.60 -85.20 3.94
CA THR F 281 -15.11 -84.83 5.27
C THR F 281 -15.67 -83.49 5.76
N GLU F 282 -16.24 -82.69 4.87
CA GLU F 282 -16.67 -81.33 5.19
C GLU F 282 -18.18 -81.23 5.13
N LEU F 283 -18.74 -80.29 5.89
CA LEU F 283 -20.19 -80.11 5.93
C LEU F 283 -20.70 -79.59 4.59
N PRO F 284 -21.84 -80.09 4.12
CA PRO F 284 -22.42 -79.56 2.88
C PRO F 284 -22.80 -78.10 3.04
N ILE F 285 -22.69 -77.35 1.95
CA ILE F 285 -22.96 -75.91 1.95
C ILE F 285 -24.31 -75.68 1.29
N ILE F 286 -25.19 -74.97 1.99
CA ILE F 286 -26.56 -74.76 1.50
C ILE F 286 -26.57 -73.52 0.62
N CYS F 287 -26.98 -73.69 -0.64
CA CYS F 287 -26.92 -72.60 -1.60
C CYS F 287 -27.85 -72.89 -2.77
N SER F 288 -27.83 -71.98 -3.74
CA SER F 288 -28.68 -72.07 -4.92
C SER F 288 -27.90 -72.64 -6.10
N ALA F 289 -28.64 -73.05 -7.13
CA ALA F 289 -28.06 -73.82 -8.22
C ALA F 289 -27.13 -73.00 -9.11
N GLU F 290 -27.32 -71.68 -9.17
CA GLU F 290 -26.54 -70.86 -10.09
C GLU F 290 -25.06 -70.90 -9.73
N VAL F 291 -24.76 -70.79 -8.43
CA VAL F 291 -23.38 -70.82 -7.97
C VAL F 291 -22.78 -72.21 -8.15
N MET F 292 -23.55 -73.27 -7.84
CA MET F 292 -23.10 -74.61 -8.18
C MET F 292 -22.68 -74.71 -9.65
N PHE F 293 -23.56 -74.26 -10.55
CA PHE F 293 -23.26 -74.41 -11.98
C PHE F 293 -22.05 -73.59 -12.39
N VAL F 294 -21.97 -72.33 -11.93
CA VAL F 294 -20.85 -71.48 -12.34
C VAL F 294 -19.53 -72.07 -11.84
N THR F 295 -19.49 -72.49 -10.58
CA THR F 295 -18.26 -73.05 -10.02
C THR F 295 -17.87 -74.34 -10.74
N LEU F 296 -18.85 -75.20 -11.05
CA LEU F 296 -18.51 -76.45 -11.72
C LEU F 296 -18.01 -76.22 -13.14
N LEU F 297 -18.62 -75.30 -13.90
CA LEU F 297 -18.08 -75.01 -15.23
C LEU F 297 -16.72 -74.33 -15.15
N LYS F 298 -16.50 -73.47 -14.16
CA LYS F 298 -15.17 -72.90 -13.98
C LYS F 298 -14.15 -73.99 -13.69
N GLU F 299 -14.50 -74.95 -12.84
CA GLU F 299 -13.59 -76.05 -12.53
C GLU F 299 -13.30 -76.90 -13.76
N ILE F 300 -14.35 -77.24 -14.53
CA ILE F 300 -14.15 -78.05 -15.73
C ILE F 300 -13.27 -77.31 -16.72
N ILE F 301 -13.52 -76.02 -16.92
CA ILE F 301 -12.72 -75.25 -17.86
C ILE F 301 -11.27 -75.17 -17.40
N ASN F 302 -11.05 -74.97 -16.10
CA ASN F 302 -9.69 -74.92 -15.59
C ASN F 302 -8.97 -76.24 -15.83
N TYR F 303 -9.66 -77.36 -15.62
CA TYR F 303 -8.99 -78.65 -15.80
C TYR F 303 -8.78 -79.01 -17.27
N LEU F 304 -9.73 -78.66 -18.14
CA LEU F 304 -9.51 -78.81 -19.58
C LEU F 304 -8.34 -77.95 -20.04
N GLN F 305 -8.28 -76.70 -19.56
CA GLN F 305 -7.17 -75.82 -19.90
C GLN F 305 -5.86 -76.41 -19.41
N PHE F 306 -5.85 -76.98 -18.21
CA PHE F 306 -4.64 -77.56 -17.65
C PHE F 306 -4.17 -78.77 -18.45
N ILE F 307 -5.11 -79.63 -18.86
CA ILE F 307 -4.70 -80.82 -19.60
C ILE F 307 -4.25 -80.43 -21.02
N ASN F 308 -4.94 -79.47 -21.64
CA ASN F 308 -4.50 -78.95 -22.93
C ASN F 308 -3.11 -78.33 -22.81
N ASP F 309 -2.87 -77.60 -21.73
CA ASP F 309 -1.60 -76.93 -21.52
C ASP F 309 -0.48 -77.93 -21.23
N LEU F 310 -0.77 -78.99 -20.48
CA LEU F 310 0.22 -80.04 -20.27
C LEU F 310 0.61 -80.70 -21.59
N CYS F 311 -0.39 -80.98 -22.43
CA CYS F 311 -0.08 -81.59 -23.73
C CYS F 311 0.67 -80.62 -24.64
N ASP F 312 0.34 -79.33 -24.59
CA ASP F 312 0.96 -78.35 -25.46
C ASP F 312 2.39 -78.06 -25.03
N THR F 313 2.67 -78.13 -23.72
CA THR F 313 4.03 -77.90 -23.24
C THR F 313 4.97 -79.02 -23.71
N PHE F 314 4.57 -80.27 -23.48
CA PHE F 314 5.45 -81.43 -23.68
C PHE F 314 5.06 -82.11 -24.98
N ASN F 315 5.64 -81.63 -26.08
CA ASN F 315 5.39 -82.19 -27.41
C ASN F 315 6.33 -83.35 -27.74
N ASN F 316 7.28 -83.65 -26.87
CA ASN F 316 8.24 -84.73 -27.07
C ASN F 316 8.34 -85.57 -25.80
N GLU F 317 8.81 -86.80 -25.96
CA GLU F 317 9.06 -87.66 -24.79
C GLU F 317 10.36 -87.32 -24.09
N GLN F 318 11.32 -86.74 -24.81
CA GLN F 318 12.62 -86.42 -24.21
C GLN F 318 12.49 -85.42 -23.08
N LEU F 319 11.70 -84.36 -23.28
CA LEU F 319 11.44 -83.41 -22.20
C LEU F 319 10.68 -84.07 -21.07
N ILE F 320 9.77 -84.99 -21.38
CA ILE F 320 9.02 -85.68 -20.34
C ILE F 320 9.96 -86.45 -19.43
N LYS F 321 10.91 -87.16 -20.03
CA LYS F 321 11.92 -87.84 -19.23
C LYS F 321 12.81 -86.84 -18.50
N ARG F 322 13.03 -85.67 -19.11
CA ARG F 322 13.84 -84.63 -18.46
C ARG F 322 13.15 -84.04 -17.24
N HIS F 323 11.83 -84.16 -17.16
CA HIS F 323 11.07 -83.63 -16.03
C HIS F 323 10.31 -84.73 -15.28
N GLU F 324 10.78 -85.98 -15.41
CA GLU F 324 10.05 -87.11 -14.82
C GLU F 324 10.08 -87.07 -13.30
N ASN F 325 11.08 -86.43 -12.70
CA ASN F 325 11.12 -86.31 -11.24
C ASN F 325 9.81 -85.75 -10.70
N ILE F 326 9.29 -84.72 -11.36
CA ILE F 326 7.98 -84.19 -11.01
C ILE F 326 6.91 -85.25 -11.22
N TRP F 327 7.07 -86.10 -12.23
CA TRP F 327 6.05 -87.11 -12.51
C TRP F 327 5.94 -88.13 -11.39
N MET F 328 7.07 -88.72 -10.94
CA MET F 328 6.93 -89.65 -9.82
C MET F 328 6.70 -88.93 -8.49
N LEU F 329 7.08 -87.65 -8.39
CA LEU F 329 6.70 -86.90 -7.20
C LEU F 329 5.18 -86.79 -7.09
N ILE F 330 4.50 -86.60 -8.22
CA ILE F 330 3.05 -86.66 -8.22
C ILE F 330 2.56 -88.09 -7.99
N GLU F 331 3.25 -89.06 -8.60
CA GLU F 331 2.79 -90.45 -8.57
C GLU F 331 2.76 -91.00 -7.15
N GLN F 332 3.76 -90.65 -6.33
CA GLN F 332 3.78 -91.15 -4.96
C GLN F 332 2.67 -90.57 -4.11
N ARG F 333 1.99 -89.53 -4.57
CA ARG F 333 0.82 -88.98 -3.87
C ARG F 333 -0.49 -89.57 -4.36
N LYS F 334 -0.43 -90.55 -5.26
CA LYS F 334 -1.62 -91.27 -5.70
C LYS F 334 -2.09 -92.21 -4.60
N ILE F 335 -3.37 -92.53 -4.62
CA ILE F 335 -3.99 -93.46 -3.68
C ILE F 335 -4.30 -94.76 -4.42
N GLY F 336 -3.80 -95.86 -3.88
CA GLY F 336 -4.05 -97.16 -4.47
C GLY F 336 -5.46 -97.65 -4.22
N HIS F 337 -5.78 -98.77 -4.87
CA HIS F 337 -7.11 -99.37 -4.77
C HIS F 337 -7.19 -100.37 -3.63
N ASP F 338 -6.82 -99.92 -2.43
CA ASP F 338 -6.91 -100.75 -1.23
C ASP F 338 -8.13 -100.35 -0.40
N PHE F 339 -9.31 -100.53 -0.99
CA PHE F 339 -10.56 -100.15 -0.34
C PHE F 339 -11.69 -101.10 -0.71
N GLY G 47 -22.42 29.01 36.27
CA GLY G 47 -22.14 30.36 35.77
C GLY G 47 -20.68 30.74 35.85
N GLU G 48 -20.28 31.71 35.02
CA GLU G 48 -18.91 32.15 34.93
C GLU G 48 -18.74 33.48 35.67
N MET G 49 -17.52 34.02 35.62
CA MET G 49 -17.23 35.38 36.06
C MET G 49 -17.29 35.50 37.58
N GLU G 50 -17.75 34.44 38.26
CA GLU G 50 -17.95 34.47 39.69
C GLU G 50 -16.97 33.57 40.44
N ASP G 51 -16.94 32.28 40.10
CA ASP G 51 -16.06 31.37 40.82
C ASP G 51 -15.27 30.51 39.85
N LYS G 52 -15.76 30.39 38.61
CA LYS G 52 -14.98 29.69 37.61
C LYS G 52 -13.69 30.42 37.28
N TYR G 53 -13.71 31.75 37.19
CA TYR G 53 -12.53 32.52 36.81
C TYR G 53 -12.27 33.67 37.77
N LYS G 54 -12.62 33.51 39.04
CA LYS G 54 -12.43 34.58 40.01
C LYS G 54 -10.95 34.92 40.18
N ILE G 55 -10.10 33.89 40.30
CA ILE G 55 -8.66 34.13 40.46
C ILE G 55 -8.08 34.77 39.21
N PHE G 56 -8.43 34.23 38.04
CA PHE G 56 -7.91 34.80 36.80
C PHE G 56 -8.36 36.24 36.63
N ILE G 57 -9.63 36.53 36.92
CA ILE G 57 -10.13 37.90 36.75
C ILE G 57 -9.46 38.84 37.74
N LYS G 58 -9.18 38.36 38.95
CA LYS G 58 -8.50 39.23 39.92
C LYS G 58 -7.03 39.41 39.56
N ASN G 59 -6.46 38.48 38.78
CA ASN G 59 -5.07 38.60 38.35
C ASN G 59 -4.92 39.29 37.01
N ALA G 60 -6.01 39.40 36.24
CA ALA G 60 -5.94 39.93 34.87
C ALA G 60 -5.27 41.30 34.78
N PRO G 61 -5.48 42.24 35.70
CA PRO G 61 -4.75 43.52 35.59
C PRO G 61 -3.24 43.39 35.70
N PHE G 62 -2.72 42.29 36.26
CA PHE G 62 -1.30 42.17 36.49
C PHE G 62 -0.59 41.21 35.54
N ASP G 63 -1.33 40.39 34.83
CA ASP G 63 -0.72 39.55 33.81
C ASP G 63 -0.30 40.44 32.65
N PRO G 64 0.98 40.46 32.28
CA PRO G 64 1.41 41.38 31.21
C PRO G 64 1.07 40.90 29.82
N THR G 65 0.56 39.68 29.68
CA THR G 65 0.21 39.12 28.39
C THR G 65 -1.24 39.31 28.04
N ASN G 66 -1.95 40.18 28.76
CA ASN G 66 -3.36 40.43 28.53
C ASN G 66 -3.54 41.67 27.66
N CYS G 67 -4.58 41.64 26.83
CA CYS G 67 -4.89 42.74 25.92
C CYS G 67 -5.33 43.97 26.70
N GLN G 68 -4.90 45.14 26.26
CA GLN G 68 -5.31 46.41 26.84
C GLN G 68 -6.24 47.16 25.90
N ILE G 69 -6.91 48.17 26.44
CA ILE G 69 -7.80 49.04 25.71
C ILE G 69 -7.57 50.47 26.16
N LYS G 70 -7.53 51.39 25.21
CA LYS G 70 -7.34 52.82 25.48
C LYS G 70 -8.68 53.41 25.93
N LYS G 71 -8.90 53.38 27.24
CA LYS G 71 -10.13 53.88 27.84
C LYS G 71 -9.85 54.33 29.26
N ASP G 72 -10.38 55.50 29.61
CA ASP G 72 -10.11 56.08 30.92
C ASP G 72 -10.84 55.31 32.03
N CYS G 73 -10.20 55.23 33.19
CA CYS G 73 -10.81 54.53 34.31
C CYS G 73 -11.63 55.47 35.19
N PRO G 74 -12.85 55.10 35.53
CA PRO G 74 -13.67 55.97 36.39
C PRO G 74 -13.15 56.11 37.81
N ASN G 75 -12.47 55.10 38.34
CA ASN G 75 -12.05 55.13 39.74
C ASN G 75 -10.76 55.92 39.93
N CYS G 76 -9.66 55.45 39.33
CA CYS G 76 -8.35 56.07 39.56
C CYS G 76 -7.91 57.00 38.45
N HIS G 77 -8.74 57.19 37.42
CA HIS G 77 -8.43 58.03 36.27
C HIS G 77 -7.10 57.62 35.63
N LEU G 78 -7.10 56.40 35.11
CA LEU G 78 -5.97 55.85 34.37
C LEU G 78 -6.33 55.74 32.90
N ASP G 79 -5.35 56.01 32.03
CA ASP G 79 -5.64 56.17 30.62
C ASP G 79 -6.05 54.86 29.96
N TYR G 80 -5.54 53.73 30.43
CA TYR G 80 -5.72 52.44 29.80
C TYR G 80 -6.43 51.48 30.74
N LEU G 81 -7.10 50.50 30.17
CA LEU G 81 -7.77 49.46 30.94
C LEU G 81 -7.42 48.10 30.35
N THR G 82 -7.68 47.05 31.12
CA THR G 82 -7.45 45.68 30.71
C THR G 82 -8.77 45.07 30.31
N GLN G 83 -8.81 44.41 29.15
CA GLN G 83 -10.02 43.77 28.67
C GLN G 83 -9.82 42.27 28.57
N ILE G 84 -10.85 41.52 28.90
CA ILE G 84 -10.83 40.06 28.80
C ILE G 84 -12.16 39.62 28.18
N CYS G 85 -12.18 38.42 27.63
CA CYS G 85 -13.33 37.89 26.91
C CYS G 85 -13.42 36.39 27.20
N ILE G 86 -14.14 36.04 28.26
CA ILE G 86 -14.18 34.67 28.75
C ILE G 86 -15.49 34.01 28.37
N GLY G 87 -15.42 32.72 28.08
CA GLY G 87 -16.60 31.90 27.89
C GLY G 87 -17.10 31.91 26.45
N SER G 88 -18.07 31.04 26.21
CA SER G 88 -18.67 30.92 24.89
C SER G 88 -19.66 32.03 24.59
N GLN G 89 -20.06 32.80 25.61
CA GLN G 89 -20.88 33.97 25.36
C GLN G 89 -20.04 35.21 25.14
N LYS G 90 -18.72 35.11 25.25
CA LYS G 90 -17.80 36.21 24.99
C LYS G 90 -18.19 37.45 25.79
N ILE G 91 -18.24 37.27 27.11
CA ILE G 91 -18.48 38.39 28.00
C ILE G 91 -17.24 39.26 28.02
N ILE G 92 -17.42 40.56 27.86
CA ILE G 92 -16.33 41.51 27.86
C ILE G 92 -16.28 42.15 29.24
N ILE G 93 -15.14 42.01 29.92
CA ILE G 93 -14.92 42.56 31.25
C ILE G 93 -13.72 43.48 31.20
N LEU G 94 -13.87 44.67 31.72
CA LEU G 94 -12.78 45.63 31.84
C LEU G 94 -12.37 45.71 33.30
N VAL G 95 -11.09 45.58 33.59
CA VAL G 95 -10.58 45.60 34.96
C VAL G 95 -9.42 46.58 35.05
N CYS G 96 -9.16 47.05 36.26
CA CYS G 96 -8.07 47.99 36.52
C CYS G 96 -7.23 47.51 37.68
N ARG G 97 -6.01 48.06 37.74
CA ARG G 97 -5.10 47.73 38.83
C ARG G 97 -5.64 48.21 40.18
N CYS G 98 -6.23 49.39 40.22
CA CYS G 98 -6.77 49.96 41.45
C CYS G 98 -7.88 49.12 42.05
N GLY G 99 -8.48 48.22 41.28
CA GLY G 99 -9.57 47.40 41.75
C GLY G 99 -10.87 47.57 41.01
N TYR G 100 -10.95 48.53 40.08
CA TYR G 100 -12.16 48.70 39.30
C TYR G 100 -12.43 47.47 38.46
N MET G 101 -13.69 47.22 38.16
CA MET G 101 -14.07 46.11 37.32
C MET G 101 -15.45 46.41 36.74
N SER G 102 -15.66 46.01 35.49
CA SER G 102 -16.94 46.26 34.85
C SER G 102 -17.98 45.23 35.30
N ASN G 103 -19.25 45.55 35.02
CA ASN G 103 -20.40 44.78 35.48
C ASN G 103 -20.43 44.67 36.99
N ARG G 104 -20.18 45.78 37.69
CA ARG G 104 -20.35 45.89 39.13
C ARG G 104 -19.48 44.88 39.88
N GLY G 105 -18.17 45.01 39.67
CA GLY G 105 -17.21 44.20 40.38
C GLY G 105 -16.60 44.94 41.56
N MET H 1 38.34 21.31 -6.07
CA MET H 1 39.14 21.71 -4.94
C MET H 1 39.93 22.96 -5.25
N LEU H 2 39.84 23.40 -6.51
CA LEU H 2 40.53 24.58 -6.99
C LEU H 2 39.59 25.32 -7.91
N ILE H 3 40.02 26.48 -8.38
CA ILE H 3 39.28 27.14 -9.45
C ILE H 3 39.42 26.31 -10.73
N PRO H 4 38.34 26.03 -11.45
CA PRO H 4 38.45 25.13 -12.59
C PRO H 4 39.38 25.67 -13.67
N VAL H 5 39.85 24.75 -14.50
CA VAL H 5 40.76 25.12 -15.59
C VAL H 5 40.05 25.99 -16.61
N VAL H 6 38.80 25.65 -16.92
CA VAL H 6 37.99 26.41 -17.85
C VAL H 6 36.65 26.69 -17.18
N CYS H 7 35.93 27.67 -17.72
CA CYS H 7 34.59 27.95 -17.23
C CYS H 7 33.69 26.75 -17.48
N PHE H 8 32.97 26.33 -16.44
CA PHE H 8 32.10 25.17 -16.54
C PHE H 8 31.04 25.33 -17.61
N THR H 9 30.66 26.57 -17.92
CA THR H 9 29.51 26.83 -18.77
C THR H 9 29.90 27.03 -20.23
N CYS H 10 30.94 27.81 -20.49
CA CYS H 10 31.31 28.14 -21.85
C CYS H 10 32.65 27.56 -22.29
N GLY H 11 33.56 27.27 -21.37
CA GLY H 11 34.84 26.73 -21.72
C GLY H 11 35.94 27.73 -21.92
N PHE H 12 35.72 28.99 -21.58
CA PHE H 12 36.80 29.97 -21.61
C PHE H 12 37.85 29.62 -20.56
N PRO H 13 39.13 29.73 -20.88
CA PRO H 13 40.16 29.32 -19.93
C PRO H 13 40.36 30.29 -18.79
N ILE H 14 39.48 30.28 -17.80
CA ILE H 14 39.64 31.18 -16.66
C ILE H 14 40.76 30.72 -15.74
N GLY H 15 41.28 29.52 -15.92
CA GLY H 15 42.23 28.96 -14.98
C GLY H 15 43.65 29.38 -15.22
N THR H 16 43.93 30.05 -16.34
CA THR H 16 45.26 30.59 -16.55
C THR H 16 45.50 31.85 -15.75
N TYR H 17 44.46 32.45 -15.20
CA TYR H 17 44.59 33.62 -14.34
C TYR H 17 44.18 33.36 -12.91
N ALA H 18 43.92 32.11 -12.53
CA ALA H 18 43.33 31.83 -11.23
C ALA H 18 44.29 32.17 -10.08
N ALA H 19 45.57 31.83 -10.21
CA ALA H 19 46.54 32.11 -9.15
C ALA H 19 46.75 33.60 -8.96
N ILE H 20 46.93 34.33 -10.06
CA ILE H 20 47.07 35.77 -9.98
C ILE H 20 45.82 36.38 -9.37
N PHE H 21 44.65 35.91 -9.79
CA PHE H 21 43.42 36.48 -9.26
C PHE H 21 43.29 36.25 -7.76
N ASP H 22 43.62 35.05 -7.29
CA ASP H 22 43.48 34.76 -5.87
C ASP H 22 44.41 35.63 -5.03
N LYS H 23 45.69 35.72 -5.43
CA LYS H 23 46.62 36.55 -4.67
C LYS H 23 46.23 38.03 -4.73
N ALA H 24 45.87 38.51 -5.92
CA ALA H 24 45.53 39.91 -6.08
C ALA H 24 44.26 40.27 -5.31
N ARG H 25 43.30 39.35 -5.27
CA ARG H 25 42.10 39.59 -4.49
C ARG H 25 42.42 39.66 -3.00
N THR H 26 43.31 38.78 -2.52
CA THR H 26 43.73 38.87 -1.13
C THR H 26 44.31 40.25 -0.81
N GLU H 27 45.25 40.70 -1.65
CA GLU H 27 45.88 42.00 -1.43
C GLU H 27 44.88 43.14 -1.50
N TYR H 28 43.97 43.09 -2.45
CA TYR H 28 42.98 44.15 -2.64
C TYR H 28 42.01 44.24 -1.45
N ILE H 29 41.53 43.10 -0.97
CA ILE H 29 40.64 43.12 0.18
C ILE H 29 41.37 43.62 1.41
N LYS H 30 42.63 43.21 1.59
CA LYS H 30 43.40 43.75 2.71
C LYS H 30 43.55 45.25 2.61
N THR H 31 43.80 45.78 1.42
CA THR H 31 43.87 47.22 1.25
C THR H 31 42.55 47.90 1.60
N LYS H 32 41.43 47.32 1.19
CA LYS H 32 40.12 47.91 1.47
C LYS H 32 39.75 47.87 2.94
N MET H 33 40.14 46.84 3.69
CA MET H 33 39.87 46.79 5.13
C MET H 33 40.88 47.59 5.94
N GLY H 34 42.17 47.49 5.62
CA GLY H 34 43.17 48.29 6.28
C GLY H 34 43.85 47.60 7.45
N GLY H 35 44.33 46.38 7.25
CA GLY H 35 45.10 45.70 8.27
C GLY H 35 44.33 45.29 9.51
N THR H 36 43.47 44.29 9.39
CA THR H 36 42.67 43.78 10.49
C THR H 36 42.86 42.27 10.62
N LEU H 37 42.59 41.75 11.81
CA LEU H 37 42.77 40.32 12.06
C LEU H 37 41.88 39.52 11.11
N PRO H 38 42.35 38.39 10.58
CA PRO H 38 41.52 37.58 9.70
C PRO H 38 40.20 37.15 10.34
N GLN H 39 40.19 36.86 11.64
CA GLN H 39 38.93 36.51 12.29
C GLN H 39 38.11 37.75 12.63
N ASN H 40 38.75 38.90 12.84
CA ASN H 40 38.02 40.12 13.11
C ASN H 40 37.43 40.74 11.86
N ILE H 41 37.85 40.28 10.68
CA ILE H 41 37.21 40.64 9.42
C ILE H 41 36.05 39.68 9.19
N PRO H 42 34.80 40.14 9.16
CA PRO H 42 33.69 39.25 8.89
C PRO H 42 33.74 38.69 7.47
N LEU H 43 33.25 37.46 7.32
CA LEU H 43 33.17 36.86 6.00
C LEU H 43 32.26 37.66 5.09
N ASP H 44 31.18 38.20 5.64
CA ASP H 44 30.22 38.96 4.85
C ASP H 44 30.79 40.27 4.34
N ALA H 45 31.58 40.98 5.14
CA ALA H 45 32.08 42.29 4.76
C ALA H 45 33.09 42.25 3.64
N SER H 46 33.94 41.21 3.58
CA SER H 46 34.92 41.10 2.51
C SER H 46 34.29 40.67 1.20
N LEU H 47 33.16 39.98 1.24
CA LEU H 47 32.51 39.56 0.00
C LEU H 47 31.74 40.68 -0.67
N GLN H 48 31.55 41.82 0.00
CA GLN H 48 30.87 42.96 -0.59
C GLN H 48 31.80 43.90 -1.32
N ILE H 49 33.10 43.65 -1.32
CA ILE H 49 34.03 44.43 -2.11
C ILE H 49 33.87 44.06 -3.58
N GLU H 50 33.75 45.06 -4.44
CA GLU H 50 33.59 44.83 -5.86
C GLU H 50 34.91 44.41 -6.47
N LEU H 51 34.91 43.29 -7.19
CA LEU H 51 36.08 42.84 -7.93
C LEU H 51 35.90 42.96 -9.44
N LYS H 52 35.00 43.84 -9.88
CA LYS H 52 34.75 44.01 -11.31
C LYS H 52 36.02 44.40 -12.07
N ASP H 53 36.70 45.45 -11.60
CA ASP H 53 37.81 46.02 -12.37
C ASP H 53 39.07 45.18 -12.25
N LEU H 54 39.24 44.46 -11.15
CA LEU H 54 40.36 43.53 -11.02
C LEU H 54 40.25 42.40 -12.06
N ILE H 55 39.05 41.83 -12.19
CA ILE H 55 38.84 40.80 -13.20
C ILE H 55 38.99 41.38 -14.59
N THR H 56 38.53 42.61 -14.79
CA THR H 56 38.71 43.24 -16.09
C THR H 56 40.18 43.39 -16.43
N ALA H 57 40.99 43.76 -15.43
CA ALA H 57 42.42 43.91 -15.64
C ALA H 57 43.12 42.58 -15.92
N LEU H 58 42.58 41.47 -15.41
CA LEU H 58 43.15 40.18 -15.80
C LEU H 58 42.96 39.87 -17.28
N GLY H 59 42.09 40.57 -17.98
CA GLY H 59 41.79 40.25 -19.36
C GLY H 59 40.61 39.32 -19.57
N ILE H 60 39.87 39.00 -18.51
CA ILE H 60 38.72 38.10 -18.60
C ILE H 60 37.51 38.93 -19.06
N PRO H 61 36.70 38.42 -19.99
CA PRO H 61 35.60 39.23 -20.53
C PRO H 61 34.47 39.45 -19.53
N MET H 62 33.42 40.15 -19.98
CA MET H 62 32.27 40.49 -19.15
C MET H 62 31.19 39.43 -19.15
N ARG H 63 31.56 38.17 -19.27
CA ARG H 63 30.61 37.07 -19.29
C ARG H 63 30.15 36.73 -17.88
N VAL H 64 28.84 36.46 -17.74
CA VAL H 64 28.26 36.19 -16.44
C VAL H 64 28.82 34.90 -15.85
N CYS H 65 28.94 33.87 -16.68
CA CYS H 65 29.36 32.55 -16.23
C CYS H 65 30.82 32.56 -15.77
N CYS H 66 31.69 33.21 -16.52
CA CYS H 66 33.12 33.15 -16.22
C CYS H 66 33.43 33.86 -14.92
N ARG H 67 32.83 35.03 -14.72
CA ARG H 67 33.03 35.77 -13.49
C ARG H 67 32.37 35.08 -12.31
N THR H 68 31.20 34.47 -12.51
CA THR H 68 30.60 33.67 -11.46
C THR H 68 31.55 32.57 -10.97
N HIS H 69 32.09 31.79 -11.90
CA HIS H 69 32.89 30.64 -11.50
C HIS H 69 34.26 31.06 -10.98
N LEU H 70 34.79 32.18 -11.45
CA LEU H 70 36.06 32.69 -10.93
C LEU H 70 35.90 33.26 -9.53
N ILE H 71 34.72 33.80 -9.21
CA ILE H 71 34.54 34.50 -7.95
C ILE H 71 34.08 33.58 -6.83
N THR H 72 33.29 32.57 -7.16
CA THR H 72 32.58 31.81 -6.13
C THR H 72 33.20 30.47 -5.79
N THR H 73 34.22 30.02 -6.51
CA THR H 73 34.73 28.67 -6.34
C THR H 73 35.53 28.55 -5.04
N LEU H 74 35.24 27.49 -4.28
CA LEU H 74 35.90 27.27 -2.99
C LEU H 74 37.25 26.62 -3.17
N ASP H 75 38.19 26.99 -2.32
CA ASP H 75 39.56 26.49 -2.40
C ASP H 75 39.80 25.52 -1.25
N TYR H 76 40.22 24.30 -1.60
CA TYR H 76 40.43 23.27 -0.60
C TYR H 76 41.65 23.54 0.27
N ARG H 77 42.61 24.31 -0.23
CA ARG H 77 43.79 24.65 0.55
C ARG H 77 43.49 25.61 1.68
N LYS H 78 42.33 26.24 1.67
CA LYS H 78 41.94 27.20 2.70
C LYS H 78 40.94 26.63 3.70
N TYR H 79 40.63 25.34 3.61
CA TYR H 79 39.66 24.69 4.47
C TYR H 79 40.23 23.46 5.16
N TYR H 80 41.43 23.05 4.77
CA TYR H 80 42.04 21.84 5.29
C TYR H 80 43.46 22.13 5.75
MG MG K . 7.09 11.55 -8.47
ZN ZN L . 9.86 -37.78 -3.37
ZN ZN M . -6.11 -43.32 -4.84
ZN ZN N . -8.46 52.32 38.11
ZN ZN O . 32.06 31.25 -19.17
#